data_2HOD
#
_entry.id   2HOD
#
_cell.length_a   81.647
_cell.length_b   47.069
_cell.length_c   431.460
_cell.angle_alpha   90.00
_cell.angle_beta   90.06
_cell.angle_gamma   90.00
#
_symmetry.space_group_name_H-M   'P 1 2 1'
#
loop_
_entity.id
_entity.type
_entity.pdbx_description
1 polymer 'Fibrinogen alpha chain'
2 polymer 'Fibrinogen beta chain'
3 polymer 'Fibrinogen, gamma polypeptide'
4 polymer 'Gly-hydroxyPro-Arg-Pro-amide peptide ligand'
5 non-polymer 2-acetamido-2-deoxy-beta-D-glucopyranose
6 non-polymer 'CALCIUM ION'
#
loop_
_entity_poly.entity_id
_entity_poly.type
_entity_poly.pdbx_seq_one_letter_code
_entity_poly.pdbx_strand_id
1 'polypeptide(L)'
;VSEDLRSRIEVLKRKVIEKVQHIQLLQKNVRAQLVDMKRLEVDIDIKIRSCRGSCSRALAREVDLKDYEDQQKQLEQVIA
KDLLPSR
;
A,D,G,J
2 'polypeptide(L)'
;DNENVVNEYSSELEKHQLYIDETVNSNIPTNLRVLRSILENLRSKIQKLESDVSAQMEYCRTPCTVSCNIPVVSGKECEE
IIRKGGETSEMYLIQPDSSVKPYRVYCDMNTENGGWTVIQNRQDGSVDFGRKWDPYKQGFGNVATNTDGKNYCGLPGEYW
LGNDKISQLTRMGPTELLIEMEDWKGDKVKAHYGGFTVQNEANKYQISVNKYRGTAGNALMDGASQLMGENRTMTIHNGM
FFSTYDRDNDGWLTSDPRKQCSKEDGGGWWYNRCHAANPNGRYYWGGQYTWDMAKHGTDDGVVWMNWKGSWYSMRKMSMK
IRPFFPQQ
;
B,E,H,K
3 'polypeptide(L)'
;MLEEIMKYEASILTHDSSIRYLQEIYNSNNQKIVNLKEKVAQLEAQCQEPCKDTVQIHDITGKDCQDIANKGAKQSGLYF
IKPLKANQQFLVYCEIDGSGNGWTVFQKRLDGSVDFKKNWIQYKEGFGHLSPTGTTEFWLGNEKIHLISTQSAIPYALRV
ELEDWNGRTSTADYAMFKVGPEADKYRLTYAYFAGGDAGDAFDGFDFGDDPSDKFFTSHNGMQFSTWDNDNDKFEGNCAE
QDGSGWWMNKCHAGHLNGVYYQGGTYSKASTPNGYDNGIIWATWKTRWYSMKKTTMKIIPFNRLTIGEGQQHHLGGAKQA
GDV
;
C,F,I,L
4 'polypeptide(L)' G(HYP)RP(NH2) M,N,O,P,Q,R,S,T
#
# COMPACT_ATOMS: atom_id res chain seq x y z
N ILE A 9 -46.88 22.50 155.63
CA ILE A 9 -45.49 22.50 155.08
C ILE A 9 -45.25 21.29 154.16
N GLU A 10 -46.27 20.96 153.37
CA GLU A 10 -46.19 19.84 152.43
C GLU A 10 -44.84 19.87 151.74
N VAL A 11 -44.21 18.70 151.64
CA VAL A 11 -42.94 18.60 150.94
C VAL A 11 -43.36 18.86 149.49
N LEU A 12 -42.88 18.03 148.57
CA LEU A 12 -43.23 18.10 147.16
C LEU A 12 -42.31 17.23 146.31
N LYS A 13 -42.76 15.99 146.14
CA LYS A 13 -42.09 14.97 145.33
C LYS A 13 -42.82 15.04 143.99
N ARG A 14 -43.90 15.82 143.97
CA ARG A 14 -44.66 15.99 142.75
C ARG A 14 -43.71 16.56 141.72
N LYS A 15 -43.18 17.75 141.97
CA LYS A 15 -42.23 18.33 141.02
C LYS A 15 -41.17 17.31 140.62
N VAL A 16 -40.78 16.45 141.56
CA VAL A 16 -39.79 15.42 141.27
C VAL A 16 -40.28 14.59 140.09
N ILE A 17 -41.28 13.76 140.35
CA ILE A 17 -41.86 12.90 139.33
C ILE A 17 -41.98 13.64 137.98
N GLU A 18 -42.64 14.80 138.02
CA GLU A 18 -42.83 15.60 136.82
C GLU A 18 -41.52 15.86 136.10
N LYS A 19 -40.39 15.71 136.80
CA LYS A 19 -39.09 15.92 136.17
C LYS A 19 -38.58 14.60 135.63
N VAL A 20 -38.60 13.57 136.47
CA VAL A 20 -38.14 12.25 136.07
C VAL A 20 -38.95 11.80 134.86
N GLN A 21 -40.16 12.35 134.72
CA GLN A 21 -40.99 12.01 133.59
C GLN A 21 -40.52 12.89 132.44
N HIS A 22 -40.15 14.13 132.77
CA HIS A 22 -39.65 15.10 131.81
C HIS A 22 -38.38 14.59 131.17
N ILE A 23 -37.93 13.43 131.65
CA ILE A 23 -36.76 12.77 131.13
C ILE A 23 -37.23 11.75 130.12
N GLN A 24 -38.17 10.92 130.56
CA GLN A 24 -38.72 9.87 129.72
C GLN A 24 -38.99 10.43 128.33
N LEU A 25 -39.23 11.74 128.27
CA LEU A 25 -39.51 12.46 127.04
C LEU A 25 -38.28 12.42 126.15
N LEU A 26 -37.13 12.81 126.70
CA LEU A 26 -35.88 12.80 125.98
C LEU A 26 -35.22 11.43 126.08
N GLN A 27 -35.97 10.40 125.74
CA GLN A 27 -35.52 9.02 125.74
C GLN A 27 -36.25 8.48 124.51
N LYS A 28 -37.36 9.14 124.20
CA LYS A 28 -38.17 8.84 123.03
C LYS A 28 -37.43 9.67 122.00
N ASN A 29 -37.20 10.93 122.36
CA ASN A 29 -36.50 11.87 121.52
C ASN A 29 -35.11 11.37 121.13
N VAL A 30 -34.34 10.90 122.11
CA VAL A 30 -33.00 10.41 121.82
C VAL A 30 -33.03 9.29 120.80
N ARG A 31 -33.73 8.20 121.13
CA ARG A 31 -33.82 7.04 120.25
C ARG A 31 -34.03 7.49 118.81
N ALA A 32 -34.66 8.65 118.64
CA ALA A 32 -34.91 9.24 117.32
C ALA A 32 -33.60 9.77 116.75
N GLN A 33 -32.95 10.61 117.55
CA GLN A 33 -31.67 11.22 117.19
C GLN A 33 -30.81 10.05 116.75
N LEU A 34 -30.47 9.22 117.73
CA LEU A 34 -29.61 8.04 117.54
C LEU A 34 -29.86 7.30 116.24
N VAL A 35 -31.10 7.30 115.75
CA VAL A 35 -31.44 6.62 114.51
C VAL A 35 -31.50 7.57 113.33
N ASP A 36 -31.83 8.83 113.60
CA ASP A 36 -31.91 9.82 112.55
C ASP A 36 -30.52 9.88 111.90
N MET A 37 -29.50 9.65 112.72
CA MET A 37 -28.11 9.68 112.26
C MET A 37 -27.69 8.34 111.69
N LYS A 38 -28.30 7.27 112.19
CA LYS A 38 -27.98 5.92 111.72
C LYS A 38 -28.39 5.81 110.25
N ARG A 39 -29.12 6.81 109.76
CA ARG A 39 -29.56 6.82 108.36
C ARG A 39 -29.08 8.06 107.62
N LEU A 40 -28.77 9.13 108.34
CA LEU A 40 -28.26 10.33 107.68
C LEU A 40 -26.80 10.08 107.35
N GLU A 41 -26.09 9.45 108.28
CA GLU A 41 -24.69 9.12 108.08
C GLU A 41 -24.61 8.44 106.71
N VAL A 42 -25.49 7.45 106.53
CA VAL A 42 -25.52 6.67 105.30
C VAL A 42 -26.19 7.26 104.06
N ASP A 43 -26.83 8.42 104.16
CA ASP A 43 -27.41 9.01 102.96
C ASP A 43 -26.23 9.67 102.28
N ILE A 44 -25.29 10.12 103.11
CA ILE A 44 -24.06 10.76 102.65
C ILE A 44 -23.07 9.70 102.17
N ASP A 45 -22.71 8.77 103.06
CA ASP A 45 -21.80 7.68 102.74
C ASP A 45 -22.05 7.19 101.31
N ILE A 46 -23.34 7.08 100.98
CA ILE A 46 -23.79 6.63 99.67
C ILE A 46 -23.70 7.74 98.62
N LYS A 47 -23.93 8.97 99.05
CA LYS A 47 -23.88 10.11 98.14
C LYS A 47 -22.45 10.64 98.00
N ILE A 48 -21.58 10.31 98.93
CA ILE A 48 -20.20 10.75 98.83
C ILE A 48 -19.64 9.92 97.68
N ARG A 49 -20.06 8.67 97.64
CA ARG A 49 -19.67 7.73 96.62
C ARG A 49 -20.19 8.22 95.26
N SER A 50 -21.49 8.45 95.17
CA SER A 50 -22.12 8.88 93.93
C SER A 50 -21.47 10.09 93.25
N CYS A 51 -20.20 10.35 93.57
CA CYS A 51 -19.49 11.48 92.98
C CYS A 51 -18.35 11.03 92.08
N ARG A 52 -17.71 9.94 92.47
CA ARG A 52 -16.58 9.39 91.72
C ARG A 52 -16.75 9.50 90.21
N GLY A 53 -17.98 9.35 89.72
CA GLY A 53 -18.24 9.44 88.29
C GLY A 53 -18.80 10.79 87.86
N SER A 54 -18.23 11.86 88.40
CA SER A 54 -18.66 13.23 88.08
C SER A 54 -17.61 14.19 88.60
N CYS A 55 -17.19 13.94 89.84
CA CYS A 55 -16.20 14.75 90.52
C CYS A 55 -14.84 14.09 90.48
N SER A 56 -13.80 14.92 90.46
CA SER A 56 -12.43 14.45 90.44
C SER A 56 -12.11 13.46 91.56
N ARG A 57 -11.09 13.75 92.36
CA ARG A 57 -10.68 12.86 93.44
C ARG A 57 -11.77 12.68 94.51
N ALA A 58 -11.84 11.46 95.07
CA ALA A 58 -12.84 11.14 96.10
C ALA A 58 -12.23 10.86 97.47
N LEU A 59 -13.11 10.80 98.47
CA LEU A 59 -12.70 10.56 99.82
C LEU A 59 -12.94 9.10 100.16
N ALA A 60 -11.94 8.46 100.78
CA ALA A 60 -12.03 7.06 101.16
C ALA A 60 -12.11 6.92 102.68
N ARG A 61 -13.32 6.68 103.22
CA ARG A 61 -13.52 6.57 104.66
C ARG A 61 -14.27 5.32 105.16
N GLU A 62 -14.78 5.39 106.39
CA GLU A 62 -15.53 4.28 106.99
C GLU A 62 -16.82 4.80 107.63
N VAL A 63 -17.29 4.12 108.67
CA VAL A 63 -18.51 4.50 109.40
C VAL A 63 -18.60 3.88 110.79
N ASP A 64 -18.33 2.58 110.87
CA ASP A 64 -18.38 1.82 112.12
C ASP A 64 -19.78 1.89 112.72
N LEU A 65 -20.59 0.89 112.38
CA LEU A 65 -21.96 0.82 112.88
C LEU A 65 -21.95 0.15 114.24
N LYS A 66 -20.84 -0.52 114.59
CA LYS A 66 -20.73 -1.18 115.89
C LYS A 66 -20.58 -0.09 116.92
N ASP A 67 -20.66 1.14 116.44
CA ASP A 67 -20.59 2.30 117.29
C ASP A 67 -22.05 2.67 117.52
N TYR A 68 -22.72 3.06 116.44
CA TYR A 68 -24.14 3.39 116.50
C TYR A 68 -24.86 2.18 117.07
N GLU A 69 -24.88 1.08 116.31
CA GLU A 69 -25.54 -0.16 116.74
C GLU A 69 -24.77 -0.77 117.92
N ASP A 70 -24.57 0.07 118.94
CA ASP A 70 -23.88 -0.27 120.18
C ASP A 70 -24.25 0.86 121.13
N GLN A 71 -24.03 2.08 120.64
CA GLN A 71 -24.34 3.30 121.37
C GLN A 71 -25.86 3.36 121.41
N GLN A 72 -26.47 2.27 120.95
CA GLN A 72 -27.92 2.09 120.93
C GLN A 72 -28.25 1.10 122.04
N LYS A 73 -27.56 -0.04 121.99
CA LYS A 73 -27.74 -1.11 122.95
C LYS A 73 -27.77 -0.64 124.41
N GLN A 74 -26.76 0.13 124.82
CA GLN A 74 -26.71 0.62 126.20
C GLN A 74 -27.88 1.52 126.53
N LEU A 75 -28.42 2.18 125.51
CA LEU A 75 -29.56 3.08 125.68
C LEU A 75 -30.85 2.30 125.89
N GLU A 76 -30.96 1.14 125.27
CA GLU A 76 -32.16 0.32 125.40
C GLU A 76 -32.24 -0.34 126.76
N GLN A 77 -31.25 -0.07 127.61
CA GLN A 77 -31.24 -0.61 128.96
C GLN A 77 -31.80 0.50 129.84
N VAL A 78 -31.44 1.75 129.52
CA VAL A 78 -31.90 2.89 130.29
C VAL A 78 -33.43 3.10 130.22
N ILE A 79 -34.14 2.27 130.99
CA ILE A 79 -35.60 2.30 131.05
C ILE A 79 -36.14 1.67 132.36
N ALA A 80 -37.26 2.21 132.86
CA ALA A 80 -37.96 1.74 134.07
C ALA A 80 -37.68 2.54 135.35
N LYS A 81 -38.57 3.47 135.70
CA LYS A 81 -38.36 4.27 136.90
C LYS A 81 -39.66 4.90 137.45
N ASP A 82 -40.45 4.12 138.18
CA ASP A 82 -41.72 4.58 138.77
C ASP A 82 -42.23 3.70 139.91
N LEU B 18 -42.65 5.99 148.78
CA LEU B 18 -41.97 6.17 150.08
C LEU B 18 -40.50 6.46 149.79
N TYR B 19 -39.69 5.41 149.86
CA TYR B 19 -38.23 5.47 149.61
C TYR B 19 -37.86 5.69 148.15
N ILE B 20 -38.84 5.66 147.24
CA ILE B 20 -38.57 5.86 145.81
C ILE B 20 -37.72 7.10 145.62
N ASP B 21 -37.40 7.77 146.72
CA ASP B 21 -36.58 8.96 146.64
C ASP B 21 -35.13 8.56 146.87
N GLU B 22 -34.54 8.11 145.77
CA GLU B 22 -33.16 7.67 145.65
C GLU B 22 -32.95 7.60 144.14
N THR B 23 -34.06 7.49 143.40
CA THR B 23 -34.00 7.47 141.95
C THR B 23 -33.53 8.87 141.61
N VAL B 24 -33.50 9.70 142.64
CA VAL B 24 -33.08 11.08 142.56
C VAL B 24 -31.56 11.16 142.77
N ASN B 25 -31.00 10.10 143.36
CA ASN B 25 -29.57 10.05 143.61
C ASN B 25 -28.89 8.80 143.04
N SER B 26 -29.66 7.90 142.43
CA SER B 26 -29.09 6.67 141.87
C SER B 26 -29.61 6.29 140.48
N ASN B 27 -30.92 6.15 140.35
CA ASN B 27 -31.49 5.79 139.05
C ASN B 27 -31.19 6.89 138.05
N ILE B 28 -31.39 8.15 138.46
CA ILE B 28 -31.07 9.26 137.56
C ILE B 28 -29.57 9.20 137.18
N PRO B 29 -28.66 8.98 138.16
CA PRO B 29 -27.21 8.90 137.90
C PRO B 29 -26.76 7.80 136.91
N THR B 30 -27.58 7.56 135.90
CA THR B 30 -27.33 6.57 134.86
C THR B 30 -28.22 7.02 133.71
N ASN B 31 -28.67 8.27 133.83
CA ASN B 31 -29.54 8.89 132.84
C ASN B 31 -28.80 10.04 132.17
N LEU B 32 -28.75 11.20 132.83
CA LEU B 32 -28.05 12.35 132.27
C LEU B 32 -26.55 12.04 132.10
N ARG B 33 -26.17 10.80 132.40
CA ARG B 33 -24.79 10.36 132.28
C ARG B 33 -24.58 9.66 130.93
N VAL B 34 -25.63 9.65 130.12
CA VAL B 34 -25.60 9.07 128.79
C VAL B 34 -26.39 10.01 127.87
N LEU B 35 -27.40 10.67 128.44
CA LEU B 35 -28.18 11.62 127.67
C LEU B 35 -27.26 12.78 127.34
N ARG B 36 -26.14 12.83 128.05
CA ARG B 36 -25.12 13.85 127.83
C ARG B 36 -24.06 13.10 127.01
N SER B 37 -23.58 12.00 127.57
CA SER B 37 -22.57 11.18 126.91
C SER B 37 -22.82 10.97 125.42
N ILE B 38 -23.64 9.97 125.11
CA ILE B 38 -23.93 9.64 123.73
C ILE B 38 -24.50 10.80 122.94
N LEU B 39 -25.20 11.72 123.58
CA LEU B 39 -25.71 12.86 122.84
C LEU B 39 -24.52 13.75 122.48
N GLU B 40 -23.37 13.39 123.03
CA GLU B 40 -22.11 14.09 122.77
C GLU B 40 -21.31 13.21 121.77
N ASN B 41 -21.10 11.95 122.13
CA ASN B 41 -20.36 10.97 121.31
C ASN B 41 -21.11 10.65 120.02
N LEU B 42 -22.07 11.52 119.72
CA LEU B 42 -22.91 11.45 118.54
C LEU B 42 -22.93 12.89 118.05
N ARG B 43 -22.54 13.78 118.95
CA ARG B 43 -22.44 15.19 118.65
C ARG B 43 -21.19 15.30 117.77
N SER B 44 -20.21 14.43 118.07
CA SER B 44 -18.95 14.36 117.34
C SER B 44 -19.11 13.63 116.01
N LYS B 45 -20.36 13.29 115.69
CA LYS B 45 -20.70 12.62 114.45
C LYS B 45 -21.28 13.74 113.62
N ILE B 46 -22.17 14.49 114.27
CA ILE B 46 -22.82 15.63 113.64
C ILE B 46 -21.71 16.59 113.29
N GLN B 47 -20.48 16.13 113.51
CA GLN B 47 -19.29 16.89 113.21
C GLN B 47 -18.64 16.31 111.95
N LYS B 48 -17.91 15.21 112.13
CA LYS B 48 -17.25 14.52 111.03
C LYS B 48 -18.18 14.51 109.84
N LEU B 49 -19.25 13.73 109.97
CA LEU B 49 -20.26 13.58 108.94
C LEU B 49 -20.95 14.92 108.65
N GLU B 50 -20.18 16.00 108.71
CA GLU B 50 -20.67 17.34 108.43
C GLU B 50 -19.55 18.15 107.77
N SER B 51 -18.33 17.61 107.81
CA SER B 51 -17.17 18.23 107.16
C SER B 51 -16.82 17.34 105.95
N ASP B 52 -16.75 16.03 106.17
CA ASP B 52 -16.45 15.11 105.08
C ASP B 52 -17.37 15.41 103.92
N VAL B 53 -18.46 16.11 104.18
CA VAL B 53 -19.39 16.46 103.13
C VAL B 53 -18.85 17.75 102.52
N SER B 54 -18.11 18.50 103.31
CA SER B 54 -17.50 19.72 102.83
C SER B 54 -16.22 19.28 102.13
N ALA B 55 -15.67 18.16 102.60
CA ALA B 55 -14.43 17.56 102.10
C ALA B 55 -14.70 16.44 101.10
N GLN B 56 -15.31 16.80 99.97
CA GLN B 56 -15.63 15.85 98.92
C GLN B 56 -16.59 16.64 98.08
N MET B 57 -17.07 17.73 98.68
CA MET B 57 -17.96 18.68 98.04
C MET B 57 -16.95 19.62 97.43
N GLU B 58 -15.82 19.71 98.13
CA GLU B 58 -14.66 20.52 97.73
C GLU B 58 -14.02 19.82 96.54
N TYR B 59 -13.48 18.63 96.78
CA TYR B 59 -12.85 17.86 95.73
C TYR B 59 -13.90 17.40 94.76
N CYS B 60 -14.88 18.28 94.55
CA CYS B 60 -15.98 18.08 93.62
C CYS B 60 -16.03 19.34 92.81
N ARG B 61 -15.31 20.36 93.26
CA ARG B 61 -15.25 21.65 92.58
C ARG B 61 -14.64 21.42 91.19
N THR B 62 -13.74 20.43 91.14
CA THR B 62 -13.03 20.03 89.93
C THR B 62 -13.51 18.67 89.35
N PRO B 63 -14.32 18.73 88.28
CA PRO B 63 -14.87 17.53 87.61
C PRO B 63 -13.82 16.48 87.23
N CYS B 64 -14.26 15.24 86.99
CA CYS B 64 -13.34 14.20 86.57
C CYS B 64 -13.35 14.18 85.06
N THR B 65 -12.29 13.66 84.44
CA THR B 65 -12.22 13.63 82.99
C THR B 65 -11.71 12.28 82.50
N VAL B 66 -11.76 12.10 81.17
CA VAL B 66 -11.30 10.87 80.52
C VAL B 66 -10.89 11.13 79.08
N SER B 67 -10.58 10.06 78.37
CA SER B 67 -10.16 10.15 76.98
C SER B 67 -10.37 8.83 76.26
N CYS B 68 -11.62 8.51 75.93
CA CYS B 68 -11.86 7.24 75.24
C CYS B 68 -11.63 7.40 73.75
N ASN B 69 -10.37 7.32 73.35
CA ASN B 69 -10.02 7.42 71.95
C ASN B 69 -10.87 6.35 71.28
N ILE B 70 -11.93 6.77 70.61
CA ILE B 70 -12.84 5.86 69.93
C ILE B 70 -12.18 4.96 68.90
N PRO B 71 -12.14 3.64 69.16
CA PRO B 71 -11.52 2.73 68.19
C PRO B 71 -12.21 2.68 66.82
N VAL B 72 -11.49 2.15 65.83
CA VAL B 72 -11.95 2.01 64.45
C VAL B 72 -13.21 1.14 64.27
N VAL B 73 -13.05 -0.14 64.62
CA VAL B 73 -14.11 -1.12 64.52
C VAL B 73 -15.44 -0.72 65.18
N SER B 74 -16.48 -0.70 64.37
CA SER B 74 -17.81 -0.33 64.83
C SER B 74 -18.76 -1.41 64.31
N GLY B 75 -20.05 -1.10 64.35
CA GLY B 75 -21.05 -2.04 63.88
C GLY B 75 -22.44 -1.57 64.23
N LYS B 76 -23.44 -2.39 63.92
CA LYS B 76 -24.82 -2.06 64.20
C LYS B 76 -25.02 -2.13 65.72
N GLU B 77 -24.44 -3.17 66.32
CA GLU B 77 -24.50 -3.41 67.76
C GLU B 77 -23.32 -4.32 68.07
N CYS B 78 -23.06 -4.56 69.34
CA CYS B 78 -21.91 -5.37 69.73
C CYS B 78 -21.74 -6.74 69.08
N GLU B 79 -22.82 -7.33 68.58
CA GLU B 79 -22.73 -8.62 67.95
C GLU B 79 -21.96 -8.44 66.66
N GLU B 80 -22.52 -7.68 65.73
CA GLU B 80 -21.84 -7.45 64.45
C GLU B 80 -20.40 -6.99 64.68
N ILE B 81 -20.14 -6.37 65.83
CA ILE B 81 -18.80 -5.87 66.14
C ILE B 81 -17.86 -6.96 66.68
N ILE B 82 -18.41 -8.10 67.07
CA ILE B 82 -17.56 -9.19 67.51
C ILE B 82 -17.40 -10.02 66.24
N ARG B 83 -18.29 -9.74 65.29
CA ARG B 83 -18.31 -10.39 63.97
C ARG B 83 -17.52 -9.52 63.01
N LYS B 84 -16.72 -8.62 63.57
CA LYS B 84 -15.88 -7.73 62.77
C LYS B 84 -14.49 -7.61 63.35
N GLY B 85 -14.14 -8.54 64.23
CA GLY B 85 -12.83 -8.53 64.85
C GLY B 85 -12.76 -7.94 66.24
N GLY B 86 -13.89 -7.49 66.76
CA GLY B 86 -13.94 -6.90 68.10
C GLY B 86 -13.80 -7.97 69.16
N GLU B 87 -12.56 -8.35 69.43
CA GLU B 87 -12.29 -9.41 70.41
C GLU B 87 -11.84 -8.95 71.80
N THR B 88 -11.59 -7.65 71.96
CA THR B 88 -11.23 -7.13 73.27
C THR B 88 -12.49 -6.44 73.83
N SER B 89 -12.66 -6.44 75.16
CA SER B 89 -13.85 -5.83 75.74
C SER B 89 -13.55 -4.39 76.21
N GLU B 90 -14.29 -3.43 75.66
CA GLU B 90 -14.11 -2.03 76.00
C GLU B 90 -15.16 -1.08 75.38
N MET B 91 -14.87 0.21 75.35
CA MET B 91 -15.81 1.19 74.80
C MET B 91 -15.86 1.13 73.28
N TYR B 92 -16.98 0.65 72.73
CA TYR B 92 -17.13 0.61 71.27
C TYR B 92 -18.16 1.67 70.86
N LEU B 93 -18.53 1.71 69.59
CA LEU B 93 -19.42 2.76 69.14
C LEU B 93 -20.71 2.36 68.44
N ILE B 94 -21.07 1.08 68.54
CA ILE B 94 -22.27 0.53 67.90
C ILE B 94 -23.28 1.56 67.37
N GLN B 95 -23.79 1.27 66.17
CA GLN B 95 -24.77 2.14 65.55
C GLN B 95 -25.93 1.29 65.09
N PRO B 96 -27.05 1.29 65.83
CA PRO B 96 -28.18 0.48 65.40
C PRO B 96 -28.72 1.10 64.11
N ASP B 97 -30.00 0.92 63.84
CA ASP B 97 -30.60 1.48 62.62
C ASP B 97 -30.01 2.85 62.35
N SER B 98 -29.30 2.99 61.23
CA SER B 98 -28.65 4.24 60.89
C SER B 98 -29.63 5.41 60.70
N SER B 99 -30.79 5.28 61.33
CA SER B 99 -31.80 6.32 61.30
C SER B 99 -31.74 6.94 62.70
N VAL B 100 -30.56 6.76 63.33
CA VAL B 100 -30.26 7.25 64.67
C VAL B 100 -28.76 7.56 64.83
N LYS B 101 -28.40 8.14 65.98
CA LYS B 101 -27.02 8.53 66.28
C LYS B 101 -26.13 7.44 66.91
N PRO B 102 -24.93 7.25 66.36
CA PRO B 102 -23.95 6.26 66.84
C PRO B 102 -23.56 6.49 68.30
N TYR B 103 -24.33 5.95 69.24
CA TYR B 103 -24.05 6.16 70.65
C TYR B 103 -23.02 5.21 71.25
N ARG B 104 -22.03 5.78 71.92
CA ARG B 104 -20.99 5.00 72.57
C ARG B 104 -21.67 4.00 73.50
N VAL B 105 -21.07 2.81 73.62
CA VAL B 105 -21.60 1.72 74.44
C VAL B 105 -20.45 0.86 74.95
N TYR B 106 -20.76 -0.13 75.78
CA TYR B 106 -19.74 -1.02 76.31
C TYR B 106 -20.06 -2.43 75.92
N CYS B 107 -19.16 -3.06 75.19
CA CYS B 107 -19.36 -4.42 74.74
C CYS B 107 -18.65 -5.44 75.58
N ASP B 108 -19.27 -6.62 75.68
CA ASP B 108 -18.68 -7.73 76.40
C ASP B 108 -18.41 -8.78 75.33
N MET B 109 -17.15 -9.11 75.17
CA MET B 109 -16.75 -10.08 74.17
C MET B 109 -15.71 -11.03 74.77
N ASN B 110 -16.01 -11.56 75.95
CA ASN B 110 -15.11 -12.50 76.63
C ASN B 110 -15.92 -13.65 77.23
N THR B 111 -17.01 -13.30 77.89
CA THR B 111 -17.88 -14.26 78.51
C THR B 111 -19.14 -14.43 77.71
N GLU B 112 -19.42 -15.67 77.32
CA GLU B 112 -20.61 -16.02 76.57
C GLU B 112 -20.63 -15.58 75.13
N ASN B 113 -19.64 -16.03 74.36
CA ASN B 113 -19.54 -15.74 72.93
C ASN B 113 -19.49 -14.25 72.56
N GLY B 114 -19.29 -13.40 73.56
CA GLY B 114 -19.23 -11.96 73.31
C GLY B 114 -20.38 -11.40 72.50
N GLY B 115 -20.36 -10.10 72.29
CA GLY B 115 -21.41 -9.45 71.54
C GLY B 115 -22.43 -8.90 72.52
N TRP B 116 -22.03 -8.94 73.79
CA TRP B 116 -22.88 -8.48 74.85
C TRP B 116 -22.80 -6.98 75.07
N THR B 117 -23.81 -6.27 74.58
CA THR B 117 -23.92 -4.80 74.72
C THR B 117 -24.46 -4.49 76.11
N VAL B 118 -23.61 -3.91 76.97
CA VAL B 118 -24.06 -3.58 78.32
C VAL B 118 -25.10 -2.48 78.33
N ILE B 119 -25.96 -2.49 79.34
CA ILE B 119 -27.01 -1.49 79.42
C ILE B 119 -26.96 -0.76 80.77
N GLN B 120 -26.59 -1.51 81.80
CA GLN B 120 -26.52 -1.00 83.16
C GLN B 120 -25.34 -1.68 83.80
N ASN B 121 -24.75 -1.06 84.80
CA ASN B 121 -23.61 -1.72 85.42
C ASN B 121 -23.35 -1.23 86.82
N ARG B 122 -23.19 -2.18 87.74
CA ARG B 122 -22.92 -1.86 89.13
C ARG B 122 -21.61 -2.50 89.50
N GLN B 123 -20.76 -1.72 90.17
CA GLN B 123 -19.44 -2.18 90.60
C GLN B 123 -18.89 -1.27 91.71
N ASP B 124 -19.61 -0.18 91.97
CA ASP B 124 -19.20 0.77 93.01
C ASP B 124 -20.16 1.96 93.05
N GLY B 125 -19.89 2.93 93.92
CA GLY B 125 -20.76 4.10 93.99
C GLY B 125 -20.75 4.86 92.67
N SER B 126 -19.92 5.89 92.62
CA SER B 126 -19.74 6.70 91.42
C SER B 126 -21.00 7.32 90.80
N VAL B 127 -22.00 6.48 90.50
CA VAL B 127 -23.22 6.98 89.88
C VAL B 127 -24.55 6.79 90.59
N ASP B 128 -25.18 7.93 90.90
CA ASP B 128 -26.47 7.99 91.56
C ASP B 128 -27.53 7.49 90.60
N PHE B 129 -27.99 6.25 90.79
CA PHE B 129 -29.02 5.70 89.93
C PHE B 129 -30.41 6.20 90.24
N GLY B 130 -30.56 6.88 91.37
CA GLY B 130 -31.86 7.41 91.73
C GLY B 130 -32.17 8.69 90.98
N ARG B 131 -32.60 8.55 89.73
CA ARG B 131 -32.91 9.71 88.90
C ARG B 131 -34.39 9.86 88.56
N LYS B 132 -34.65 10.50 87.43
CA LYS B 132 -36.00 10.75 86.95
C LYS B 132 -36.28 10.19 85.56
N TRP B 133 -37.26 10.80 84.91
CA TRP B 133 -37.70 10.43 83.58
C TRP B 133 -36.56 10.54 82.57
N ASP B 134 -36.37 11.76 82.09
CA ASP B 134 -35.35 12.03 81.10
C ASP B 134 -34.09 11.21 81.33
N PRO B 135 -33.32 11.51 82.40
CA PRO B 135 -32.08 10.75 82.64
C PRO B 135 -32.16 9.25 82.40
N TYR B 136 -33.25 8.63 82.85
CA TYR B 136 -33.41 7.19 82.67
C TYR B 136 -33.64 6.83 81.21
N LYS B 137 -34.23 7.78 80.50
CA LYS B 137 -34.54 7.65 79.07
C LYS B 137 -33.29 7.89 78.18
N GLN B 138 -32.55 8.96 78.46
CA GLN B 138 -31.35 9.32 77.71
C GLN B 138 -30.17 8.45 78.15
N GLY B 139 -29.90 8.50 79.46
CA GLY B 139 -28.80 7.75 80.03
C GLY B 139 -28.00 8.63 80.97
N PHE B 140 -27.21 7.99 81.82
CA PHE B 140 -26.38 8.70 82.79
C PHE B 140 -25.23 7.83 83.23
N GLY B 141 -24.15 8.47 83.68
CA GLY B 141 -23.00 7.72 84.15
C GLY B 141 -21.82 7.76 83.19
N ASN B 142 -20.84 6.92 83.46
CA ASN B 142 -19.65 6.86 82.62
C ASN B 142 -19.70 5.52 81.95
N VAL B 143 -19.84 5.54 80.62
CA VAL B 143 -19.93 4.31 79.84
C VAL B 143 -18.65 3.51 79.92
N ALA B 144 -17.55 4.18 80.25
CA ALA B 144 -16.27 3.53 80.41
C ALA B 144 -15.21 4.51 80.85
N THR B 145 -14.15 3.99 81.46
CA THR B 145 -13.05 4.80 81.94
C THR B 145 -11.74 4.37 81.29
N ASN B 146 -10.79 5.30 81.21
CA ASN B 146 -9.52 4.98 80.62
C ASN B 146 -8.93 3.82 81.40
N THR B 147 -8.48 2.81 80.66
CA THR B 147 -7.89 1.60 81.22
C THR B 147 -6.65 1.89 82.05
N ASP B 148 -6.48 3.14 82.47
CA ASP B 148 -5.36 3.61 83.28
C ASP B 148 -3.97 3.57 82.63
N GLY B 149 -3.82 2.80 81.55
CA GLY B 149 -2.53 2.69 80.88
C GLY B 149 -2.59 2.56 79.35
N LYS B 150 -3.80 2.60 78.81
CA LYS B 150 -3.99 2.50 77.38
C LYS B 150 -4.76 3.74 76.88
N ASN B 151 -4.92 3.87 75.57
CA ASN B 151 -5.62 5.02 75.01
C ASN B 151 -7.11 4.96 75.30
N TYR B 152 -7.75 3.92 74.77
CA TYR B 152 -9.19 3.68 74.90
C TYR B 152 -9.75 3.56 76.30
N CYS B 153 -10.81 2.77 76.40
CA CYS B 153 -11.50 2.54 77.67
C CYS B 153 -11.94 1.07 77.76
N GLY B 154 -11.04 0.23 78.30
CA GLY B 154 -11.28 -1.20 78.45
C GLY B 154 -11.98 -1.62 79.74
N LEU B 155 -12.07 -0.69 80.69
CA LEU B 155 -12.75 -0.98 81.95
C LEU B 155 -14.05 -0.19 82.00
N PRO B 156 -15.17 -0.89 82.25
CA PRO B 156 -16.53 -0.37 82.35
C PRO B 156 -16.86 0.43 83.61
N GLY B 157 -17.71 1.44 83.45
CA GLY B 157 -18.12 2.27 84.56
C GLY B 157 -19.63 2.24 84.66
N GLU B 158 -20.15 2.42 85.87
CA GLU B 158 -21.59 2.38 86.06
C GLU B 158 -22.37 3.34 85.17
N TYR B 159 -23.44 2.82 84.58
CA TYR B 159 -24.30 3.63 83.75
C TYR B 159 -25.62 2.97 83.40
N TRP B 160 -26.45 3.74 82.73
CA TRP B 160 -27.73 3.25 82.29
C TRP B 160 -27.86 3.72 80.84
N LEU B 161 -27.33 2.92 79.93
CA LEU B 161 -27.43 3.25 78.52
C LEU B 161 -28.90 3.55 78.31
N GLY B 162 -29.25 4.84 78.20
CA GLY B 162 -30.63 5.23 78.00
C GLY B 162 -31.74 4.23 77.66
N ASN B 163 -32.92 4.46 78.22
CA ASN B 163 -34.09 3.61 77.97
C ASN B 163 -34.39 3.58 76.47
N ASP B 164 -34.68 4.76 75.90
CA ASP B 164 -34.98 4.90 74.47
C ASP B 164 -34.03 4.06 73.64
N LYS B 165 -32.75 4.17 73.95
CA LYS B 165 -31.74 3.41 73.25
C LYS B 165 -32.03 1.92 73.41
N ILE B 166 -32.48 1.53 74.60
CA ILE B 166 -32.80 0.13 74.90
C ILE B 166 -34.07 -0.33 74.20
N SER B 167 -35.15 0.42 74.41
CA SER B 167 -36.42 0.06 73.80
C SER B 167 -36.27 -0.13 72.31
N GLN B 168 -35.21 0.44 71.75
CA GLN B 168 -34.94 0.33 70.33
C GLN B 168 -34.15 -0.94 70.05
N LEU B 169 -33.14 -1.21 70.86
CA LEU B 169 -32.33 -2.41 70.69
C LEU B 169 -33.17 -3.68 70.79
N THR B 170 -34.10 -3.71 71.74
CA THR B 170 -34.98 -4.87 71.88
C THR B 170 -35.81 -5.01 70.60
N ARG B 171 -36.19 -3.85 70.06
CA ARG B 171 -36.99 -3.77 68.83
C ARG B 171 -36.28 -4.34 67.59
N MET B 172 -35.09 -4.91 67.78
CA MET B 172 -34.38 -5.49 66.64
C MET B 172 -34.67 -7.00 66.60
N GLY B 173 -35.96 -7.34 66.56
CA GLY B 173 -36.39 -8.72 66.50
C GLY B 173 -36.23 -9.53 67.79
N PRO B 174 -35.33 -10.51 67.80
CA PRO B 174 -35.03 -11.39 68.94
C PRO B 174 -33.94 -10.84 69.87
N THR B 175 -34.33 -10.15 70.93
CA THR B 175 -33.35 -9.57 71.85
C THR B 175 -33.33 -10.37 73.14
N GLU B 176 -32.16 -10.89 73.51
CA GLU B 176 -32.02 -11.71 74.72
C GLU B 176 -31.08 -11.14 75.79
N LEU B 177 -31.65 -10.57 76.85
CA LEU B 177 -30.84 -9.98 77.90
C LEU B 177 -30.21 -11.01 78.85
N LEU B 178 -29.03 -10.66 79.35
CA LEU B 178 -28.23 -11.46 80.28
C LEU B 178 -27.95 -10.67 81.55
N ILE B 179 -28.59 -11.05 82.65
CA ILE B 179 -28.41 -10.35 83.93
C ILE B 179 -27.52 -11.09 84.92
N GLU B 180 -26.35 -10.50 85.21
CA GLU B 180 -25.40 -11.09 86.13
C GLU B 180 -25.18 -10.29 87.40
N MET B 181 -24.69 -10.96 88.43
CA MET B 181 -24.41 -10.31 89.70
C MET B 181 -23.32 -11.10 90.38
N GLU B 182 -22.64 -10.45 91.31
CA GLU B 182 -21.57 -11.08 92.03
C GLU B 182 -21.56 -10.54 93.46
N ASP B 183 -21.89 -11.41 94.41
CA ASP B 183 -21.96 -11.05 95.81
C ASP B 183 -20.55 -10.98 96.43
N TRP B 184 -20.42 -10.06 97.38
CA TRP B 184 -19.17 -9.78 98.08
C TRP B 184 -18.24 -10.92 98.44
N LYS B 185 -18.77 -12.11 98.67
CA LYS B 185 -17.90 -13.23 99.02
C LYS B 185 -17.63 -14.08 97.77
N GLY B 186 -17.08 -13.45 96.74
CA GLY B 186 -16.76 -14.15 95.51
C GLY B 186 -17.94 -14.71 94.74
N ASP B 187 -18.66 -15.66 95.33
CA ASP B 187 -19.82 -16.30 94.72
C ASP B 187 -20.53 -15.42 93.71
N LYS B 188 -21.22 -16.06 92.76
CA LYS B 188 -21.95 -15.33 91.73
C LYS B 188 -22.91 -16.27 91.00
N VAL B 189 -24.02 -15.71 90.50
CA VAL B 189 -25.00 -16.46 89.73
C VAL B 189 -25.42 -15.59 88.55
N LYS B 190 -26.07 -16.21 87.56
CA LYS B 190 -26.50 -15.51 86.36
C LYS B 190 -27.97 -15.78 86.07
N ALA B 191 -28.71 -14.75 85.70
CA ALA B 191 -30.12 -14.93 85.36
C ALA B 191 -30.16 -14.97 83.84
N HIS B 192 -31.37 -14.90 83.26
CA HIS B 192 -31.50 -14.92 81.81
C HIS B 192 -32.94 -15.06 81.29
N TYR B 193 -33.27 -14.24 80.30
CA TYR B 193 -34.59 -14.25 79.67
C TYR B 193 -34.39 -14.20 78.17
N GLY B 194 -34.23 -15.38 77.55
CA GLY B 194 -34.04 -15.44 76.11
C GLY B 194 -34.86 -14.38 75.39
N GLY B 195 -36.09 -14.18 75.86
CA GLY B 195 -36.98 -13.19 75.27
C GLY B 195 -37.08 -11.94 76.11
N PHE B 196 -36.64 -10.82 75.56
CA PHE B 196 -36.67 -9.56 76.29
C PHE B 196 -37.06 -8.43 75.36
N THR B 197 -37.96 -7.59 75.82
CA THR B 197 -38.42 -6.46 75.03
C THR B 197 -38.91 -5.28 75.88
N VAL B 198 -38.28 -4.13 75.69
CA VAL B 198 -38.64 -2.92 76.41
C VAL B 198 -39.41 -2.03 75.46
N GLN B 199 -40.74 -2.04 75.55
CA GLN B 199 -41.54 -1.22 74.66
C GLN B 199 -41.04 0.20 74.59
N ASN B 200 -41.60 0.98 73.69
CA ASN B 200 -41.16 2.36 73.55
C ASN B 200 -41.89 3.23 74.55
N GLU B 201 -41.25 4.35 74.90
CA GLU B 201 -41.76 5.32 75.86
C GLU B 201 -43.24 5.64 75.70
N ALA B 202 -43.80 5.34 74.54
CA ALA B 202 -45.20 5.62 74.33
C ALA B 202 -46.00 4.66 75.20
N ASN B 203 -45.39 3.52 75.52
CA ASN B 203 -46.01 2.49 76.35
C ASN B 203 -45.58 2.62 77.81
N LYS B 204 -45.03 3.77 78.18
CA LYS B 204 -44.56 3.94 79.54
C LYS B 204 -43.42 2.92 79.63
N TYR B 205 -42.94 2.49 78.47
CA TYR B 205 -41.86 1.52 78.41
C TYR B 205 -42.22 0.18 79.03
N GLN B 206 -43.29 -0.48 78.59
CA GLN B 206 -43.64 -1.79 79.17
C GLN B 206 -42.51 -2.78 79.01
N ILE B 207 -42.37 -3.69 79.97
CA ILE B 207 -41.31 -4.68 79.88
C ILE B 207 -41.93 -6.03 79.65
N SER B 208 -41.59 -6.63 78.52
CA SER B 208 -42.09 -7.95 78.19
C SER B 208 -40.90 -8.86 78.22
N VAL B 209 -40.88 -9.81 79.14
CA VAL B 209 -39.77 -10.73 79.22
C VAL B 209 -40.27 -12.18 79.24
N ASN B 210 -39.41 -13.09 78.79
CA ASN B 210 -39.78 -14.50 78.74
C ASN B 210 -38.58 -15.41 78.48
N LYS B 211 -38.86 -16.65 78.12
CA LYS B 211 -37.82 -17.60 77.84
C LYS B 211 -36.80 -17.58 78.97
N TYR B 212 -37.31 -17.39 80.19
CA TYR B 212 -36.48 -17.35 81.38
C TYR B 212 -35.73 -18.65 81.63
N ARG B 213 -34.45 -18.51 81.94
CA ARG B 213 -33.59 -19.64 82.24
C ARG B 213 -32.77 -18.96 83.31
N GLY B 214 -32.26 -19.70 84.30
CA GLY B 214 -31.48 -19.02 85.30
C GLY B 214 -31.21 -19.68 86.63
N THR B 215 -29.97 -19.51 87.09
CA THR B 215 -29.50 -20.06 88.35
C THR B 215 -29.40 -18.94 89.39
N ALA B 216 -30.22 -17.92 89.24
CA ALA B 216 -30.21 -16.79 90.15
C ALA B 216 -31.63 -16.49 90.59
N GLY B 217 -32.58 -17.30 90.10
CA GLY B 217 -33.97 -17.10 90.45
C GLY B 217 -34.69 -16.09 89.57
N ASN B 218 -35.78 -16.54 88.97
CA ASN B 218 -36.58 -15.67 88.10
C ASN B 218 -37.33 -14.67 88.94
N ALA B 219 -36.67 -13.56 89.25
CA ALA B 219 -37.28 -12.53 90.08
C ALA B 219 -38.05 -11.47 89.32
N LEU B 220 -37.90 -11.45 88.00
CA LEU B 220 -38.60 -10.46 87.19
C LEU B 220 -40.04 -10.87 86.90
N MET B 221 -40.23 -12.13 86.51
CA MET B 221 -41.56 -12.65 86.23
C MET B 221 -42.05 -13.65 87.30
N ASP B 222 -41.20 -14.62 87.66
CA ASP B 222 -41.56 -15.60 88.67
C ASP B 222 -41.69 -14.96 90.04
N GLY B 223 -41.89 -13.65 90.10
CA GLY B 223 -42.02 -12.95 91.38
C GLY B 223 -40.98 -13.36 92.42
N ALA B 224 -41.18 -12.96 93.67
CA ALA B 224 -40.24 -13.33 94.74
C ALA B 224 -40.59 -14.69 95.37
N SER B 225 -39.69 -15.66 95.20
CA SER B 225 -39.83 -17.03 95.69
C SER B 225 -40.19 -17.30 97.17
N GLN B 226 -39.28 -16.94 98.07
CA GLN B 226 -39.42 -17.16 99.51
C GLN B 226 -40.61 -16.42 100.17
N LEU B 227 -41.74 -16.34 99.46
CA LEU B 227 -42.93 -15.67 100.00
C LEU B 227 -44.22 -16.46 99.76
N MET B 228 -45.32 -15.74 99.49
CA MET B 228 -46.63 -16.35 99.25
C MET B 228 -47.58 -15.50 98.39
N GLY B 229 -48.41 -16.17 97.61
CA GLY B 229 -49.39 -15.55 96.74
C GLY B 229 -49.51 -14.03 96.71
N GLU B 230 -50.68 -13.51 97.10
CA GLU B 230 -50.93 -12.07 97.08
C GLU B 230 -49.72 -11.24 97.47
N ASN B 231 -48.89 -11.72 98.39
CA ASN B 231 -47.71 -10.94 98.74
C ASN B 231 -46.69 -11.04 97.60
N ARG B 232 -46.51 -12.24 97.05
CA ARG B 232 -45.56 -12.45 95.96
C ARG B 232 -45.86 -11.74 94.65
N THR B 233 -46.81 -12.26 93.86
CA THR B 233 -47.16 -11.68 92.56
C THR B 233 -47.07 -10.17 92.48
N MET B 234 -47.11 -9.47 93.62
CA MET B 234 -46.94 -8.04 93.55
C MET B 234 -45.43 -7.77 93.66
N THR B 235 -44.67 -8.67 93.05
CA THR B 235 -43.21 -8.61 92.97
C THR B 235 -42.87 -9.22 91.63
N ILE B 236 -43.69 -8.86 90.65
CA ILE B 236 -43.52 -9.29 89.27
C ILE B 236 -43.24 -8.03 88.47
N HIS B 237 -42.14 -8.04 87.75
CA HIS B 237 -41.75 -6.89 86.95
C HIS B 237 -42.27 -7.02 85.54
N ASN B 238 -42.27 -8.26 85.06
CA ASN B 238 -42.77 -8.56 83.71
C ASN B 238 -44.11 -7.86 83.51
N GLY B 239 -44.29 -7.22 82.37
CA GLY B 239 -45.55 -6.55 82.12
C GLY B 239 -45.72 -5.29 82.95
N MET B 240 -44.60 -4.78 83.48
CA MET B 240 -44.68 -3.58 84.28
C MET B 240 -44.31 -2.32 83.53
N PHE B 241 -44.72 -1.20 84.10
CA PHE B 241 -44.47 0.09 83.51
C PHE B 241 -43.37 0.82 84.24
N PHE B 242 -42.19 0.84 83.62
CA PHE B 242 -41.01 1.51 84.18
C PHE B 242 -41.43 2.79 84.90
N SER B 243 -40.90 2.97 86.12
CA SER B 243 -41.24 4.13 86.93
C SER B 243 -40.01 4.85 87.49
N THR B 244 -40.22 6.08 87.94
CA THR B 244 -39.17 6.92 88.53
C THR B 244 -39.90 7.96 89.35
N TYR B 245 -39.24 8.56 90.33
CA TYR B 245 -39.91 9.53 91.20
C TYR B 245 -40.46 10.81 90.57
N ASP B 246 -40.95 10.68 89.34
CA ASP B 246 -41.55 11.80 88.62
C ASP B 246 -42.39 11.17 87.51
N ARG B 247 -42.66 9.89 87.71
CA ARG B 247 -43.43 9.10 86.77
C ARG B 247 -43.90 7.86 87.56
N ASP B 248 -45.10 7.97 88.15
CA ASP B 248 -45.68 6.89 88.95
C ASP B 248 -46.30 5.77 88.11
N ASN B 249 -45.49 4.87 87.60
CA ASN B 249 -46.04 3.76 86.83
C ASN B 249 -45.80 2.46 87.57
N ASP B 250 -45.98 2.53 88.89
CA ASP B 250 -45.78 1.39 89.78
C ASP B 250 -46.96 0.43 89.71
N GLY B 251 -47.11 -0.36 90.77
CA GLY B 251 -48.21 -1.30 90.88
C GLY B 251 -48.93 -0.92 92.16
N TRP B 252 -48.28 -0.07 92.93
CA TRP B 252 -48.77 0.39 94.22
C TRP B 252 -49.86 1.48 94.12
N LEU B 253 -51.12 1.05 94.16
CA LEU B 253 -52.24 1.97 94.07
C LEU B 253 -52.55 2.67 95.38
N THR B 254 -52.19 3.95 95.47
CA THR B 254 -52.45 4.68 96.69
C THR B 254 -52.45 6.19 96.43
N SER B 255 -53.45 6.86 96.97
CA SER B 255 -53.58 8.30 96.80
C SER B 255 -52.43 9.02 97.49
N ASP B 256 -51.78 8.33 98.42
CA ASP B 256 -50.66 8.86 99.18
C ASP B 256 -49.41 8.92 98.28
N PRO B 257 -49.04 10.13 97.81
CA PRO B 257 -47.89 10.35 96.94
C PRO B 257 -46.51 10.15 97.58
N ARG B 258 -46.43 10.21 98.91
CA ARG B 258 -45.15 10.00 99.58
C ARG B 258 -44.79 8.52 99.51
N LYS B 259 -45.78 7.69 99.22
CA LYS B 259 -45.56 6.25 99.14
C LYS B 259 -45.75 5.69 97.75
N GLN B 260 -44.63 5.47 97.07
CA GLN B 260 -44.60 4.92 95.72
C GLN B 260 -43.36 4.03 95.56
N CYS B 261 -43.50 2.91 94.85
CA CYS B 261 -42.39 1.99 94.67
C CYS B 261 -41.07 2.54 94.14
N SER B 262 -41.07 3.76 93.63
CA SER B 262 -39.83 4.33 93.10
C SER B 262 -39.28 5.37 94.02
N LYS B 263 -40.15 6.22 94.57
CA LYS B 263 -39.73 7.27 95.48
C LYS B 263 -38.97 6.57 96.60
N GLU B 264 -39.33 5.30 96.82
CA GLU B 264 -38.69 4.44 97.82
C GLU B 264 -37.97 3.39 96.98
N ASP B 265 -37.16 2.56 97.60
CA ASP B 265 -36.38 1.54 96.89
C ASP B 265 -35.27 2.13 95.98
N GLY B 266 -35.15 3.47 96.03
CA GLY B 266 -34.12 4.24 95.30
C GLY B 266 -33.71 4.12 93.85
N GLY B 267 -34.53 4.62 92.94
CA GLY B 267 -34.18 4.55 91.53
C GLY B 267 -35.34 4.31 90.58
N GLY B 268 -35.00 3.96 89.34
CA GLY B 268 -35.99 3.71 88.31
C GLY B 268 -36.06 2.23 87.99
N TRP B 269 -37.28 1.71 87.90
CA TRP B 269 -37.46 0.29 87.63
C TRP B 269 -38.89 -0.03 87.23
N TRP B 270 -39.07 -1.17 86.56
CA TRP B 270 -40.40 -1.62 86.16
C TRP B 270 -41.01 -2.07 87.49
N TYR B 271 -41.63 -1.10 88.17
CA TYR B 271 -42.17 -1.34 89.47
C TYR B 271 -43.61 -1.83 89.60
N ASN B 272 -43.74 -2.99 90.22
CA ASN B 272 -45.01 -3.64 90.48
C ASN B 272 -45.11 -3.94 91.96
N ARG B 273 -45.62 -2.98 92.72
CA ARG B 273 -45.84 -3.12 94.16
C ARG B 273 -44.98 -4.13 94.94
N CYS B 274 -43.64 -4.08 94.99
CA CYS B 274 -42.70 -3.15 94.41
C CYS B 274 -41.63 -3.99 93.71
N HIS B 275 -40.92 -4.86 94.43
CA HIS B 275 -39.87 -5.62 93.75
C HIS B 275 -39.28 -6.91 94.31
N ALA B 276 -38.99 -7.83 93.42
CA ALA B 276 -38.37 -9.10 93.79
C ALA B 276 -36.87 -8.99 93.41
N ALA B 277 -36.54 -7.90 92.72
CA ALA B 277 -35.19 -7.61 92.25
C ALA B 277 -35.13 -6.10 92.08
N ASN B 278 -34.00 -5.50 92.41
CA ASN B 278 -33.89 -4.06 92.35
C ASN B 278 -32.55 -3.53 91.88
N PRO B 279 -32.07 -3.96 90.69
CA PRO B 279 -30.77 -3.37 90.33
C PRO B 279 -31.08 -1.88 90.28
N ASN B 280 -30.08 -1.03 90.17
CA ASN B 280 -30.35 0.40 90.13
C ASN B 280 -30.86 0.97 91.45
N GLY B 281 -30.79 0.18 92.51
CA GLY B 281 -31.24 0.69 93.79
C GLY B 281 -30.30 1.78 94.28
N ARG B 282 -29.95 1.71 95.56
CA ARG B 282 -29.03 2.64 96.19
C ARG B 282 -27.82 1.74 96.43
N TYR B 283 -26.61 2.23 96.12
CA TYR B 283 -25.43 1.39 96.29
C TYR B 283 -25.08 1.06 97.73
N TYR B 284 -25.17 -0.22 98.10
CA TYR B 284 -24.86 -0.62 99.47
C TYR B 284 -23.54 -1.38 99.60
N TRP B 285 -22.64 -0.81 100.41
CA TRP B 285 -21.31 -1.36 100.64
C TRP B 285 -21.17 -2.53 101.61
N GLY B 286 -20.70 -3.66 101.10
CA GLY B 286 -20.54 -4.84 101.94
C GLY B 286 -21.66 -5.81 101.66
N GLY B 287 -22.71 -5.33 101.02
CA GLY B 287 -23.85 -6.17 100.71
C GLY B 287 -24.94 -6.06 101.76
N GLN B 288 -24.73 -6.74 102.88
CA GLN B 288 -25.66 -6.71 103.98
C GLN B 288 -26.01 -5.30 104.43
N TYR B 289 -27.28 -5.09 104.73
CA TYR B 289 -27.78 -3.82 105.19
C TYR B 289 -29.14 -4.14 105.80
N THR B 290 -29.70 -3.20 106.56
CA THR B 290 -31.00 -3.42 107.20
C THR B 290 -31.83 -2.15 107.35
N TRP B 291 -33.13 -2.31 107.18
CA TRP B 291 -34.09 -1.22 107.27
C TRP B 291 -33.68 -0.01 108.11
N ASP B 292 -33.06 -0.28 109.26
CA ASP B 292 -32.62 0.78 110.16
C ASP B 292 -31.45 1.54 109.58
N MET B 293 -31.30 1.47 108.26
CA MET B 293 -30.21 2.15 107.55
C MET B 293 -30.74 2.99 106.38
N ALA B 294 -31.67 2.40 105.63
CA ALA B 294 -32.29 3.03 104.46
C ALA B 294 -33.03 4.35 104.70
N LYS B 295 -32.99 5.22 103.71
CA LYS B 295 -33.66 6.52 103.79
C LYS B 295 -35.13 6.34 104.12
N HIS B 296 -35.73 5.29 103.58
CA HIS B 296 -37.15 4.99 103.79
C HIS B 296 -37.42 3.62 104.42
N GLY B 297 -36.45 3.09 105.16
CA GLY B 297 -36.64 1.79 105.80
C GLY B 297 -36.79 0.63 104.85
N THR B 298 -37.44 0.88 103.72
CA THR B 298 -37.66 -0.12 102.68
C THR B 298 -36.38 -0.84 102.25
N ASP B 299 -36.52 -1.90 101.49
CA ASP B 299 -35.34 -2.63 101.03
C ASP B 299 -34.90 -2.07 99.68
N ASP B 300 -34.43 -0.83 99.71
CA ASP B 300 -33.96 -0.09 98.55
C ASP B 300 -32.50 -0.41 98.34
N GLY B 301 -32.15 -0.68 97.09
CA GLY B 301 -30.76 -1.00 96.81
C GLY B 301 -30.62 -2.17 95.86
N VAL B 302 -29.45 -2.23 95.23
CA VAL B 302 -29.11 -3.26 94.27
C VAL B 302 -29.40 -4.68 94.79
N VAL B 303 -30.66 -4.93 95.12
CA VAL B 303 -31.05 -6.23 95.63
C VAL B 303 -31.71 -7.11 94.58
N TRP B 304 -31.37 -8.39 94.65
CA TRP B 304 -31.95 -9.37 93.77
C TRP B 304 -32.47 -10.27 94.87
N MET B 305 -33.75 -10.17 95.16
CA MET B 305 -34.34 -10.96 96.24
C MET B 305 -34.28 -12.48 96.12
N ASN B 306 -34.59 -13.00 94.96
CA ASN B 306 -34.62 -14.45 94.79
C ASN B 306 -33.31 -15.18 95.03
N TRP B 307 -32.21 -14.45 95.21
CA TRP B 307 -30.92 -15.09 95.47
C TRP B 307 -30.31 -14.66 96.78
N LYS B 308 -30.60 -13.44 97.20
CA LYS B 308 -30.05 -12.92 98.44
C LYS B 308 -31.04 -12.30 99.42
N GLY B 309 -32.28 -12.14 99.00
CA GLY B 309 -33.26 -11.57 99.91
C GLY B 309 -33.15 -10.08 100.14
N SER B 310 -34.29 -9.48 100.44
CA SER B 310 -34.40 -8.05 100.66
C SER B 310 -33.30 -7.34 101.43
N TRP B 311 -32.48 -8.07 102.16
CA TRP B 311 -31.45 -7.38 102.91
C TRP B 311 -30.06 -7.82 102.58
N TYR B 312 -29.71 -7.64 101.31
CA TYR B 312 -28.40 -7.98 100.79
C TYR B 312 -28.25 -7.32 99.42
N SER B 313 -27.50 -6.21 99.38
CA SER B 313 -27.22 -5.49 98.16
C SER B 313 -25.93 -6.11 97.68
N MET B 314 -25.54 -5.87 96.44
CA MET B 314 -24.33 -6.49 95.93
C MET B 314 -23.17 -5.62 95.51
N ARG B 315 -22.14 -6.28 95.00
CA ARG B 315 -20.91 -5.64 94.54
C ARG B 315 -21.07 -5.17 93.10
N LYS B 316 -21.48 -6.09 92.23
CA LYS B 316 -21.68 -5.79 90.82
C LYS B 316 -22.99 -6.38 90.30
N MET B 317 -23.77 -5.55 89.62
CA MET B 317 -25.06 -5.96 89.06
C MET B 317 -25.17 -5.39 87.64
N SER B 318 -24.86 -6.20 86.64
CA SER B 318 -24.92 -5.72 85.26
C SER B 318 -26.05 -6.32 84.42
N MET B 319 -26.14 -5.87 83.18
CA MET B 319 -27.17 -6.34 82.26
C MET B 319 -26.72 -6.21 80.80
N LYS B 320 -26.30 -7.32 80.20
CA LYS B 320 -25.86 -7.30 78.81
C LYS B 320 -26.82 -8.07 77.90
N ILE B 321 -27.20 -7.45 76.78
CA ILE B 321 -28.11 -8.09 75.82
C ILE B 321 -27.39 -8.53 74.53
N ARG B 322 -28.16 -9.10 73.61
CA ARG B 322 -27.65 -9.59 72.34
C ARG B 322 -28.85 -9.88 71.46
N PRO B 323 -28.62 -10.12 70.15
CA PRO B 323 -29.75 -10.40 69.26
C PRO B 323 -30.25 -11.85 69.28
N PHE B 324 -30.32 -12.47 68.10
CA PHE B 324 -30.78 -13.85 67.90
C PHE B 324 -32.14 -14.21 68.50
N GLU C 4 -37.11 18.32 158.05
CA GLU C 4 -36.03 19.08 158.75
C GLU C 4 -35.14 19.75 157.71
N ILE C 5 -33.97 19.17 157.54
CA ILE C 5 -33.00 19.66 156.57
C ILE C 5 -33.13 18.79 155.34
N MET C 6 -33.70 17.59 155.53
CA MET C 6 -33.91 16.65 154.45
C MET C 6 -34.64 17.32 153.31
N LYS C 7 -35.44 18.34 153.65
CA LYS C 7 -36.18 19.11 152.67
C LYS C 7 -35.15 19.86 151.83
N TYR C 8 -33.89 19.46 152.00
CA TYR C 8 -32.79 20.05 151.27
C TYR C 8 -32.78 19.39 149.91
N GLU C 9 -33.56 18.31 149.76
CA GLU C 9 -33.62 17.60 148.48
C GLU C 9 -33.72 18.64 147.37
N ALA C 10 -34.24 19.83 147.72
CA ALA C 10 -34.38 20.94 146.79
C ALA C 10 -32.98 21.24 146.25
N SER C 11 -32.00 20.52 146.79
CA SER C 11 -30.60 20.63 146.39
C SER C 11 -30.39 19.65 145.25
N ILE C 12 -30.70 18.38 145.50
CA ILE C 12 -30.57 17.35 144.47
C ILE C 12 -31.64 17.63 143.42
N LEU C 13 -32.06 18.88 143.38
CA LEU C 13 -33.03 19.38 142.41
C LEU C 13 -32.13 20.27 141.56
N THR C 14 -31.04 19.69 141.11
CA THR C 14 -30.04 20.35 140.27
C THR C 14 -30.35 19.93 138.86
N HIS C 15 -30.84 18.70 138.73
CA HIS C 15 -31.20 18.12 137.44
C HIS C 15 -32.17 19.04 136.69
N ASP C 16 -32.71 20.03 137.41
CA ASP C 16 -33.62 21.01 136.82
C ASP C 16 -32.77 21.88 135.91
N SER C 17 -31.55 21.39 135.66
CA SER C 17 -30.57 22.07 134.83
C SER C 17 -29.47 21.06 134.42
N SER C 18 -29.44 19.92 135.12
CA SER C 18 -28.47 18.86 134.81
C SER C 18 -29.04 18.19 133.57
N ILE C 19 -30.31 18.53 133.30
CA ILE C 19 -31.05 18.01 132.16
C ILE C 19 -31.40 19.20 131.29
N ARG C 20 -31.70 20.33 131.93
CA ARG C 20 -32.06 21.56 131.22
C ARG C 20 -31.09 21.88 130.11
N TYR C 21 -29.88 22.30 130.49
CA TYR C 21 -28.85 22.65 129.53
C TYR C 21 -28.70 21.51 128.53
N LEU C 22 -28.15 20.39 128.97
CA LEU C 22 -27.97 19.26 128.07
C LEU C 22 -29.09 19.15 127.03
N GLN C 23 -30.33 19.35 127.46
CA GLN C 23 -31.47 19.26 126.56
C GLN C 23 -31.24 20.05 125.27
N GLU C 24 -30.77 21.29 125.40
CA GLU C 24 -30.50 22.12 124.23
C GLU C 24 -29.57 21.37 123.27
N ILE C 25 -28.55 20.73 123.83
CA ILE C 25 -27.59 19.96 123.05
C ILE C 25 -28.28 18.79 122.34
N TYR C 26 -29.61 18.87 122.29
CA TYR C 26 -30.43 17.89 121.62
C TYR C 26 -31.23 18.73 120.62
N ASN C 27 -32.01 19.67 121.14
CA ASN C 27 -32.83 20.52 120.27
C ASN C 27 -31.98 21.27 119.24
N SER C 28 -30.66 21.26 119.44
CA SER C 28 -29.75 21.92 118.52
C SER C 28 -29.45 21.02 117.33
N ASN C 29 -29.05 19.78 117.64
CA ASN C 29 -28.73 18.78 116.61
C ASN C 29 -29.86 18.61 115.60
N ASN C 30 -31.08 18.36 116.08
CA ASN C 30 -32.22 18.21 115.18
C ASN C 30 -32.23 19.45 114.31
N GLN C 31 -32.48 20.61 114.92
CA GLN C 31 -32.49 21.85 114.17
C GLN C 31 -31.25 21.93 113.30
N LYS C 32 -30.13 21.45 113.85
CA LYS C 32 -28.85 21.46 113.16
C LYS C 32 -28.96 20.74 111.83
N ILE C 33 -29.50 19.53 111.86
CA ILE C 33 -29.64 18.69 110.68
C ILE C 33 -30.57 19.29 109.62
N VAL C 34 -31.46 20.18 110.02
CA VAL C 34 -32.33 20.82 109.04
C VAL C 34 -31.40 21.48 108.03
N ASN C 35 -30.34 22.11 108.57
CA ASN C 35 -29.31 22.80 107.80
C ASN C 35 -28.47 21.80 107.01
N LEU C 36 -28.04 20.75 107.70
CA LEU C 36 -27.22 19.71 107.09
C LEU C 36 -27.99 18.88 106.07
N LYS C 37 -29.18 19.35 105.72
CA LYS C 37 -29.97 18.67 104.72
C LYS C 37 -29.46 19.29 103.42
N GLU C 38 -29.77 20.56 103.22
CA GLU C 38 -29.33 21.30 102.02
C GLU C 38 -27.82 21.16 101.79
N LYS C 39 -27.07 20.91 102.86
CA LYS C 39 -25.63 20.74 102.75
C LYS C 39 -25.36 19.34 102.18
N VAL C 40 -26.31 18.87 101.40
CA VAL C 40 -26.22 17.58 100.72
C VAL C 40 -27.11 17.73 99.50
N ALA C 41 -28.35 18.17 99.75
CA ALA C 41 -29.31 18.40 98.66
C ALA C 41 -28.55 19.05 97.52
N GLN C 42 -27.53 19.83 97.90
CA GLN C 42 -26.72 20.54 96.95
C GLN C 42 -25.52 19.76 96.47
N LEU C 43 -24.85 19.05 97.37
CA LEU C 43 -23.69 18.28 96.94
C LEU C 43 -24.01 17.24 95.89
N GLU C 44 -25.08 16.49 96.12
CA GLU C 44 -25.46 15.46 95.16
C GLU C 44 -25.92 16.06 93.84
N ALA C 45 -26.45 17.28 93.90
CA ALA C 45 -26.92 17.99 92.70
C ALA C 45 -25.73 18.41 91.86
N GLN C 46 -24.55 17.97 92.27
CA GLN C 46 -23.32 18.29 91.56
C GLN C 46 -22.79 16.96 91.02
N CYS C 47 -22.83 15.93 91.86
CA CYS C 47 -22.34 14.60 91.49
C CYS C 47 -23.24 13.91 90.48
N GLN C 48 -24.01 14.69 89.72
CA GLN C 48 -24.96 14.16 88.73
C GLN C 48 -24.41 13.89 87.31
N GLU C 49 -23.41 14.66 86.88
CA GLU C 49 -22.86 14.48 85.55
C GLU C 49 -21.71 13.48 85.56
N PRO C 50 -21.39 12.89 84.40
CA PRO C 50 -20.30 11.91 84.30
C PRO C 50 -18.95 12.56 84.05
N CYS C 51 -17.88 11.78 84.03
CA CYS C 51 -16.56 12.35 83.78
C CYS C 51 -16.52 13.04 82.41
N LYS C 52 -15.67 14.06 82.28
CA LYS C 52 -15.54 14.78 81.02
C LYS C 52 -14.62 13.98 80.13
N ASP C 53 -15.02 13.83 78.86
CA ASP C 53 -14.25 13.09 77.89
C ASP C 53 -13.61 14.02 76.87
N THR C 54 -12.38 13.70 76.49
CA THR C 54 -11.62 14.48 75.51
C THR C 54 -12.12 14.32 74.07
N VAL C 55 -12.07 13.09 73.57
CA VAL C 55 -12.50 12.77 72.21
C VAL C 55 -13.93 13.25 71.90
N GLN C 56 -14.11 13.95 70.78
CA GLN C 56 -15.44 14.44 70.42
C GLN C 56 -15.66 14.58 68.92
N ILE C 57 -16.84 14.13 68.50
CA ILE C 57 -17.29 14.11 67.12
C ILE C 57 -17.93 15.38 66.52
N HIS C 58 -17.22 16.05 65.61
CA HIS C 58 -17.74 17.26 64.97
C HIS C 58 -18.93 16.86 64.12
N ASP C 59 -19.83 17.80 63.86
CA ASP C 59 -21.04 17.52 63.08
C ASP C 59 -20.94 17.48 61.57
N ILE C 60 -20.45 18.56 60.97
CA ILE C 60 -20.34 18.61 59.52
C ILE C 60 -19.78 17.29 58.98
N THR C 61 -20.47 16.76 57.97
CA THR C 61 -20.10 15.49 57.32
C THR C 61 -20.24 15.60 55.80
N GLY C 62 -20.02 14.48 55.11
CA GLY C 62 -20.13 14.47 53.66
C GLY C 62 -19.35 13.30 53.07
N LYS C 63 -19.01 13.43 51.80
CA LYS C 63 -18.27 12.41 51.07
C LYS C 63 -17.03 12.00 51.86
N ASP C 64 -15.93 12.71 51.67
CA ASP C 64 -14.71 12.41 52.40
C ASP C 64 -14.31 13.60 53.26
N CYS C 65 -13.16 13.49 53.91
CA CYS C 65 -12.66 14.55 54.77
C CYS C 65 -12.61 15.86 54.02
N GLN C 66 -12.21 15.79 52.76
CA GLN C 66 -12.12 16.98 51.94
C GLN C 66 -13.48 17.64 51.80
N ASP C 67 -14.45 16.92 51.26
CA ASP C 67 -15.78 17.47 51.05
C ASP C 67 -16.30 18.19 52.28
N ILE C 68 -16.34 17.50 53.41
CA ILE C 68 -16.81 18.11 54.65
C ILE C 68 -16.06 19.42 54.87
N ALA C 69 -14.74 19.31 55.02
CA ALA C 69 -13.85 20.46 55.25
C ALA C 69 -13.71 21.36 54.02
N ASN C 70 -14.86 21.72 53.45
CA ASN C 70 -15.00 22.61 52.30
C ASN C 70 -16.42 23.16 52.45
N LYS C 71 -17.07 22.73 53.54
CA LYS C 71 -18.41 23.12 53.93
C LYS C 71 -18.26 23.65 55.35
N GLY C 72 -17.09 24.24 55.59
CA GLY C 72 -16.76 24.77 56.89
C GLY C 72 -15.59 23.91 57.31
N ALA C 73 -15.36 23.76 58.60
CA ALA C 73 -14.29 22.92 59.11
C ALA C 73 -12.91 23.59 59.18
N LYS C 74 -12.04 23.04 60.04
CA LYS C 74 -10.70 23.54 60.25
C LYS C 74 -9.95 22.75 61.33
N GLN C 75 -10.71 22.13 62.24
CA GLN C 75 -10.08 21.36 63.30
C GLN C 75 -9.80 19.91 62.91
N SER C 76 -8.53 19.60 62.65
CA SER C 76 -8.09 18.25 62.27
C SER C 76 -8.47 17.23 63.33
N GLY C 77 -9.68 16.68 63.27
CA GLY C 77 -10.09 15.74 64.30
C GLY C 77 -10.75 14.40 64.01
N LEU C 78 -12.08 14.37 64.07
CA LEU C 78 -12.85 13.14 63.85
C LEU C 78 -14.28 13.47 63.35
N TYR C 79 -14.65 12.96 62.18
CA TYR C 79 -15.99 13.20 61.64
C TYR C 79 -16.53 11.93 61.01
N PHE C 80 -17.85 11.77 61.02
CA PHE C 80 -18.50 10.60 60.42
C PHE C 80 -18.69 10.88 58.94
N ILE C 81 -17.99 10.15 58.07
CA ILE C 81 -18.14 10.35 56.64
C ILE C 81 -19.02 9.23 56.11
N LYS C 82 -19.53 9.40 54.90
CA LYS C 82 -20.39 8.39 54.31
C LYS C 82 -20.26 8.45 52.80
N PRO C 83 -19.27 7.73 52.25
CA PRO C 83 -18.94 7.65 50.82
C PRO C 83 -20.15 7.62 49.91
N LEU C 84 -20.05 8.36 48.80
CA LEU C 84 -21.11 8.45 47.80
C LEU C 84 -21.90 7.16 47.77
N LYS C 85 -21.18 6.05 47.74
CA LYS C 85 -21.76 4.73 47.74
C LYS C 85 -21.21 3.99 48.95
N ALA C 86 -22.05 3.80 49.95
CA ALA C 86 -21.69 3.11 51.18
C ALA C 86 -22.93 2.93 52.07
N ASN C 87 -22.72 2.59 53.34
CA ASN C 87 -23.83 2.40 54.27
C ASN C 87 -23.58 3.11 55.60
N GLN C 88 -23.21 2.31 56.61
CA GLN C 88 -22.93 2.84 57.94
C GLN C 88 -21.77 3.83 57.87
N GLN C 89 -22.08 5.13 57.88
CA GLN C 89 -21.04 6.14 57.82
C GLN C 89 -20.05 5.88 58.93
N PHE C 90 -18.81 5.52 58.59
CA PHE C 90 -17.84 5.22 59.63
C PHE C 90 -17.07 6.45 60.15
N LEU C 91 -16.15 6.20 61.08
CA LEU C 91 -15.41 7.29 61.68
C LEU C 91 -13.95 7.33 61.26
N VAL C 92 -13.56 8.49 60.76
CA VAL C 92 -12.21 8.75 60.25
C VAL C 92 -11.49 9.89 60.97
N TYR C 93 -10.16 9.81 60.97
CA TYR C 93 -9.30 10.81 61.60
C TYR C 93 -8.73 11.80 60.55
N CYS C 94 -9.53 12.80 60.18
CA CYS C 94 -9.11 13.81 59.22
C CYS C 94 -7.89 14.59 59.73
N GLU C 95 -7.25 15.31 58.81
CA GLU C 95 -6.11 16.15 59.11
C GLU C 95 -6.20 17.37 58.20
N ILE C 96 -6.98 18.36 58.62
CA ILE C 96 -7.18 19.59 57.84
C ILE C 96 -5.97 20.53 57.92
N ASP C 97 -5.77 21.31 56.86
CA ASP C 97 -4.65 22.25 56.76
C ASP C 97 -5.11 23.70 56.77
N GLY C 98 -4.23 24.58 56.30
CA GLY C 98 -4.54 25.99 56.24
C GLY C 98 -5.13 26.35 54.90
N SER C 99 -4.44 25.95 53.83
CA SER C 99 -4.92 26.24 52.48
C SER C 99 -6.40 25.92 52.33
N GLY C 100 -6.82 24.75 52.79
CA GLY C 100 -8.23 24.38 52.70
C GLY C 100 -8.52 22.97 52.24
N ASN C 101 -7.53 22.09 52.35
CA ASN C 101 -7.69 20.71 51.93
C ASN C 101 -7.75 19.76 53.14
N GLY C 102 -8.68 18.83 53.10
CA GLY C 102 -8.83 17.88 54.19
C GLY C 102 -8.40 16.46 53.87
N TRP C 103 -7.21 16.07 54.36
CA TRP C 103 -6.71 14.72 54.15
C TRP C 103 -7.53 13.78 55.04
N THR C 104 -7.23 12.49 54.92
CA THR C 104 -7.87 11.44 55.71
C THR C 104 -6.79 10.38 55.85
N VAL C 105 -6.79 9.62 56.93
CA VAL C 105 -5.75 8.63 57.09
C VAL C 105 -6.23 7.18 57.05
N PHE C 106 -5.33 6.27 56.68
CA PHE C 106 -5.68 4.86 56.66
C PHE C 106 -4.67 4.09 57.50
N GLN C 107 -3.71 4.81 58.07
CA GLN C 107 -2.72 4.13 58.89
C GLN C 107 -2.25 4.89 60.13
N LYS C 108 -0.93 4.92 60.36
CA LYS C 108 -0.29 5.59 61.50
C LYS C 108 0.49 4.63 62.39
N ARG C 109 1.59 5.11 62.97
CA ARG C 109 2.41 4.31 63.86
C ARG C 109 3.28 5.20 64.75
N LEU C 110 3.38 4.87 66.03
CA LEU C 110 4.20 5.68 66.94
C LEU C 110 4.70 4.95 68.17
N ASP C 111 3.83 4.16 68.80
CA ASP C 111 4.17 3.45 70.03
C ASP C 111 4.46 1.96 69.90
N GLY C 112 3.53 1.25 69.26
CA GLY C 112 3.65 -0.18 69.07
C GLY C 112 2.32 -0.80 69.51
N SER C 113 1.54 0.01 70.23
CA SER C 113 0.23 -0.39 70.76
C SER C 113 -0.62 -1.27 69.85
N VAL C 114 -1.48 -0.69 69.02
CA VAL C 114 -2.32 -1.49 68.15
C VAL C 114 -1.41 -2.41 67.34
N ASP C 115 -1.30 -3.66 67.78
CA ASP C 115 -0.48 -4.67 67.12
C ASP C 115 -1.01 -5.03 65.73
N PHE C 116 -0.26 -4.66 64.70
CA PHE C 116 -0.65 -4.93 63.31
C PHE C 116 -0.20 -6.33 62.89
N LYS C 117 -0.89 -7.34 63.42
CA LYS C 117 -0.62 -8.74 63.13
C LYS C 117 -1.98 -9.38 63.21
N LYS C 118 -3.00 -8.66 62.73
CA LYS C 118 -4.38 -9.12 62.76
C LYS C 118 -4.78 -10.04 61.61
N ASN C 119 -6.07 -10.35 61.53
CA ASN C 119 -6.58 -11.23 60.48
C ASN C 119 -7.42 -10.48 59.44
N TRP C 120 -7.56 -11.13 58.30
CA TRP C 120 -8.29 -10.63 57.16
C TRP C 120 -9.57 -9.86 57.51
N ILE C 121 -10.48 -10.50 58.23
CA ILE C 121 -11.73 -9.85 58.58
C ILE C 121 -11.47 -8.58 59.39
N GLN C 122 -10.31 -8.54 60.03
CA GLN C 122 -9.92 -7.39 60.84
C GLN C 122 -9.26 -6.32 59.99
N TYR C 123 -8.38 -6.74 59.10
CA TYR C 123 -7.71 -5.81 58.21
C TYR C 123 -8.72 -5.22 57.24
N LYS C 124 -9.89 -5.85 57.16
CA LYS C 124 -10.95 -5.40 56.26
C LYS C 124 -11.81 -4.29 56.85
N GLU C 125 -12.67 -4.67 57.78
CA GLU C 125 -13.58 -3.72 58.44
C GLU C 125 -12.76 -2.69 59.21
N GLY C 126 -11.45 -2.85 59.16
CA GLY C 126 -10.55 -1.93 59.83
C GLY C 126 -10.46 -2.27 61.27
N PHE C 127 -9.28 -2.04 61.86
CA PHE C 127 -9.07 -2.34 63.28
C PHE C 127 -8.30 -1.26 64.03
N GLY C 128 -8.02 -1.51 65.30
CA GLY C 128 -7.29 -0.56 66.12
C GLY C 128 -8.17 0.58 66.57
N HIS C 129 -7.60 1.55 67.27
CA HIS C 129 -8.36 2.70 67.74
C HIS C 129 -7.86 4.05 67.24
N LEU C 130 -8.82 4.86 66.81
CA LEU C 130 -8.57 6.21 66.31
C LEU C 130 -8.18 7.10 67.50
N SER C 131 -8.61 8.36 67.44
CA SER C 131 -8.33 9.34 68.49
C SER C 131 -8.69 10.71 67.92
N PRO C 132 -8.89 11.71 68.79
CA PRO C 132 -9.24 13.08 68.41
C PRO C 132 -8.02 13.82 67.88
N THR C 133 -6.91 13.66 68.61
CA THR C 133 -5.65 14.27 68.22
C THR C 133 -5.18 13.60 66.95
N GLY C 134 -4.53 12.45 67.14
CA GLY C 134 -4.01 11.67 66.04
C GLY C 134 -3.07 10.63 66.63
N THR C 135 -2.27 11.07 67.61
CA THR C 135 -1.33 10.17 68.26
C THR C 135 -2.08 8.93 68.70
N THR C 136 -1.85 7.84 68.00
CA THR C 136 -2.50 6.56 68.28
C THR C 136 -2.43 5.65 67.07
N GLU C 137 -1.63 4.59 67.17
CA GLU C 137 -1.54 3.66 66.05
C GLU C 137 -2.95 3.21 65.68
N PHE C 138 -3.19 3.02 64.40
CA PHE C 138 -4.49 2.57 63.95
C PHE C 138 -4.43 2.21 62.48
N TRP C 139 -5.36 1.39 62.05
CA TRP C 139 -5.46 0.95 60.66
C TRP C 139 -6.93 1.05 60.32
N LEU C 140 -7.31 2.12 59.62
CA LEU C 140 -8.72 2.30 59.27
C LEU C 140 -9.32 1.04 58.64
N GLY C 141 -8.46 0.20 58.06
CA GLY C 141 -8.92 -1.04 57.46
C GLY C 141 -9.30 -1.02 55.99
N ASN C 142 -8.66 -1.90 55.24
CA ASN C 142 -8.86 -2.05 53.79
C ASN C 142 -10.30 -1.84 53.29
N GLU C 143 -11.28 -2.48 53.91
CA GLU C 143 -12.64 -2.30 53.43
C GLU C 143 -12.93 -0.83 53.32
N LYS C 144 -12.97 -0.17 54.48
CA LYS C 144 -13.23 1.26 54.56
C LYS C 144 -12.47 2.00 53.47
N ILE C 145 -11.15 1.80 53.46
CA ILE C 145 -10.27 2.41 52.47
C ILE C 145 -10.82 2.29 51.05
N HIS C 146 -11.67 1.28 50.80
CA HIS C 146 -12.24 1.10 49.47
C HIS C 146 -13.26 2.15 49.12
N LEU C 147 -14.46 2.05 49.71
CA LEU C 147 -15.55 2.97 49.42
C LEU C 147 -15.16 4.44 49.47
N ILE C 148 -13.96 4.69 49.99
CA ILE C 148 -13.40 6.04 50.11
C ILE C 148 -12.16 6.20 49.21
N SER C 149 -12.27 5.75 47.97
CA SER C 149 -11.17 5.80 47.02
C SER C 149 -11.75 5.40 45.69
N THR C 150 -12.95 4.85 45.72
CA THR C 150 -13.60 4.39 44.50
C THR C 150 -15.01 4.96 44.40
N GLN C 151 -15.25 6.04 45.13
CA GLN C 151 -16.53 6.72 45.15
C GLN C 151 -16.62 7.66 43.95
N SER C 152 -17.02 7.11 42.80
CA SER C 152 -17.11 7.84 41.53
C SER C 152 -15.69 8.07 41.00
N ALA C 153 -14.72 7.58 41.77
CA ALA C 153 -13.28 7.61 41.49
C ALA C 153 -12.63 8.90 40.99
N ILE C 154 -12.75 9.99 41.73
CA ILE C 154 -12.07 11.21 41.32
C ILE C 154 -10.70 11.00 41.97
N PRO C 155 -9.68 10.68 41.14
CA PRO C 155 -8.28 10.40 41.50
C PRO C 155 -7.75 10.86 42.85
N TYR C 156 -7.50 9.91 43.74
CA TYR C 156 -6.96 10.24 45.06
C TYR C 156 -5.45 10.09 45.04
N ALA C 157 -4.86 9.92 46.22
CA ALA C 157 -3.41 9.78 46.30
C ALA C 157 -3.04 9.28 47.65
N LEU C 158 -1.83 8.79 47.79
CA LEU C 158 -1.35 8.31 49.08
C LEU C 158 -0.18 9.21 49.42
N ARG C 159 0.00 9.51 50.70
CA ARG C 159 1.09 10.37 51.06
C ARG C 159 1.97 9.74 52.12
N VAL C 160 2.68 8.68 51.78
CA VAL C 160 3.53 8.06 52.79
C VAL C 160 4.45 9.07 53.48
N GLU C 161 4.22 9.25 54.78
CA GLU C 161 5.02 10.16 55.58
C GLU C 161 5.89 9.28 56.44
N LEU C 162 6.90 9.87 57.07
CA LEU C 162 7.78 9.08 57.89
C LEU C 162 8.49 9.92 58.95
N GLU C 163 9.55 9.34 59.51
CA GLU C 163 10.41 9.94 60.54
C GLU C 163 11.28 8.79 60.99
N ASP C 164 11.98 8.97 62.10
CA ASP C 164 12.85 7.90 62.58
C ASP C 164 13.38 8.18 63.97
N TRP C 165 14.28 7.34 64.43
CA TRP C 165 14.88 7.50 65.75
C TRP C 165 16.10 8.40 65.63
N ASN C 166 16.03 9.39 64.74
CA ASN C 166 17.14 10.31 64.52
C ASN C 166 16.72 11.71 64.03
N GLY C 167 15.42 11.96 63.93
CA GLY C 167 14.97 13.28 63.52
C GLY C 167 14.14 13.44 62.27
N ARG C 168 14.82 13.43 61.12
CA ARG C 168 14.17 13.62 59.83
C ARG C 168 12.93 12.78 59.50
N THR C 169 12.09 13.36 58.67
CA THR C 169 10.87 12.73 58.22
C THR C 169 10.90 12.80 56.70
N SER C 170 9.82 12.36 56.04
CA SER C 170 9.78 12.39 54.59
C SER C 170 8.38 12.52 54.00
N THR C 171 8.19 11.90 52.85
CA THR C 171 6.91 11.92 52.16
C THR C 171 7.09 11.26 50.81
N ALA C 172 6.16 10.38 50.46
CA ALA C 172 6.22 9.70 49.18
C ALA C 172 4.80 9.79 48.65
N ASP C 173 4.66 10.30 47.43
CA ASP C 173 3.35 10.45 46.82
C ASP C 173 3.04 9.44 45.72
N TYR C 174 1.75 9.32 45.40
CA TYR C 174 1.27 8.41 44.37
C TYR C 174 -0.09 8.93 43.90
N ALA C 175 -0.32 8.92 42.61
CA ALA C 175 -1.57 9.42 42.08
C ALA C 175 -2.55 8.33 41.73
N MET C 176 -3.71 8.74 41.22
CA MET C 176 -4.76 7.82 40.82
C MET C 176 -4.75 6.65 41.78
N PHE C 177 -5.02 6.98 43.03
CA PHE C 177 -5.04 6.04 44.13
C PHE C 177 -6.34 5.30 44.22
N LYS C 178 -6.23 4.03 44.58
CA LYS C 178 -7.38 3.17 44.73
C LYS C 178 -6.97 1.86 45.35
N VAL C 179 -7.95 1.17 45.94
CA VAL C 179 -7.76 -0.13 46.53
C VAL C 179 -8.89 -0.99 46.00
N GLY C 180 -8.54 -2.11 45.36
CA GLY C 180 -9.55 -2.97 44.78
C GLY C 180 -10.57 -3.51 45.76
N PRO C 181 -11.85 -3.64 45.35
CA PRO C 181 -12.89 -4.16 46.26
C PRO C 181 -12.43 -5.52 46.75
N GLU C 182 -12.96 -5.97 47.88
CA GLU C 182 -12.53 -7.27 48.42
C GLU C 182 -12.48 -8.32 47.33
N ALA C 183 -13.32 -8.16 46.31
CA ALA C 183 -13.35 -9.09 45.18
C ALA C 183 -11.92 -9.35 44.73
N ASP C 184 -11.43 -8.52 43.81
CA ASP C 184 -10.07 -8.63 43.30
C ASP C 184 -9.10 -8.67 44.50
N LYS C 185 -9.66 -8.76 45.70
CA LYS C 185 -8.91 -8.78 46.95
C LYS C 185 -8.60 -7.33 47.32
N TYR C 186 -7.67 -7.10 48.22
CA TYR C 186 -7.37 -5.71 48.56
C TYR C 186 -6.08 -5.21 47.95
N ARG C 187 -5.93 -5.50 46.66
CA ARG C 187 -4.80 -5.11 45.85
C ARG C 187 -4.85 -3.63 45.45
N LEU C 188 -3.76 -2.90 45.68
CA LEU C 188 -3.72 -1.48 45.33
C LEU C 188 -3.53 -1.29 43.83
N THR C 189 -3.85 -0.09 43.36
CA THR C 189 -3.73 0.19 41.96
C THR C 189 -3.39 1.65 41.70
N TYR C 190 -2.10 1.96 41.66
CA TYR C 190 -1.67 3.33 41.38
C TYR C 190 -0.92 3.47 40.06
N ALA C 191 -0.55 4.71 39.73
CA ALA C 191 0.14 5.00 38.50
C ALA C 191 1.63 5.32 38.58
N TYR C 192 2.02 6.20 39.50
CA TYR C 192 3.43 6.56 39.60
C TYR C 192 3.84 7.26 40.88
N PHE C 193 5.12 7.08 41.22
CA PHE C 193 5.74 7.71 42.38
C PHE C 193 5.78 9.17 41.97
N ALA C 194 5.64 10.11 42.90
CA ALA C 194 5.65 11.52 42.52
C ALA C 194 6.38 12.44 43.46
N GLY C 195 7.67 12.20 43.62
CA GLY C 195 8.46 13.05 44.50
C GLY C 195 8.55 12.61 45.95
N GLY C 196 9.26 13.40 46.74
CA GLY C 196 9.43 13.08 48.14
C GLY C 196 10.76 12.38 48.33
N ASP C 197 11.62 13.00 49.11
CA ASP C 197 12.93 12.41 49.36
C ASP C 197 12.72 11.10 50.07
N ALA C 198 11.46 10.78 50.35
CA ALA C 198 11.07 9.56 51.05
C ALA C 198 11.61 8.30 50.40
N GLY C 199 11.58 8.31 49.06
CA GLY C 199 12.05 7.18 48.30
C GLY C 199 10.85 6.44 47.74
N ASP C 200 11.11 5.54 46.80
CA ASP C 200 10.03 4.75 46.20
C ASP C 200 10.36 3.27 46.17
N ALA C 201 10.07 2.60 47.29
CA ALA C 201 10.30 1.16 47.44
C ALA C 201 9.06 0.37 46.97
N PHE C 202 8.11 1.09 46.39
CA PHE C 202 6.92 0.46 45.87
C PHE C 202 7.19 0.08 44.41
N ASP C 203 8.39 0.46 43.95
CA ASP C 203 8.83 0.17 42.58
C ASP C 203 9.96 -0.84 42.61
N GLY C 204 9.97 -1.67 43.65
CA GLY C 204 11.01 -2.69 43.77
C GLY C 204 12.32 -2.08 44.26
N PHE C 205 13.23 -2.94 44.69
CA PHE C 205 14.53 -2.50 45.17
C PHE C 205 15.41 -3.74 45.14
N ASP C 206 16.50 -3.70 44.38
CA ASP C 206 17.37 -4.86 44.28
C ASP C 206 18.31 -5.02 45.49
N PHE C 207 18.13 -6.09 46.24
CA PHE C 207 18.95 -6.35 47.42
C PHE C 207 20.17 -7.16 47.05
N GLY C 208 20.35 -7.40 45.76
CA GLY C 208 21.51 -8.15 45.30
C GLY C 208 21.45 -9.67 45.41
N ASP C 209 20.77 -10.16 46.44
CA ASP C 209 20.64 -11.60 46.64
C ASP C 209 20.31 -12.29 45.31
N ASP C 210 19.63 -11.55 44.43
CA ASP C 210 19.23 -12.07 43.12
C ASP C 210 18.64 -10.90 42.31
N PRO C 211 18.84 -10.90 40.98
CA PRO C 211 18.32 -9.82 40.13
C PRO C 211 16.86 -9.55 40.47
N SER C 212 16.17 -10.65 40.77
CA SER C 212 14.75 -10.67 41.10
C SER C 212 14.49 -10.12 42.50
N ASP C 213 15.59 -9.79 43.19
CA ASP C 213 15.54 -9.22 44.51
C ASP C 213 14.84 -7.88 44.37
N LYS C 214 14.23 -7.66 43.21
CA LYS C 214 13.54 -6.42 42.92
C LYS C 214 12.26 -6.60 42.11
N PHE C 215 12.17 -7.67 41.31
CA PHE C 215 10.95 -7.89 40.52
C PHE C 215 9.78 -8.22 41.43
N PHE C 216 10.09 -8.96 42.49
CA PHE C 216 9.09 -9.37 43.46
C PHE C 216 8.74 -8.22 44.41
N THR C 217 9.74 -7.79 45.18
CA THR C 217 9.59 -6.72 46.17
C THR C 217 8.89 -5.45 45.68
N SER C 218 8.05 -5.56 44.67
CA SER C 218 7.30 -4.41 44.19
C SER C 218 5.97 -4.50 44.94
N HIS C 219 5.41 -3.36 45.34
CA HIS C 219 4.15 -3.39 46.08
C HIS C 219 2.97 -2.88 45.27
N ASN C 220 3.28 -2.26 44.14
CA ASN C 220 2.26 -1.72 43.26
C ASN C 220 1.61 -2.89 42.52
N GLY C 221 0.30 -3.04 42.67
CA GLY C 221 -0.39 -4.13 42.01
C GLY C 221 -0.42 -5.44 42.80
N MET C 222 0.29 -5.49 43.92
CA MET C 222 0.31 -6.67 44.76
C MET C 222 -0.87 -6.73 45.73
N GLN C 223 -1.75 -7.71 45.53
CA GLN C 223 -2.93 -7.89 46.36
C GLN C 223 -2.55 -7.96 47.85
N PHE C 224 -3.56 -7.91 48.72
CA PHE C 224 -3.30 -7.94 50.15
C PHE C 224 -3.22 -9.34 50.73
N SER C 225 -2.10 -9.60 51.38
CA SER C 225 -1.84 -10.90 51.99
C SER C 225 -1.83 -10.86 53.52
N THR C 226 -2.98 -11.16 54.13
CA THR C 226 -3.09 -11.21 55.58
C THR C 226 -2.26 -12.42 55.98
N TRP C 227 -2.08 -12.67 57.26
CA TRP C 227 -1.30 -13.85 57.67
C TRP C 227 -2.06 -15.13 57.30
N ASP C 228 -3.40 -15.04 57.30
CA ASP C 228 -4.28 -16.16 56.99
C ASP C 228 -5.19 -15.89 55.79
N ASN C 229 -4.55 -15.75 54.62
CA ASN C 229 -5.22 -15.50 53.34
C ASN C 229 -4.28 -14.65 52.48
N ASP C 230 -3.31 -15.29 51.84
CA ASP C 230 -2.37 -14.59 50.99
C ASP C 230 -2.71 -14.68 49.49
N ASN C 231 -2.47 -13.58 48.79
CA ASN C 231 -2.72 -13.49 47.35
C ASN C 231 -1.44 -12.96 46.70
N ASP C 232 -0.32 -13.20 47.37
CA ASP C 232 0.96 -12.76 46.90
C ASP C 232 1.54 -13.61 45.78
N LYS C 233 2.85 -13.50 45.62
CA LYS C 233 3.58 -14.23 44.60
C LYS C 233 4.76 -14.92 45.27
N PHE C 234 4.44 -15.72 46.28
CA PHE C 234 5.46 -16.48 47.00
C PHE C 234 5.02 -17.93 46.97
N GLU C 235 5.88 -18.82 47.43
CA GLU C 235 5.56 -20.25 47.47
C GLU C 235 4.44 -20.41 48.50
N GLY C 236 4.10 -19.29 49.14
CA GLY C 236 3.06 -19.26 50.15
C GLY C 236 2.77 -17.85 50.65
N ASN C 237 2.39 -17.73 51.93
CA ASN C 237 2.08 -16.44 52.52
C ASN C 237 3.29 -15.78 53.15
N CYS C 238 3.87 -14.81 52.45
CA CYS C 238 5.02 -14.08 52.95
C CYS C 238 4.66 -13.47 54.29
N ALA C 239 3.62 -12.64 54.29
CA ALA C 239 3.16 -11.97 55.49
C ALA C 239 3.43 -12.84 56.71
N GLU C 240 2.59 -13.86 56.89
CA GLU C 240 2.74 -14.75 58.02
C GLU C 240 4.21 -14.99 58.36
N GLN C 241 5.02 -15.34 57.37
CA GLN C 241 6.45 -15.62 57.61
C GLN C 241 7.02 -14.60 58.60
N ASP C 242 7.07 -13.34 58.20
CA ASP C 242 7.60 -12.29 59.08
C ASP C 242 6.46 -11.72 59.89
N GLY C 243 5.31 -12.40 59.82
CA GLY C 243 4.13 -12.01 60.55
C GLY C 243 3.67 -10.61 60.22
N SER C 244 2.49 -10.51 59.59
CA SER C 244 1.90 -9.23 59.23
C SER C 244 0.82 -9.38 58.19
N GLY C 245 0.18 -8.25 57.89
CA GLY C 245 -0.87 -8.21 56.89
C GLY C 245 -0.52 -7.01 56.03
N TRP C 246 0.25 -7.23 54.97
CA TRP C 246 0.67 -6.15 54.10
C TRP C 246 0.79 -6.58 52.65
N TRP C 247 0.25 -5.79 51.73
CA TRP C 247 0.30 -6.09 50.28
C TRP C 247 1.60 -6.84 49.95
N MET C 248 1.58 -8.15 50.09
CA MET C 248 2.77 -8.96 49.87
C MET C 248 3.08 -9.41 48.45
N ASN C 249 4.30 -9.93 48.33
CA ASN C 249 4.88 -10.43 47.10
C ASN C 249 5.85 -11.47 47.61
N LYS C 250 7.02 -11.59 46.98
CA LYS C 250 8.04 -12.56 47.41
C LYS C 250 9.35 -11.92 47.93
N CYS C 251 9.35 -11.12 49.00
CA CYS C 251 8.26 -10.71 49.85
C CYS C 251 8.04 -9.19 49.70
N HIS C 252 8.76 -8.41 50.51
CA HIS C 252 8.61 -6.94 50.46
C HIS C 252 9.88 -6.10 50.52
N ALA C 253 9.66 -4.80 50.57
CA ALA C 253 10.68 -3.76 50.66
C ALA C 253 9.90 -2.51 51.08
N GLY C 254 9.77 -2.32 52.39
CA GLY C 254 9.02 -1.18 52.89
C GLY C 254 7.87 -1.74 53.70
N HIS C 255 8.04 -1.78 55.02
CA HIS C 255 7.02 -2.31 55.89
C HIS C 255 6.47 -1.31 56.94
N LEU C 256 5.23 -0.87 56.73
CA LEU C 256 4.58 0.07 57.65
C LEU C 256 3.54 -0.62 58.55
N ASN C 257 3.24 -1.88 58.25
CA ASN C 257 2.30 -2.67 59.02
C ASN C 257 3.04 -3.74 59.85
N GLY C 258 4.38 -3.72 59.80
CA GLY C 258 5.17 -4.74 60.49
C GLY C 258 5.69 -4.57 61.92
N VAL C 259 6.70 -5.36 62.26
CA VAL C 259 7.30 -5.36 63.59
C VAL C 259 7.83 -3.99 64.03
N TYR C 260 7.07 -3.33 64.91
CA TYR C 260 7.45 -2.02 65.43
C TYR C 260 8.59 -2.14 66.44
N TYR C 261 9.80 -2.13 65.91
CA TYR C 261 11.00 -2.27 66.72
C TYR C 261 11.44 -1.04 67.51
N GLN C 262 11.89 -1.27 68.74
CA GLN C 262 12.38 -0.22 69.65
C GLN C 262 13.76 0.21 69.18
N GLY C 263 14.04 1.51 69.25
CA GLY C 263 15.33 2.00 68.82
C GLY C 263 15.55 1.62 67.37
N GLY C 264 14.50 1.07 66.76
CA GLY C 264 14.52 0.65 65.37
C GLY C 264 15.48 -0.48 65.04
N THR C 265 16.32 -0.24 64.03
CA THR C 265 17.34 -1.18 63.56
C THR C 265 17.36 -2.56 64.22
N TYR C 266 16.80 -3.57 63.55
CA TYR C 266 16.81 -4.91 64.10
C TYR C 266 17.87 -5.79 63.46
N SER C 267 17.99 -7.03 63.93
CA SER C 267 19.02 -7.94 63.41
C SER C 267 18.53 -9.24 62.80
N LYS C 268 19.36 -10.28 62.95
CA LYS C 268 19.09 -11.62 62.46
C LYS C 268 18.66 -12.44 63.66
N ALA C 269 18.37 -11.73 64.76
CA ALA C 269 17.96 -12.35 66.03
C ALA C 269 16.47 -12.23 66.31
N SER C 270 15.91 -11.04 66.10
CA SER C 270 14.49 -10.83 66.32
C SER C 270 13.72 -11.36 65.11
N THR C 271 14.46 -11.92 64.16
CA THR C 271 13.85 -12.49 62.98
C THR C 271 13.22 -13.78 63.47
N PRO C 272 11.88 -13.82 63.53
CA PRO C 272 11.17 -15.01 63.99
C PRO C 272 11.69 -16.19 63.22
N ASN C 273 11.10 -16.39 62.07
CA ASN C 273 11.45 -17.48 61.19
C ASN C 273 12.86 -17.25 60.62
N GLY C 274 13.31 -16.00 60.62
CA GLY C 274 14.65 -15.71 60.13
C GLY C 274 14.85 -14.52 59.22
N TYR C 275 13.82 -14.10 58.50
CA TYR C 275 13.97 -12.98 57.58
C TYR C 275 13.31 -11.65 57.99
N ASP C 276 13.52 -10.63 57.15
CA ASP C 276 13.00 -9.27 57.39
C ASP C 276 11.51 -9.17 57.70
N ASN C 277 11.17 -8.26 58.60
CA ASN C 277 9.80 -8.03 59.05
C ASN C 277 9.65 -6.66 59.66
N GLY C 278 10.78 -6.13 60.15
CA GLY C 278 10.81 -4.82 60.78
C GLY C 278 10.20 -3.66 60.00
N ILE C 279 10.31 -2.45 60.55
CA ILE C 279 9.75 -1.26 59.90
C ILE C 279 10.75 -0.66 58.92
N ILE C 280 11.14 -1.46 57.93
CA ILE C 280 12.10 -1.05 56.92
C ILE C 280 11.45 -0.39 55.71
N TRP C 281 12.30 0.19 54.86
CA TRP C 281 11.92 0.87 53.62
C TRP C 281 13.20 1.27 52.88
N ALA C 282 13.69 0.34 52.07
CA ALA C 282 14.92 0.51 51.30
C ALA C 282 15.15 1.80 50.51
N THR C 283 14.09 2.53 50.16
CA THR C 283 14.30 3.78 49.43
C THR C 283 14.40 4.96 50.41
N TRP C 284 14.91 4.65 51.59
CA TRP C 284 15.13 5.61 52.68
C TRP C 284 16.20 4.99 53.59
N LYS C 285 15.89 3.80 54.10
CA LYS C 285 16.78 3.04 54.99
C LYS C 285 16.83 1.57 54.56
N THR C 286 17.79 0.81 55.07
CA THR C 286 17.93 -0.59 54.70
C THR C 286 16.79 -1.49 55.19
N ARG C 287 17.09 -2.77 55.31
CA ARG C 287 16.11 -3.77 55.73
C ARG C 287 16.22 -4.17 57.20
N TRP C 288 16.83 -3.32 58.00
CA TRP C 288 16.99 -3.60 59.42
C TRP C 288 16.56 -2.40 60.26
N TYR C 289 16.70 -1.20 59.69
CA TYR C 289 16.29 0.01 60.39
C TYR C 289 14.77 0.02 60.44
N SER C 290 14.22 -0.05 61.65
CA SER C 290 12.78 -0.03 61.83
C SER C 290 12.36 1.40 62.12
N MET C 291 11.57 1.99 61.24
CA MET C 291 11.13 3.38 61.42
C MET C 291 10.49 3.56 62.80
N LYS C 292 10.52 4.79 63.32
CA LYS C 292 9.89 5.04 64.64
C LYS C 292 8.45 5.52 64.43
N LYS C 293 8.27 6.46 63.51
CA LYS C 293 6.94 6.97 63.23
C LYS C 293 6.54 6.49 61.86
N THR C 294 5.28 6.72 61.49
CA THR C 294 4.75 6.28 60.19
C THR C 294 3.27 6.60 60.09
N THR C 295 2.86 7.01 58.90
CA THR C 295 1.47 7.33 58.62
C THR C 295 1.25 7.30 57.11
N MET C 296 0.00 7.09 56.69
CA MET C 296 -0.28 7.03 55.27
C MET C 296 -1.64 7.65 54.98
N LYS C 297 -1.66 8.94 54.67
CA LYS C 297 -2.93 9.60 54.40
C LYS C 297 -3.22 9.82 52.93
N ILE C 298 -4.50 9.95 52.60
CA ILE C 298 -4.89 10.19 51.23
C ILE C 298 -5.49 11.59 51.08
N ILE C 299 -6.03 11.88 49.89
CA ILE C 299 -6.64 13.17 49.56
C ILE C 299 -6.83 13.27 48.04
N PRO C 300 -7.91 13.95 47.58
CA PRO C 300 -8.22 14.13 46.16
C PRO C 300 -7.14 14.83 45.32
N PHE C 301 -6.51 14.06 44.42
CA PHE C 301 -5.41 14.50 43.55
C PHE C 301 -5.21 15.99 43.27
N ASN C 302 -6.25 16.65 42.79
CA ASN C 302 -6.15 18.06 42.47
C ASN C 302 -5.89 18.88 43.73
N ARG C 303 -4.79 18.56 44.40
CA ARG C 303 -4.40 19.23 45.61
C ARG C 303 -2.88 19.29 45.72
N LEU C 304 -2.18 18.57 44.83
CA LEU C 304 -0.71 18.56 44.85
C LEU C 304 -0.13 19.88 44.35
N THR C 305 -0.96 20.66 43.67
CA THR C 305 -0.56 21.96 43.14
C THR C 305 -1.82 22.86 43.19
N ILE C 306 -2.63 22.62 44.23
CA ILE C 306 -3.88 23.33 44.47
C ILE C 306 -3.90 24.80 44.03
N GLY C 307 -2.85 25.54 44.32
CA GLY C 307 -2.81 26.94 43.94
C GLY C 307 -3.78 27.81 44.75
N GLU C 308 -5.06 27.48 44.70
CA GLU C 308 -6.10 28.23 45.41
C GLU C 308 -6.43 27.67 46.80
N LEU D 12 15.35 50.58 -72.41
CA LEU D 12 14.86 49.18 -72.23
C LEU D 12 15.84 48.38 -71.39
N LYS D 13 16.96 47.98 -71.97
CA LYS D 13 17.98 47.21 -71.23
C LYS D 13 18.27 48.00 -69.94
N ARG D 14 18.30 49.31 -70.11
CA ARG D 14 18.54 50.27 -69.04
C ARG D 14 17.48 50.21 -67.94
N LYS D 15 16.38 49.51 -68.19
CA LYS D 15 15.31 49.39 -67.21
C LYS D 15 15.47 48.15 -66.34
N VAL D 16 15.34 46.98 -66.96
CA VAL D 16 15.47 45.71 -66.25
C VAL D 16 16.54 45.75 -65.17
N ILE D 17 17.69 46.31 -65.50
CA ILE D 17 18.79 46.44 -64.54
C ILE D 17 18.18 46.78 -63.18
N GLU D 18 17.35 47.81 -63.16
CA GLU D 18 16.71 48.23 -61.92
C GLU D 18 15.94 47.05 -61.35
N LYS D 19 15.03 46.50 -62.15
CA LYS D 19 14.21 45.35 -61.74
C LYS D 19 15.03 44.12 -61.38
N VAL D 20 16.16 43.95 -62.06
CA VAL D 20 17.07 42.85 -61.78
C VAL D 20 17.46 43.00 -60.32
N GLN D 21 17.95 44.19 -60.00
CA GLN D 21 18.42 44.50 -58.66
C GLN D 21 17.33 44.73 -57.62
N HIS D 22 16.31 45.52 -57.96
CA HIS D 22 15.25 45.76 -56.99
C HIS D 22 14.78 44.40 -56.49
N ILE D 23 15.12 43.39 -57.28
CA ILE D 23 14.83 42.01 -56.97
C ILE D 23 15.95 41.45 -56.09
N GLN D 24 17.20 41.62 -56.51
CA GLN D 24 18.30 41.11 -55.70
C GLN D 24 18.08 41.62 -54.29
N LEU D 25 17.30 42.69 -54.19
CA LEU D 25 16.93 43.36 -52.94
C LEU D 25 15.92 42.54 -52.15
N LEU D 26 14.88 42.10 -52.84
CA LEU D 26 13.87 41.29 -52.21
C LEU D 26 14.66 40.15 -51.61
N GLN D 27 15.34 39.43 -52.50
CA GLN D 27 16.17 38.29 -52.13
C GLN D 27 16.96 38.50 -50.84
N LYS D 28 17.58 39.67 -50.69
CA LYS D 28 18.36 39.96 -49.49
C LYS D 28 17.46 39.97 -48.24
N ASN D 29 16.32 40.65 -48.36
CA ASN D 29 15.34 40.78 -47.26
C ASN D 29 14.62 39.51 -46.87
N VAL D 30 14.24 38.71 -47.87
CA VAL D 30 13.55 37.45 -47.61
C VAL D 30 14.46 36.51 -46.82
N ARG D 31 15.76 36.53 -47.15
CA ARG D 31 16.73 35.69 -46.47
C ARG D 31 16.77 36.10 -45.02
N ALA D 32 16.74 37.41 -44.81
CA ALA D 32 16.72 37.92 -43.46
C ALA D 32 15.47 37.35 -42.80
N GLN D 33 14.32 37.82 -43.24
CA GLN D 33 13.04 37.38 -42.68
C GLN D 33 12.86 35.87 -42.53
N LEU D 34 13.59 35.11 -43.32
CA LEU D 34 13.50 33.66 -43.24
C LEU D 34 14.24 33.22 -41.97
N VAL D 35 15.38 33.84 -41.72
CA VAL D 35 16.18 33.54 -40.54
C VAL D 35 15.46 34.11 -39.33
N ASP D 36 14.90 35.28 -39.52
CA ASP D 36 14.14 35.95 -38.48
C ASP D 36 12.97 35.04 -38.08
N MET D 37 12.48 34.25 -39.02
CA MET D 37 11.36 33.33 -38.77
C MET D 37 11.76 32.13 -37.95
N LYS D 38 12.78 31.39 -38.41
CA LYS D 38 13.24 30.23 -37.64
C LYS D 38 13.32 30.66 -36.19
N ARG D 39 14.21 31.60 -35.90
CA ARG D 39 14.36 32.06 -34.54
C ARG D 39 13.02 32.34 -33.88
N LEU D 40 12.21 33.21 -34.48
CA LEU D 40 10.94 33.51 -33.86
C LEU D 40 10.22 32.22 -33.55
N GLU D 41 10.03 31.42 -34.59
CA GLU D 41 9.36 30.13 -34.49
C GLU D 41 9.74 29.33 -33.23
N VAL D 42 11.04 29.22 -32.96
CA VAL D 42 11.49 28.46 -31.79
C VAL D 42 11.31 29.23 -30.49
N ASP D 43 11.52 30.55 -30.55
CA ASP D 43 11.38 31.37 -29.38
C ASP D 43 9.96 31.25 -28.89
N ILE D 44 9.02 31.11 -29.82
CA ILE D 44 7.63 30.96 -29.46
C ILE D 44 7.36 29.55 -28.95
N ASP D 45 7.99 28.53 -29.56
CA ASP D 45 7.77 27.17 -29.10
C ASP D 45 8.13 27.17 -27.61
N ILE D 46 9.38 27.49 -27.30
CA ILE D 46 9.85 27.56 -25.92
C ILE D 46 8.89 28.30 -24.98
N LYS D 47 8.48 29.51 -25.32
CA LYS D 47 7.58 30.27 -24.46
C LYS D 47 6.30 29.51 -24.13
N ILE D 48 5.63 29.01 -25.16
CA ILE D 48 4.42 28.24 -24.94
C ILE D 48 4.70 27.13 -23.93
N ARG D 49 5.69 26.32 -24.22
CA ARG D 49 6.00 25.23 -23.33
C ARG D 49 6.29 25.66 -21.92
N SER D 50 6.64 26.92 -21.71
CA SER D 50 6.93 27.36 -20.35
C SER D 50 5.65 27.83 -19.66
N CYS D 51 4.53 27.75 -20.37
CA CYS D 51 3.29 28.12 -19.75
C CYS D 51 2.67 26.86 -19.17
N ARG D 52 3.24 25.72 -19.54
CA ARG D 52 2.78 24.43 -19.07
C ARG D 52 2.58 24.46 -17.56
N GLY D 53 3.67 24.65 -16.83
CA GLY D 53 3.60 24.69 -15.37
C GLY D 53 3.23 26.06 -14.84
N SER D 54 2.10 26.57 -15.29
CA SER D 54 1.62 27.87 -14.88
C SER D 54 0.23 27.97 -15.44
N CYS D 55 0.13 28.31 -16.72
CA CYS D 55 -1.16 28.43 -17.41
C CYS D 55 -2.19 27.38 -16.93
N SER D 56 -2.42 26.31 -17.68
CA SER D 56 -3.41 25.30 -17.27
C SER D 56 -3.37 24.07 -18.16
N ARG D 57 -3.93 24.21 -19.35
CA ARG D 57 -3.88 23.14 -20.31
C ARG D 57 -2.88 23.65 -21.32
N ALA D 58 -1.76 22.95 -21.44
CA ALA D 58 -0.70 23.33 -22.36
C ALA D 58 -1.01 22.90 -23.79
N LEU D 59 -0.39 23.59 -24.74
CA LEU D 59 -0.61 23.31 -26.14
C LEU D 59 0.42 22.33 -26.65
N ALA D 60 -0.05 21.28 -27.30
CA ALA D 60 0.84 20.26 -27.84
C ALA D 60 1.23 20.75 -29.20
N ARG D 61 2.52 20.89 -29.43
CA ARG D 61 3.00 21.36 -30.72
C ARG D 61 4.08 20.48 -31.30
N GLU D 62 4.42 20.80 -32.53
CA GLU D 62 5.48 20.13 -33.25
C GLU D 62 6.02 21.27 -34.08
N VAL D 63 7.29 21.21 -34.46
CA VAL D 63 7.83 22.28 -35.29
C VAL D 63 8.74 21.77 -36.38
N ASP D 64 8.25 21.82 -37.62
CA ASP D 64 9.04 21.37 -38.74
C ASP D 64 10.09 22.46 -38.92
N LEU D 65 11.27 22.22 -38.38
CA LEU D 65 12.36 23.16 -38.47
C LEU D 65 13.11 22.91 -39.76
N LYS D 66 12.93 21.70 -40.30
CA LYS D 66 13.59 21.28 -41.52
C LYS D 66 12.99 22.02 -42.69
N ASP D 67 11.76 22.48 -42.52
CA ASP D 67 11.08 23.21 -43.58
C ASP D 67 11.43 24.69 -43.48
N TYR D 68 12.67 24.96 -43.14
CA TYR D 68 13.21 26.31 -43.02
C TYR D 68 14.59 26.21 -43.66
N GLU D 69 15.26 25.10 -43.38
CA GLU D 69 16.57 24.83 -43.95
C GLU D 69 16.22 24.64 -45.43
N ASP D 70 15.25 23.77 -45.70
CA ASP D 70 14.83 23.52 -47.06
C ASP D 70 14.77 24.83 -47.81
N GLN D 71 13.87 25.71 -47.37
CA GLN D 71 13.69 27.01 -48.00
C GLN D 71 14.90 27.93 -48.00
N GLN D 72 15.71 27.88 -46.95
CA GLN D 72 16.90 28.74 -46.93
C GLN D 72 17.89 28.24 -47.98
N LYS D 73 17.98 26.92 -48.10
CA LYS D 73 18.84 26.36 -49.12
C LYS D 73 18.30 26.91 -50.43
N GLN D 74 17.04 26.53 -50.70
CA GLN D 74 16.32 26.91 -51.91
C GLN D 74 16.57 28.34 -52.40
N LEU D 75 16.53 29.33 -51.52
CA LEU D 75 16.77 30.72 -51.93
C LEU D 75 18.24 30.93 -52.25
N GLU D 76 19.11 30.20 -51.55
CA GLU D 76 20.54 30.33 -51.78
C GLU D 76 20.93 30.05 -53.23
N GLN D 77 20.16 29.19 -53.88
CA GLN D 77 20.43 28.88 -55.27
C GLN D 77 20.37 30.18 -56.06
N VAL D 78 19.16 30.70 -56.25
CA VAL D 78 18.95 31.91 -57.04
C VAL D 78 19.73 33.15 -56.61
N ILE D 79 19.99 33.31 -55.31
CA ILE D 79 20.73 34.49 -54.88
C ILE D 79 22.11 34.38 -55.48
N ALA D 80 22.55 33.15 -55.69
CA ALA D 80 23.86 32.88 -56.27
C ALA D 80 23.81 32.93 -57.80
N LYS D 81 22.89 33.74 -58.32
CA LYS D 81 22.70 33.92 -59.76
C LYS D 81 22.81 35.41 -60.04
N ASP D 82 22.26 35.87 -61.16
CA ASP D 82 22.32 37.29 -61.48
C ASP D 82 21.80 37.62 -62.88
N ASP E 21 17.88 41.27 -72.85
CA ASP E 21 18.25 39.82 -72.79
C ASP E 21 17.00 38.94 -72.75
N GLU E 22 17.18 37.66 -73.04
CA GLU E 22 16.06 36.71 -73.00
C GLU E 22 15.59 36.62 -71.56
N THR E 23 16.53 36.88 -70.64
CA THR E 23 16.30 36.89 -69.19
C THR E 23 14.80 36.94 -68.85
N VAL E 24 14.22 38.12 -69.00
CA VAL E 24 12.81 38.36 -68.74
C VAL E 24 11.90 37.16 -68.95
N ASN E 25 12.17 36.38 -69.99
CA ASN E 25 11.33 35.24 -70.32
C ASN E 25 11.79 33.83 -69.95
N SER E 26 12.91 33.70 -69.24
CA SER E 26 13.37 32.38 -68.85
C SER E 26 14.41 32.43 -67.75
N ASN E 27 14.39 33.50 -66.97
CA ASN E 27 15.34 33.66 -65.86
C ASN E 27 14.64 34.24 -64.65
N ILE E 28 14.40 35.54 -64.65
CA ILE E 28 13.70 36.15 -63.51
C ILE E 28 12.52 35.25 -63.18
N PRO E 29 11.71 34.89 -64.20
CA PRO E 29 10.56 34.02 -63.98
C PRO E 29 10.89 32.92 -62.99
N THR E 30 11.90 32.13 -63.31
CA THR E 30 12.30 31.04 -62.44
C THR E 30 13.46 31.44 -61.51
N ASN E 31 13.24 32.55 -60.82
CA ASN E 31 14.15 33.13 -59.84
C ASN E 31 13.21 33.99 -59.01
N LEU E 32 11.96 33.98 -59.44
CA LEU E 32 10.89 34.73 -58.82
C LEU E 32 9.92 33.71 -58.29
N ARG E 33 9.76 32.63 -59.05
CA ARG E 33 8.88 31.57 -58.64
C ARG E 33 9.15 31.28 -57.17
N VAL E 34 10.42 31.24 -56.80
CA VAL E 34 10.78 30.96 -55.42
C VAL E 34 10.27 32.03 -54.45
N LEU E 35 10.55 33.28 -54.77
CA LEU E 35 10.13 34.38 -53.91
C LEU E 35 8.64 34.45 -53.83
N ARG E 36 7.97 33.59 -54.59
CA ARG E 36 6.52 33.51 -54.59
C ARG E 36 6.26 32.55 -53.43
N SER E 37 6.86 31.37 -53.51
CA SER E 37 6.70 30.34 -52.51
C SER E 37 7.21 30.67 -51.14
N ILE E 38 8.52 30.76 -51.01
CA ILE E 38 9.14 31.03 -49.73
C ILE E 38 8.30 32.05 -48.97
N LEU E 39 7.87 33.08 -49.70
CA LEU E 39 7.07 34.15 -49.12
C LEU E 39 5.67 33.72 -48.73
N GLU E 40 5.04 32.91 -49.56
CA GLU E 40 3.71 32.47 -49.21
C GLU E 40 3.83 31.57 -47.97
N ASN E 41 4.76 30.63 -48.03
CA ASN E 41 5.01 29.69 -46.93
C ASN E 41 5.10 30.43 -45.59
N LEU E 42 6.05 31.37 -45.51
CA LEU E 42 6.26 32.16 -44.31
C LEU E 42 5.01 32.83 -43.80
N ARG E 43 4.06 33.07 -44.69
CA ARG E 43 2.81 33.70 -44.28
C ARG E 43 1.93 32.68 -43.57
N SER E 44 1.88 31.48 -44.13
CA SER E 44 1.07 30.40 -43.59
C SER E 44 1.73 29.73 -42.41
N LYS E 45 2.84 30.31 -41.97
CA LYS E 45 3.56 29.82 -40.81
C LYS E 45 3.17 30.85 -39.78
N ILE E 46 3.30 32.11 -40.18
CA ILE E 46 2.97 33.23 -39.31
C ILE E 46 1.56 33.15 -38.77
N GLN E 47 0.64 32.70 -39.60
CA GLN E 47 -0.73 32.58 -39.15
C GLN E 47 -0.81 31.42 -38.18
N LYS E 48 -0.09 30.35 -38.48
CA LYS E 48 -0.08 29.15 -37.64
C LYS E 48 0.53 29.49 -36.29
N LEU E 49 1.42 30.46 -36.26
CA LEU E 49 2.02 30.83 -35.01
C LEU E 49 1.07 31.73 -34.26
N GLU E 50 0.59 32.80 -34.89
CA GLU E 50 -0.34 33.75 -34.24
C GLU E 50 -1.57 33.07 -33.68
N SER E 51 -1.94 31.94 -34.26
CA SER E 51 -3.09 31.20 -33.77
C SER E 51 -2.61 30.59 -32.48
N ASP E 52 -1.74 29.60 -32.63
CA ASP E 52 -1.13 28.88 -31.52
C ASP E 52 -0.88 29.74 -30.29
N VAL E 53 -0.38 30.95 -30.46
CA VAL E 53 -0.15 31.77 -29.29
C VAL E 53 -1.49 32.07 -28.62
N SER E 54 -2.43 32.57 -29.42
CA SER E 54 -3.76 32.88 -28.91
C SER E 54 -4.34 31.61 -28.32
N ALA E 55 -4.12 30.50 -29.01
CA ALA E 55 -4.63 29.24 -28.49
C ALA E 55 -4.13 29.18 -27.08
N GLN E 56 -2.82 29.23 -26.92
CA GLN E 56 -2.21 29.17 -25.60
C GLN E 56 -2.66 30.30 -24.71
N MET E 57 -2.80 31.50 -25.26
CA MET E 57 -3.24 32.63 -24.46
C MET E 57 -4.49 32.28 -23.68
N GLU E 58 -5.51 31.79 -24.37
CA GLU E 58 -6.77 31.42 -23.74
C GLU E 58 -6.55 30.31 -22.67
N TYR E 59 -5.87 29.24 -23.06
CA TYR E 59 -5.59 28.14 -22.13
C TYR E 59 -4.96 28.61 -20.83
N CYS E 60 -4.90 29.91 -20.59
CA CYS E 60 -4.24 30.42 -19.40
C CYS E 60 -5.06 31.20 -18.38
N ARG E 61 -6.27 31.58 -18.78
CA ARG E 61 -7.14 32.33 -17.90
C ARG E 61 -7.27 31.57 -16.60
N THR E 62 -7.47 30.26 -16.70
CA THR E 62 -7.59 29.39 -15.53
C THR E 62 -6.21 28.80 -15.24
N PRO E 63 -5.74 28.88 -14.00
CA PRO E 63 -4.41 28.33 -13.68
C PRO E 63 -4.38 26.82 -13.49
N CYS E 64 -3.18 26.30 -13.29
CA CYS E 64 -2.96 24.88 -13.05
C CYS E 64 -2.93 24.66 -11.54
N THR E 65 -3.23 23.43 -11.11
CA THR E 65 -3.27 23.17 -9.68
C THR E 65 -2.53 21.96 -9.25
N VAL E 66 -2.43 21.86 -7.93
CA VAL E 66 -1.76 20.77 -7.27
C VAL E 66 -2.29 20.77 -5.83
N SER E 67 -2.11 19.62 -5.17
CA SER E 67 -2.54 19.44 -3.81
C SER E 67 -1.42 18.81 -3.02
N CYS E 68 -0.56 19.65 -2.48
CA CYS E 68 0.59 19.16 -1.74
C CYS E 68 0.47 19.24 -0.22
N ASN E 69 -0.12 18.20 0.38
CA ASN E 69 -0.30 18.12 1.83
C ASN E 69 1.02 18.15 2.58
N ILE E 70 1.18 19.10 3.47
CA ILE E 70 2.40 19.23 4.23
C ILE E 70 2.75 18.03 5.11
N PRO E 71 3.93 17.45 4.87
CA PRO E 71 4.51 16.30 5.58
C PRO E 71 4.92 16.71 6.99
N VAL E 72 4.15 16.29 7.99
CA VAL E 72 4.44 16.65 9.36
C VAL E 72 5.88 17.02 9.74
N VAL E 73 6.73 16.03 9.98
CA VAL E 73 8.11 16.31 10.39
C VAL E 73 8.78 17.47 9.63
N SER E 74 9.43 18.36 10.39
CA SER E 74 10.08 19.51 9.78
C SER E 74 11.43 19.74 10.45
N GLY E 75 12.21 20.69 9.94
CA GLY E 75 13.51 20.96 10.51
C GLY E 75 14.22 22.14 9.83
N LYS E 76 15.40 22.50 10.33
CA LYS E 76 16.16 23.61 9.78
C LYS E 76 16.35 23.44 8.29
N GLU E 77 16.44 22.19 7.85
CA GLU E 77 16.57 21.83 6.43
C GLU E 77 16.45 20.33 6.21
N CYS E 78 16.59 19.89 4.97
CA CYS E 78 16.45 18.48 4.64
C CYS E 78 17.49 17.61 5.35
N GLU E 79 18.72 18.11 5.47
CA GLU E 79 19.78 17.37 6.16
C GLU E 79 19.45 17.19 7.64
N GLU E 80 18.42 17.89 8.12
CA GLU E 80 18.02 17.75 9.51
C GLU E 80 16.77 16.90 9.51
N ILE E 81 15.90 17.18 8.56
CA ILE E 81 14.68 16.42 8.45
C ILE E 81 15.02 14.97 8.18
N ILE E 82 16.17 14.74 7.55
CA ILE E 82 16.55 13.36 7.26
C ILE E 82 16.86 12.68 8.60
N ARG E 83 17.83 13.23 9.33
CA ARG E 83 18.23 12.70 10.61
C ARG E 83 17.12 12.82 11.67
N LYS E 84 15.86 12.93 11.25
CA LYS E 84 14.78 13.05 12.21
C LYS E 84 13.61 12.18 11.83
N GLY E 85 13.80 11.37 10.81
CA GLY E 85 12.75 10.48 10.36
C GLY E 85 12.40 10.70 8.91
N GLY E 86 13.05 11.70 8.31
CA GLY E 86 12.83 12.07 6.92
C GLY E 86 13.67 11.21 6.03
N GLU E 87 13.10 10.05 5.67
CA GLU E 87 13.75 9.04 4.84
C GLU E 87 13.25 9.07 3.40
N THR E 88 12.08 9.66 3.19
CA THR E 88 11.48 9.78 1.86
C THR E 88 11.79 11.13 1.17
N SER E 89 11.61 11.18 -0.16
CA SER E 89 11.87 12.41 -0.92
C SER E 89 10.57 12.98 -1.46
N GLU E 90 10.34 14.26 -1.18
CA GLU E 90 9.15 14.98 -1.63
C GLU E 90 9.24 16.37 -1.01
N MET E 91 8.11 17.08 -1.03
CA MET E 91 8.04 18.42 -0.48
C MET E 91 7.71 18.42 0.99
N TYR E 92 8.63 18.94 1.78
CA TYR E 92 8.44 19.04 3.21
C TYR E 92 8.25 20.51 3.51
N LEU E 93 8.57 20.89 4.75
CA LEU E 93 8.46 22.26 5.21
C LEU E 93 9.65 22.50 6.11
N ILE E 94 10.57 23.38 5.73
CA ILE E 94 11.73 23.63 6.58
C ILE E 94 11.65 24.98 7.23
N GLN E 95 12.55 25.22 8.16
CA GLN E 95 12.60 26.47 8.91
C GLN E 95 13.97 26.66 9.52
N PRO E 96 14.91 27.22 8.75
CA PRO E 96 16.25 27.44 9.29
C PRO E 96 16.21 28.39 10.46
N ASP E 97 16.53 29.65 10.22
CA ASP E 97 16.51 30.68 11.25
C ASP E 97 15.05 30.95 11.67
N SER E 98 14.71 30.67 12.92
CA SER E 98 13.33 30.88 13.41
C SER E 98 12.89 32.35 13.29
N SER E 99 13.85 33.19 12.91
CA SER E 99 13.61 34.61 12.71
C SER E 99 13.25 34.75 11.24
N VAL E 100 12.16 34.07 10.86
CA VAL E 100 11.58 34.04 9.51
C VAL E 100 10.62 32.86 9.38
N LYS E 101 9.39 33.15 8.96
CA LYS E 101 8.35 32.12 8.82
C LYS E 101 8.70 31.01 7.82
N PRO E 102 8.22 29.77 8.09
CA PRO E 102 8.46 28.59 7.25
C PRO E 102 8.25 28.72 5.73
N TYR E 103 8.72 27.70 5.01
CA TYR E 103 8.58 27.66 3.56
C TYR E 103 8.77 26.29 2.96
N ARG E 104 8.02 26.05 1.89
CA ARG E 104 8.05 24.81 1.17
C ARG E 104 9.33 24.67 0.34
N VAL E 105 9.91 23.47 0.33
CA VAL E 105 11.12 23.15 -0.42
C VAL E 105 11.09 21.69 -0.89
N TYR E 106 11.96 21.33 -1.82
CA TYR E 106 11.98 19.94 -2.24
C TYR E 106 13.18 19.22 -1.65
N CYS E 107 12.88 18.21 -0.83
CA CYS E 107 13.92 17.42 -0.16
C CYS E 107 14.38 16.22 -0.96
N ASP E 108 15.66 15.91 -0.85
CA ASP E 108 16.24 14.77 -1.55
C ASP E 108 16.93 13.90 -0.51
N MET E 109 16.33 12.75 -0.19
CA MET E 109 16.90 11.87 0.82
C MET E 109 17.36 10.53 0.29
N ASN E 110 17.79 10.51 -0.97
CA ASN E 110 18.25 9.28 -1.59
C ASN E 110 19.63 9.48 -2.17
N THR E 111 19.71 10.40 -3.13
CA THR E 111 20.95 10.73 -3.80
C THR E 111 22.04 11.00 -2.77
N GLU E 112 23.23 10.45 -3.02
CA GLU E 112 24.37 10.54 -2.12
C GLU E 112 23.96 10.67 -0.64
N ASN E 113 23.16 9.69 -0.21
CA ASN E 113 22.66 9.57 1.16
C ASN E 113 21.56 10.48 1.63
N GLY E 114 21.08 11.32 0.72
CA GLY E 114 20.00 12.21 1.08
C GLY E 114 20.29 13.43 1.92
N GLY E 115 19.20 14.00 2.42
CA GLY E 115 19.27 15.19 3.23
C GLY E 115 19.63 16.36 2.34
N TRP E 116 19.27 16.29 1.06
CA TRP E 116 19.57 17.38 0.12
C TRP E 116 18.35 18.23 -0.10
N THR E 117 18.53 19.55 0.06
CA THR E 117 17.47 20.52 -0.13
C THR E 117 17.67 21.06 -1.53
N VAL E 118 16.65 20.88 -2.37
CA VAL E 118 16.76 21.32 -3.74
C VAL E 118 16.68 22.83 -3.90
N ILE E 119 17.62 23.37 -4.66
CA ILE E 119 17.73 24.80 -4.93
C ILE E 119 17.09 25.10 -6.27
N GLN E 120 17.81 24.80 -7.34
CA GLN E 120 17.28 25.01 -8.68
C GLN E 120 17.00 23.62 -9.26
N ASN E 121 16.00 23.51 -10.13
CA ASN E 121 15.69 22.24 -10.76
C ASN E 121 14.96 22.37 -12.08
N ARG E 122 15.48 21.68 -13.10
CA ARG E 122 14.94 21.67 -14.47
C ARG E 122 14.71 20.24 -14.95
N GLN E 123 13.64 20.03 -15.72
CA GLN E 123 13.34 18.70 -16.25
C GLN E 123 12.42 18.73 -17.47
N ASP E 124 12.02 19.91 -17.89
CA ASP E 124 11.16 20.06 -19.04
C ASP E 124 10.87 21.54 -19.27
N GLY E 125 9.91 21.85 -20.13
CA GLY E 125 9.60 23.26 -20.38
C GLY E 125 8.98 23.98 -19.21
N SER E 126 8.03 23.34 -18.54
CA SER E 126 7.32 23.86 -17.38
C SER E 126 7.33 25.37 -17.14
N VAL E 127 8.45 25.90 -16.65
CA VAL E 127 8.49 27.33 -16.37
C VAL E 127 9.64 28.17 -16.92
N ASP E 128 9.35 29.48 -17.06
CA ASP E 128 10.28 30.50 -17.54
C ASP E 128 11.34 30.75 -16.46
N PHE E 129 12.59 30.84 -16.91
CA PHE E 129 13.72 31.08 -16.02
C PHE E 129 14.38 32.35 -16.41
N GLY E 130 13.81 33.01 -17.40
CA GLY E 130 14.34 34.27 -17.86
C GLY E 130 13.49 35.33 -17.19
N ARG E 131 13.70 35.52 -15.89
CA ARG E 131 12.91 36.48 -15.15
C ARG E 131 13.73 37.61 -14.61
N LYS E 132 13.05 38.65 -14.13
CA LYS E 132 13.69 39.83 -13.57
C LYS E 132 14.36 39.54 -12.23
N TRP E 133 15.03 40.54 -11.69
CA TRP E 133 15.72 40.43 -10.43
C TRP E 133 14.86 39.98 -9.25
N ASP E 134 13.74 40.66 -9.06
CA ASP E 134 12.89 40.34 -7.93
C ASP E 134 12.55 38.84 -7.84
N PRO E 135 11.90 38.27 -8.88
CA PRO E 135 11.51 36.85 -8.90
C PRO E 135 12.65 35.92 -8.54
N TYR E 136 13.80 36.09 -9.18
CA TYR E 136 14.96 35.27 -8.88
C TYR E 136 15.35 35.47 -7.42
N LYS E 137 15.08 36.64 -6.88
CA LYS E 137 15.40 36.94 -5.48
C LYS E 137 14.37 36.35 -4.51
N GLN E 138 13.15 36.13 -4.99
CA GLN E 138 12.06 35.62 -4.17
C GLN E 138 11.66 34.17 -4.46
N GLY E 139 12.27 33.59 -5.50
CA GLY E 139 11.97 32.23 -5.88
C GLY E 139 10.76 32.18 -6.80
N PHE E 140 10.76 31.21 -7.70
CA PHE E 140 9.66 31.03 -8.63
C PHE E 140 9.53 29.58 -9.13
N GLY E 141 8.37 29.24 -9.68
CA GLY E 141 8.10 27.90 -10.18
C GLY E 141 7.30 27.02 -9.24
N ASN E 142 7.22 25.73 -9.58
CA ASN E 142 6.48 24.75 -8.79
C ASN E 142 7.40 23.80 -8.03
N VAL E 143 7.33 23.85 -6.71
CA VAL E 143 8.18 23.04 -5.87
C VAL E 143 7.83 21.56 -5.98
N ALA E 144 6.56 21.25 -6.26
CA ALA E 144 6.18 19.85 -6.35
C ALA E 144 4.95 19.47 -7.19
N THR E 145 4.95 18.23 -7.63
CA THR E 145 3.87 17.71 -8.44
C THR E 145 3.29 16.47 -7.76
N ASN E 146 1.98 16.32 -7.85
CA ASN E 146 1.33 15.18 -7.25
C ASN E 146 1.80 13.93 -7.96
N THR E 147 1.84 12.84 -7.22
CA THR E 147 2.25 11.55 -7.77
C THR E 147 0.95 10.83 -8.08
N ASP E 148 -0.02 11.59 -8.58
CA ASP E 148 -1.35 11.08 -8.93
C ASP E 148 -1.63 9.76 -8.22
N GLY E 149 -2.42 9.85 -7.15
CA GLY E 149 -2.74 8.68 -6.36
C GLY E 149 -2.41 9.03 -4.93
N LYS E 150 -1.12 9.19 -4.65
CA LYS E 150 -0.67 9.55 -3.31
C LYS E 150 -1.00 11.02 -3.09
N ASN E 151 -1.57 11.32 -1.94
CA ASN E 151 -1.97 12.69 -1.63
C ASN E 151 -0.82 13.69 -1.55
N TYR E 152 0.37 13.20 -1.23
CA TYR E 152 1.57 14.04 -1.11
C TYR E 152 2.19 14.30 -2.48
N CYS E 153 3.14 15.22 -2.54
CA CYS E 153 3.82 15.54 -3.78
C CYS E 153 5.27 15.11 -3.71
N GLY E 154 5.56 13.92 -4.24
CA GLY E 154 6.91 13.40 -4.23
C GLY E 154 7.66 13.83 -5.45
N LEU E 155 6.93 14.45 -6.36
CA LEU E 155 7.56 14.91 -7.57
C LEU E 155 7.99 16.36 -7.47
N PRO E 156 9.25 16.63 -7.80
CA PRO E 156 9.70 18.00 -7.74
C PRO E 156 9.21 18.67 -9.04
N GLY E 157 9.39 19.97 -9.14
CA GLY E 157 8.97 20.67 -10.33
C GLY E 157 10.17 21.49 -10.73
N GLU E 158 9.96 22.50 -11.54
CA GLU E 158 11.07 23.34 -11.91
C GLU E 158 10.96 24.58 -11.06
N TYR E 159 12.06 24.99 -10.48
CA TYR E 159 12.05 26.16 -9.65
C TYR E 159 13.42 26.64 -9.24
N TRP E 160 13.43 27.87 -8.76
CA TRP E 160 14.64 28.48 -8.27
C TRP E 160 14.19 28.84 -6.90
N LEU E 161 14.65 28.11 -5.88
CA LEU E 161 14.25 28.45 -4.53
C LEU E 161 14.72 29.88 -4.32
N GLY E 162 13.89 30.72 -3.74
CA GLY E 162 14.32 32.10 -3.56
C GLY E 162 15.82 32.35 -3.51
N ASN E 163 16.26 33.42 -4.17
CA ASN E 163 17.67 33.75 -4.13
C ASN E 163 18.15 34.15 -2.73
N ASP E 164 17.28 34.81 -1.96
CA ASP E 164 17.65 35.13 -0.59
C ASP E 164 17.72 33.76 0.03
N LYS E 165 16.56 33.11 0.08
CA LYS E 165 16.40 31.78 0.65
C LYS E 165 17.63 30.92 0.55
N ILE E 166 18.33 31.00 -0.58
CA ILE E 166 19.53 30.20 -0.78
C ILE E 166 20.70 30.73 0.06
N SER E 167 21.13 31.94 -0.24
CA SER E 167 22.24 32.58 0.47
C SER E 167 22.10 32.40 1.98
N GLN E 168 20.88 32.59 2.47
CA GLN E 168 20.62 32.44 3.89
C GLN E 168 21.24 31.14 4.42
N LEU E 169 20.95 30.04 3.72
CA LEU E 169 21.43 28.71 4.06
C LEU E 169 22.93 28.52 3.93
N THR E 170 23.51 29.04 2.86
CA THR E 170 24.94 28.90 2.67
C THR E 170 25.70 29.58 3.81
N ARG E 171 25.16 30.71 4.25
CA ARG E 171 25.75 31.49 5.32
C ARG E 171 25.48 30.82 6.68
N MET E 172 24.35 30.12 6.77
CA MET E 172 23.94 29.43 8.00
C MET E 172 24.93 28.38 8.46
N GLY E 173 26.16 28.52 7.99
CA GLY E 173 27.24 27.59 8.32
C GLY E 173 27.74 26.98 7.02
N PRO E 174 28.98 26.46 6.99
CA PRO E 174 29.48 25.84 5.75
C PRO E 174 28.57 24.74 5.21
N THR E 175 28.44 24.70 3.87
CA THR E 175 27.59 23.73 3.17
C THR E 175 28.19 23.29 1.83
N GLU E 176 27.87 22.06 1.43
CA GLU E 176 28.36 21.47 0.19
C GLU E 176 27.32 21.62 -0.92
N LEU E 177 27.78 21.72 -2.17
CA LEU E 177 26.89 21.88 -3.33
C LEU E 177 26.94 20.73 -4.31
N LEU E 178 25.78 20.34 -4.81
CA LEU E 178 25.70 19.23 -5.73
C LEU E 178 24.90 19.51 -6.99
N ILE E 179 25.60 19.70 -8.11
CA ILE E 179 24.93 19.94 -9.38
C ILE E 179 24.89 18.66 -10.20
N GLU E 180 23.70 18.32 -10.69
CA GLU E 180 23.54 17.12 -11.48
C GLU E 180 22.78 17.40 -12.76
N MET E 181 23.31 16.89 -13.86
CA MET E 181 22.65 17.07 -15.14
C MET E 181 22.49 15.72 -15.81
N GLU E 182 21.77 15.72 -16.91
CA GLU E 182 21.52 14.50 -17.65
C GLU E 182 21.11 14.83 -19.08
N ASP E 183 21.87 14.31 -20.02
CA ASP E 183 21.64 14.51 -21.44
C ASP E 183 20.41 13.79 -22.01
N TRP E 184 20.02 14.16 -23.23
CA TRP E 184 18.90 13.53 -23.87
C TRP E 184 19.14 12.14 -24.40
N LYS E 185 20.05 11.40 -23.75
CA LYS E 185 20.36 10.02 -24.13
C LYS E 185 20.52 9.18 -22.88
N GLY E 186 19.98 9.67 -21.77
CA GLY E 186 20.02 8.93 -20.53
C GLY E 186 21.19 9.02 -19.57
N ASP E 187 22.34 9.53 -20.01
CA ASP E 187 23.51 9.62 -19.14
C ASP E 187 23.51 10.80 -18.18
N LYS E 188 24.26 10.67 -17.09
CA LYS E 188 24.33 11.70 -16.06
C LYS E 188 25.73 11.96 -15.55
N VAL E 189 25.91 13.10 -14.90
CA VAL E 189 27.20 13.47 -14.31
C VAL E 189 26.95 14.38 -13.12
N LYS E 190 27.86 14.35 -12.17
CA LYS E 190 27.76 15.18 -10.97
C LYS E 190 28.83 16.27 -11.06
N ALA E 191 28.52 17.43 -10.50
CA ALA E 191 29.48 18.52 -10.50
C ALA E 191 29.51 19.04 -9.08
N HIS E 192 29.76 18.14 -8.14
CA HIS E 192 29.83 18.43 -6.72
C HIS E 192 30.90 19.46 -6.26
N TYR E 193 30.52 20.34 -5.33
CA TYR E 193 31.41 21.35 -4.80
C TYR E 193 31.53 21.30 -3.28
N GLY E 194 32.77 21.15 -2.81
CA GLY E 194 33.06 21.07 -1.38
C GLY E 194 32.50 22.25 -0.60
N GLY E 195 33.04 23.44 -0.87
CA GLY E 195 32.57 24.65 -0.20
C GLY E 195 31.63 25.45 -1.10
N PHE E 196 30.58 26.00 -0.49
CA PHE E 196 29.57 26.77 -1.24
C PHE E 196 28.84 27.88 -0.47
N THR E 197 28.85 29.09 -1.03
CA THR E 197 28.15 30.22 -0.40
C THR E 197 27.81 31.35 -1.34
N VAL E 198 26.68 31.97 -1.02
CA VAL E 198 26.18 33.12 -1.74
C VAL E 198 26.01 34.23 -0.71
N GLN E 199 26.51 35.42 -1.03
CA GLN E 199 26.41 36.53 -0.10
C GLN E 199 24.97 36.99 0.12
N ASN E 200 24.80 38.05 0.91
CA ASN E 200 23.47 38.59 1.18
C ASN E 200 23.02 39.42 -0.01
N GLU E 201 21.71 39.65 -0.09
CA GLU E 201 21.16 40.43 -1.20
C GLU E 201 21.94 41.70 -1.47
N ALA E 202 22.14 42.49 -0.41
CA ALA E 202 22.87 43.75 -0.52
C ALA E 202 24.27 43.50 -1.09
N ASN E 203 24.81 42.32 -0.82
CA ASN E 203 26.12 41.91 -1.33
C ASN E 203 25.99 41.37 -2.75
N LYS E 204 24.85 41.65 -3.37
CA LYS E 204 24.52 41.24 -4.73
C LYS E 204 24.52 39.71 -4.87
N TYR E 205 24.38 39.02 -3.75
CA TYR E 205 24.38 37.57 -3.78
C TYR E 205 25.62 37.06 -4.53
N GLN E 206 26.81 37.32 -3.98
CA GLN E 206 28.05 36.90 -4.62
C GLN E 206 28.18 35.40 -4.38
N ILE E 207 28.74 34.67 -5.35
CA ILE E 207 28.89 33.24 -5.19
C ILE E 207 30.35 32.83 -5.02
N SER E 208 30.56 31.75 -4.26
CA SER E 208 31.90 31.22 -4.03
C SER E 208 31.85 29.70 -3.85
N VAL E 209 32.70 29.01 -4.59
CA VAL E 209 32.76 27.56 -4.50
C VAL E 209 34.20 27.11 -4.51
N ASN E 210 34.44 25.99 -3.81
CA ASN E 210 35.75 25.36 -3.72
C ASN E 210 35.53 23.84 -3.58
N LYS E 211 36.64 23.10 -3.53
CA LYS E 211 36.60 21.65 -3.41
C LYS E 211 35.74 20.90 -4.47
N TYR E 212 36.08 21.06 -5.75
CA TYR E 212 35.38 20.40 -6.84
C TYR E 212 35.53 18.88 -6.77
N ARG E 213 34.42 18.21 -7.00
CA ARG E 213 34.36 16.77 -6.94
C ARG E 213 33.42 16.38 -8.06
N GLY E 214 33.82 15.47 -8.94
CA GLY E 214 32.88 15.07 -9.96
C GLY E 214 33.32 14.70 -11.35
N THR E 215 32.33 14.51 -12.23
CA THR E 215 32.59 14.13 -13.60
C THR E 215 32.00 15.04 -14.65
N ALA E 216 31.33 16.12 -14.24
CA ALA E 216 30.73 17.01 -15.22
C ALA E 216 31.67 18.09 -15.74
N GLY E 217 32.66 18.46 -14.93
CA GLY E 217 33.61 19.49 -15.29
C GLY E 217 33.52 20.61 -14.25
N ASN E 218 34.68 21.06 -13.79
CA ASN E 218 34.76 22.13 -12.79
C ASN E 218 34.43 23.52 -13.36
N ALA E 219 33.43 23.60 -14.23
CA ALA E 219 33.04 24.87 -14.85
C ALA E 219 33.01 26.04 -13.89
N LEU E 220 32.23 25.93 -12.82
CA LEU E 220 32.13 27.03 -11.88
C LEU E 220 33.47 27.66 -11.50
N MET E 221 34.49 26.82 -11.30
CA MET E 221 35.78 27.32 -10.88
C MET E 221 36.83 27.43 -11.97
N ASP E 222 36.51 27.05 -13.19
CA ASP E 222 37.51 27.13 -14.24
C ASP E 222 36.99 27.44 -15.62
N GLY E 223 35.70 27.23 -15.84
CA GLY E 223 35.16 27.53 -17.14
C GLY E 223 35.56 26.53 -18.20
N ALA E 224 34.96 26.69 -19.37
CA ALA E 224 35.18 25.81 -20.49
C ALA E 224 36.58 25.33 -20.63
N SER E 225 36.76 24.05 -20.33
CA SER E 225 38.04 23.41 -20.43
C SER E 225 38.46 23.46 -21.91
N GLN E 226 37.49 23.70 -22.79
CA GLN E 226 37.77 23.79 -24.22
C GLN E 226 38.02 25.23 -24.65
N LEU E 227 38.66 26.00 -23.78
CA LEU E 227 38.96 27.40 -24.07
C LEU E 227 40.33 27.81 -23.54
N MET E 228 41.00 28.69 -24.28
CA MET E 228 42.34 29.17 -23.90
C MET E 228 42.31 30.65 -23.49
N GLY E 229 43.44 31.14 -23.02
CA GLY E 229 43.55 32.54 -22.63
C GLY E 229 42.31 33.12 -22.00
N GLU E 230 42.00 34.37 -22.36
CA GLU E 230 40.84 35.06 -21.80
C GLU E 230 39.55 34.38 -22.16
N ASN E 231 39.55 33.72 -23.32
CA ASN E 231 38.39 32.98 -23.79
C ASN E 231 38.03 31.85 -22.82
N ARG E 232 38.71 31.76 -21.68
CA ARG E 232 38.43 30.72 -20.71
C ARG E 232 38.24 31.20 -19.31
N THR E 233 38.95 32.25 -18.93
CA THR E 233 38.86 32.75 -17.58
C THR E 233 37.66 33.67 -17.36
N MET E 234 37.09 34.15 -18.45
CA MET E 234 35.92 35.00 -18.31
C MET E 234 34.70 34.11 -18.11
N THR E 235 34.78 32.88 -18.60
CA THR E 235 33.69 31.95 -18.44
C THR E 235 33.69 31.42 -17.00
N ILE E 236 34.69 31.79 -16.22
CA ILE E 236 34.78 31.32 -14.82
C ILE E 236 33.71 32.01 -13.98
N HIS E 237 32.99 31.21 -13.19
CA HIS E 237 31.89 31.73 -12.40
C HIS E 237 32.20 32.06 -10.97
N ASN E 238 33.28 31.48 -10.48
CA ASN E 238 33.66 31.69 -9.09
C ASN E 238 33.86 33.17 -8.78
N GLY E 239 33.22 33.63 -7.71
CA GLY E 239 33.31 35.02 -7.31
C GLY E 239 32.68 35.97 -8.31
N MET E 240 31.38 35.86 -8.49
CA MET E 240 30.64 36.71 -9.43
C MET E 240 29.33 37.14 -8.81
N PHE E 241 28.77 38.21 -9.33
CA PHE E 241 27.51 38.71 -8.82
C PHE E 241 26.37 38.02 -9.56
N PHE E 242 25.22 37.90 -8.91
CA PHE E 242 24.09 37.30 -9.59
C PHE E 242 23.47 38.43 -10.39
N SER E 243 23.11 38.17 -11.65
CA SER E 243 22.50 39.21 -12.49
C SER E 243 21.19 38.74 -13.13
N THR E 244 20.46 39.69 -13.73
CA THR E 244 19.18 39.44 -14.40
C THR E 244 19.03 40.46 -15.54
N TYR E 245 18.09 40.25 -16.44
CA TYR E 245 17.95 41.21 -17.54
C TYR E 245 17.46 42.56 -17.07
N ASP E 246 17.31 42.72 -15.76
CA ASP E 246 16.86 43.98 -15.17
C ASP E 246 17.76 44.37 -13.98
N ARG E 247 18.96 43.79 -13.95
CA ARG E 247 19.92 44.04 -12.87
C ARG E 247 21.35 43.64 -13.24
N ASP E 248 21.95 44.36 -14.17
CA ASP E 248 23.31 44.04 -14.62
C ASP E 248 24.39 44.12 -13.55
N ASN E 249 25.08 43.00 -13.37
CA ASN E 249 26.19 42.88 -12.43
C ASN E 249 27.20 42.00 -13.11
N ASP E 250 26.83 41.39 -14.23
CA ASP E 250 27.78 40.51 -14.88
C ASP E 250 29.14 41.17 -15.02
N GLY E 251 30.10 40.37 -15.48
CA GLY E 251 31.45 40.86 -15.64
C GLY E 251 31.73 41.25 -17.07
N TRP E 252 30.76 41.90 -17.68
CA TRP E 252 30.88 42.35 -19.06
C TRP E 252 30.62 43.85 -19.15
N LEU E 253 31.33 44.61 -18.31
CA LEU E 253 31.20 46.07 -18.27
C LEU E 253 31.35 46.71 -19.64
N THR E 254 30.24 47.19 -20.18
CA THR E 254 30.24 47.84 -21.49
C THR E 254 29.18 48.92 -21.59
N SER E 255 29.00 49.39 -22.82
CA SER E 255 28.06 50.44 -23.13
C SER E 255 26.71 49.84 -23.51
N ASP E 256 26.60 49.46 -24.78
CA ASP E 256 25.39 48.87 -25.36
C ASP E 256 24.65 48.07 -24.29
N PRO E 257 23.45 48.52 -23.92
CA PRO E 257 22.65 47.84 -22.90
C PRO E 257 22.21 46.45 -23.36
N ARG E 258 22.17 46.26 -24.68
CA ARG E 258 21.78 44.98 -25.19
C ARG E 258 22.82 43.97 -24.75
N LYS E 259 24.05 44.43 -24.64
CA LYS E 259 25.16 43.57 -24.23
C LYS E 259 25.33 43.42 -22.72
N GLN E 260 24.45 42.59 -22.17
CA GLN E 260 24.44 42.25 -20.76
C GLN E 260 24.43 40.72 -20.86
N CYS E 261 25.30 40.04 -20.12
CA CYS E 261 25.33 38.60 -20.20
C CYS E 261 23.97 37.99 -19.98
N SER E 262 23.23 38.50 -19.00
CA SER E 262 21.91 37.95 -18.69
C SER E 262 20.83 38.18 -19.71
N LYS E 263 20.92 39.26 -20.48
CA LYS E 263 19.90 39.50 -21.49
C LYS E 263 20.05 38.47 -22.59
N GLU E 264 21.25 38.33 -23.16
CA GLU E 264 21.52 37.29 -24.16
C GLU E 264 21.75 36.09 -23.25
N ASP E 265 21.66 34.86 -23.72
CA ASP E 265 21.86 33.70 -22.81
C ASP E 265 20.69 33.56 -21.80
N GLY E 266 19.73 34.49 -21.91
CA GLY E 266 18.52 34.56 -21.10
C GLY E 266 18.23 33.73 -19.85
N GLY E 267 18.52 34.29 -18.69
CA GLY E 267 18.30 33.59 -17.45
C GLY E 267 18.93 34.35 -16.29
N GLY E 268 18.82 33.80 -15.09
CA GLY E 268 19.40 34.44 -13.91
C GLY E 268 20.58 33.61 -13.46
N TRP E 269 21.77 34.22 -13.47
CA TRP E 269 22.97 33.49 -13.11
C TRP E 269 24.16 34.40 -12.77
N TRP E 270 25.10 33.87 -11.98
CA TRP E 270 26.34 34.59 -11.63
C TRP E 270 27.18 34.60 -12.89
N TYR E 271 26.73 35.35 -13.89
CA TYR E 271 27.40 35.42 -15.17
C TYR E 271 28.77 36.02 -15.01
N ASN E 272 29.39 36.41 -16.11
CA ASN E 272 30.74 36.94 -16.10
C ASN E 272 31.28 36.73 -17.51
N ARG E 273 31.07 37.71 -18.38
CA ARG E 273 31.54 37.65 -19.75
C ARG E 273 31.67 36.29 -20.48
N CYS E 274 30.74 35.33 -20.46
CA CYS E 274 29.45 35.30 -19.82
C CYS E 274 29.33 34.04 -19.00
N HIS E 275 29.70 32.89 -19.57
CA HIS E 275 29.63 31.65 -18.79
C HIS E 275 30.32 30.45 -19.37
N ALA E 276 30.38 29.41 -18.55
CA ALA E 276 30.93 28.11 -18.92
C ALA E 276 29.75 27.18 -18.71
N ALA E 277 28.97 27.52 -17.69
CA ALA E 277 27.80 26.77 -17.29
C ALA E 277 26.61 27.70 -17.21
N ASN E 278 25.57 27.34 -17.95
CA ASN E 278 24.38 28.17 -17.96
C ASN E 278 23.15 27.50 -17.44
N PRO E 279 23.15 27.06 -16.18
CA PRO E 279 21.88 26.43 -15.78
C PRO E 279 20.95 27.64 -15.85
N ASN E 280 19.65 27.43 -15.85
CA ASN E 280 18.78 28.61 -15.92
C ASN E 280 18.70 29.19 -17.33
N GLY E 281 19.44 28.60 -18.25
CA GLY E 281 19.42 29.05 -19.62
C GLY E 281 18.06 28.77 -20.22
N ARG E 282 18.01 28.58 -21.53
CA ARG E 282 16.76 28.33 -22.23
C ARG E 282 16.60 26.84 -22.46
N TYR E 283 15.45 26.31 -22.05
CA TYR E 283 15.19 24.88 -22.18
C TYR E 283 14.83 24.39 -23.61
N TYR E 284 15.83 23.96 -24.38
CA TYR E 284 15.60 23.45 -25.74
C TYR E 284 15.24 21.97 -25.72
N TRP E 285 14.24 21.57 -26.51
CA TRP E 285 13.87 20.17 -26.59
C TRP E 285 14.89 19.43 -27.41
N GLY E 286 15.22 18.21 -27.01
CA GLY E 286 16.16 17.41 -27.77
C GLY E 286 17.61 17.62 -27.37
N GLY E 287 17.89 18.75 -26.74
CA GLY E 287 19.25 19.03 -26.33
C GLY E 287 20.12 19.70 -27.37
N GLN E 288 20.13 19.20 -28.60
CA GLN E 288 20.96 19.81 -29.62
C GLN E 288 20.24 20.97 -30.27
N TYR E 289 20.92 22.12 -30.26
CA TYR E 289 20.38 23.32 -30.87
C TYR E 289 21.55 24.05 -31.53
N THR E 290 21.27 25.18 -32.18
CA THR E 290 22.30 25.89 -32.93
C THR E 290 22.21 27.41 -32.92
N TRP E 291 23.28 28.05 -33.35
CA TRP E 291 23.37 29.50 -33.34
C TRP E 291 22.17 30.24 -33.90
N ASP E 292 21.70 29.80 -35.08
CA ASP E 292 20.57 30.45 -35.73
C ASP E 292 19.21 30.14 -35.09
N MET E 293 19.22 29.30 -34.06
CA MET E 293 18.00 28.96 -33.37
C MET E 293 17.85 29.87 -32.16
N ALA E 294 18.97 30.39 -31.67
CA ALA E 294 18.97 31.24 -30.48
C ALA E 294 18.52 32.65 -30.77
N LYS E 295 17.65 33.14 -29.90
CA LYS E 295 17.12 34.48 -30.05
C LYS E 295 18.22 35.49 -30.34
N HIS E 296 19.30 35.45 -29.56
CA HIS E 296 20.42 36.39 -29.74
C HIS E 296 21.69 35.72 -30.26
N GLY E 297 21.55 34.73 -31.14
CA GLY E 297 22.69 34.05 -31.70
C GLY E 297 23.71 33.54 -30.71
N THR E 298 23.39 33.56 -29.42
CA THR E 298 24.29 33.08 -28.37
C THR E 298 23.90 31.68 -27.88
N ASP E 299 24.64 31.14 -26.94
CA ASP E 299 24.33 29.82 -26.43
C ASP E 299 23.56 29.84 -25.12
N ASP E 300 22.31 30.35 -25.18
CA ASP E 300 21.45 30.39 -23.98
C ASP E 300 20.83 29.03 -23.97
N GLY E 301 20.89 28.37 -22.83
CA GLY E 301 20.35 27.02 -22.77
C GLY E 301 20.92 26.36 -21.54
N VAL E 302 20.27 25.30 -21.11
CA VAL E 302 20.72 24.58 -19.93
C VAL E 302 21.99 23.87 -20.33
N VAL E 303 23.10 24.59 -20.30
CA VAL E 303 24.34 23.99 -20.71
C VAL E 303 25.43 23.94 -19.67
N TRP E 304 26.35 23.02 -19.92
CA TRP E 304 27.49 22.82 -19.07
C TRP E 304 28.64 22.49 -20.03
N MET E 305 29.12 23.51 -20.71
CA MET E 305 30.19 23.38 -21.68
C MET E 305 31.19 22.27 -21.45
N ASN E 306 31.63 22.14 -20.20
CA ASN E 306 32.62 21.14 -19.83
C ASN E 306 32.20 19.71 -20.11
N TRP E 307 30.95 19.50 -20.48
CA TRP E 307 30.52 18.16 -20.79
C TRP E 307 30.09 18.06 -22.26
N LYS E 308 29.15 18.92 -22.66
CA LYS E 308 28.62 18.88 -24.01
C LYS E 308 28.75 20.13 -24.89
N GLY E 309 29.69 21.01 -24.53
CA GLY E 309 29.88 22.22 -25.32
C GLY E 309 28.72 23.18 -25.17
N SER E 310 28.77 24.29 -25.89
CA SER E 310 27.75 25.33 -25.82
C SER E 310 26.40 25.03 -26.45
N TRP E 311 26.38 24.21 -27.49
CA TRP E 311 25.15 23.93 -28.20
C TRP E 311 24.39 22.68 -27.79
N TYR E 312 24.39 22.40 -26.49
CA TYR E 312 23.67 21.27 -25.98
C TYR E 312 22.96 21.71 -24.74
N SER E 313 21.63 21.65 -24.79
CA SER E 313 20.75 22.02 -23.69
C SER E 313 20.37 20.75 -22.91
N MET E 314 20.76 20.68 -21.64
CA MET E 314 20.45 19.50 -20.84
C MET E 314 18.96 19.25 -20.73
N ARG E 315 18.61 18.02 -20.41
CA ARG E 315 17.22 17.66 -20.26
C ARG E 315 16.90 17.64 -18.79
N LYS E 316 17.93 17.66 -17.98
CA LYS E 316 17.77 17.69 -16.54
C LYS E 316 18.96 18.35 -15.91
N MET E 317 18.66 19.34 -15.09
CA MET E 317 19.69 20.08 -14.39
C MET E 317 19.11 20.39 -13.02
N SER E 318 19.82 20.00 -11.98
CA SER E 318 19.34 20.23 -10.62
C SER E 318 20.45 20.73 -9.72
N MET E 319 20.07 21.60 -8.79
CA MET E 319 20.99 22.13 -7.82
C MET E 319 20.44 21.77 -6.45
N LYS E 320 21.13 20.87 -5.76
CA LYS E 320 20.70 20.45 -4.42
C LYS E 320 21.80 20.87 -3.44
N ILE E 321 21.42 21.19 -2.22
CA ILE E 321 22.38 21.61 -1.19
C ILE E 321 22.25 20.92 0.15
N ARG E 322 23.38 20.78 0.83
CA ARG E 322 23.42 20.13 2.15
C ARG E 322 24.60 20.66 2.99
N PRO E 323 24.43 20.68 4.32
CA PRO E 323 25.52 21.16 5.20
C PRO E 323 26.64 20.12 5.35
N PHE E 324 27.89 20.59 5.28
CA PHE E 324 29.08 19.76 5.37
C PHE E 324 28.84 18.34 5.94
N GLU F 4 11.50 41.62 -84.14
CA GLU F 4 11.55 43.10 -84.36
C GLU F 4 10.37 43.79 -83.68
N ILE F 5 9.35 44.08 -84.49
CA ILE F 5 8.12 44.74 -84.04
C ILE F 5 7.59 44.09 -82.76
N MET F 6 7.57 42.76 -82.76
CA MET F 6 7.12 42.00 -81.60
C MET F 6 8.05 42.32 -80.43
N LYS F 7 7.94 43.54 -79.91
CA LYS F 7 8.75 43.97 -78.79
C LYS F 7 8.10 43.59 -77.49
N TYR F 8 7.46 42.43 -77.48
CA TYR F 8 6.80 41.92 -76.30
C TYR F 8 7.86 41.64 -75.23
N GLU F 9 9.09 41.38 -75.67
CA GLU F 9 10.19 41.13 -74.74
C GLU F 9 10.68 42.50 -74.27
N ALA F 10 9.75 43.46 -74.30
CA ALA F 10 10.00 44.84 -73.90
C ALA F 10 8.68 45.37 -73.39
N SER F 11 7.72 44.46 -73.26
CA SER F 11 6.37 44.77 -72.80
C SER F 11 6.18 44.16 -71.43
N ILE F 12 7.27 43.70 -70.82
CA ILE F 12 7.19 43.08 -69.52
C ILE F 12 7.03 44.09 -68.38
N LEU F 13 5.82 44.60 -68.25
CA LEU F 13 5.48 45.54 -67.18
C LEU F 13 5.03 44.55 -66.11
N THR F 14 4.83 43.31 -66.58
CA THR F 14 4.42 42.19 -65.75
C THR F 14 5.39 42.15 -64.60
N HIS F 15 6.56 41.58 -64.86
CA HIS F 15 7.59 41.56 -63.87
C HIS F 15 7.67 43.03 -63.50
N ASP F 16 7.10 43.36 -62.34
CA ASP F 16 7.03 44.73 -61.84
C ASP F 16 5.83 44.61 -60.94
N SER F 17 4.64 44.50 -61.52
CA SER F 17 3.46 44.33 -60.71
C SER F 17 3.76 43.10 -59.89
N SER F 18 4.45 42.14 -60.49
CA SER F 18 4.80 40.92 -59.79
C SER F 18 5.85 41.20 -58.75
N ILE F 19 6.87 41.95 -59.13
CA ILE F 19 7.87 42.27 -58.14
C ILE F 19 7.20 43.12 -57.06
N ARG F 20 6.21 43.91 -57.44
CA ARG F 20 5.49 44.77 -56.51
C ARG F 20 4.64 43.95 -55.57
N TYR F 21 3.95 42.96 -56.14
CA TYR F 21 3.07 42.10 -55.35
C TYR F 21 3.84 41.44 -54.23
N LEU F 22 5.04 40.98 -54.54
CA LEU F 22 5.88 40.34 -53.54
C LEU F 22 6.28 41.36 -52.46
N GLN F 23 6.41 42.62 -52.85
CA GLN F 23 6.76 43.67 -51.91
C GLN F 23 5.63 43.78 -50.89
N GLU F 24 4.40 43.63 -51.36
CA GLU F 24 3.27 43.68 -50.47
C GLU F 24 3.28 42.49 -49.49
N ILE F 25 3.65 41.31 -49.95
CA ILE F 25 3.68 40.16 -49.05
C ILE F 25 4.78 40.35 -48.02
N TYR F 26 6.01 40.55 -48.50
CA TYR F 26 7.12 40.76 -47.58
C TYR F 26 6.67 41.67 -46.47
N ASN F 27 6.31 42.90 -46.85
CA ASN F 27 5.86 43.91 -45.90
C ASN F 27 4.87 43.30 -44.93
N SER F 28 3.79 42.78 -45.48
CA SER F 28 2.74 42.15 -44.70
C SER F 28 3.33 41.19 -43.65
N ASN F 29 4.15 40.26 -44.12
CA ASN F 29 4.81 39.32 -43.26
C ASN F 29 5.65 40.01 -42.23
N ASN F 30 6.38 41.04 -42.65
CA ASN F 30 7.22 41.75 -41.67
C ASN F 30 6.37 42.45 -40.63
N GLN F 31 5.26 43.03 -41.04
CA GLN F 31 4.39 43.74 -40.11
C GLN F 31 3.67 42.76 -39.23
N LYS F 32 3.13 41.72 -39.84
CA LYS F 32 2.44 40.73 -39.06
C LYS F 32 3.37 40.27 -37.94
N ILE F 33 4.57 39.79 -38.29
CA ILE F 33 5.50 39.33 -37.25
C ILE F 33 5.69 40.34 -36.11
N VAL F 34 5.60 41.62 -36.43
CA VAL F 34 5.73 42.68 -35.43
C VAL F 34 4.79 42.35 -34.29
N ASN F 35 3.50 42.44 -34.60
CA ASN F 35 2.44 42.16 -33.64
C ASN F 35 2.57 40.82 -32.94
N LEU F 36 3.13 39.81 -33.60
CA LEU F 36 3.27 38.50 -32.95
C LEU F 36 4.23 38.67 -31.80
N LYS F 37 5.40 39.20 -32.11
CA LYS F 37 6.39 39.43 -31.08
C LYS F 37 5.70 39.96 -29.82
N GLU F 38 4.73 40.85 -30.02
CA GLU F 38 3.99 41.46 -28.91
C GLU F 38 2.92 40.58 -28.31
N LYS F 39 2.09 39.98 -29.15
CA LYS F 39 1.05 39.10 -28.66
C LYS F 39 1.76 38.00 -27.88
N VAL F 40 3.00 37.71 -28.28
CA VAL F 40 3.82 36.70 -27.61
C VAL F 40 4.39 37.24 -26.31
N ALA F 41 4.65 38.55 -26.26
CA ALA F 41 5.18 39.19 -25.05
C ALA F 41 4.08 39.26 -24.01
N GLN F 42 2.86 39.39 -24.50
CA GLN F 42 1.66 39.44 -23.67
C GLN F 42 1.44 38.07 -23.06
N LEU F 43 1.51 37.02 -23.89
CA LEU F 43 1.34 35.66 -23.39
C LEU F 43 2.32 35.40 -22.24
N GLU F 44 3.60 35.62 -22.49
CA GLU F 44 4.64 35.41 -21.48
C GLU F 44 4.25 35.90 -20.09
N ALA F 45 3.69 37.10 -20.01
CA ALA F 45 3.29 37.68 -18.73
C ALA F 45 2.37 36.79 -17.92
N GLN F 46 1.62 35.97 -18.64
CA GLN F 46 0.65 35.06 -18.02
C GLN F 46 1.23 33.71 -17.66
N CYS F 47 2.54 33.55 -17.78
CA CYS F 47 3.14 32.26 -17.44
C CYS F 47 4.10 32.41 -16.27
N GLN F 48 3.81 33.42 -15.45
CA GLN F 48 4.62 33.73 -14.27
C GLN F 48 4.07 33.12 -12.99
N GLU F 49 2.75 33.00 -12.90
CA GLU F 49 2.14 32.42 -11.73
C GLU F 49 2.43 30.93 -11.69
N PRO F 50 2.77 30.40 -10.52
CA PRO F 50 3.03 28.96 -10.47
C PRO F 50 1.65 28.33 -10.45
N CYS F 51 1.58 27.02 -10.23
CA CYS F 51 0.28 26.38 -10.18
C CYS F 51 -0.28 26.63 -8.79
N LYS F 52 -1.60 26.73 -8.69
CA LYS F 52 -2.26 27.00 -7.42
C LYS F 52 -2.36 25.80 -6.46
N ASP F 53 -1.54 25.79 -5.41
CA ASP F 53 -1.59 24.71 -4.42
C ASP F 53 -2.97 24.77 -3.76
N THR F 54 -3.61 23.62 -3.55
CA THR F 54 -4.92 23.65 -2.93
C THR F 54 -4.82 23.56 -1.43
N VAL F 55 -3.62 23.35 -0.91
CA VAL F 55 -3.49 23.27 0.53
C VAL F 55 -3.07 24.59 1.11
N GLN F 56 -4.03 25.24 1.76
CA GLN F 56 -3.80 26.53 2.35
C GLN F 56 -3.48 26.50 3.84
N ILE F 57 -2.51 27.32 4.24
CA ILE F 57 -2.14 27.45 5.65
C ILE F 57 -2.60 28.84 6.12
N HIS F 58 -3.65 28.88 6.94
CA HIS F 58 -4.18 30.14 7.42
C HIS F 58 -3.11 30.96 8.14
N ASP F 59 -3.29 32.28 8.14
CA ASP F 59 -2.33 33.18 8.77
C ASP F 59 -2.42 33.25 10.30
N ILE F 60 -3.57 32.89 10.85
CA ILE F 60 -3.77 32.88 12.30
C ILE F 60 -2.95 31.80 13.01
N THR F 61 -2.45 32.13 14.20
CA THR F 61 -1.66 31.19 15.02
C THR F 61 -2.00 31.25 16.53
N GLY F 62 -1.00 31.15 17.40
CA GLY F 62 -1.27 31.21 18.82
C GLY F 62 -0.70 30.09 19.69
N LYS F 63 -1.32 29.90 20.86
CA LYS F 63 -0.89 28.87 21.80
C LYS F 63 -1.29 27.50 21.28
N ASP F 64 -2.55 27.35 20.90
CA ASP F 64 -3.03 26.07 20.41
C ASP F 64 -4.28 26.25 19.56
N CYS F 65 -4.83 25.14 19.06
CA CYS F 65 -6.01 25.21 18.23
C CYS F 65 -7.17 25.99 18.84
N GLN F 66 -7.50 25.73 20.10
CA GLN F 66 -8.61 26.42 20.77
C GLN F 66 -8.39 27.92 20.87
N ASP F 67 -7.18 28.32 21.26
CA ASP F 67 -6.81 29.74 21.37
C ASP F 67 -7.15 30.39 20.03
N ILE F 68 -6.97 29.61 18.96
CA ILE F 68 -7.23 30.05 17.62
C ILE F 68 -8.69 30.45 17.38
N ALA F 69 -9.64 29.57 17.70
CA ALA F 69 -11.06 29.89 17.51
C ALA F 69 -11.38 31.15 18.31
N ASN F 70 -10.82 31.19 19.52
CA ASN F 70 -10.95 32.32 20.43
C ASN F 70 -9.89 33.31 19.98
N LYS F 71 -10.07 33.84 18.77
CA LYS F 71 -9.13 34.76 18.18
C LYS F 71 -9.64 34.84 16.74
N GLY F 72 -10.89 34.44 16.56
CA GLY F 72 -11.45 34.44 15.23
C GLY F 72 -11.06 33.10 14.64
N ALA F 73 -11.14 32.94 13.33
CA ALA F 73 -10.77 31.67 12.73
C ALA F 73 -11.86 30.62 12.93
N LYS F 74 -12.80 30.57 12.01
CA LYS F 74 -13.89 29.61 12.11
C LYS F 74 -13.67 28.47 11.11
N GLN F 75 -12.86 28.71 10.08
CA GLN F 75 -12.61 27.69 9.05
C GLN F 75 -11.67 26.58 9.55
N SER F 76 -12.11 25.35 9.40
CA SER F 76 -11.34 24.18 9.81
C SER F 76 -10.24 24.02 8.78
N GLY F 77 -9.05 23.60 9.20
CA GLY F 77 -7.97 23.44 8.23
C GLY F 77 -6.57 23.36 8.81
N LEU F 78 -5.62 23.99 8.13
CA LEU F 78 -4.23 23.96 8.61
C LEU F 78 -3.68 25.27 9.17
N TYR F 79 -3.31 25.24 10.45
CA TYR F 79 -2.77 26.41 11.12
C TYR F 79 -1.44 26.08 11.77
N PHE F 80 -0.62 27.12 11.97
CA PHE F 80 0.68 27.00 12.63
C PHE F 80 0.41 27.29 14.10
N ILE F 81 1.21 26.75 15.02
CA ILE F 81 1.02 27.09 16.43
C ILE F 81 2.37 27.14 17.15
N LYS F 82 2.38 27.82 18.30
CA LYS F 82 3.58 27.92 19.11
C LYS F 82 3.16 27.99 20.55
N PRO F 83 3.15 26.84 21.24
CA PRO F 83 2.75 26.76 22.65
C PRO F 83 3.47 27.83 23.45
N LEU F 84 2.86 28.22 24.57
CA LEU F 84 3.38 29.25 25.44
C LEU F 84 4.80 28.98 25.92
N LYS F 85 5.38 27.83 25.59
CA LYS F 85 6.75 27.55 26.01
C LYS F 85 7.53 26.69 25.02
N ALA F 86 7.23 26.84 23.74
CA ALA F 86 7.90 26.05 22.71
C ALA F 86 9.16 26.69 22.12
N ASN F 87 9.67 26.08 21.06
CA ASN F 87 10.86 26.58 20.38
C ASN F 87 10.31 27.24 19.12
N GLN F 88 10.48 26.64 17.95
CA GLN F 88 9.90 27.26 16.74
C GLN F 88 8.44 26.85 16.73
N GLN F 89 7.68 27.36 15.77
CA GLN F 89 6.28 26.97 15.70
C GLN F 89 6.20 25.71 14.85
N PHE F 90 4.98 25.21 14.66
CA PHE F 90 4.75 24.02 13.84
C PHE F 90 3.30 23.94 13.36
N LEU F 91 3.15 23.50 12.12
CA LEU F 91 1.84 23.37 11.52
C LEU F 91 1.10 22.20 12.19
N VAL F 92 -0.24 22.29 12.23
CA VAL F 92 -1.14 21.28 12.84
C VAL F 92 -2.54 21.38 12.25
N TYR F 93 -3.36 20.34 12.39
CA TYR F 93 -4.73 20.37 11.86
C TYR F 93 -5.73 20.77 12.92
N CYS F 94 -6.40 21.91 12.75
CA CYS F 94 -7.38 22.33 13.75
C CYS F 94 -8.82 22.08 13.32
N GLU F 95 -9.53 21.30 14.13
CA GLU F 95 -10.92 20.98 13.87
C GLU F 95 -11.76 22.10 14.51
N ILE F 96 -12.61 22.73 13.72
CA ILE F 96 -13.41 23.83 14.23
C ILE F 96 -14.88 23.71 13.92
N ASP F 97 -15.69 23.82 14.97
CA ASP F 97 -17.14 23.71 14.88
C ASP F 97 -17.82 25.05 14.89
N GLY F 98 -19.06 25.05 14.41
CA GLY F 98 -19.85 26.26 14.39
C GLY F 98 -20.33 26.50 15.80
N SER F 99 -19.43 26.32 16.76
CA SER F 99 -19.71 26.51 18.18
C SER F 99 -18.46 27.04 18.92
N GLY F 100 -17.46 27.44 18.15
CA GLY F 100 -16.24 28.00 18.73
C GLY F 100 -15.35 27.09 19.54
N ASN F 101 -15.21 25.84 19.12
CA ASN F 101 -14.36 24.92 19.84
C ASN F 101 -13.19 24.53 18.96
N GLY F 102 -12.03 25.07 19.32
CA GLY F 102 -10.82 24.83 18.57
C GLY F 102 -10.07 23.57 18.94
N TRP F 103 -10.60 22.45 18.48
CA TRP F 103 -9.96 21.18 18.75
C TRP F 103 -8.59 21.16 18.07
N THR F 104 -7.68 20.35 18.59
CA THR F 104 -6.36 20.23 17.99
C THR F 104 -6.09 18.74 17.82
N VAL F 105 -6.04 18.30 16.57
CA VAL F 105 -5.83 16.90 16.25
C VAL F 105 -4.36 16.55 16.15
N PHE F 106 -3.96 15.49 16.86
CA PHE F 106 -2.55 15.07 16.83
C PHE F 106 -2.32 13.63 16.33
N GLN F 107 -3.41 12.88 16.18
CA GLN F 107 -3.30 11.52 15.69
C GLN F 107 -4.55 11.09 14.93
N LYS F 108 -4.41 10.71 13.66
CA LYS F 108 -5.59 10.22 12.94
C LYS F 108 -5.33 9.01 12.04
N ARG F 109 -6.36 8.18 11.84
CA ARG F 109 -6.25 6.99 11.01
C ARG F 109 -7.46 6.82 10.09
N LEU F 110 -7.22 6.51 8.81
CA LEU F 110 -8.32 6.33 7.88
C LEU F 110 -8.12 5.23 6.84
N ASP F 111 -6.88 5.01 6.40
CA ASP F 111 -6.65 3.99 5.37
C ASP F 111 -5.26 3.34 5.32
N GLY F 112 -4.68 3.08 6.49
CA GLY F 112 -3.37 2.45 6.57
C GLY F 112 -2.29 3.05 5.68
N SER F 113 -2.59 4.22 5.11
CA SER F 113 -1.68 4.93 4.22
C SER F 113 -0.26 4.95 4.73
N VAL F 114 -0.09 5.01 6.04
CA VAL F 114 1.25 5.06 6.62
C VAL F 114 1.52 4.02 7.69
N ASP F 115 2.79 3.73 7.91
CA ASP F 115 3.18 2.75 8.89
C ASP F 115 3.62 3.42 10.18
N PHE F 116 3.00 3.00 11.27
CA PHE F 116 3.32 3.55 12.57
C PHE F 116 4.48 2.78 13.21
N LYS F 117 4.94 1.73 12.54
CA LYS F 117 6.04 0.93 13.04
C LYS F 117 7.31 1.78 12.87
N LYS F 118 7.16 3.07 13.10
CA LYS F 118 8.29 3.98 13.01
C LYS F 118 8.99 3.79 14.34
N ASN F 119 10.23 4.23 14.44
CA ASN F 119 10.98 4.08 15.67
C ASN F 119 10.66 5.18 16.67
N TRP F 120 11.62 5.43 17.56
CA TRP F 120 11.49 6.45 18.59
C TRP F 120 11.55 7.84 17.96
N ILE F 121 12.73 8.23 17.48
CA ILE F 121 12.90 9.54 16.88
C ILE F 121 11.73 10.01 15.99
N GLN F 122 11.16 9.09 15.23
CA GLN F 122 10.07 9.45 14.35
C GLN F 122 8.74 9.61 15.07
N TYR F 123 8.59 8.96 16.21
CA TYR F 123 7.34 9.09 16.95
C TYR F 123 7.36 10.42 17.72
N LYS F 124 8.57 10.90 18.00
CA LYS F 124 8.83 12.17 18.68
C LYS F 124 8.58 13.34 17.72
N GLU F 125 9.41 13.41 16.68
CA GLU F 125 9.37 14.45 15.66
C GLU F 125 8.10 14.41 14.81
N GLY F 126 7.43 13.26 14.82
CA GLY F 126 6.20 13.11 14.07
C GLY F 126 6.33 12.58 12.65
N PHE F 127 5.19 12.20 12.09
CA PHE F 127 5.15 11.69 10.74
C PHE F 127 3.70 11.68 10.34
N GLY F 128 3.45 11.46 9.05
CA GLY F 128 2.09 11.47 8.59
C GLY F 128 1.99 12.72 7.76
N HIS F 129 0.78 13.05 7.33
CA HIS F 129 0.55 14.22 6.50
C HIS F 129 -0.61 15.08 6.96
N LEU F 130 -0.33 16.35 7.22
CA LEU F 130 -1.39 17.25 7.61
C LEU F 130 -2.09 17.74 6.34
N SER F 131 -3.41 17.85 6.39
CA SER F 131 -4.19 18.33 5.25
C SER F 131 -5.17 19.45 5.62
N PRO F 132 -5.69 20.15 4.61
CA PRO F 132 -6.62 21.23 4.92
C PRO F 132 -8.03 20.69 5.02
N THR F 133 -8.16 19.38 5.17
CA THR F 133 -9.48 18.77 5.26
C THR F 133 -9.52 17.53 6.15
N GLY F 134 -8.39 17.23 6.77
CA GLY F 134 -8.30 16.09 7.65
C GLY F 134 -8.42 14.74 6.95
N THR F 135 -8.48 14.72 5.62
CA THR F 135 -8.59 13.48 4.86
C THR F 135 -7.25 12.72 4.84
N THR F 136 -6.55 12.66 5.97
CA THR F 136 -5.23 12.01 6.01
C THR F 136 -4.78 11.48 7.39
N GLU F 137 -3.84 10.54 7.41
CA GLU F 137 -3.33 9.98 8.66
C GLU F 137 -1.98 10.59 9.06
N PHE F 138 -1.78 10.81 10.35
CA PHE F 138 -0.53 11.39 10.83
C PHE F 138 -0.35 11.21 12.33
N TRP F 139 0.76 11.76 12.82
CA TRP F 139 1.09 11.71 14.22
C TRP F 139 2.03 12.87 14.48
N LEU F 140 1.43 13.99 14.87
CA LEU F 140 2.15 15.21 15.17
C LEU F 140 3.46 14.99 15.90
N GLY F 141 3.51 14.00 16.78
CA GLY F 141 4.75 13.77 17.46
C GLY F 141 4.72 14.03 18.95
N ASN F 142 4.96 12.98 19.71
CA ASN F 142 4.98 13.06 21.16
C ASN F 142 5.55 14.38 21.59
N GLU F 143 6.82 14.62 21.28
CA GLU F 143 7.48 15.86 21.66
C GLU F 143 6.53 17.05 21.58
N LYS F 144 5.99 17.31 20.41
CA LYS F 144 5.06 18.41 20.28
C LYS F 144 3.99 18.20 21.34
N ILE F 145 3.20 17.15 21.18
CA ILE F 145 2.12 16.79 22.11
C ILE F 145 2.41 17.13 23.57
N HIS F 146 3.69 17.15 23.93
CA HIS F 146 4.15 17.49 25.28
C HIS F 146 3.91 18.99 25.45
N LEU F 147 4.70 19.78 24.74
CA LEU F 147 4.63 21.24 24.73
C LEU F 147 3.21 21.79 24.71
N ILE F 148 2.32 21.11 23.99
CA ILE F 148 0.94 21.55 23.91
C ILE F 148 0.09 21.16 25.11
N SER F 149 0.22 19.92 25.56
CA SER F 149 -0.56 19.45 26.70
C SER F 149 -0.05 20.04 28.02
N THR F 150 1.26 20.06 28.18
CA THR F 150 1.88 20.56 29.40
C THR F 150 2.41 22.00 29.29
N GLN F 151 1.52 22.94 28.92
CA GLN F 151 1.88 24.35 28.77
C GLN F 151 0.93 25.20 29.62
N SER F 152 1.42 26.37 30.04
CA SER F 152 0.61 27.30 30.82
C SER F 152 -0.40 26.68 31.77
N ALA F 153 -0.05 25.54 32.35
CA ALA F 153 -0.92 24.85 33.29
C ALA F 153 -2.41 25.17 33.16
N ILE F 154 -3.07 24.47 32.24
CA ILE F 154 -4.50 24.62 32.03
C ILE F 154 -5.04 23.22 31.80
N PRO F 155 -6.20 22.93 32.39
CA PRO F 155 -6.74 21.59 32.20
C PRO F 155 -6.97 21.32 30.72
N TYR F 156 -6.34 20.27 30.22
CA TYR F 156 -6.50 19.87 28.83
C TYR F 156 -7.29 18.60 28.82
N ALA F 157 -8.40 18.59 28.09
CA ALA F 157 -9.24 17.41 27.99
C ALA F 157 -9.02 16.64 26.69
N LEU F 158 -8.41 15.46 26.80
CA LEU F 158 -8.14 14.58 25.68
C LEU F 158 -9.42 13.89 25.21
N ARG F 159 -9.60 13.75 23.91
CA ARG F 159 -10.78 13.06 23.37
C ARG F 159 -10.32 11.97 22.40
N VAL F 160 -11.18 10.99 22.15
CA VAL F 160 -10.83 9.91 21.24
C VAL F 160 -12.03 9.37 20.50
N GLU F 161 -12.03 9.51 19.19
CA GLU F 161 -13.14 9.01 18.40
C GLU F 161 -12.77 7.67 17.72
N LEU F 162 -13.79 6.83 17.53
CA LEU F 162 -13.60 5.52 16.92
C LEU F 162 -14.66 5.29 15.85
N GLU F 163 -14.22 4.81 14.68
CA GLU F 163 -15.15 4.56 13.59
C GLU F 163 -15.10 3.08 13.21
N ASP F 164 -16.28 2.47 13.17
CA ASP F 164 -16.44 1.06 12.86
C ASP F 164 -16.80 0.88 11.39
N TRP F 165 -16.49 -0.30 10.84
CA TRP F 165 -16.79 -0.62 9.46
C TRP F 165 -18.28 -0.95 9.34
N ASN F 166 -19.07 -0.41 10.26
CA ASN F 166 -20.51 -0.62 10.28
C ASN F 166 -21.22 0.70 10.03
N GLY F 167 -20.49 1.80 10.20
CA GLY F 167 -21.06 3.11 9.98
C GLY F 167 -20.92 4.05 11.17
N ARG F 168 -21.74 3.82 12.19
CA ARG F 168 -21.75 4.63 13.41
C ARG F 168 -20.39 4.74 14.11
N THR F 169 -20.37 5.41 15.26
CA THR F 169 -19.12 5.60 15.99
C THR F 169 -19.30 5.68 17.51
N SER F 170 -18.24 6.08 18.19
CA SER F 170 -18.24 6.22 19.65
C SER F 170 -17.28 7.34 20.01
N THR F 171 -16.90 7.41 21.28
CA THR F 171 -15.98 8.44 21.76
C THR F 171 -15.70 8.29 23.23
N ALA F 172 -14.53 8.75 23.67
CA ALA F 172 -14.13 8.62 25.06
C ALA F 172 -13.15 9.72 25.48
N ASP F 173 -13.65 10.74 26.20
CA ASP F 173 -12.82 11.86 26.66
C ASP F 173 -12.22 11.52 28.00
N TYR F 174 -11.09 12.16 28.30
CA TYR F 174 -10.43 11.98 29.58
C TYR F 174 -10.17 13.39 30.13
N ALA F 175 -9.85 13.50 31.41
CA ALA F 175 -9.59 14.82 31.97
C ALA F 175 -8.15 15.01 32.40
N MET F 176 -7.65 16.24 32.30
CA MET F 176 -6.28 16.53 32.66
C MET F 176 -5.27 15.62 31.96
N PHE F 177 -5.08 15.87 30.66
CA PHE F 177 -4.16 15.11 29.83
C PHE F 177 -2.77 15.74 29.86
N LYS F 178 -1.74 14.91 29.77
CA LYS F 178 -0.36 15.37 29.80
C LYS F 178 0.60 14.32 29.26
N VAL F 179 1.67 14.78 28.63
CA VAL F 179 2.69 13.91 28.11
C VAL F 179 4.00 14.59 28.49
N GLY F 180 4.74 14.00 29.42
CA GLY F 180 5.99 14.58 29.90
C GLY F 180 7.17 14.65 28.98
N PRO F 181 8.27 15.31 29.38
CA PRO F 181 9.47 15.42 28.54
C PRO F 181 10.30 14.14 28.35
N GLU F 182 10.96 14.07 27.20
CA GLU F 182 11.80 12.93 26.80
C GLU F 182 12.61 12.25 27.91
N ALA F 183 12.89 12.96 28.99
CA ALA F 183 13.64 12.36 30.09
C ALA F 183 12.81 11.30 30.80
N ASP F 184 11.56 11.64 31.06
CA ASP F 184 10.63 10.72 31.71
C ASP F 184 9.80 10.20 30.56
N LYS F 185 10.47 10.19 29.41
CA LYS F 185 9.92 9.76 28.12
C LYS F 185 8.94 10.78 27.61
N TYR F 186 7.78 10.27 27.25
CA TYR F 186 6.71 11.09 26.77
C TYR F 186 5.61 10.29 27.37
N ARG F 187 5.72 10.20 28.71
CA ARG F 187 4.81 9.46 29.56
C ARG F 187 3.44 10.07 29.51
N LEU F 188 2.44 9.21 29.56
CA LEU F 188 1.07 9.66 29.54
C LEU F 188 0.63 9.69 30.98
N THR F 189 -0.43 10.47 31.23
CA THR F 189 -1.08 10.66 32.53
C THR F 189 -2.46 11.30 32.28
N TYR F 190 -3.41 11.03 33.16
CA TYR F 190 -4.77 11.60 33.06
C TYR F 190 -5.46 11.35 34.41
N ALA F 191 -6.20 12.34 34.90
CA ALA F 191 -6.89 12.26 36.20
C ALA F 191 -8.08 11.31 36.26
N TYR F 192 -9.11 11.58 35.48
CA TYR F 192 -10.27 10.69 35.48
C TYR F 192 -10.77 10.46 34.07
N PHE F 193 -11.96 9.85 33.94
CA PHE F 193 -12.54 9.54 32.64
C PHE F 193 -13.83 10.32 32.35
N ALA F 194 -13.67 11.52 31.83
CA ALA F 194 -14.79 12.41 31.55
C ALA F 194 -15.98 11.82 30.78
N GLY F 195 -15.95 10.52 30.50
CA GLY F 195 -17.07 9.90 29.80
C GLY F 195 -16.92 9.58 28.31
N GLY F 196 -17.99 9.03 27.74
CA GLY F 196 -18.00 8.65 26.34
C GLY F 196 -18.56 7.25 26.12
N ASP F 197 -19.51 7.14 25.20
CA ASP F 197 -20.18 5.86 24.89
C ASP F 197 -19.24 4.76 24.36
N ALA F 198 -17.94 4.99 24.52
CA ALA F 198 -16.94 4.03 24.08
C ALA F 198 -16.53 3.21 25.29
N GLY F 199 -16.02 3.87 26.32
CA GLY F 199 -15.59 3.17 27.53
C GLY F 199 -14.18 3.47 27.99
N ASP F 200 -14.03 3.76 29.28
CA ASP F 200 -12.74 4.06 29.90
C ASP F 200 -11.81 2.85 29.68
N ALA F 201 -10.95 2.93 28.68
CA ALA F 201 -10.06 1.80 28.39
C ALA F 201 -8.65 1.87 28.94
N PHE F 202 -8.05 3.05 28.99
CA PHE F 202 -6.68 3.14 29.51
C PHE F 202 -6.63 2.69 30.96
N ASP F 203 -7.77 2.74 31.61
CA ASP F 203 -7.90 2.35 33.00
C ASP F 203 -7.59 0.85 33.20
N GLY F 204 -7.56 0.13 32.09
CA GLY F 204 -7.29 -1.30 32.15
C GLY F 204 -8.56 -2.03 31.74
N PHE F 205 -8.45 -3.35 31.61
CA PHE F 205 -9.58 -4.19 31.22
C PHE F 205 -9.28 -5.68 31.39
N ASP F 206 -10.13 -6.36 32.14
CA ASP F 206 -9.96 -7.79 32.37
C ASP F 206 -10.63 -8.62 31.28
N PHE F 207 -9.83 -9.23 30.40
CA PHE F 207 -10.38 -10.05 29.32
C PHE F 207 -11.01 -11.29 29.95
N GLY F 208 -10.58 -11.57 31.17
CA GLY F 208 -11.05 -12.74 31.91
C GLY F 208 -9.94 -13.77 31.82
N ASP F 209 -8.91 -13.42 31.06
CA ASP F 209 -7.75 -14.28 30.83
C ASP F 209 -6.64 -13.96 31.84
N ASP F 210 -6.98 -14.11 33.12
CA ASP F 210 -6.09 -13.89 34.28
C ASP F 210 -6.61 -12.74 35.13
N PRO F 211 -6.47 -12.86 36.46
CA PRO F 211 -6.96 -11.76 37.30
C PRO F 211 -6.15 -10.53 36.94
N SER F 212 -4.83 -10.65 37.03
CA SER F 212 -3.92 -9.56 36.69
C SER F 212 -4.08 -9.24 35.21
N ASP F 213 -5.26 -8.75 34.85
CA ASP F 213 -5.58 -8.43 33.46
C ASP F 213 -6.16 -7.04 33.37
N LYS F 214 -6.34 -6.42 34.53
CA LYS F 214 -6.87 -5.08 34.61
C LYS F 214 -5.66 -4.24 34.91
N PHE F 215 -4.98 -4.58 35.98
CA PHE F 215 -3.79 -3.84 36.36
C PHE F 215 -2.75 -3.77 35.24
N PHE F 216 -2.82 -4.70 34.29
CA PHE F 216 -1.84 -4.73 33.22
C PHE F 216 -2.21 -4.20 31.83
N THR F 217 -3.50 -4.08 31.52
CA THR F 217 -3.91 -3.52 30.24
C THR F 217 -4.21 -2.04 30.48
N SER F 218 -3.65 -1.52 31.57
CA SER F 218 -3.82 -0.15 31.99
C SER F 218 -2.63 0.66 31.48
N HIS F 219 -2.85 1.91 31.12
CA HIS F 219 -1.78 2.75 30.61
C HIS F 219 -1.45 3.93 31.50
N ASN F 220 -2.47 4.52 32.10
CA ASN F 220 -2.28 5.65 32.98
C ASN F 220 -0.91 5.54 33.66
N GLY F 221 -0.01 6.45 33.33
CA GLY F 221 1.31 6.44 33.94
C GLY F 221 2.41 5.81 33.12
N MET F 222 2.00 5.03 32.12
CA MET F 222 2.94 4.33 31.22
C MET F 222 3.83 5.24 30.36
N GLN F 223 5.13 5.17 30.62
CA GLN F 223 6.07 5.95 29.87
C GLN F 223 5.81 5.64 28.40
N PHE F 224 6.68 6.12 27.50
CA PHE F 224 6.49 5.82 26.09
C PHE F 224 7.47 4.72 25.66
N SER F 225 7.02 3.87 24.74
CA SER F 225 7.88 2.79 24.24
C SER F 225 7.77 2.54 22.74
N THR F 226 8.93 2.45 22.09
CA THR F 226 9.02 2.18 20.65
C THR F 226 9.86 0.91 20.54
N TRP F 227 9.72 0.22 19.41
CA TRP F 227 10.48 -1.01 19.21
C TRP F 227 11.92 -0.82 19.63
N ASP F 228 12.40 0.42 19.56
CA ASP F 228 13.79 0.68 19.93
C ASP F 228 14.03 1.35 21.28
N ASN F 229 12.95 1.75 21.94
CA ASN F 229 13.11 2.35 23.26
C ASN F 229 12.20 1.59 24.22
N ASP F 230 12.81 0.68 24.97
CA ASP F 230 12.08 -0.15 25.90
C ASP F 230 11.79 0.52 27.23
N ASN F 231 10.52 0.78 27.47
CA ASN F 231 10.06 1.41 28.71
C ASN F 231 8.79 0.78 29.28
N ASP F 232 8.49 -0.45 28.85
CA ASP F 232 7.30 -1.17 29.29
C ASP F 232 7.53 -1.89 30.63
N LYS F 233 6.51 -2.56 31.14
CA LYS F 233 6.63 -3.31 32.38
C LYS F 233 6.46 -4.80 32.11
N PHE F 234 7.18 -5.27 31.10
CA PHE F 234 7.18 -6.66 30.64
C PHE F 234 8.58 -6.90 30.06
N GLU F 235 9.33 -7.88 30.59
CA GLU F 235 10.70 -8.13 30.13
C GLU F 235 10.86 -8.33 28.62
N GLY F 236 9.74 -8.39 27.92
CA GLY F 236 9.79 -8.53 26.48
C GLY F 236 9.56 -7.13 25.97
N ASN F 237 9.81 -6.90 24.68
CA ASN F 237 9.60 -5.57 24.15
C ASN F 237 8.17 -5.36 23.66
N CYS F 238 7.27 -5.03 24.59
CA CYS F 238 5.88 -4.79 24.27
C CYS F 238 5.74 -4.09 22.90
N ALA F 239 6.51 -3.03 22.71
CA ALA F 239 6.52 -2.20 21.49
C ALA F 239 6.84 -2.92 20.19
N GLU F 240 7.98 -3.60 20.17
CA GLU F 240 8.46 -4.35 19.01
C GLU F 240 7.61 -5.60 18.70
N GLN F 241 7.02 -6.19 19.73
CA GLN F 241 6.19 -7.36 19.54
C GLN F 241 4.78 -6.93 19.11
N ASP F 242 4.68 -5.68 18.68
CA ASP F 242 3.41 -5.11 18.23
C ASP F 242 3.76 -4.17 17.10
N GLY F 243 5.06 -3.96 16.92
CA GLY F 243 5.56 -3.11 15.87
C GLY F 243 5.06 -1.69 15.93
N SER F 244 5.39 -0.98 17.00
CA SER F 244 4.93 0.39 17.12
C SER F 244 5.69 1.26 18.10
N GLY F 245 5.01 2.34 18.48
CA GLY F 245 5.51 3.30 19.44
C GLY F 245 4.28 3.54 20.27
N TRP F 246 4.41 3.41 21.57
CA TRP F 246 3.26 3.65 22.44
C TRP F 246 3.66 3.53 23.89
N TRP F 247 2.72 3.88 24.76
CA TRP F 247 2.90 3.81 26.21
C TRP F 247 2.63 2.37 26.59
N MET F 248 3.70 1.61 26.82
CA MET F 248 3.54 0.21 27.14
C MET F 248 3.79 -0.18 28.58
N ASN F 249 2.88 -1.02 29.06
CA ASN F 249 2.87 -1.59 30.39
C ASN F 249 3.31 -3.04 30.24
N LYS F 250 2.35 -3.95 30.21
CA LYS F 250 2.61 -5.37 30.02
C LYS F 250 1.39 -5.98 29.32
N CYS F 251 0.88 -5.46 28.20
CA CYS F 251 1.29 -4.31 27.43
C CYS F 251 0.16 -3.29 27.25
N HIS F 252 -0.98 -3.72 26.69
CA HIS F 252 -2.06 -2.77 26.45
C HIS F 252 -3.45 -3.31 26.17
N ALA F 253 -4.43 -2.43 26.37
CA ALA F 253 -5.84 -2.72 26.14
C ALA F 253 -6.32 -1.60 25.21
N GLY F 254 -5.39 -0.70 24.88
CA GLY F 254 -5.65 0.42 24.00
C GLY F 254 -4.44 0.61 23.08
N HIS F 255 -4.62 0.40 21.79
CA HIS F 255 -3.51 0.49 20.83
C HIS F 255 -3.89 1.19 19.52
N LEU F 256 -4.29 2.46 19.59
CA LEU F 256 -4.68 3.20 18.38
C LEU F 256 -3.53 3.43 17.40
N ASN F 257 -2.32 3.05 17.80
CA ASN F 257 -1.13 3.20 16.97
C ASN F 257 -0.47 1.86 16.62
N GLY F 258 -1.30 0.82 16.59
CA GLY F 258 -0.81 -0.49 16.26
C GLY F 258 -0.99 -0.65 14.77
N VAL F 259 -0.83 -1.88 14.27
CA VAL F 259 -1.00 -2.13 12.85
C VAL F 259 -2.45 -1.95 12.41
N TYR F 260 -2.63 -1.40 11.23
CA TYR F 260 -3.97 -1.18 10.70
C TYR F 260 -4.48 -2.49 10.10
N TYR F 261 -5.78 -2.74 10.24
CA TYR F 261 -6.38 -3.94 9.68
C TYR F 261 -7.65 -3.56 8.94
N GLN F 262 -7.78 -4.05 7.71
CA GLN F 262 -8.94 -3.80 6.86
C GLN F 262 -10.07 -4.70 7.37
N GLY F 263 -11.31 -4.22 7.33
CA GLY F 263 -12.43 -5.00 7.80
C GLY F 263 -12.51 -5.08 9.32
N GLY F 264 -11.51 -4.48 9.99
CA GLY F 264 -11.48 -4.47 11.44
C GLY F 264 -11.27 -5.80 12.16
N THR F 265 -12.07 -6.80 11.79
CA THR F 265 -11.96 -8.10 12.45
C THR F 265 -10.78 -8.97 11.99
N TYR F 266 -9.63 -8.76 12.63
CA TYR F 266 -8.44 -9.55 12.31
C TYR F 266 -8.28 -10.69 13.34
N SER F 267 -8.45 -11.93 12.88
CA SER F 267 -8.29 -13.06 13.78
C SER F 267 -6.83 -13.15 14.19
N LYS F 268 -6.55 -13.94 15.22
CA LYS F 268 -5.18 -14.08 15.72
C LYS F 268 -4.25 -14.75 14.69
N ALA F 269 -4.84 -15.27 13.62
CA ALA F 269 -4.09 -15.95 12.57
C ALA F 269 -3.00 -15.09 11.92
N SER F 270 -3.40 -13.93 11.43
CA SER F 270 -2.48 -13.01 10.77
C SER F 270 -1.66 -12.15 11.74
N THR F 271 -1.28 -12.73 12.88
CA THR F 271 -0.45 -12.02 13.85
C THR F 271 0.90 -12.69 13.82
N PRO F 272 1.94 -11.94 13.45
CA PRO F 272 3.34 -12.35 13.34
C PRO F 272 3.99 -12.85 14.62
N ASN F 273 3.37 -12.61 15.77
CA ASN F 273 3.95 -13.05 17.03
C ASN F 273 2.96 -13.71 17.99
N GLY F 274 1.68 -13.61 17.66
CA GLY F 274 0.69 -14.24 18.50
C GLY F 274 -0.14 -13.28 19.32
N TYR F 275 0.09 -11.98 19.14
CA TYR F 275 -0.69 -11.01 19.89
C TYR F 275 -1.41 -9.95 19.06
N ASP F 276 -2.45 -9.41 19.66
CA ASP F 276 -3.27 -8.37 19.05
C ASP F 276 -2.41 -7.10 18.96
N ASN F 277 -1.77 -6.88 17.82
CA ASN F 277 -0.97 -5.68 17.66
C ASN F 277 -1.70 -4.71 16.74
N GLY F 278 -3.00 -4.96 16.55
CA GLY F 278 -3.83 -4.11 15.72
C GLY F 278 -4.35 -2.89 16.45
N ILE F 279 -4.79 -1.90 15.68
CA ILE F 279 -5.31 -0.67 16.26
C ILE F 279 -6.53 -0.97 17.15
N ILE F 280 -6.30 -1.32 18.41
CA ILE F 280 -7.38 -1.64 19.35
C ILE F 280 -7.78 -0.59 20.37
N TRP F 281 -8.96 -0.84 20.94
CA TRP F 281 -9.59 -0.04 21.98
C TRP F 281 -10.55 -1.04 22.65
N ALA F 282 -10.10 -1.65 23.73
CA ALA F 282 -10.82 -2.67 24.50
C ALA F 282 -12.26 -2.37 24.95
N THR F 283 -12.44 -1.27 25.65
CA THR F 283 -13.74 -0.87 26.17
C THR F 283 -14.92 -0.84 25.19
N TRP F 284 -14.66 -0.89 23.90
CA TRP F 284 -15.74 -0.81 22.93
C TRP F 284 -15.87 -2.00 21.97
N LYS F 285 -14.75 -2.51 21.48
CA LYS F 285 -14.79 -3.65 20.56
C LYS F 285 -13.84 -4.75 21.00
N THR F 286 -13.95 -5.90 20.34
CA THR F 286 -13.12 -7.08 20.65
C THR F 286 -11.62 -6.77 20.68
N ARG F 287 -10.81 -7.71 21.15
CA ARG F 287 -9.37 -7.53 21.22
C ARG F 287 -8.74 -7.82 19.86
N TRP F 288 -9.53 -8.47 19.01
CA TRP F 288 -9.11 -8.81 17.66
C TRP F 288 -10.04 -8.04 16.75
N TYR F 289 -9.91 -6.73 16.82
CA TYR F 289 -10.72 -5.83 16.04
C TYR F 289 -10.04 -4.47 16.07
N SER F 290 -9.56 -4.02 14.91
CA SER F 290 -8.92 -2.72 14.79
C SER F 290 -9.94 -1.78 14.15
N MET F 291 -10.11 -0.60 14.73
CA MET F 291 -11.09 0.36 14.22
C MET F 291 -10.87 0.75 12.76
N LYS F 292 -11.92 1.25 12.10
CA LYS F 292 -11.85 1.68 10.70
C LYS F 292 -11.26 3.10 10.61
N LYS F 293 -11.18 3.76 11.78
CA LYS F 293 -10.66 5.13 11.90
C LYS F 293 -10.40 5.47 13.36
N THR F 294 -9.51 6.43 13.59
CA THR F 294 -9.16 6.87 14.93
C THR F 294 -8.63 8.29 14.90
N THR F 295 -9.21 9.14 15.72
CA THR F 295 -8.79 10.54 15.83
C THR F 295 -8.65 10.92 17.29
N MET F 296 -7.42 11.05 17.77
CA MET F 296 -7.14 11.45 19.15
C MET F 296 -6.79 12.94 19.15
N LYS F 297 -7.65 13.75 19.78
CA LYS F 297 -7.43 15.20 19.86
C LYS F 297 -7.33 15.69 21.30
N ILE F 298 -7.11 16.99 21.46
CA ILE F 298 -7.02 17.57 22.79
C ILE F 298 -7.58 18.98 22.75
N ILE F 299 -8.16 19.39 23.86
CA ILE F 299 -8.77 20.71 23.94
C ILE F 299 -8.69 21.20 25.38
N PRO F 300 -8.56 22.52 25.58
CA PRO F 300 -8.48 23.04 26.94
C PRO F 300 -9.79 22.64 27.61
N PHE F 301 -9.68 21.69 28.53
CA PHE F 301 -10.84 21.14 29.25
C PHE F 301 -12.07 22.00 29.24
N ASN F 302 -11.98 23.14 29.92
CA ASN F 302 -13.08 24.07 30.05
C ASN F 302 -13.91 24.36 28.81
N ARG F 303 -14.56 23.33 28.27
CA ARG F 303 -15.44 23.48 27.11
C ARG F 303 -16.16 22.18 26.73
N ILE G 9 6.38 60.10 -137.09
CA ILE G 9 6.04 61.48 -136.65
C ILE G 9 6.63 61.67 -135.25
N GLU G 10 6.78 60.55 -134.54
CA GLU G 10 7.36 60.51 -133.19
C GLU G 10 6.85 59.39 -132.29
N VAL G 11 7.24 59.49 -131.01
CA VAL G 11 6.93 58.61 -129.87
C VAL G 11 6.97 57.08 -130.00
N LEU G 12 6.73 56.56 -131.19
CA LEU G 12 6.74 55.12 -131.37
C LEU G 12 8.14 54.50 -131.31
N LYS G 13 9.11 55.10 -131.99
CA LYS G 13 10.48 54.59 -131.95
C LYS G 13 11.12 55.02 -130.65
N ARG G 14 10.28 55.55 -129.75
CA ARG G 14 10.72 56.04 -128.44
C ARG G 14 10.10 55.30 -127.26
N LYS G 15 9.04 55.90 -126.70
CA LYS G 15 8.34 55.34 -125.54
C LYS G 15 7.94 53.88 -125.71
N VAL G 16 8.62 53.18 -126.60
CA VAL G 16 8.33 51.78 -126.81
C VAL G 16 9.47 50.95 -126.28
N ILE G 17 10.70 51.28 -126.67
CA ILE G 17 11.84 50.52 -126.16
C ILE G 17 11.64 50.40 -124.64
N GLU G 18 11.16 51.51 -124.07
CA GLU G 18 10.88 51.61 -122.65
C GLU G 18 9.91 50.50 -122.27
N LYS G 19 8.86 50.35 -123.07
CA LYS G 19 7.88 49.29 -122.84
C LYS G 19 8.53 48.00 -123.31
N VAL G 20 9.67 47.70 -122.71
CA VAL G 20 10.51 46.54 -122.97
C VAL G 20 11.67 46.79 -122.05
N GLN G 21 11.98 48.08 -121.89
CA GLN G 21 13.05 48.54 -121.01
C GLN G 21 12.57 48.18 -119.61
N HIS G 22 11.65 48.98 -119.08
CA HIS G 22 11.12 48.71 -117.76
C HIS G 22 10.10 47.59 -117.91
N ILE G 23 10.51 46.59 -118.70
CA ILE G 23 9.72 45.39 -118.98
C ILE G 23 10.67 44.19 -119.00
N GLN G 24 11.96 44.44 -119.15
CA GLN G 24 12.94 43.35 -119.09
C GLN G 24 13.25 43.34 -117.61
N LEU G 25 12.51 44.20 -116.91
CA LEU G 25 12.60 44.42 -115.46
C LEU G 25 11.92 43.32 -114.69
N LEU G 26 10.63 43.11 -114.97
CA LEU G 26 9.88 42.07 -114.29
C LEU G 26 10.48 40.72 -114.64
N GLN G 27 10.92 40.57 -115.90
CA GLN G 27 11.51 39.31 -116.35
C GLN G 27 12.78 39.06 -115.56
N LYS G 28 13.16 40.04 -114.73
CA LYS G 28 14.33 39.93 -113.87
C LYS G 28 13.77 39.64 -112.48
N ASN G 29 12.81 40.47 -112.07
CA ASN G 29 12.15 40.32 -110.80
C ASN G 29 11.64 38.89 -110.64
N VAL G 30 11.10 38.33 -111.72
CA VAL G 30 10.58 36.98 -111.67
C VAL G 30 11.60 35.92 -111.30
N ARG G 31 12.72 35.90 -112.01
CA ARG G 31 13.76 34.90 -111.75
C ARG G 31 13.94 34.78 -110.23
N ALA G 32 13.72 35.90 -109.53
CA ALA G 32 13.83 35.94 -108.08
C ALA G 32 12.82 34.99 -107.45
N GLN G 33 11.59 35.04 -107.95
CA GLN G 33 10.51 34.20 -107.46
C GLN G 33 10.80 32.75 -107.72
N LEU G 34 11.05 32.42 -108.99
CA LEU G 34 11.34 31.05 -109.40
C LEU G 34 12.41 30.43 -108.48
N VAL G 35 13.16 31.29 -107.80
CA VAL G 35 14.22 30.87 -106.88
C VAL G 35 13.79 31.19 -105.46
N ASP G 36 12.85 32.11 -105.33
CA ASP G 36 12.30 32.52 -104.05
C ASP G 36 11.42 31.34 -103.62
N MET G 37 10.67 30.81 -104.58
CA MET G 37 9.78 29.68 -104.34
C MET G 37 10.57 28.39 -104.33
N LYS G 38 11.63 28.33 -105.14
CA LYS G 38 12.46 27.14 -105.18
C LYS G 38 13.06 26.85 -103.80
N ARG G 39 12.82 27.75 -102.84
CA ARG G 39 13.32 27.54 -101.49
C ARG G 39 12.21 27.52 -100.47
N LEU G 40 11.12 28.26 -100.71
CA LEU G 40 10.01 28.22 -99.77
C LEU G 40 9.44 26.82 -99.84
N GLU G 41 9.46 26.26 -101.04
CA GLU G 41 9.00 24.91 -101.25
C GLU G 41 9.80 24.06 -100.27
N VAL G 42 11.08 23.92 -100.57
CA VAL G 42 12.02 23.14 -99.77
C VAL G 42 11.92 23.39 -98.27
N ASP G 43 11.64 24.63 -97.88
CA ASP G 43 11.53 24.98 -96.46
C ASP G 43 10.35 24.28 -95.78
N ILE G 44 9.18 24.35 -96.40
CA ILE G 44 8.00 23.70 -95.86
C ILE G 44 8.22 22.20 -95.86
N ASP G 45 8.54 21.66 -97.04
CA ASP G 45 8.81 20.24 -97.22
C ASP G 45 9.63 19.67 -96.06
N ILE G 46 10.56 20.48 -95.55
CA ILE G 46 11.43 20.11 -94.44
C ILE G 46 10.78 20.32 -93.07
N LYS G 47 10.02 21.40 -92.95
CA LYS G 47 9.36 21.71 -91.69
C LYS G 47 8.05 20.93 -91.49
N ILE G 48 7.31 20.70 -92.56
CA ILE G 48 6.08 19.95 -92.42
C ILE G 48 6.48 18.51 -92.14
N ARG G 49 7.62 18.12 -92.67
CA ARG G 49 8.15 16.78 -92.48
C ARG G 49 8.70 16.66 -91.07
N SER G 50 8.87 17.79 -90.39
CA SER G 50 9.41 17.74 -89.04
C SER G 50 8.27 17.71 -88.03
N CYS G 51 7.18 17.06 -88.40
CA CYS G 51 6.01 16.97 -87.52
C CYS G 51 5.69 15.56 -87.09
N ARG G 52 6.07 14.61 -87.94
CA ARG G 52 5.84 13.21 -87.67
C ARG G 52 6.17 12.82 -86.22
N GLY G 53 7.09 13.56 -85.60
CA GLY G 53 7.46 13.27 -84.23
C GLY G 53 7.12 14.38 -83.25
N SER G 54 5.94 14.97 -83.44
CA SER G 54 5.45 16.05 -82.58
C SER G 54 3.95 16.18 -82.78
N CYS G 55 3.51 15.80 -83.97
CA CYS G 55 2.10 15.83 -84.36
C CYS G 55 1.65 14.43 -84.74
N SER G 56 0.33 14.22 -84.74
CA SER G 56 -0.25 12.94 -85.10
C SER G 56 0.18 12.47 -86.49
N ARG G 57 -0.81 12.27 -87.36
CA ARG G 57 -0.56 11.79 -88.72
C ARG G 57 0.23 12.79 -89.58
N ALA G 58 1.03 12.24 -90.51
CA ALA G 58 1.83 13.06 -91.42
C ALA G 58 1.33 12.98 -92.85
N LEU G 59 1.58 14.03 -93.62
CA LEU G 59 1.15 14.06 -95.00
C LEU G 59 2.33 13.52 -95.79
N ALA G 60 2.07 12.55 -96.65
CA ALA G 60 3.13 11.95 -97.45
C ALA G 60 3.00 12.37 -98.89
N ARG G 61 3.83 13.34 -99.32
CA ARG G 61 3.80 13.83 -100.68
C ARG G 61 5.15 13.86 -101.39
N GLU G 62 5.25 14.72 -102.40
CA GLU G 62 6.48 14.89 -103.17
C GLU G 62 6.67 16.38 -103.41
N VAL G 63 7.58 16.71 -104.32
CA VAL G 63 7.86 18.10 -104.70
C VAL G 63 8.58 18.07 -106.03
N ASP G 64 7.84 18.33 -107.11
CA ASP G 64 8.43 18.32 -108.44
C ASP G 64 9.52 19.36 -108.53
N LEU G 65 10.76 18.88 -108.52
CA LEU G 65 11.93 19.74 -108.59
C LEU G 65 12.32 19.92 -110.05
N LYS G 66 12.08 18.87 -110.84
CA LYS G 66 12.39 18.88 -112.28
C LYS G 66 11.39 19.80 -112.97
N ASP G 67 10.53 20.41 -112.17
CA ASP G 67 9.53 21.34 -112.67
C ASP G 67 10.12 22.72 -112.49
N TYR G 68 10.55 22.99 -111.25
CA TYR G 68 11.18 24.26 -110.91
C TYR G 68 12.49 24.30 -111.69
N GLU G 69 13.35 23.31 -111.48
CA GLU G 69 14.62 23.21 -112.18
C GLU G 69 14.34 22.93 -113.64
N ASP G 70 13.25 23.49 -114.15
CA ASP G 70 12.85 23.32 -115.54
C ASP G 70 12.48 24.69 -116.08
N GLN G 71 11.50 25.30 -115.42
CA GLN G 71 11.02 26.63 -115.78
C GLN G 71 12.19 27.61 -115.82
N GLN G 72 12.79 27.84 -114.65
CA GLN G 72 13.91 28.77 -114.56
C GLN G 72 14.94 28.53 -115.66
N LYS G 73 14.92 27.31 -116.22
CA LYS G 73 15.83 26.98 -117.30
C LYS G 73 15.41 27.71 -118.58
N GLN G 74 14.11 27.69 -118.88
CA GLN G 74 13.59 28.36 -120.08
C GLN G 74 13.62 29.87 -119.88
N LEU G 75 13.38 30.29 -118.64
CA LEU G 75 13.39 31.72 -118.31
C LEU G 75 14.80 32.26 -118.46
N GLU G 76 15.76 31.36 -118.66
CA GLU G 76 17.14 31.80 -118.83
C GLU G 76 17.51 31.80 -120.29
N GLN G 77 16.54 31.39 -121.12
CA GLN G 77 16.70 31.40 -122.57
C GLN G 77 16.04 32.71 -123.00
N VAL G 78 14.77 32.85 -122.61
CA VAL G 78 13.98 34.03 -122.92
C VAL G 78 14.71 35.31 -122.51
N ILE G 79 15.29 35.29 -121.32
CA ILE G 79 16.04 36.44 -120.83
C ILE G 79 17.32 36.52 -121.66
N ALA G 80 17.16 36.94 -122.92
CA ALA G 80 18.26 37.07 -123.86
C ALA G 80 17.74 37.67 -125.16
N LYS G 81 17.71 39.00 -125.22
CA LYS G 81 17.24 39.71 -126.41
C LYS G 81 17.46 41.22 -126.35
N ASP G 82 16.57 41.90 -125.63
CA ASP G 82 16.57 43.35 -125.45
C ASP G 82 15.57 43.98 -126.41
N LEU H 18 15.95 50.70 -136.84
CA LEU H 18 15.20 50.67 -138.11
C LEU H 18 13.97 49.78 -137.98
N TYR H 19 14.08 48.56 -138.51
CA TYR H 19 13.01 47.56 -138.48
C TYR H 19 12.83 46.93 -137.09
N ILE H 20 13.71 47.25 -136.13
CA ILE H 20 13.61 46.66 -134.79
C ILE H 20 12.16 46.60 -134.37
N ASP H 21 11.32 47.35 -135.08
CA ASP H 21 9.90 47.34 -134.79
C ASP H 21 9.23 46.12 -135.40
N GLU H 22 9.63 44.97 -134.85
CA GLU H 22 9.15 43.63 -135.17
C GLU H 22 9.19 42.95 -133.80
N THR H 23 10.13 43.37 -132.96
CA THR H 23 10.27 42.86 -131.60
C THR H 23 8.96 43.28 -130.95
N VAL H 24 8.29 44.20 -131.63
CA VAL H 24 7.00 44.72 -131.20
C VAL H 24 5.90 43.90 -131.88
N ASN H 25 6.10 42.58 -131.81
CA ASN H 25 5.20 41.54 -132.34
C ASN H 25 6.04 40.39 -132.90
N SER H 26 6.84 39.77 -132.03
CA SER H 26 7.70 38.65 -132.40
C SER H 26 8.52 38.19 -131.18
N ASN H 27 9.26 39.13 -130.61
CA ASN H 27 10.07 38.84 -129.43
C ASN H 27 9.22 39.14 -128.19
N ILE H 28 8.35 40.15 -128.27
CA ILE H 28 7.45 40.48 -127.16
C ILE H 28 6.49 39.29 -126.90
N PRO H 29 6.18 38.49 -127.95
CA PRO H 29 5.29 37.35 -127.74
C PRO H 29 5.95 36.36 -126.76
N THR H 30 7.03 35.73 -127.23
CA THR H 30 7.78 34.78 -126.42
C THR H 30 7.98 35.35 -125.02
N ASN H 31 7.87 36.67 -124.92
CA ASN H 31 8.03 37.33 -123.64
C ASN H 31 6.76 37.15 -122.84
N LEU H 32 5.65 37.68 -123.34
CA LEU H 32 4.39 37.55 -122.64
C LEU H 32 3.88 36.11 -122.53
N ARG H 33 4.64 35.16 -123.09
CA ARG H 33 4.28 33.74 -123.03
C ARG H 33 5.05 33.00 -121.94
N VAL H 34 5.61 33.77 -121.02
CA VAL H 34 6.37 33.20 -119.92
C VAL H 34 5.99 33.92 -118.65
N LEU H 35 6.01 35.25 -118.68
CA LEU H 35 5.62 36.00 -117.50
C LEU H 35 4.14 35.69 -117.27
N ARG H 36 3.39 35.55 -118.36
CA ARG H 36 1.98 35.22 -118.30
C ARG H 36 1.86 33.71 -118.48
N SER H 37 2.49 32.95 -117.59
CA SER H 37 2.47 31.50 -117.65
C SER H 37 3.08 30.90 -116.41
N ILE H 38 4.41 30.89 -116.35
CA ILE H 38 5.11 30.33 -115.21
C ILE H 38 4.82 31.16 -113.96
N LEU H 39 4.33 32.37 -114.14
CA LEU H 39 3.99 33.20 -112.98
C LEU H 39 2.67 32.61 -112.48
N GLU H 40 2.03 31.85 -113.38
CA GLU H 40 0.76 31.17 -113.11
C GLU H 40 1.11 29.76 -112.65
N ASN H 41 1.86 29.06 -113.51
CA ASN H 41 2.35 27.69 -113.28
C ASN H 41 3.15 27.62 -111.98
N LEU H 42 2.92 28.62 -111.13
CA LEU H 42 3.61 28.76 -109.87
C LEU H 42 2.71 29.37 -108.80
N ARG H 43 2.02 30.45 -109.13
CA ARG H 43 1.15 31.07 -108.13
C ARG H 43 0.15 30.03 -107.63
N SER H 44 -0.12 29.06 -108.49
CA SER H 44 -1.01 27.95 -108.16
C SER H 44 -0.32 27.21 -107.03
N LYS H 45 0.95 26.91 -107.25
CA LYS H 45 1.79 26.22 -106.28
C LYS H 45 1.79 27.05 -105.02
N ILE H 46 1.76 28.37 -105.19
CA ILE H 46 1.73 29.27 -104.05
C ILE H 46 0.40 29.08 -103.34
N GLN H 47 -0.27 27.98 -103.67
CA GLN H 47 -1.55 27.63 -103.07
C GLN H 47 -1.62 26.18 -102.59
N LYS H 48 -1.40 25.25 -103.52
CA LYS H 48 -1.37 23.81 -103.20
C LYS H 48 -0.03 23.59 -102.53
N LEU H 49 0.35 24.57 -101.71
CA LEU H 49 1.60 24.61 -100.97
C LEU H 49 1.34 25.80 -100.04
N GLU H 50 0.06 25.98 -99.77
CA GLU H 50 -0.45 27.03 -98.91
C GLU H 50 -1.55 26.30 -98.14
N SER H 51 -1.98 25.17 -98.71
CA SER H 51 -3.01 24.31 -98.13
C SER H 51 -2.34 23.21 -97.30
N ASP H 52 -1.31 22.58 -97.87
CA ASP H 52 -0.59 21.53 -97.15
C ASP H 52 -0.13 22.09 -95.83
N VAL H 53 0.11 23.39 -95.81
CA VAL H 53 0.55 24.07 -94.59
C VAL H 53 -0.67 24.46 -93.77
N SER H 54 -1.81 23.90 -94.14
CA SER H 54 -3.07 24.13 -93.44
C SER H 54 -3.54 22.71 -93.16
N ALA H 55 -3.03 21.80 -94.01
CA ALA H 55 -3.33 20.39 -93.93
C ALA H 55 -2.56 19.78 -92.77
N GLN H 56 -1.26 19.55 -92.94
CA GLN H 56 -0.48 18.98 -91.86
C GLN H 56 -0.44 19.89 -90.65
N MET H 57 -1.00 21.09 -90.80
CA MET H 57 -1.08 22.07 -89.72
C MET H 57 -2.33 21.70 -88.93
N GLU H 58 -3.28 21.14 -89.67
CA GLU H 58 -4.57 20.67 -89.18
C GLU H 58 -4.32 19.32 -88.51
N TYR H 59 -3.81 18.37 -89.29
CA TYR H 59 -3.49 17.05 -88.78
C TYR H 59 -2.33 17.15 -87.80
N CYS H 60 -2.25 18.31 -87.14
CA CYS H 60 -1.23 18.62 -86.15
C CYS H 60 -2.01 19.08 -84.93
N ARG H 61 -3.30 19.31 -85.14
CA ARG H 61 -4.19 19.74 -84.06
C ARG H 61 -4.15 18.67 -82.97
N THR H 62 -4.04 17.43 -83.41
CA THR H 62 -3.99 16.26 -82.55
C THR H 62 -2.57 15.63 -82.39
N PRO H 63 -1.90 15.89 -81.26
CA PRO H 63 -0.57 15.39 -80.95
C PRO H 63 -0.37 13.88 -81.12
N CYS H 64 0.87 13.43 -81.26
CA CYS H 64 1.14 12.01 -81.39
C CYS H 64 1.39 11.49 -79.99
N THR H 65 1.21 10.20 -79.78
CA THR H 65 1.42 9.62 -78.46
C THR H 65 2.19 8.32 -78.55
N VAL H 66 2.54 7.77 -77.39
CA VAL H 66 3.29 6.51 -77.29
C VAL H 66 3.07 5.85 -75.93
N SER H 67 3.79 4.75 -75.71
CA SER H 67 3.68 4.03 -74.45
C SER H 67 4.93 3.20 -74.18
N CYS H 68 6.03 3.85 -73.81
CA CYS H 68 7.25 3.09 -73.54
C CYS H 68 7.22 2.47 -72.17
N ASN H 69 6.51 1.36 -72.04
CA ASN H 69 6.44 0.67 -70.76
C ASN H 69 7.91 0.48 -70.39
N ILE H 70 8.37 1.24 -69.40
CA ILE H 70 9.75 1.17 -68.96
C ILE H 70 10.17 -0.20 -68.45
N PRO H 71 11.10 -0.88 -69.13
CA PRO H 71 11.52 -2.19 -68.66
C PRO H 71 12.22 -2.17 -67.28
N VAL H 72 12.35 -3.37 -66.70
CA VAL H 72 12.98 -3.57 -65.39
C VAL H 72 14.47 -3.18 -65.31
N VAL H 73 15.27 -3.89 -66.10
CA VAL H 73 16.72 -3.70 -66.17
C VAL H 73 17.18 -2.26 -66.43
N SER H 74 17.94 -1.75 -65.47
CA SER H 74 18.46 -0.41 -65.56
C SER H 74 19.95 -0.48 -65.28
N GLY H 75 20.55 0.67 -65.01
CA GLY H 75 21.96 0.73 -64.73
C GLY H 75 22.45 2.16 -64.66
N LYS H 76 23.75 2.34 -64.52
CA LYS H 76 24.34 3.66 -64.45
C LYS H 76 24.29 4.30 -65.85
N GLU H 77 24.55 3.48 -66.86
CA GLU H 77 24.54 3.87 -68.25
C GLU H 77 24.41 2.58 -69.05
N CYS H 78 24.25 2.68 -70.36
CA CYS H 78 24.06 1.48 -71.18
C CYS H 78 25.08 0.37 -71.07
N GLU H 79 26.29 0.68 -70.63
CA GLU H 79 27.31 -0.35 -70.50
C GLU H 79 26.87 -1.25 -69.38
N GLU H 80 26.81 -0.72 -68.16
CA GLU H 80 26.40 -1.52 -67.01
C GLU H 80 25.11 -2.27 -67.27
N ILE H 81 24.28 -1.74 -68.17
CA ILE H 81 23.01 -2.35 -68.50
C ILE H 81 23.13 -3.48 -69.53
N ILE H 82 24.27 -3.59 -70.20
CA ILE H 82 24.46 -4.69 -71.13
C ILE H 82 25.21 -5.73 -70.29
N ARG H 83 25.71 -5.24 -69.15
CA ARG H 83 26.43 -6.05 -68.16
C ARG H 83 25.42 -6.45 -67.08
N LYS H 84 24.13 -6.37 -67.42
CA LYS H 84 23.06 -6.74 -66.51
C LYS H 84 21.98 -7.52 -67.23
N GLY H 85 22.30 -7.98 -68.43
CA GLY H 85 21.35 -8.77 -69.21
C GLY H 85 20.66 -8.00 -70.32
N GLY H 86 20.96 -6.72 -70.46
CA GLY H 86 20.35 -5.90 -71.49
C GLY H 86 20.88 -6.24 -72.86
N GLU H 87 20.33 -7.29 -73.46
CA GLU H 87 20.78 -7.75 -74.77
C GLU H 87 19.92 -7.32 -75.97
N THR H 88 18.75 -6.74 -75.71
CA THR H 88 17.90 -6.27 -76.80
C THR H 88 18.10 -4.74 -76.87
N SER H 89 17.98 -4.17 -78.07
CA SER H 89 18.18 -2.72 -78.21
C SER H 89 16.84 -1.98 -78.18
N GLU H 90 16.71 -1.05 -77.24
CA GLU H 90 15.49 -0.27 -77.10
C GLU H 90 15.58 0.84 -76.04
N MET H 91 14.43 1.35 -75.60
CA MET H 91 14.39 2.42 -74.60
C MET H 91 14.73 1.89 -73.21
N TYR H 92 15.90 2.27 -72.69
CA TYR H 92 16.28 1.86 -71.33
C TYR H 92 16.17 3.08 -70.43
N LEU H 93 16.61 2.98 -69.18
CA LEU H 93 16.45 4.09 -68.27
C LEU H 93 17.69 4.56 -67.53
N ILE H 94 18.85 4.14 -68.01
CA ILE H 94 20.14 4.50 -67.40
C ILE H 94 20.13 5.65 -66.36
N GLN H 95 20.86 5.46 -65.29
CA GLN H 95 20.95 6.47 -64.26
C GLN H 95 22.41 6.69 -63.92
N PRO H 96 23.01 7.77 -64.44
CA PRO H 96 24.42 8.02 -64.12
C PRO H 96 24.51 8.35 -62.64
N ASP H 97 25.53 9.10 -62.24
CA ASP H 97 25.69 9.45 -60.82
C ASP H 97 24.33 9.69 -60.19
N SER H 98 23.96 8.85 -59.23
CA SER H 98 22.66 8.96 -58.58
C SER H 98 22.45 10.29 -57.85
N SER H 99 23.18 11.30 -58.29
CA SER H 99 23.06 12.64 -57.75
C SER H 99 22.32 13.43 -58.84
N VAL H 100 21.60 12.67 -59.66
CA VAL H 100 20.81 13.19 -60.78
C VAL H 100 19.58 12.29 -61.06
N LYS H 101 18.72 12.74 -61.97
CA LYS H 101 17.49 12.02 -62.33
C LYS H 101 17.65 10.96 -63.43
N PRO H 102 17.10 9.76 -63.20
CA PRO H 102 17.14 8.63 -64.14
C PRO H 102 16.47 8.97 -65.48
N TYR H 103 17.22 9.57 -66.40
CA TYR H 103 16.66 9.96 -67.69
C TYR H 103 16.61 8.86 -68.74
N ARG H 104 15.44 8.70 -69.35
CA ARG H 104 15.23 7.71 -70.39
C ARG H 104 16.27 7.95 -71.49
N VAL H 105 16.77 6.86 -72.06
CA VAL H 105 17.80 6.91 -73.10
C VAL H 105 17.62 5.75 -74.07
N TYR H 106 18.42 5.70 -75.12
CA TYR H 106 18.34 4.62 -76.09
C TYR H 106 19.67 3.93 -76.17
N CYS H 107 19.66 2.65 -75.84
CA CYS H 107 20.88 1.85 -75.85
C CYS H 107 21.06 1.03 -77.11
N ASP H 108 22.31 0.86 -77.50
CA ASP H 108 22.66 0.06 -78.65
C ASP H 108 23.45 -1.10 -78.07
N MET H 109 22.93 -2.31 -78.25
CA MET H 109 23.58 -3.49 -77.73
C MET H 109 23.50 -4.61 -78.77
N ASN H 110 23.91 -4.31 -80.00
CA ASN H 110 23.90 -5.28 -81.10
C ASN H 110 25.18 -5.12 -81.93
N THR H 111 25.50 -3.87 -82.23
CA THR H 111 26.67 -3.57 -83.02
C THR H 111 27.74 -2.98 -82.11
N GLU H 112 28.91 -3.60 -82.15
CA GLU H 112 30.06 -3.16 -81.37
C GLU H 112 29.98 -3.40 -79.86
N ASN H 113 29.81 -4.66 -79.48
CA ASN H 113 29.75 -5.07 -78.08
C ASN H 113 28.68 -4.38 -77.24
N GLY H 114 27.75 -3.68 -77.90
CA GLY H 114 26.68 -2.99 -77.21
C GLY H 114 27.13 -2.09 -76.06
N GLY H 115 26.16 -1.45 -75.42
CA GLY H 115 26.47 -0.56 -74.31
C GLY H 115 26.57 0.84 -74.86
N TRP H 116 26.12 0.96 -76.11
CA TRP H 116 26.16 2.24 -76.80
C TRP H 116 24.94 3.10 -76.51
N THR H 117 25.14 4.08 -75.64
CA THR H 117 24.09 5.03 -75.24
C THR H 117 23.98 6.10 -76.34
N VAL H 118 22.87 6.08 -77.09
CA VAL H 118 22.69 7.07 -78.14
C VAL H 118 22.55 8.49 -77.61
N ILE H 119 22.94 9.47 -78.41
CA ILE H 119 22.87 10.84 -77.96
C ILE H 119 22.07 11.68 -78.96
N GLN H 120 22.21 11.34 -80.24
CA GLN H 120 21.55 12.06 -81.31
C GLN H 120 21.18 11.01 -82.31
N ASN H 121 20.17 11.27 -83.12
CA ASN H 121 19.82 10.27 -84.10
C ASN H 121 19.05 10.85 -85.27
N ARG H 122 19.48 10.48 -86.48
CA ARG H 122 18.84 10.94 -87.70
C ARG H 122 18.43 9.72 -88.50
N GLN H 123 17.21 9.75 -89.00
CA GLN H 123 16.64 8.66 -89.77
C GLN H 123 15.44 9.15 -90.58
N ASP H 124 15.02 10.39 -90.33
CA ASP H 124 13.89 10.99 -91.04
C ASP H 124 13.58 12.39 -90.49
N GLY H 125 12.53 13.02 -91.00
CA GLY H 125 12.19 14.35 -90.52
C GLY H 125 11.85 14.31 -89.04
N SER H 126 10.55 14.29 -88.75
CA SER H 126 10.05 14.21 -87.39
C SER H 126 10.49 15.29 -86.43
N VAL H 127 11.81 15.45 -86.27
CA VAL H 127 12.34 16.43 -85.33
C VAL H 127 13.23 17.56 -85.82
N ASP H 128 12.72 18.78 -85.64
CA ASP H 128 13.39 20.00 -86.00
C ASP H 128 14.61 20.17 -85.10
N PHE H 129 15.81 19.92 -85.64
CA PHE H 129 17.02 20.07 -84.86
C PHE H 129 17.50 21.49 -84.75
N GLY H 130 16.91 22.38 -85.54
CA GLY H 130 17.29 23.78 -85.48
C GLY H 130 16.66 24.48 -84.29
N ARG H 131 17.24 24.27 -83.12
CA ARG H 131 16.72 24.87 -81.90
C ARG H 131 17.61 25.95 -81.28
N LYS H 132 17.45 26.13 -79.97
CA LYS H 132 18.21 27.13 -79.22
C LYS H 132 19.04 26.53 -78.09
N TRP H 133 19.34 27.37 -77.11
CA TRP H 133 20.14 27.04 -75.94
C TRP H 133 19.50 25.92 -75.13
N ASP H 134 18.49 26.29 -74.34
CA ASP H 134 17.81 25.35 -73.50
C ASP H 134 17.56 24.01 -74.18
N PRO H 135 16.69 23.97 -75.20
CA PRO H 135 16.40 22.71 -75.90
C PRO H 135 17.61 21.83 -76.17
N TYR H 136 18.71 22.46 -76.59
CA TYR H 136 19.93 21.72 -76.89
C TYR H 136 20.62 21.22 -75.64
N LYS H 137 20.35 21.90 -74.53
CA LYS H 137 20.91 21.55 -73.23
C LYS H 137 20.07 20.45 -72.53
N GLN H 138 18.74 20.61 -72.58
CA GLN H 138 17.81 19.66 -71.96
C GLN H 138 17.62 18.45 -72.87
N GLY H 139 17.26 18.73 -74.11
CA GLY H 139 17.02 17.67 -75.06
C GLY H 139 15.67 17.88 -75.75
N PHE H 140 15.49 17.21 -76.89
CA PHE H 140 14.27 17.32 -77.65
C PHE H 140 14.11 16.13 -78.57
N GLY H 141 12.87 15.84 -78.95
CA GLY H 141 12.61 14.72 -79.83
C GLY H 141 11.98 13.54 -79.12
N ASN H 142 11.92 12.41 -79.82
CA ASN H 142 11.35 11.22 -79.22
C ASN H 142 12.49 10.26 -79.03
N VAL H 143 12.78 9.92 -77.78
CA VAL H 143 13.89 9.02 -77.48
C VAL H 143 13.61 7.63 -78.04
N ALA H 144 12.35 7.34 -78.30
CA ALA H 144 11.99 6.07 -78.90
C ALA H 144 10.49 5.98 -79.16
N THR H 145 10.12 5.07 -80.06
CA THR H 145 8.72 4.87 -80.42
C THR H 145 8.31 3.42 -80.18
N ASN H 146 7.03 3.22 -79.91
CA ASN H 146 6.54 1.86 -79.68
C ASN H 146 6.89 1.05 -80.91
N THR H 147 7.48 -0.12 -80.65
CA THR H 147 7.91 -1.05 -81.68
C THR H 147 6.77 -1.54 -82.55
N ASP H 148 5.67 -0.79 -82.54
CA ASP H 148 4.45 -1.08 -83.31
C ASP H 148 3.69 -2.36 -82.95
N GLY H 149 4.34 -3.28 -82.23
CA GLY H 149 3.70 -4.51 -81.86
C GLY H 149 4.08 -5.07 -80.49
N LYS H 150 4.95 -4.36 -79.79
CA LYS H 150 5.38 -4.77 -78.47
C LYS H 150 5.04 -3.67 -77.46
N ASN H 151 5.26 -3.94 -76.17
CA ASN H 151 4.93 -2.98 -75.14
C ASN H 151 5.88 -1.78 -75.18
N TYR H 152 7.16 -2.08 -74.97
CA TYR H 152 8.24 -1.09 -74.93
C TYR H 152 8.49 -0.25 -76.17
N CYS H 153 9.74 0.13 -76.33
CA CYS H 153 10.16 0.96 -77.44
C CYS H 153 11.52 0.49 -77.98
N GLY H 154 11.46 -0.45 -78.92
CA GLY H 154 12.67 -1.04 -79.51
C GLY H 154 13.19 -0.33 -80.76
N LEU H 155 12.42 0.62 -81.28
CA LEU H 155 12.86 1.38 -82.44
C LEU H 155 13.09 2.82 -82.01
N PRO H 156 14.30 3.32 -82.30
CA PRO H 156 14.76 4.67 -81.98
C PRO H 156 14.18 5.79 -82.83
N GLY H 157 13.97 6.94 -82.19
CA GLY H 157 13.44 8.11 -82.85
C GLY H 157 14.43 9.26 -82.73
N GLU H 158 14.40 10.18 -83.68
CA GLU H 158 15.32 11.29 -83.65
C GLU H 158 15.27 12.13 -82.37
N TYR H 159 16.45 12.41 -81.82
CA TYR H 159 16.54 13.23 -80.62
C TYR H 159 17.95 13.73 -80.31
N TRP H 160 18.00 14.57 -79.29
CA TRP H 160 19.25 15.11 -78.82
C TRP H 160 19.24 14.96 -77.31
N LEU H 161 19.67 13.80 -76.84
CA LEU H 161 19.74 13.54 -75.41
C LEU H 161 20.50 14.73 -74.86
N GLY H 162 19.78 15.70 -74.30
CA GLY H 162 20.39 16.89 -73.75
C GLY H 162 21.91 17.03 -73.60
N ASN H 163 22.40 18.26 -73.83
CA ASN H 163 23.81 18.57 -73.70
C ASN H 163 24.27 18.25 -72.27
N ASP H 164 23.68 18.94 -71.28
CA ASP H 164 24.01 18.75 -69.87
C ASP H 164 24.16 17.26 -69.55
N LYS H 165 23.19 16.49 -70.01
CA LYS H 165 23.22 15.05 -69.80
C LYS H 165 24.49 14.47 -70.41
N ILE H 166 24.88 15.01 -71.56
CA ILE H 166 26.08 14.56 -72.27
C ILE H 166 27.36 15.00 -71.58
N SER H 167 27.48 16.30 -71.36
CA SER H 167 28.66 16.84 -70.71
C SER H 167 28.94 16.10 -69.42
N GLN H 168 27.93 15.45 -68.88
CA GLN H 168 28.07 14.71 -67.63
C GLN H 168 28.57 13.29 -67.93
N LEU H 169 27.98 12.64 -68.92
CA LEU H 169 28.40 11.30 -69.30
C LEU H 169 29.87 11.24 -69.70
N THR H 170 30.34 12.25 -70.42
CA THR H 170 31.73 12.29 -70.81
C THR H 170 32.55 12.38 -69.53
N ARG H 171 32.04 13.17 -68.59
CA ARG H 171 32.68 13.38 -67.30
C ARG H 171 32.87 12.11 -66.47
N MET H 172 32.51 10.96 -67.03
CA MET H 172 32.67 9.70 -66.32
C MET H 172 33.98 9.03 -66.77
N GLY H 173 35.08 9.76 -66.59
CA GLY H 173 36.40 9.28 -66.94
C GLY H 173 36.68 9.17 -68.43
N PRO H 174 36.82 7.94 -68.94
CA PRO H 174 37.11 7.64 -70.35
C PRO H 174 35.84 7.44 -71.19
N THR H 175 35.40 8.49 -71.88
CA THR H 175 34.20 8.40 -72.70
C THR H 175 34.58 8.38 -74.18
N GLU H 176 34.12 7.36 -74.90
CA GLU H 176 34.45 7.21 -76.32
C GLU H 176 33.23 7.19 -77.25
N LEU H 177 33.03 8.29 -77.97
CA LEU H 177 31.89 8.38 -78.87
C LEU H 177 32.09 7.63 -80.19
N LEU H 178 30.99 7.12 -80.73
CA LEU H 178 30.94 6.39 -81.99
C LEU H 178 29.93 7.06 -82.93
N ILE H 179 30.43 7.74 -83.96
CA ILE H 179 29.57 8.44 -84.91
C ILE H 179 29.39 7.68 -86.23
N GLU H 180 28.16 7.25 -86.50
CA GLU H 180 27.85 6.51 -87.72
C GLU H 180 26.90 7.24 -88.65
N MET H 181 26.93 6.85 -89.91
CA MET H 181 26.08 7.43 -90.92
C MET H 181 25.86 6.39 -92.01
N GLU H 182 24.78 6.56 -92.76
CA GLU H 182 24.45 5.64 -93.82
C GLU H 182 23.79 6.46 -94.95
N ASP H 183 24.50 6.53 -96.06
CA ASP H 183 24.05 7.27 -97.23
C ASP H 183 22.98 6.49 -98.00
N TRP H 184 22.06 7.25 -98.60
CA TRP H 184 20.92 6.73 -99.34
C TRP H 184 21.10 5.51 -100.22
N LYS H 185 22.30 5.29 -100.74
CA LYS H 185 22.53 4.13 -101.59
C LYS H 185 23.20 3.03 -100.78
N GLY H 186 22.55 2.63 -99.70
CA GLY H 186 23.06 1.57 -98.84
C GLY H 186 24.37 1.87 -98.13
N ASP H 187 25.44 2.07 -98.90
CA ASP H 187 26.78 2.36 -98.38
C ASP H 187 26.74 3.03 -97.01
N LYS H 188 27.80 2.82 -96.24
CA LYS H 188 27.91 3.43 -94.91
C LYS H 188 29.34 3.38 -94.38
N VAL H 189 29.71 4.36 -93.56
CA VAL H 189 31.04 4.41 -92.96
C VAL H 189 30.85 4.83 -91.52
N LYS H 190 31.89 4.61 -90.72
CA LYS H 190 31.85 4.92 -89.29
C LYS H 190 33.05 5.76 -88.88
N ALA H 191 32.82 6.75 -88.02
CA ALA H 191 33.90 7.60 -87.54
C ALA H 191 34.21 7.08 -86.15
N HIS H 192 35.00 7.82 -85.39
CA HIS H 192 35.36 7.41 -84.02
C HIS H 192 36.46 8.24 -83.37
N TYR H 193 36.25 8.60 -82.11
CA TYR H 193 37.22 9.38 -81.34
C TYR H 193 37.32 8.73 -79.96
N GLY H 194 38.18 7.72 -79.84
CA GLY H 194 38.34 7.04 -78.56
C GLY H 194 38.20 8.00 -77.40
N GLY H 195 38.74 9.21 -77.57
CA GLY H 195 38.66 10.22 -76.53
C GLY H 195 37.65 11.30 -76.86
N PHE H 196 36.64 11.43 -76.02
CA PHE H 196 35.59 12.42 -76.25
C PHE H 196 35.15 13.04 -74.94
N THR H 197 35.02 14.36 -74.94
CA THR H 197 34.61 15.07 -73.74
C THR H 197 33.91 16.39 -74.03
N VAL H 198 32.68 16.50 -73.57
CA VAL H 198 31.87 17.70 -73.74
C VAL H 198 31.88 18.45 -72.42
N GLN H 199 32.71 19.49 -72.31
CA GLN H 199 32.77 20.25 -71.07
C GLN H 199 31.39 20.64 -70.61
N ASN H 200 31.31 21.21 -69.41
CA ASN H 200 30.03 21.61 -68.88
C ASN H 200 29.68 22.99 -69.38
N GLU H 201 28.38 23.27 -69.41
CA GLU H 201 27.81 24.52 -69.88
C GLU H 201 28.55 25.75 -69.37
N ALA H 202 29.33 25.57 -68.31
CA ALA H 202 30.06 26.71 -67.78
C ALA H 202 31.14 27.08 -68.79
N ASN H 203 31.57 26.10 -69.59
CA ASN H 203 32.59 26.30 -70.63
C ASN H 203 31.97 26.53 -72.00
N LYS H 204 30.71 26.93 -72.03
CA LYS H 204 30.05 27.11 -73.32
C LYS H 204 30.04 25.72 -73.94
N TYR H 205 30.27 24.71 -73.10
CA TYR H 205 30.30 23.33 -73.55
C TYR H 205 31.42 23.05 -74.54
N GLN H 206 32.68 23.33 -74.18
CA GLN H 206 33.79 23.04 -75.11
C GLN H 206 33.83 21.56 -75.48
N ILE H 207 34.26 21.27 -76.71
CA ILE H 207 34.33 19.90 -77.13
C ILE H 207 35.78 19.49 -77.28
N SER H 208 36.18 18.51 -76.48
CA SER H 208 37.55 18.02 -76.55
C SER H 208 37.46 16.61 -77.11
N VAL H 209 38.00 16.42 -78.30
CA VAL H 209 37.95 15.10 -78.89
C VAL H 209 39.35 14.66 -79.32
N ASN H 210 39.58 13.35 -79.33
CA ASN H 210 40.87 12.81 -79.70
C ASN H 210 40.83 11.30 -79.99
N LYS H 211 41.99 10.69 -80.00
CA LYS H 211 42.10 9.26 -80.26
C LYS H 211 41.24 8.90 -81.47
N TYR H 212 41.22 9.80 -82.44
CA TYR H 212 40.46 9.62 -83.67
C TYR H 212 40.92 8.40 -84.48
N ARG H 213 39.94 7.62 -84.90
CA ARG H 213 40.17 6.44 -85.71
C ARG H 213 38.96 6.60 -86.62
N GLY H 214 39.01 6.12 -87.85
CA GLY H 214 37.84 6.28 -88.68
C GLY H 214 37.93 6.17 -90.18
N THR H 215 36.94 5.48 -90.74
CA THR H 215 36.84 5.25 -92.18
C THR H 215 35.77 6.16 -92.77
N ALA H 216 35.56 7.31 -92.13
CA ALA H 216 34.56 8.25 -92.58
C ALA H 216 35.20 9.64 -92.67
N GLY H 217 36.49 9.70 -92.33
CA GLY H 217 37.20 10.97 -92.38
C GLY H 217 37.04 11.77 -91.10
N ASN H 218 38.16 12.17 -90.53
CA ASN H 218 38.17 12.96 -89.32
C ASN H 218 37.79 14.39 -89.62
N ALA H 219 36.49 14.65 -89.63
CA ALA H 219 35.97 15.98 -89.93
C ALA H 219 35.80 16.89 -88.73
N LEU H 220 35.88 16.33 -87.53
CA LEU H 220 35.73 17.12 -86.31
C LEU H 220 37.01 17.87 -85.95
N MET H 221 38.14 17.16 -86.00
CA MET H 221 39.43 17.77 -85.70
C MET H 221 40.30 17.92 -86.95
N ASP H 222 40.43 16.85 -87.74
CA ASP H 222 41.22 16.88 -88.97
C ASP H 222 40.59 17.82 -89.99
N GLY H 223 39.72 18.73 -89.55
CA GLY H 223 39.08 19.67 -90.48
C GLY H 223 38.57 19.03 -91.77
N ALA H 224 38.19 19.85 -92.75
CA ALA H 224 37.70 19.33 -94.03
C ALA H 224 38.82 19.02 -95.02
N SER H 225 39.00 17.74 -95.33
CA SER H 225 40.03 17.24 -96.24
C SER H 225 40.21 17.85 -97.63
N GLN H 226 39.20 17.68 -98.48
CA GLN H 226 39.22 18.17 -99.87
C GLN H 226 39.33 19.70 -100.00
N LEU H 227 40.12 20.34 -99.14
CA LEU H 227 40.30 21.78 -99.20
C LEU H 227 41.76 22.22 -99.03
N MET H 228 41.98 23.38 -98.40
CA MET H 228 43.32 23.92 -98.17
C MET H 228 43.42 24.82 -96.93
N GLY H 229 44.60 24.79 -96.30
CA GLY H 229 44.88 25.58 -95.11
C GLY H 229 43.84 26.52 -94.54
N GLU H 230 44.15 27.81 -94.50
CA GLU H 230 43.25 28.83 -93.95
C GLU H 230 41.79 28.54 -94.23
N ASN H 231 41.47 27.96 -95.39
CA ASN H 231 40.08 27.65 -95.67
C ASN H 231 39.65 26.43 -94.84
N ARG H 232 40.53 25.44 -94.72
CA ARG H 232 40.24 24.24 -93.95
C ARG H 232 40.10 24.41 -92.44
N THR H 233 41.24 24.59 -91.75
CA THR H 233 41.25 24.73 -90.30
C THR H 233 40.07 25.49 -89.70
N MET H 234 39.38 26.28 -90.52
CA MET H 234 38.21 26.96 -90.00
C MET H 234 37.02 26.01 -90.24
N THR H 235 37.32 24.72 -90.12
CA THR H 235 36.35 23.62 -90.27
C THR H 235 36.80 22.54 -89.30
N ILE H 236 37.23 23.01 -88.12
CA ILE H 236 37.67 22.14 -87.04
C ILE H 236 36.67 22.39 -85.92
N HIS H 237 36.09 21.32 -85.42
CA HIS H 237 35.11 21.42 -84.36
C HIS H 237 35.77 21.25 -83.02
N ASN H 238 36.78 20.39 -82.98
CA ASN H 238 37.53 20.14 -81.76
C ASN H 238 37.90 21.49 -81.12
N GLY H 239 37.76 21.57 -79.81
CA GLY H 239 38.10 22.82 -79.15
C GLY H 239 37.11 23.93 -79.44
N MET H 240 35.96 23.56 -79.96
CA MET H 240 34.97 24.57 -80.26
C MET H 240 33.90 24.75 -79.20
N PHE H 241 33.24 25.90 -79.28
CA PHE H 241 32.21 26.26 -78.33
C PHE H 241 30.83 26.09 -78.94
N PHE H 242 30.16 25.01 -78.55
CA PHE H 242 28.82 24.69 -79.02
C PHE H 242 28.02 25.98 -79.21
N SER H 243 27.32 26.08 -80.34
CA SER H 243 26.55 27.27 -80.66
C SER H 243 25.14 26.95 -81.11
N THR H 244 24.27 27.96 -81.07
CA THR H 244 22.88 27.86 -81.48
C THR H 244 22.44 29.29 -81.75
N TYR H 245 21.43 29.48 -82.58
CA TYR H 245 20.98 30.83 -82.92
C TYR H 245 20.49 31.76 -81.82
N ASP H 246 21.07 31.61 -80.64
CA ASP H 246 20.73 32.45 -79.48
C ASP H 246 21.92 32.32 -78.53
N ARG H 247 23.02 31.88 -79.12
CA ARG H 247 24.27 31.69 -78.40
C ARG H 247 25.36 31.64 -79.48
N ASP H 248 25.97 32.79 -79.76
CA ASP H 248 27.02 32.90 -80.78
C ASP H 248 28.39 32.42 -80.31
N ASN H 249 28.61 31.10 -80.27
CA ASN H 249 29.91 30.62 -79.85
C ASN H 249 30.61 29.96 -81.03
N ASP H 250 30.46 30.60 -82.20
CA ASP H 250 31.04 30.12 -83.45
C ASP H 250 32.53 30.44 -83.51
N GLY H 251 33.05 30.47 -84.74
CA GLY H 251 34.44 30.80 -84.99
C GLY H 251 34.41 31.97 -85.95
N TRP H 252 33.22 32.24 -86.47
CA TRP H 252 32.98 33.30 -87.43
C TRP H 252 32.88 34.68 -86.79
N LEU H 253 34.01 35.39 -86.76
CA LEU H 253 34.08 36.72 -86.17
C LEU H 253 33.53 37.81 -87.08
N THR H 254 32.35 38.29 -86.77
CA THR H 254 31.76 39.34 -87.59
C THR H 254 30.69 40.09 -86.82
N SER H 255 30.71 41.41 -86.96
CA SER H 255 29.76 42.27 -86.28
C SER H 255 28.36 42.06 -86.86
N ASP H 256 28.31 41.49 -88.06
CA ASP H 256 27.06 41.19 -88.77
C ASP H 256 26.36 40.00 -88.12
N PRO H 257 25.29 40.27 -87.34
CA PRO H 257 24.53 39.23 -86.65
C PRO H 257 23.70 38.31 -87.55
N ARG H 258 23.36 38.75 -88.75
CA ARG H 258 22.59 37.91 -89.66
C ARG H 258 23.48 36.76 -90.14
N LYS H 259 24.79 36.96 -90.03
CA LYS H 259 25.74 35.94 -90.47
C LYS H 259 26.51 35.30 -89.33
N GLN H 260 26.09 34.07 -88.99
CA GLN H 260 26.70 33.26 -87.93
C GLN H 260 26.58 31.78 -88.30
N CYS H 261 27.62 30.98 -88.01
CA CYS H 261 27.60 29.57 -88.38
C CYS H 261 26.45 28.71 -87.87
N SER H 262 25.62 29.24 -86.99
CA SER H 262 24.49 28.46 -86.47
C SER H 262 23.20 28.93 -87.07
N LYS H 263 23.01 30.26 -87.12
CA LYS H 263 21.80 30.84 -87.69
C LYS H 263 21.66 30.26 -89.09
N GLU H 264 22.81 29.91 -89.68
CA GLU H 264 22.89 29.30 -91.01
C GLU H 264 23.34 27.88 -90.69
N ASP H 265 23.34 27.00 -91.70
CA ASP H 265 23.73 25.60 -91.51
C ASP H 265 22.72 24.79 -90.65
N GLY H 266 21.65 25.46 -90.23
CA GLY H 266 20.53 24.89 -89.46
C GLY H 266 20.58 24.00 -88.23
N GLY H 267 20.88 24.59 -87.07
CA GLY H 267 20.93 23.79 -85.86
C GLY H 267 22.00 24.22 -84.86
N GLY H 268 22.25 23.34 -83.88
CA GLY H 268 23.25 23.60 -82.86
C GLY H 268 24.46 22.71 -83.08
N TRP H 269 25.65 23.27 -82.97
CA TRP H 269 26.87 22.51 -83.21
C TRP H 269 28.10 23.26 -82.73
N TRP H 270 29.16 22.51 -82.46
CA TRP H 270 30.42 23.12 -82.03
C TRP H 270 30.93 23.76 -83.32
N TYR H 271 30.51 25.02 -83.51
CA TYR H 271 30.82 25.74 -84.71
C TYR H 271 32.08 26.59 -84.76
N ASN H 272 32.96 26.25 -85.69
CA ASN H 272 34.23 26.93 -85.92
C ASN H 272 34.29 27.40 -87.36
N ARG H 273 34.04 28.69 -87.57
CA ARG H 273 34.00 29.32 -88.90
C ARG H 273 33.47 28.30 -89.89
N CYS H 274 32.39 27.73 -89.34
CA CYS H 274 31.44 26.74 -89.79
C CYS H 274 31.69 25.25 -89.73
N HIS H 275 31.75 24.52 -90.84
CA HIS H 275 31.88 23.07 -90.60
C HIS H 275 32.38 22.09 -91.65
N ALA H 276 32.99 21.03 -91.15
CA ALA H 276 33.48 19.96 -91.99
C ALA H 276 32.50 18.78 -91.83
N ALA H 277 31.57 18.93 -90.88
CA ALA H 277 30.56 17.93 -90.57
C ALA H 277 29.42 18.66 -89.90
N ASN H 278 28.19 18.28 -90.19
CA ASN H 278 27.05 19.00 -89.65
C ASN H 278 25.88 18.14 -89.24
N PRO H 279 26.08 17.14 -88.38
CA PRO H 279 24.88 16.36 -88.03
C PRO H 279 23.96 17.41 -87.42
N ASN H 280 22.69 17.10 -87.23
CA ASN H 280 21.80 18.10 -86.66
C ASN H 280 21.50 19.24 -87.60
N GLY H 281 21.88 19.11 -88.87
CA GLY H 281 21.58 20.18 -89.80
C GLY H 281 20.08 20.25 -90.05
N ARG H 282 19.71 20.44 -91.31
CA ARG H 282 18.31 20.48 -91.72
C ARG H 282 18.15 19.16 -92.45
N TYR H 283 17.08 18.42 -92.17
CA TYR H 283 16.90 17.11 -92.81
C TYR H 283 16.69 17.17 -94.31
N TYR H 284 17.64 16.64 -95.08
CA TYR H 284 17.52 16.65 -96.54
C TYR H 284 17.20 15.28 -97.14
N TRP H 285 16.06 15.21 -97.81
CA TRP H 285 15.57 13.98 -98.43
C TRP H 285 16.19 13.56 -99.75
N GLY H 286 16.83 12.39 -99.74
CA GLY H 286 17.45 11.89 -100.95
C GLY H 286 18.95 12.06 -100.89
N GLY H 287 19.38 12.89 -99.94
CA GLY H 287 20.81 13.15 -99.78
C GLY H 287 21.22 14.41 -100.51
N GLN H 288 21.45 14.25 -101.81
CA GLN H 288 21.84 15.36 -102.66
C GLN H 288 20.93 16.58 -102.52
N TYR H 289 21.55 17.75 -102.51
CA TYR H 289 20.83 19.00 -102.42
C TYR H 289 21.85 20.04 -102.87
N THR H 290 21.39 21.26 -103.16
CA THR H 290 22.28 22.31 -103.62
C THR H 290 21.84 23.70 -103.19
N TRP H 291 22.82 24.53 -102.87
CA TRP H 291 22.61 25.90 -102.42
C TRP H 291 21.31 26.58 -102.88
N ASP H 292 20.92 26.34 -104.12
CA ASP H 292 19.70 26.93 -104.66
C ASP H 292 18.46 26.30 -104.06
N MET H 293 18.63 25.68 -102.90
CA MET H 293 17.54 25.01 -102.18
C MET H 293 17.46 25.49 -100.73
N ALA H 294 18.62 25.58 -100.08
CA ALA H 294 18.75 25.99 -98.69
C ALA H 294 18.19 27.36 -98.33
N LYS H 295 17.70 27.48 -97.10
CA LYS H 295 17.13 28.72 -96.62
C LYS H 295 18.13 29.86 -96.75
N HIS H 296 19.40 29.55 -96.51
CA HIS H 296 20.48 30.53 -96.59
C HIS H 296 21.58 30.16 -97.61
N GLY H 297 21.23 29.37 -98.61
CA GLY H 297 22.20 28.97 -99.62
C GLY H 297 23.35 28.09 -99.13
N THR H 298 23.78 28.34 -97.89
CA THR H 298 24.85 27.59 -97.24
C THR H 298 24.62 26.10 -97.30
N ASP H 299 25.64 25.33 -96.93
CA ASP H 299 25.47 23.88 -96.95
C ASP H 299 25.01 23.43 -95.56
N ASP H 300 23.75 23.74 -95.26
CA ASP H 300 23.10 23.43 -93.99
C ASP H 300 22.44 22.09 -94.13
N GLY H 301 22.60 21.24 -93.13
CA GLY H 301 22.00 19.93 -93.21
C GLY H 301 22.94 18.84 -92.76
N VAL H 302 22.35 17.71 -92.39
CA VAL H 302 23.07 16.53 -91.91
C VAL H 302 24.21 16.13 -92.85
N VAL H 303 25.16 17.04 -93.01
CA VAL H 303 26.29 16.78 -93.88
C VAL H 303 27.55 16.41 -93.13
N TRP H 304 28.27 15.44 -93.67
CA TRP H 304 29.51 15.01 -93.11
C TRP H 304 30.31 15.29 -94.37
N MET H 305 31.06 16.39 -94.37
CA MET H 305 31.84 16.75 -95.55
C MET H 305 32.93 15.80 -95.98
N ASN H 306 33.77 15.38 -95.06
CA ASN H 306 34.89 14.50 -95.39
C ASN H 306 34.56 13.17 -96.08
N TRP H 307 33.28 12.82 -96.16
CA TRP H 307 32.89 11.58 -96.81
C TRP H 307 31.96 11.82 -97.98
N LYS H 308 31.20 12.92 -97.93
CA LYS H 308 30.26 13.20 -98.99
C LYS H 308 30.27 14.61 -99.53
N GLY H 309 30.98 15.51 -98.88
CA GLY H 309 31.03 16.87 -99.38
C GLY H 309 29.81 17.71 -99.08
N SER H 310 30.04 19.00 -98.94
CA SER H 310 29.00 19.97 -98.63
C SER H 310 27.64 19.80 -99.27
N TRP H 311 27.54 19.03 -100.34
CA TRP H 311 26.25 18.91 -100.97
C TRP H 311 25.70 17.52 -101.04
N TYR H 312 25.57 16.91 -99.87
CA TYR H 312 25.06 15.56 -99.72
C TYR H 312 24.69 15.31 -98.25
N SER H 313 23.40 15.43 -97.94
CA SER H 313 22.90 15.21 -96.59
C SER H 313 22.63 13.72 -96.57
N MET H 314 22.37 13.15 -95.39
CA MET H 314 22.14 11.71 -95.36
C MET H 314 20.79 11.20 -94.88
N ARG H 315 20.72 9.87 -94.82
CA ARG H 315 19.52 9.15 -94.38
C ARG H 315 19.49 9.04 -92.85
N LYS H 316 20.57 8.52 -92.28
CA LYS H 316 20.72 8.35 -90.84
C LYS H 316 22.10 8.82 -90.36
N MET H 317 22.11 9.65 -89.31
CA MET H 317 23.35 10.18 -88.74
C MET H 317 23.26 10.09 -87.23
N SER H 318 23.81 9.04 -86.64
CA SER H 318 23.74 8.87 -85.21
C SER H 318 25.05 9.09 -84.42
N MET H 319 24.93 9.00 -83.11
CA MET H 319 26.07 9.20 -82.22
C MET H 319 25.91 8.44 -80.90
N LYS H 320 26.59 7.29 -80.78
CA LYS H 320 26.53 6.51 -79.56
C LYS H 320 27.88 6.45 -78.84
N ILE H 321 27.86 6.72 -77.54
CA ILE H 321 29.08 6.69 -76.71
C ILE H 321 29.17 5.47 -75.80
N ARG H 322 30.24 5.42 -75.02
CA ARG H 322 30.50 4.31 -74.11
C ARG H 322 31.63 4.73 -73.18
N PRO H 323 31.86 3.98 -72.09
CA PRO H 323 32.95 4.35 -71.19
C PRO H 323 34.35 3.90 -71.63
N PHE H 324 35.06 3.23 -70.73
CA PHE H 324 36.42 2.71 -70.95
C PHE H 324 37.49 3.73 -71.41
N GLU I 4 1.79 57.71 -143.72
CA GLU I 4 2.18 56.80 -142.60
C GLU I 4 1.00 56.41 -141.70
N ILE I 5 0.42 55.24 -141.96
CA ILE I 5 -0.71 54.76 -141.17
C ILE I 5 -0.27 53.51 -140.44
N MET I 6 0.87 52.98 -140.85
CA MET I 6 1.46 51.79 -140.23
C MET I 6 1.90 52.22 -138.84
N LYS I 7 1.87 53.54 -138.64
CA LYS I 7 2.23 54.14 -137.35
C LYS I 7 1.00 54.09 -136.45
N TYR I 8 0.00 53.35 -136.92
CA TYR I 8 -1.23 53.13 -136.18
C TYR I 8 -0.70 52.26 -135.07
N GLU I 9 0.47 51.68 -135.36
CA GLU I 9 1.22 50.80 -134.47
C GLU I 9 0.92 51.14 -133.01
N ALA I 10 0.76 52.45 -132.75
CA ALA I 10 0.44 52.97 -131.41
C ALA I 10 -0.84 52.34 -130.89
N SER I 11 -1.25 51.26 -131.57
CA SER I 11 -2.43 50.51 -131.20
C SER I 11 -1.93 49.36 -130.33
N ILE I 12 -0.70 48.92 -130.56
CA ILE I 12 -0.14 47.83 -129.78
C ILE I 12 0.23 48.32 -128.38
N LEU I 13 -0.72 48.99 -127.72
CA LEU I 13 -0.51 49.46 -126.36
C LEU I 13 -1.08 48.33 -125.51
N THR I 14 -1.41 47.25 -126.19
CA THR I 14 -1.97 46.05 -125.59
C THR I 14 -1.00 45.57 -124.53
N HIS I 15 0.28 45.61 -124.86
CA HIS I 15 1.33 45.17 -123.94
C HIS I 15 1.38 46.08 -122.72
N ASP I 16 0.99 47.34 -122.91
CA ASP I 16 0.98 48.30 -121.81
C ASP I 16 -0.25 48.01 -120.98
N SER I 17 -0.60 46.72 -120.94
CA SER I 17 -1.75 46.20 -120.21
C SER I 17 -1.61 44.68 -120.28
N SER I 18 -0.65 44.24 -121.08
CA SER I 18 -0.35 42.82 -121.22
C SER I 18 0.82 42.62 -120.26
N ILE I 19 0.93 43.57 -119.34
CA ILE I 19 1.96 43.57 -118.30
C ILE I 19 1.38 44.33 -117.10
N ARG I 20 0.52 45.31 -117.37
CA ARG I 20 -0.13 46.08 -116.32
C ARG I 20 -0.99 45.08 -115.55
N TYR I 21 -1.15 43.91 -116.16
CA TYR I 21 -1.90 42.82 -115.58
C TYR I 21 -0.96 41.62 -115.44
N LEU I 22 0.15 41.89 -114.76
CA LEU I 22 1.18 40.90 -114.46
C LEU I 22 1.85 41.43 -113.21
N GLN I 23 2.09 42.74 -113.20
CA GLN I 23 2.66 43.39 -112.02
C GLN I 23 1.62 43.10 -110.96
N GLU I 24 0.39 42.98 -111.43
CA GLU I 24 -0.77 42.71 -110.59
C GLU I 24 -0.75 41.28 -110.12
N ILE I 25 0.04 40.45 -110.79
CA ILE I 25 0.13 39.03 -110.47
C ILE I 25 1.50 38.67 -109.94
N TYR I 26 2.40 39.65 -109.96
CA TYR I 26 3.75 39.43 -109.44
C TYR I 26 3.70 40.08 -108.06
N ASN I 27 3.47 41.39 -108.06
CA ASN I 27 3.41 42.14 -106.83
C ASN I 27 2.39 41.52 -105.86
N SER I 28 1.63 40.55 -106.36
CA SER I 28 0.65 39.86 -105.53
C SER I 28 1.31 38.74 -104.78
N ASN I 29 1.93 37.82 -105.52
CA ASN I 29 2.62 36.69 -104.90
C ASN I 29 3.73 37.22 -103.98
N ASN I 30 4.60 38.06 -104.54
CA ASN I 30 5.70 38.68 -103.80
C ASN I 30 5.12 39.68 -102.79
N GLN I 31 3.94 39.33 -102.28
CA GLN I 31 3.23 40.13 -101.29
C GLN I 31 2.50 39.14 -100.41
N LYS I 32 1.79 38.22 -101.06
CA LYS I 32 1.05 37.20 -100.36
C LYS I 32 2.09 36.44 -99.57
N ILE I 33 3.20 36.16 -100.24
CA ILE I 33 4.31 35.44 -99.65
C ILE I 33 4.57 35.93 -98.23
N VAL I 34 4.45 37.24 -98.01
CA VAL I 34 4.66 37.81 -96.68
C VAL I 34 3.84 37.07 -95.65
N ASN I 35 2.55 36.89 -95.98
CA ASN I 35 1.57 36.21 -95.14
C ASN I 35 1.99 34.76 -94.90
N LEU I 36 2.29 34.07 -95.99
CA LEU I 36 2.70 32.68 -95.95
C LEU I 36 4.11 32.52 -95.35
N LYS I 37 4.53 33.53 -94.60
CA LYS I 37 5.83 33.51 -93.94
C LYS I 37 5.59 33.87 -92.49
N GLU I 38 4.36 33.60 -92.05
CA GLU I 38 3.89 33.83 -90.69
C GLU I 38 3.14 32.54 -90.39
N LYS I 39 2.23 32.21 -91.31
CA LYS I 39 1.44 31.01 -91.17
C LYS I 39 2.46 29.91 -90.92
N VAL I 40 3.24 29.59 -91.94
CA VAL I 40 4.25 28.57 -91.77
C VAL I 40 4.95 28.79 -90.43
N ALA I 41 5.47 29.99 -90.21
CA ALA I 41 6.15 30.29 -88.95
C ALA I 41 5.40 29.56 -87.83
N GLN I 42 4.18 30.03 -87.56
CA GLN I 42 3.34 29.49 -86.51
C GLN I 42 3.17 27.97 -86.53
N LEU I 43 3.11 27.37 -87.71
CA LEU I 43 2.97 25.91 -87.76
C LEU I 43 4.19 25.29 -87.09
N GLU I 44 5.36 25.75 -87.51
CA GLU I 44 6.65 25.30 -86.98
C GLU I 44 6.64 25.36 -85.45
N ALA I 45 6.06 26.42 -84.90
CA ALA I 45 5.98 26.61 -83.45
C ALA I 45 5.05 25.60 -82.83
N GLN I 46 4.87 24.48 -83.51
CA GLN I 46 4.01 23.42 -83.03
C GLN I 46 4.75 22.09 -83.13
N CYS I 47 5.24 21.77 -84.33
CA CYS I 47 5.96 20.53 -84.53
C CYS I 47 7.25 20.48 -83.75
N GLN I 48 7.26 21.08 -82.57
CA GLN I 48 8.46 21.10 -81.74
C GLN I 48 8.39 20.35 -80.41
N GLU I 49 7.27 19.67 -80.17
CA GLU I 49 7.13 18.87 -78.96
C GLU I 49 7.22 17.42 -79.37
N PRO I 50 7.57 16.53 -78.43
CA PRO I 50 7.68 15.10 -78.74
C PRO I 50 6.37 14.35 -78.55
N CYS I 51 6.27 13.14 -79.10
CA CYS I 51 5.05 12.38 -78.93
C CYS I 51 4.71 12.25 -77.43
N LYS I 52 3.42 12.20 -77.11
CA LYS I 52 3.00 12.08 -75.72
C LYS I 52 3.13 10.63 -75.30
N ASP I 53 3.77 10.41 -74.16
CA ASP I 53 3.98 9.06 -73.63
C ASP I 53 3.03 8.77 -72.48
N THR I 54 2.56 7.52 -72.42
CA THR I 54 1.65 7.05 -71.38
C THR I 54 2.33 6.84 -70.02
N VAL I 55 3.32 5.95 -70.01
CA VAL I 55 4.04 5.64 -68.79
C VAL I 55 4.66 6.87 -68.12
N GLN I 56 4.43 7.02 -66.82
CA GLN I 56 4.98 8.16 -66.08
C GLN I 56 5.27 7.87 -64.61
N ILE I 57 6.41 8.38 -64.18
CA ILE I 57 6.95 8.19 -62.82
C ILE I 57 6.53 9.19 -61.73
N HIS I 58 5.70 8.74 -60.78
CA HIS I 58 5.25 9.59 -59.69
C HIS I 58 6.45 9.96 -58.83
N ASP I 59 6.38 11.08 -58.13
CA ASP I 59 7.51 11.53 -57.32
C ASP I 59 7.71 10.89 -55.95
N ILE I 60 6.71 10.99 -55.08
CA ILE I 60 6.85 10.41 -53.74
C ILE I 60 7.57 9.06 -53.81
N THR I 61 8.57 8.91 -52.94
CA THR I 61 9.37 7.70 -52.83
C THR I 61 9.62 7.34 -51.35
N GLY I 62 10.43 6.31 -51.13
CA GLY I 62 10.75 5.87 -49.79
C GLY I 62 11.21 4.43 -49.77
N LYS I 63 11.12 3.81 -48.60
CA LYS I 63 11.52 2.41 -48.41
C LYS I 63 10.89 1.53 -49.48
N ASP I 64 9.67 1.07 -49.24
CA ASP I 64 8.99 0.24 -50.22
C ASP I 64 7.71 0.92 -50.70
N CYS I 65 6.93 0.19 -51.50
CA CYS I 65 5.67 0.72 -52.02
C CYS I 65 4.79 1.17 -50.89
N GLN I 66 4.82 0.42 -49.80
CA GLN I 66 3.99 0.76 -48.66
C GLN I 66 4.42 2.10 -48.09
N ASP I 67 5.67 2.22 -47.67
CA ASP I 67 6.14 3.46 -47.08
C ASP I 67 5.70 4.67 -47.87
N ILE I 68 6.07 4.71 -49.15
CA ILE I 68 5.70 5.82 -50.01
C ILE I 68 4.20 6.06 -49.87
N ALA I 69 3.40 5.06 -50.27
CA ALA I 69 1.94 5.14 -50.21
C ALA I 69 1.39 5.12 -48.80
N ASN I 70 1.95 6.00 -47.96
CA ASN I 70 1.57 6.21 -46.55
C ASN I 70 2.04 7.65 -46.27
N LYS I 71 2.61 8.25 -47.31
CA LYS I 71 3.13 9.61 -47.31
C LYS I 71 2.38 10.30 -48.46
N GLY I 72 1.16 9.81 -48.69
CA GLY I 72 0.32 10.30 -49.77
C GLY I 72 0.12 9.09 -50.64
N ALA I 73 -0.05 9.30 -51.95
CA ALA I 73 -0.22 8.20 -52.90
C ALA I 73 -1.61 7.57 -52.94
N LYS I 74 -1.92 6.93 -54.07
CA LYS I 74 -3.20 6.27 -54.30
C LYS I 74 -3.30 5.66 -55.70
N GLN I 75 -2.46 6.13 -56.62
CA GLN I 75 -2.47 5.61 -57.98
C GLN I 75 -1.48 4.43 -58.16
N SER I 76 -2.04 3.23 -58.23
CA SER I 76 -1.28 1.99 -58.41
C SER I 76 -0.43 2.07 -59.68
N GLY I 77 0.78 2.61 -59.58
CA GLY I 77 1.57 2.73 -60.80
C GLY I 77 3.04 2.37 -60.90
N LEU I 78 3.90 3.38 -60.75
CA LEU I 78 5.36 3.21 -60.86
C LEU I 78 6.11 4.29 -60.07
N TYR I 79 6.92 3.89 -59.09
CA TYR I 79 7.68 4.86 -58.31
C TYR I 79 9.08 4.30 -58.10
N PHE I 80 10.05 5.19 -57.89
CA PHE I 80 11.43 4.78 -57.63
C PHE I 80 11.59 4.59 -56.13
N ILE I 81 11.87 3.36 -55.73
CA ILE I 81 12.05 3.07 -54.30
C ILE I 81 13.54 2.92 -54.06
N LYS I 82 13.94 2.96 -52.81
CA LYS I 82 15.34 2.83 -52.47
C LYS I 82 15.47 2.25 -51.06
N PRO I 83 15.43 0.92 -50.95
CA PRO I 83 15.52 0.14 -49.71
C PRO I 83 16.47 0.71 -48.67
N LEU I 84 16.05 0.65 -47.41
CA LEU I 84 16.82 1.14 -46.28
C LEU I 84 18.30 1.00 -46.56
N LYS I 85 18.66 -0.18 -47.07
CA LYS I 85 20.04 -0.49 -47.43
C LYS I 85 20.04 -0.93 -48.88
N ALA I 86 20.54 -0.05 -49.75
CA ALA I 86 20.63 -0.29 -51.18
C ALA I 86 21.42 0.84 -51.86
N ASN I 87 21.32 0.93 -53.18
CA ASN I 87 22.03 1.97 -53.94
C ASN I 87 21.10 2.64 -54.96
N GLN I 88 21.30 2.29 -56.23
CA GLN I 88 20.51 2.83 -57.32
C GLN I 88 19.03 2.51 -57.10
N GLN I 89 18.27 3.48 -56.63
CA GLN I 89 16.83 3.28 -56.38
C GLN I 89 16.20 2.76 -57.67
N PHE I 90 15.74 1.52 -57.67
CA PHE I 90 15.16 0.98 -58.89
C PHE I 90 13.68 1.27 -59.07
N LEU I 91 13.12 0.77 -60.17
CA LEU I 91 11.72 1.03 -60.49
C LEU I 91 10.80 -0.16 -60.32
N VAL I 92 9.79 0.03 -59.48
CA VAL I 92 8.82 -0.99 -59.16
C VAL I 92 7.38 -0.66 -59.55
N TYR I 93 6.59 -1.70 -59.79
CA TYR I 93 5.18 -1.55 -60.16
C TYR I 93 4.25 -1.77 -58.96
N CYS I 94 4.06 -0.73 -58.15
CA CYS I 94 3.19 -0.81 -56.98
C CYS I 94 1.73 -1.08 -57.36
N GLU I 95 0.95 -1.49 -56.37
CA GLU I 95 -0.46 -1.77 -56.53
C GLU I 95 -1.17 -1.31 -55.25
N ILE I 96 -1.47 -0.02 -55.17
CA ILE I 96 -2.14 0.56 -54.01
C ILE I 96 -3.64 0.22 -53.95
N ASP I 97 -4.16 0.13 -52.73
CA ASP I 97 -5.56 -0.20 -52.49
C ASP I 97 -6.34 0.98 -51.91
N GLY I 98 -7.52 0.68 -51.35
CA GLY I 98 -8.33 1.71 -50.76
C GLY I 98 -7.99 1.89 -49.29
N SER I 99 -7.98 0.78 -48.55
CA SER I 99 -7.66 0.82 -47.13
C SER I 99 -6.44 1.70 -46.86
N GLY I 100 -5.37 1.50 -47.63
CA GLY I 100 -4.17 2.31 -47.44
C GLY I 100 -2.86 1.54 -47.42
N ASN I 101 -2.86 0.36 -48.04
CA ASN I 101 -1.66 -0.47 -48.08
C ASN I 101 -1.10 -0.55 -49.50
N GLY I 102 0.21 -0.38 -49.62
CA GLY I 102 0.83 -0.44 -50.94
C GLY I 102 1.67 -1.67 -51.23
N TRP I 103 1.11 -2.62 -52.00
CA TRP I 103 1.83 -3.83 -52.36
C TRP I 103 2.90 -3.45 -53.36
N THR I 104 3.69 -4.45 -53.76
CA THR I 104 4.74 -4.31 -54.75
C THR I 104 4.81 -5.68 -55.41
N VAL I 105 5.28 -5.73 -56.64
CA VAL I 105 5.32 -7.01 -57.31
C VAL I 105 6.71 -7.49 -57.68
N PHE I 106 6.86 -8.80 -57.85
CA PHE I 106 8.14 -9.36 -58.27
C PHE I 106 7.91 -10.24 -59.47
N GLN I 107 6.65 -10.36 -59.89
CA GLN I 107 6.36 -11.20 -61.05
C GLN I 107 5.28 -10.70 -62.02
N LYS I 108 4.37 -11.60 -62.39
CA LYS I 108 3.26 -11.31 -63.32
C LYS I 108 3.34 -12.13 -64.61
N ARG I 109 2.18 -12.46 -65.18
CA ARG I 109 2.10 -13.24 -66.42
C ARG I 109 0.73 -13.06 -67.08
N LEU I 110 0.70 -12.90 -68.40
CA LEU I 110 -0.57 -12.74 -69.09
C LEU I 110 -0.54 -13.10 -70.56
N ASP I 111 0.51 -12.69 -71.26
CA ASP I 111 0.61 -12.93 -72.70
C ASP I 111 1.57 -14.04 -73.12
N GLY I 112 2.80 -13.95 -72.62
CA GLY I 112 3.83 -14.91 -72.96
C GLY I 112 5.04 -14.12 -73.38
N SER I 113 4.83 -12.82 -73.61
CA SER I 113 5.88 -11.89 -74.04
C SER I 113 7.24 -12.08 -73.36
N VAL I 114 7.51 -11.37 -72.27
CA VAL I 114 8.80 -11.52 -71.60
C VAL I 114 9.02 -13.00 -71.32
N ASP I 115 9.82 -13.63 -72.16
CA ASP I 115 10.15 -15.06 -72.05
C ASP I 115 10.99 -15.34 -70.81
N PHE I 116 10.38 -16.03 -69.83
CA PHE I 116 11.08 -16.39 -68.60
C PHE I 116 11.90 -17.67 -68.77
N LYS I 117 13.02 -17.55 -69.47
CA LYS I 117 13.93 -18.65 -69.73
C LYS I 117 15.29 -17.97 -69.80
N LYS I 118 15.47 -16.97 -68.94
CA LYS I 118 16.71 -16.20 -68.90
C LYS I 118 17.84 -16.81 -68.07
N ASN I 119 18.92 -16.06 -67.93
CA ASN I 119 20.08 -16.52 -67.17
C ASN I 119 20.23 -15.83 -65.83
N TRP I 120 20.99 -16.48 -64.97
CA TRP I 120 21.27 -16.03 -63.62
C TRP I 120 21.46 -14.52 -63.46
N ILE I 121 22.41 -13.95 -64.18
CA ILE I 121 22.67 -12.52 -64.08
C ILE I 121 21.42 -11.72 -64.42
N GLN I 122 20.55 -12.32 -65.23
CA GLN I 122 19.30 -11.68 -65.64
C GLN I 122 18.21 -11.87 -64.59
N TYR I 123 18.12 -13.09 -64.06
CA TYR I 123 17.14 -13.38 -63.03
C TYR I 123 17.50 -12.64 -61.76
N LYS I 124 18.72 -12.11 -61.71
CA LYS I 124 19.23 -11.38 -60.55
C LYS I 124 18.84 -9.91 -60.57
N GLU I 125 19.53 -9.16 -61.43
CA GLU I 125 19.30 -7.73 -61.58
C GLU I 125 17.88 -7.48 -62.04
N GLY I 126 17.18 -8.57 -62.33
CA GLY I 126 15.80 -8.48 -62.76
C GLY I 126 15.76 -8.27 -64.24
N PHE I 127 14.70 -8.77 -64.88
CA PHE I 127 14.56 -8.62 -66.31
C PHE I 127 13.13 -8.32 -66.75
N GLY I 128 12.94 -8.24 -68.07
CA GLY I 128 11.62 -7.96 -68.61
C GLY I 128 11.27 -6.50 -68.47
N HIS I 129 10.04 -6.15 -68.87
CA HIS I 129 9.60 -4.76 -68.78
C HIS I 129 8.34 -4.55 -67.95
N LEU I 130 8.42 -3.52 -67.12
CA LEU I 130 7.33 -3.11 -66.24
C LEU I 130 6.22 -2.48 -67.09
N SER I 131 5.59 -1.43 -66.55
CA SER I 131 4.51 -0.72 -67.22
C SER I 131 3.82 0.14 -66.18
N PRO I 132 3.05 1.15 -66.60
CA PRO I 132 2.32 2.05 -65.71
C PRO I 132 1.08 1.36 -65.17
N THR I 133 0.34 0.73 -66.08
CA THR I 133 -0.85 0.00 -65.74
C THR I 133 -0.42 -1.18 -64.87
N GLY I 134 -0.01 -2.24 -65.54
CA GLY I 134 0.43 -3.44 -64.87
C GLY I 134 0.50 -4.55 -65.91
N THR I 135 -0.51 -4.57 -66.78
CA THR I 135 -0.57 -5.57 -67.84
C THR I 135 0.78 -5.57 -68.54
N THR I 136 1.55 -6.62 -68.30
CA THR I 136 2.87 -6.76 -68.89
C THR I 136 3.71 -7.76 -68.12
N GLU I 137 3.98 -8.91 -68.71
CA GLU I 137 4.82 -9.88 -68.03
C GLU I 137 6.12 -9.20 -67.63
N PHE I 138 6.63 -9.54 -66.46
CA PHE I 138 7.88 -8.98 -65.99
C PHE I 138 8.32 -9.74 -64.76
N TRP I 139 9.62 -9.67 -64.49
CA TRP I 139 10.22 -10.33 -63.35
C TRP I 139 11.13 -9.29 -62.73
N LEU I 140 10.69 -8.65 -61.66
CA LEU I 140 11.52 -7.63 -61.05
C LEU I 140 12.95 -8.13 -60.83
N GLY I 141 13.13 -9.43 -60.71
CA GLY I 141 14.46 -10.01 -60.51
C GLY I 141 14.95 -10.21 -59.10
N ASN I 142 15.31 -11.45 -58.78
CA ASN I 142 15.79 -11.86 -57.46
C ASN I 142 16.64 -10.84 -56.69
N GLU I 143 17.65 -10.26 -57.32
CA GLU I 143 18.47 -9.30 -56.59
C GLU I 143 17.59 -8.28 -55.94
N LYS I 144 16.93 -7.49 -56.77
CA LYS I 144 16.02 -6.44 -56.30
C LYS I 144 15.15 -6.98 -55.17
N ILE I 145 14.47 -8.09 -55.44
CA ILE I 145 13.61 -8.73 -54.47
C ILE I 145 14.27 -8.88 -53.10
N HIS I 146 15.61 -8.92 -53.07
CA HIS I 146 16.33 -9.07 -51.80
C HIS I 146 16.28 -7.82 -50.93
N LEU I 147 16.94 -6.77 -51.37
CA LEU I 147 17.02 -5.52 -50.61
C LEU I 147 15.67 -4.96 -50.23
N ILE I 148 14.62 -5.55 -50.79
CA ILE I 148 13.23 -5.17 -50.52
C ILE I 148 12.46 -6.31 -49.83
N SER I 149 13.09 -6.92 -48.84
CA SER I 149 12.50 -8.04 -48.11
C SER I 149 13.40 -8.30 -46.92
N THR I 150 14.58 -7.70 -46.94
CA THR I 150 15.55 -7.89 -45.87
C THR I 150 16.05 -6.56 -45.35
N GLN I 151 15.29 -5.52 -45.64
CA GLN I 151 15.59 -4.15 -45.20
C GLN I 151 15.16 -3.94 -43.74
N SER I 152 16.01 -4.37 -42.81
CA SER I 152 15.73 -4.31 -41.37
C SER I 152 14.74 -5.44 -41.00
N ALA I 153 14.35 -6.18 -42.04
CA ALA I 153 13.47 -7.33 -41.97
C ALA I 153 12.16 -7.26 -41.18
N ILE I 154 11.30 -6.31 -41.50
CA ILE I 154 10.00 -6.25 -40.82
C ILE I 154 9.17 -7.18 -41.72
N PRO I 155 8.91 -8.40 -41.24
CA PRO I 155 8.15 -9.48 -41.89
C PRO I 155 7.26 -9.14 -43.08
N TYR I 156 7.65 -9.60 -44.27
CA TYR I 156 6.85 -9.37 -45.46
C TYR I 156 6.01 -10.58 -45.75
N ALA I 157 5.51 -10.70 -46.98
CA ALA I 157 4.68 -11.83 -47.35
C ALA I 157 4.62 -11.92 -48.84
N LEU I 158 4.17 -13.05 -49.34
CA LEU I 158 4.02 -13.24 -50.78
C LEU I 158 2.54 -13.48 -50.99
N ARG I 159 1.98 -12.96 -52.07
CA ARG I 159 0.57 -13.18 -52.27
C ARG I 159 0.29 -13.83 -53.61
N VAL I 160 0.65 -15.09 -53.77
CA VAL I 160 0.41 -15.75 -55.04
C VAL I 160 -1.05 -15.64 -55.48
N GLU I 161 -1.25 -14.90 -56.57
CA GLU I 161 -2.58 -14.71 -57.15
C GLU I 161 -2.61 -15.56 -58.40
N LEU I 162 -3.80 -15.74 -58.96
CA LEU I 162 -3.91 -16.59 -60.13
C LEU I 162 -5.17 -16.26 -60.94
N GLU I 163 -5.50 -17.18 -61.85
CA GLU I 163 -6.68 -17.14 -62.71
C GLU I 163 -6.48 -18.29 -63.67
N ASP I 164 -7.23 -18.32 -64.76
CA ASP I 164 -7.08 -19.42 -65.70
C ASP I 164 -7.85 -19.16 -66.98
N TRP I 165 -7.89 -20.17 -67.85
CA TRP I 165 -8.62 -20.04 -69.11
C TRP I 165 -10.06 -20.47 -68.88
N ASN I 166 -10.58 -20.19 -67.69
CA ASN I 166 -11.96 -20.57 -67.36
C ASN I 166 -12.65 -19.65 -66.35
N GLY I 167 -11.97 -18.56 -65.97
CA GLY I 167 -12.59 -17.62 -65.05
C GLY I 167 -11.95 -17.35 -63.69
N ARG I 168 -12.24 -18.23 -62.75
CA ARG I 168 -11.76 -18.08 -61.38
C ARG I 168 -10.28 -17.76 -61.19
N THR I 169 -10.03 -17.10 -60.06
CA THR I 169 -8.69 -16.71 -59.66
C THR I 169 -8.50 -17.21 -58.24
N SER I 170 -7.39 -16.87 -57.61
CA SER I 170 -7.13 -17.33 -56.25
C SER I 170 -6.24 -16.40 -55.45
N THR I 171 -5.47 -16.99 -54.55
CA THR I 171 -4.55 -16.27 -53.69
C THR I 171 -3.95 -17.26 -52.72
N ALA I 172 -2.65 -17.19 -52.52
CA ALA I 172 -1.97 -18.07 -51.60
C ALA I 172 -1.03 -17.16 -50.83
N ASP I 173 -1.14 -17.17 -49.50
CA ASP I 173 -0.29 -16.33 -48.69
C ASP I 173 0.84 -17.05 -47.98
N TYR I 174 1.82 -16.26 -47.51
CA TYR I 174 2.99 -16.76 -46.80
C TYR I 174 3.54 -15.63 -45.97
N ALA I 175 3.93 -15.91 -44.74
CA ALA I 175 4.46 -14.86 -43.87
C ALA I 175 5.97 -14.86 -43.78
N MET I 176 6.47 -13.94 -42.97
CA MET I 176 7.90 -13.81 -42.75
C MET I 176 8.62 -14.17 -44.03
N PHE I 177 8.35 -13.33 -45.03
CA PHE I 177 8.87 -13.49 -46.37
C PHE I 177 10.25 -12.88 -46.51
N LYS I 178 11.08 -13.59 -47.26
CA LYS I 178 12.43 -13.14 -47.50
C LYS I 178 13.06 -13.99 -48.60
N VAL I 179 14.10 -13.45 -49.21
CA VAL I 179 14.84 -14.13 -50.26
C VAL I 179 16.31 -13.96 -49.86
N GLY I 180 17.03 -15.07 -49.73
CA GLY I 180 18.42 -15.01 -49.32
C GLY I 180 19.32 -14.22 -50.25
N PRO I 181 20.30 -13.46 -49.70
CA PRO I 181 21.21 -12.68 -50.55
C PRO I 181 21.84 -13.62 -51.57
N GLU I 182 22.33 -13.08 -52.68
CA GLU I 182 22.93 -13.94 -53.70
C GLU I 182 23.88 -14.95 -53.09
N ALA I 183 24.45 -14.60 -51.94
CA ALA I 183 25.37 -15.48 -51.23
C ALA I 183 24.70 -16.85 -51.12
N ASP I 184 23.92 -17.05 -50.07
CA ASP I 184 23.20 -18.31 -49.86
C ASP I 184 22.43 -18.68 -51.13
N LYS I 185 22.64 -17.88 -52.18
CA LYS I 185 21.98 -18.03 -53.47
C LYS I 185 20.63 -17.34 -53.36
N TYR I 186 19.71 -17.57 -54.28
CA TYR I 186 18.43 -16.90 -54.17
C TYR I 186 17.31 -17.79 -53.64
N ARG I 187 17.64 -18.47 -52.55
CA ARG I 187 16.75 -19.38 -51.84
C ARG I 187 15.75 -18.64 -50.94
N LEU I 188 14.47 -18.96 -51.08
CA LEU I 188 13.44 -18.32 -50.26
C LEU I 188 13.42 -18.87 -48.86
N THR I 189 12.83 -18.11 -47.96
CA THR I 189 12.77 -18.52 -46.57
C THR I 189 11.49 -18.03 -45.91
N TYR I 190 10.43 -18.84 -45.96
CA TYR I 190 9.19 -18.46 -45.30
C TYR I 190 8.81 -19.40 -44.16
N ALA I 191 7.71 -19.08 -43.49
CA ALA I 191 7.24 -19.86 -42.35
C ALA I 191 6.03 -20.76 -42.56
N TYR I 192 4.96 -20.25 -43.17
CA TYR I 192 3.78 -21.09 -43.37
C TYR I 192 2.78 -20.54 -44.37
N PHE I 193 2.01 -21.47 -44.95
CA PHE I 193 0.96 -21.17 -45.90
C PHE I 193 -0.11 -20.53 -45.03
N ALA I 194 -0.82 -19.53 -45.53
CA ALA I 194 -1.84 -18.86 -44.71
C ALA I 194 -3.16 -18.58 -45.39
N GLY I 195 -3.83 -19.62 -45.87
CA GLY I 195 -5.11 -19.41 -46.50
C GLY I 195 -5.06 -19.23 -48.01
N GLY I 196 -6.24 -19.04 -48.59
CA GLY I 196 -6.33 -18.88 -50.02
C GLY I 196 -6.72 -20.20 -50.64
N ASP I 197 -7.87 -20.23 -51.28
CA ASP I 197 -8.32 -21.46 -51.92
C ASP I 197 -7.32 -21.81 -53.01
N ALA I 198 -6.31 -20.95 -53.16
CA ALA I 198 -5.26 -21.11 -54.18
C ALA I 198 -4.56 -22.46 -54.09
N GLY I 199 -4.36 -22.90 -52.86
CA GLY I 199 -3.69 -24.16 -52.62
C GLY I 199 -2.26 -23.87 -52.18
N ASP I 200 -1.59 -24.89 -51.64
CA ASP I 200 -0.22 -24.75 -51.18
C ASP I 200 0.67 -25.85 -51.73
N ALA I 201 1.19 -25.61 -52.94
CA ALA I 201 2.07 -26.54 -53.62
C ALA I 201 3.54 -26.23 -53.26
N PHE I 202 3.72 -25.30 -52.33
CA PHE I 202 5.05 -24.97 -51.86
C PHE I 202 5.39 -25.88 -50.68
N ASP I 203 4.44 -26.74 -50.34
CA ASP I 203 4.58 -27.69 -49.23
C ASP I 203 4.62 -29.10 -49.79
N GLY I 204 5.04 -29.21 -51.05
CA GLY I 204 5.11 -30.51 -51.69
C GLY I 204 3.73 -30.98 -52.16
N PHE I 205 3.73 -32.03 -52.98
CA PHE I 205 2.49 -32.59 -53.49
C PHE I 205 2.82 -33.97 -54.04
N ASP I 206 2.24 -35.02 -53.46
CA ASP I 206 2.55 -36.37 -53.93
C ASP I 206 1.86 -36.73 -55.24
N PHE I 207 2.66 -36.93 -56.28
CA PHE I 207 2.13 -37.29 -57.59
C PHE I 207 2.00 -38.80 -57.70
N GLY I 208 2.32 -39.49 -56.62
CA GLY I 208 2.20 -40.95 -56.62
C GLY I 208 3.36 -41.72 -57.24
N ASP I 209 3.97 -41.15 -58.28
CA ASP I 209 5.10 -41.80 -58.95
C ASP I 209 6.04 -42.41 -57.91
N ASP I 210 6.10 -41.79 -56.74
CA ASP I 210 6.95 -42.22 -55.64
C ASP I 210 6.58 -41.41 -54.39
N PRO I 211 6.67 -42.02 -53.19
CA PRO I 211 6.33 -41.30 -51.96
C PRO I 211 7.01 -39.94 -51.96
N SER I 212 8.24 -39.96 -52.45
CA SER I 212 9.12 -38.79 -52.54
C SER I 212 8.61 -37.81 -53.60
N ASP I 213 7.56 -38.22 -54.30
CA ASP I 213 6.96 -37.38 -55.33
C ASP I 213 6.44 -36.15 -54.62
N LYS I 214 6.86 -35.96 -53.38
CA LYS I 214 6.43 -34.82 -52.59
C LYS I 214 7.52 -34.26 -51.69
N PHE I 215 8.51 -35.07 -51.31
CA PHE I 215 9.58 -34.58 -50.44
C PHE I 215 10.43 -33.57 -51.18
N PHE I 216 10.61 -33.84 -52.47
CA PHE I 216 11.40 -32.99 -53.36
C PHE I 216 10.61 -31.76 -53.80
N THR I 217 9.50 -32.00 -54.52
CA THR I 217 8.65 -30.93 -55.04
C THR I 217 8.21 -29.87 -54.04
N SER I 218 9.02 -29.64 -53.00
CA SER I 218 8.73 -28.61 -52.04
C SER I 218 9.54 -27.41 -52.54
N HIS I 219 8.99 -26.19 -52.45
CA HIS I 219 9.70 -25.01 -52.93
C HIS I 219 10.20 -24.11 -51.80
N ASN I 220 9.71 -24.37 -50.59
CA ASN I 220 10.11 -23.60 -49.43
C ASN I 220 11.53 -24.05 -49.04
N GLY I 221 12.46 -23.12 -49.04
CA GLY I 221 13.83 -23.46 -48.69
C GLY I 221 14.71 -23.89 -49.84
N MET I 222 14.11 -24.09 -51.01
CA MET I 222 14.85 -24.49 -52.20
C MET I 222 15.49 -23.30 -52.91
N GLN I 223 16.82 -23.30 -52.96
CA GLN I 223 17.58 -22.22 -53.60
C GLN I 223 17.15 -22.01 -55.06
N PHE I 224 17.59 -20.92 -55.66
CA PHE I 224 17.21 -20.63 -57.03
C PHE I 224 18.11 -21.28 -58.06
N SER I 225 17.47 -22.06 -58.94
CA SER I 225 18.17 -22.77 -59.99
C SER I 225 17.89 -22.23 -61.40
N THR I 226 18.77 -21.35 -61.87
CA THR I 226 18.64 -20.79 -63.21
C THR I 226 18.93 -21.98 -64.13
N TRP I 227 18.78 -21.81 -65.44
CA TRP I 227 19.07 -22.92 -66.35
C TRP I 227 20.58 -23.20 -66.33
N ASP I 228 21.36 -22.14 -66.07
CA ASP I 228 22.83 -22.23 -66.02
C ASP I 228 23.40 -21.80 -64.68
N ASN I 229 23.09 -22.60 -63.66
CA ASN I 229 23.53 -22.41 -62.28
C ASN I 229 22.43 -22.91 -61.35
N ASP I 230 22.41 -24.22 -61.12
CA ASP I 230 21.41 -24.82 -60.25
C ASP I 230 21.95 -25.12 -58.85
N ASN I 231 21.08 -24.94 -57.86
CA ASN I 231 21.43 -25.20 -56.46
C ASN I 231 20.32 -26.06 -55.88
N ASP I 232 19.67 -26.81 -56.76
CA ASP I 232 18.59 -27.68 -56.39
C ASP I 232 19.03 -28.99 -55.75
N LYS I 233 18.12 -29.95 -55.78
CA LYS I 233 18.38 -31.27 -55.21
C LYS I 233 18.03 -32.31 -56.26
N PHE I 234 18.66 -32.17 -57.41
CA PHE I 234 18.44 -33.11 -58.49
C PHE I 234 19.82 -33.64 -58.87
N GLU I 235 19.85 -34.61 -59.78
CA GLU I 235 21.13 -35.18 -60.24
C GLU I 235 21.78 -34.09 -61.07
N GLY I 236 21.06 -32.97 -61.23
CA GLY I 236 21.53 -31.83 -62.00
C GLY I 236 20.58 -30.65 -61.93
N ASN I 237 20.53 -29.85 -63.00
CA ASN I 237 19.66 -28.69 -63.05
C ASN I 237 18.27 -29.00 -63.59
N CYS I 238 17.28 -29.11 -62.70
CA CYS I 238 15.90 -29.40 -63.11
C CYS I 238 15.47 -28.30 -64.05
N ALA I 239 15.57 -27.06 -63.58
CA ALA I 239 15.20 -25.91 -64.38
C ALA I 239 15.44 -26.19 -65.86
N GLU I 240 16.70 -26.08 -66.26
CA GLU I 240 17.08 -26.31 -67.64
C GLU I 240 16.26 -27.43 -68.30
N GLN I 241 16.16 -28.59 -67.65
CA GLN I 241 15.42 -29.72 -68.20
C GLN I 241 14.12 -29.24 -68.85
N ASP I 242 13.22 -28.69 -68.04
CA ASP I 242 11.95 -28.19 -68.57
C ASP I 242 12.13 -26.72 -68.94
N GLY I 243 13.39 -26.30 -68.91
CA GLY I 243 13.76 -24.93 -69.23
C GLY I 243 13.07 -23.89 -68.38
N SER I 244 13.86 -23.18 -67.59
CA SER I 244 13.34 -22.13 -66.73
C SER I 244 14.31 -21.77 -65.62
N GLY I 245 13.93 -20.75 -64.85
CA GLY I 245 14.73 -20.31 -63.73
C GLY I 245 13.75 -20.16 -62.59
N TRP I 246 13.61 -21.21 -61.78
CA TRP I 246 12.67 -21.21 -60.67
C TRP I 246 13.13 -22.07 -59.52
N TRP I 247 13.09 -21.52 -58.31
CA TRP I 247 13.51 -22.23 -57.08
C TRP I 247 13.27 -23.74 -57.25
N MET I 248 14.25 -24.43 -57.83
CA MET I 248 14.10 -25.86 -58.09
C MET I 248 14.45 -26.84 -56.98
N ASN I 249 14.11 -28.10 -57.24
CA ASN I 249 14.34 -29.22 -56.35
C ASN I 249 14.44 -30.41 -57.31
N LYS I 250 14.08 -31.62 -56.86
CA LYS I 250 14.12 -32.79 -57.75
C LYS I 250 12.83 -32.67 -58.53
N CYS I 251 12.80 -31.44 -59.00
CA CYS I 251 11.90 -30.69 -59.81
C CYS I 251 10.80 -29.94 -59.05
N HIS I 252 9.63 -29.75 -59.64
CA HIS I 252 8.64 -28.92 -58.98
C HIS I 252 7.20 -29.38 -58.89
N ALA I 253 6.38 -28.42 -58.50
CA ALA I 253 4.92 -28.55 -58.36
C ALA I 253 4.46 -27.10 -58.18
N GLY I 254 4.16 -26.44 -59.29
CA GLY I 254 3.73 -25.06 -59.24
C GLY I 254 4.76 -24.24 -59.99
N HIS I 255 4.47 -23.94 -61.25
CA HIS I 255 5.41 -23.17 -62.07
C HIS I 255 4.84 -21.84 -62.63
N LEU I 256 5.33 -20.74 -62.08
CA LEU I 256 4.90 -19.40 -62.49
C LEU I 256 5.93 -18.71 -63.38
N ASN I 257 7.12 -19.32 -63.48
CA ASN I 257 8.19 -18.80 -64.31
C ASN I 257 8.38 -19.66 -65.56
N GLY I 258 7.51 -20.65 -65.74
CA GLY I 258 7.62 -21.58 -66.87
C GLY I 258 6.92 -21.36 -68.19
N VAL I 259 6.84 -22.44 -68.97
CA VAL I 259 6.22 -22.43 -70.31
C VAL I 259 4.79 -21.91 -70.31
N TYR I 260 4.63 -20.68 -70.78
CA TYR I 260 3.31 -20.04 -70.87
C TYR I 260 2.53 -20.61 -72.04
N TYR I 261 1.82 -21.69 -71.75
CA TYR I 261 1.02 -22.40 -72.74
C TYR I 261 -0.32 -21.74 -73.11
N GLN I 262 -0.63 -21.80 -74.41
CA GLN I 262 -1.87 -21.25 -74.97
C GLN I 262 -3.02 -22.22 -74.62
N GLY I 263 -4.18 -21.66 -74.27
CA GLY I 263 -5.29 -22.51 -73.91
C GLY I 263 -4.91 -23.37 -72.72
N GLY I 264 -3.72 -23.09 -72.18
CA GLY I 264 -3.22 -23.84 -71.03
C GLY I 264 -2.94 -25.31 -71.29
N THR I 265 -3.50 -26.15 -70.41
CA THR I 265 -3.37 -27.60 -70.47
C THR I 265 -2.46 -28.18 -71.56
N TYR I 266 -1.24 -28.56 -71.18
CA TYR I 266 -0.32 -29.14 -72.16
C TYR I 266 -0.23 -30.66 -72.05
N SER I 267 0.53 -31.29 -72.94
CA SER I 267 0.64 -32.74 -72.97
C SER I 267 2.03 -33.35 -72.76
N LYS I 268 2.23 -34.51 -73.38
CA LYS I 268 3.49 -35.24 -73.32
C LYS I 268 4.18 -34.96 -74.65
N ALA I 269 3.64 -33.98 -75.38
CA ALA I 269 4.15 -33.58 -76.68
C ALA I 269 5.00 -32.31 -76.65
N SER I 270 4.49 -31.27 -76.00
CA SER I 270 5.23 -30.02 -75.89
C SER I 270 6.32 -30.17 -74.83
N THR I 271 6.39 -31.36 -74.24
CA THR I 271 7.42 -31.63 -73.25
C THR I 271 8.71 -31.72 -74.05
N PRO I 272 9.58 -30.71 -73.90
CA PRO I 272 10.85 -30.69 -74.63
C PRO I 272 11.55 -32.01 -74.41
N ASN I 273 12.25 -32.08 -73.30
CA ASN I 273 12.98 -33.26 -72.94
C ASN I 273 12.01 -34.39 -72.56
N GLY I 274 10.79 -34.01 -72.21
CA GLY I 274 9.79 -35.01 -71.89
C GLY I 274 8.90 -34.80 -70.67
N TYR I 275 9.38 -34.06 -69.69
CA TYR I 275 8.59 -33.85 -68.48
C TYR I 275 7.97 -32.47 -68.28
N ASP I 276 7.21 -32.34 -67.20
CA ASP I 276 6.50 -31.10 -66.85
C ASP I 276 7.32 -29.83 -66.85
N ASN I 277 6.70 -28.74 -67.31
CA ASN I 277 7.36 -27.44 -67.40
C ASN I 277 6.31 -26.33 -67.47
N GLY I 278 5.12 -26.68 -67.96
CA GLY I 278 4.01 -25.74 -68.10
C GLY I 278 3.67 -24.91 -66.89
N ILE I 279 2.60 -24.12 -67.00
CA ILE I 279 2.18 -23.25 -65.90
C ILE I 279 1.28 -23.98 -64.92
N ILE I 280 1.79 -25.05 -64.34
CA ILE I 280 1.04 -25.88 -63.39
C ILE I 280 1.16 -25.43 -61.94
N TRP I 281 0.33 -26.05 -61.10
CA TRP I 281 0.26 -25.79 -59.66
C TRP I 281 -0.74 -26.78 -59.05
N ALA I 282 -0.24 -27.98 -58.74
CA ALA I 282 -1.05 -29.06 -58.17
C ALA I 282 -2.02 -28.76 -57.03
N THR I 283 -1.82 -27.67 -56.28
CA THR I 283 -2.77 -27.38 -55.20
C THR I 283 -3.89 -26.48 -55.71
N TRP I 284 -4.16 -26.60 -57.00
CA TRP I 284 -5.21 -25.85 -57.69
C TRP I 284 -5.58 -26.69 -58.91
N LYS I 285 -4.58 -26.95 -59.76
CA LYS I 285 -4.74 -27.74 -61.00
C LYS I 285 -3.60 -28.76 -61.11
N THR I 286 -3.74 -29.73 -62.02
CA THR I 286 -2.71 -30.76 -62.17
C THR I 286 -1.40 -30.24 -62.75
N ARG I 287 -0.63 -31.16 -63.34
CA ARG I 287 0.67 -30.85 -63.91
C ARG I 287 0.65 -30.65 -65.43
N TRP I 288 -0.52 -30.33 -65.98
CA TRP I 288 -0.64 -30.13 -67.42
C TRP I 288 -1.39 -28.83 -67.72
N TYR I 289 -2.28 -28.45 -66.82
CA TYR I 289 -3.04 -27.22 -66.97
C TYR I 289 -2.08 -26.05 -66.77
N SER I 290 -1.87 -25.27 -67.82
CA SER I 290 -0.99 -24.12 -67.72
C SER I 290 -1.83 -22.88 -67.44
N MET I 291 -1.64 -22.28 -66.28
CA MET I 291 -2.40 -21.09 -65.89
C MET I 291 -2.35 -20.03 -66.99
N LYS I 292 -3.37 -19.17 -67.09
CA LYS I 292 -3.36 -18.12 -68.10
C LYS I 292 -2.77 -16.84 -67.50
N LYS I 293 -3.21 -16.50 -66.30
CA LYS I 293 -2.71 -15.31 -65.63
C LYS I 293 -1.86 -15.75 -64.46
N THR I 294 -1.14 -14.81 -63.85
CA THR I 294 -0.26 -15.11 -62.73
C THR I 294 0.47 -13.86 -62.26
N THR I 295 0.64 -13.75 -60.95
CA THR I 295 1.32 -12.62 -60.37
C THR I 295 1.75 -12.99 -58.95
N MET I 296 2.76 -12.31 -58.43
CA MET I 296 3.23 -12.62 -57.11
C MET I 296 3.70 -11.37 -56.40
N LYS I 297 2.81 -10.74 -55.65
CA LYS I 297 3.18 -9.50 -54.96
C LYS I 297 3.45 -9.68 -53.48
N ILE I 298 4.21 -8.74 -52.92
CA ILE I 298 4.52 -8.78 -51.50
C ILE I 298 3.88 -7.60 -50.79
N ILE I 299 4.20 -7.43 -49.50
CA ILE I 299 3.68 -6.35 -48.66
C ILE I 299 3.99 -6.65 -47.20
N PRO I 300 4.25 -5.62 -46.37
CA PRO I 300 4.56 -5.79 -44.94
C PRO I 300 3.47 -6.52 -44.11
N PHE I 301 3.81 -7.70 -43.61
CA PHE I 301 2.91 -8.57 -42.83
C PHE I 301 1.70 -7.98 -42.11
N ASN I 302 1.94 -7.02 -41.24
CA ASN I 302 0.87 -6.39 -40.48
C ASN I 302 -0.11 -5.67 -41.40
N ARG I 303 -0.65 -6.41 -42.36
CA ARG I 303 -1.59 -5.87 -43.31
C ARG I 303 -2.67 -6.93 -43.58
N LEU I 304 -2.44 -8.13 -43.08
CA LEU I 304 -3.43 -9.20 -43.22
C LEU I 304 -4.23 -9.06 -41.93
N THR I 305 -5.46 -8.57 -42.04
CA THR I 305 -6.33 -8.34 -40.89
C THR I 305 -5.73 -7.13 -40.16
N ILE I 306 -5.66 -6.02 -40.89
CA ILE I 306 -5.08 -4.77 -40.38
C ILE I 306 -6.01 -3.95 -39.47
N GLY I 307 -7.29 -3.94 -39.81
CA GLY I 307 -8.24 -3.17 -39.02
C GLY I 307 -8.28 -1.70 -39.42
N GLU I 308 -7.12 -1.05 -39.44
CA GLU I 308 -7.03 0.38 -39.80
C GLU I 308 -6.37 0.63 -41.17
N ASP J 4 -19.51 -45.47 85.69
CA ASP J 4 -19.46 -44.54 84.53
C ASP J 4 -18.28 -44.94 83.65
N LEU J 5 -17.85 -46.20 83.79
CA LEU J 5 -16.75 -46.75 82.98
C LEU J 5 -17.40 -47.37 81.76
N ARG J 6 -18.43 -48.17 81.99
CA ARG J 6 -19.15 -48.79 80.90
C ARG J 6 -19.73 -47.62 80.12
N SER J 7 -20.00 -46.52 80.82
CA SER J 7 -20.58 -45.32 80.24
C SER J 7 -19.53 -44.46 79.51
N ARG J 8 -18.26 -44.85 79.61
CA ARG J 8 -17.16 -44.13 78.96
C ARG J 8 -16.81 -44.83 77.66
N ILE J 9 -17.43 -45.99 77.43
CA ILE J 9 -17.18 -46.76 76.23
C ILE J 9 -18.43 -46.78 75.36
N GLU J 10 -19.58 -46.85 75.98
CA GLU J 10 -20.83 -46.84 75.23
C GLU J 10 -20.83 -45.53 74.43
N VAL J 11 -20.34 -44.46 75.07
CA VAL J 11 -20.27 -43.14 74.44
C VAL J 11 -18.96 -43.03 73.63
N LEU J 12 -18.29 -44.17 73.46
CA LEU J 12 -17.03 -44.22 72.73
C LEU J 12 -17.18 -45.05 71.48
N LYS J 13 -17.64 -46.29 71.64
CA LYS J 13 -17.82 -47.18 70.50
C LYS J 13 -18.60 -46.44 69.41
N ARG J 14 -19.58 -45.64 69.84
CA ARG J 14 -20.40 -44.85 68.93
C ARG J 14 -19.59 -43.89 68.07
N LYS J 15 -18.65 -43.20 68.71
CA LYS J 15 -17.82 -42.23 67.99
C LYS J 15 -16.94 -42.88 66.91
N VAL J 16 -16.50 -44.11 67.15
CA VAL J 16 -15.65 -44.80 66.20
C VAL J 16 -16.37 -45.09 64.91
N ILE J 17 -17.29 -46.05 64.93
CA ILE J 17 -18.04 -46.40 63.74
C ILE J 17 -18.53 -45.11 63.10
N GLU J 18 -18.69 -44.07 63.90
CA GLU J 18 -19.12 -42.80 63.36
C GLU J 18 -17.98 -42.37 62.42
N LYS J 19 -16.75 -42.47 62.90
CA LYS J 19 -15.56 -42.11 62.11
C LYS J 19 -15.26 -43.18 61.06
N VAL J 20 -15.68 -44.42 61.33
CA VAL J 20 -15.47 -45.55 60.43
C VAL J 20 -16.20 -45.38 59.10
N GLN J 21 -17.42 -44.85 59.14
CA GLN J 21 -18.18 -44.68 57.93
C GLN J 21 -17.79 -43.41 57.19
N HIS J 22 -17.58 -42.31 57.92
CA HIS J 22 -17.18 -41.05 57.30
C HIS J 22 -15.84 -41.30 56.64
N ILE J 23 -15.18 -42.35 57.09
CA ILE J 23 -13.88 -42.79 56.57
C ILE J 23 -14.11 -43.95 55.61
N GLN J 24 -15.27 -43.90 54.96
CA GLN J 24 -15.72 -44.88 53.98
C GLN J 24 -16.62 -44.06 53.08
N LEU J 25 -16.44 -42.75 53.21
CA LEU J 25 -17.13 -41.72 52.46
C LEU J 25 -15.99 -41.27 51.55
N LEU J 26 -14.80 -41.47 52.09
CA LEU J 26 -13.57 -41.15 51.42
C LEU J 26 -13.36 -42.18 50.35
N GLN J 27 -13.10 -43.41 50.80
CA GLN J 27 -12.82 -44.50 49.92
C GLN J 27 -13.77 -44.54 48.73
N LYS J 28 -15.00 -44.09 48.93
CA LYS J 28 -16.00 -44.07 47.87
C LYS J 28 -15.70 -42.98 46.87
N ASN J 29 -15.36 -41.81 47.39
CA ASN J 29 -15.06 -40.64 46.59
C ASN J 29 -13.71 -40.72 45.91
N VAL J 30 -12.71 -41.18 46.64
CA VAL J 30 -11.36 -41.34 46.10
C VAL J 30 -11.40 -42.25 44.87
N ARG J 31 -12.19 -43.32 44.95
CA ARG J 31 -12.30 -44.27 43.84
C ARG J 31 -12.90 -43.56 42.65
N ALA J 32 -13.79 -42.64 42.95
CA ALA J 32 -14.43 -41.87 41.90
C ALA J 32 -13.37 -40.93 41.31
N GLN J 33 -12.80 -40.07 42.15
CA GLN J 33 -11.79 -39.11 41.71
C GLN J 33 -10.61 -39.77 41.02
N LEU J 34 -10.32 -41.00 41.43
CA LEU J 34 -9.22 -41.76 40.87
C LEU J 34 -9.58 -42.15 39.43
N VAL J 35 -10.83 -42.55 39.24
CA VAL J 35 -11.33 -42.92 37.93
C VAL J 35 -11.57 -41.65 37.14
N ASP J 36 -12.05 -40.63 37.83
CA ASP J 36 -12.27 -39.35 37.19
C ASP J 36 -10.95 -38.90 36.59
N MET J 37 -9.87 -39.16 37.31
CA MET J 37 -8.49 -38.81 36.90
C MET J 37 -8.01 -39.54 35.67
N LYS J 38 -7.96 -40.87 35.76
CA LYS J 38 -7.53 -41.69 34.65
C LYS J 38 -8.07 -41.11 33.37
N ARG J 39 -9.38 -40.93 33.33
CA ARG J 39 -9.98 -40.37 32.13
C ARG J 39 -9.42 -39.01 31.82
N LEU J 40 -9.50 -38.08 32.78
CA LEU J 40 -8.97 -36.77 32.51
C LEU J 40 -7.59 -36.90 31.87
N GLU J 41 -6.70 -37.67 32.53
CA GLU J 41 -5.34 -37.91 32.01
C GLU J 41 -5.25 -38.22 30.53
N VAL J 42 -6.10 -39.12 30.04
CA VAL J 42 -6.07 -39.49 28.62
C VAL J 42 -6.66 -38.38 27.78
N ASP J 43 -7.79 -37.84 28.25
CA ASP J 43 -8.48 -36.79 27.56
C ASP J 43 -7.57 -35.60 27.29
N ILE J 44 -6.69 -35.27 28.24
CA ILE J 44 -5.75 -34.17 28.04
C ILE J 44 -4.67 -34.65 27.09
N ASP J 45 -4.19 -35.87 27.29
CA ASP J 45 -3.16 -36.36 26.39
C ASP J 45 -3.66 -36.12 24.95
N ILE J 46 -4.76 -36.78 24.60
CA ILE J 46 -5.37 -36.65 23.27
C ILE J 46 -5.37 -35.20 22.78
N LYS J 47 -5.96 -34.30 23.56
CA LYS J 47 -6.03 -32.89 23.21
C LYS J 47 -4.69 -32.29 22.88
N ILE J 48 -3.74 -32.39 23.79
CA ILE J 48 -2.40 -31.88 23.51
C ILE J 48 -1.98 -32.37 22.12
N ARG J 49 -1.96 -33.68 21.92
CA ARG J 49 -1.55 -34.20 20.65
C ARG J 49 -2.31 -33.61 19.47
N SER J 50 -3.51 -33.10 19.69
CA SER J 50 -4.30 -32.54 18.59
C SER J 50 -3.86 -31.14 18.23
N CYS J 51 -2.88 -30.62 18.96
CA CYS J 51 -2.40 -29.32 18.64
C CYS J 51 -1.14 -29.42 17.80
N ARG J 52 -0.58 -30.62 17.69
CA ARG J 52 0.62 -30.79 16.89
C ARG J 52 0.49 -30.08 15.56
N GLY J 53 -0.58 -30.34 14.83
CA GLY J 53 -0.75 -29.69 13.55
C GLY J 53 -1.63 -28.45 13.65
N SER J 54 -1.22 -27.50 14.47
CA SER J 54 -1.99 -26.30 14.66
C SER J 54 -1.07 -25.37 15.40
N CYS J 55 -0.83 -25.66 16.67
CA CYS J 55 0.11 -24.92 17.51
C CYS J 55 1.45 -25.02 16.72
N SER J 56 2.61 -24.68 17.29
CA SER J 56 3.85 -24.81 16.50
C SER J 56 4.87 -25.72 17.15
N ARG J 57 5.07 -25.47 18.43
CA ARG J 57 5.96 -26.19 19.29
C ARG J 57 5.07 -27.26 19.94
N ALA J 58 5.37 -28.53 19.72
CA ALA J 58 4.56 -29.60 20.32
C ALA J 58 5.15 -30.18 21.59
N LEU J 59 4.29 -30.57 22.53
CA LEU J 59 4.74 -31.13 23.80
C LEU J 59 4.83 -32.65 23.76
N ALA J 60 6.04 -33.15 24.00
CA ALA J 60 6.30 -34.59 24.01
C ALA J 60 5.88 -35.12 25.36
N ARG J 61 5.05 -36.14 25.36
CA ARG J 61 4.63 -36.70 26.63
C ARG J 61 4.71 -38.20 26.75
N GLU J 62 4.30 -38.65 27.91
CA GLU J 62 4.24 -40.06 28.22
C GLU J 62 3.15 -40.11 29.29
N VAL J 63 2.43 -41.22 29.39
CA VAL J 63 1.41 -41.31 30.42
C VAL J 63 1.39 -42.69 31.09
N ASP J 64 1.90 -42.74 32.32
CA ASP J 64 1.92 -43.99 33.04
C ASP J 64 0.50 -44.23 33.47
N LEU J 65 -0.26 -44.79 32.54
CA LEU J 65 -1.65 -45.09 32.77
C LEU J 65 -1.74 -46.20 33.81
N LYS J 66 -0.62 -46.93 33.95
CA LYS J 66 -0.53 -48.06 34.84
C LYS J 66 -0.45 -47.67 36.28
N ASP J 67 0.02 -46.46 36.55
CA ASP J 67 0.15 -45.99 37.92
C ASP J 67 -1.21 -45.49 38.38
N TYR J 68 -2.26 -45.88 37.67
CA TYR J 68 -3.61 -45.48 38.04
C TYR J 68 -4.36 -46.73 38.45
N GLU J 69 -4.06 -47.83 37.79
CA GLU J 69 -4.69 -49.09 38.08
C GLU J 69 -4.10 -49.64 39.36
N ASP J 70 -2.83 -49.35 39.60
CA ASP J 70 -2.20 -49.84 40.81
C ASP J 70 -3.01 -49.30 41.96
N GLN J 71 -3.14 -47.99 42.01
CA GLN J 71 -3.90 -47.33 43.07
C GLN J 71 -5.36 -47.72 43.12
N GLN J 72 -5.91 -48.09 41.97
CA GLN J 72 -7.29 -48.53 41.91
C GLN J 72 -7.37 -49.88 42.59
N LYS J 73 -6.38 -50.71 42.32
CA LYS J 73 -6.34 -52.01 42.96
C LYS J 73 -6.24 -51.75 44.46
N GLN J 74 -5.12 -51.17 44.89
CA GLN J 74 -4.89 -50.89 46.30
C GLN J 74 -6.19 -50.50 47.00
N LEU J 75 -6.69 -49.29 46.75
CA LEU J 75 -7.94 -48.82 47.37
C LEU J 75 -8.96 -49.93 47.56
N GLU J 76 -9.04 -50.84 46.60
CA GLU J 76 -9.99 -51.96 46.64
C GLU J 76 -9.73 -52.94 47.79
N GLN J 77 -8.46 -53.12 48.12
CA GLN J 77 -8.12 -54.03 49.21
C GLN J 77 -8.81 -53.60 50.49
N VAL J 78 -8.79 -52.31 50.77
CA VAL J 78 -9.39 -51.83 52.01
C VAL J 78 -10.86 -51.45 51.96
N ILE J 79 -11.38 -51.07 50.80
CA ILE J 79 -12.78 -50.69 50.77
C ILE J 79 -13.61 -51.86 51.26
N ALA J 80 -13.01 -53.04 51.19
CA ALA J 80 -13.67 -54.27 51.62
C ALA J 80 -13.09 -54.84 52.94
N LYS J 81 -13.08 -54.02 54.00
CA LYS J 81 -12.52 -54.46 55.27
C LYS J 81 -13.35 -54.31 56.56
N ASP J 82 -14.31 -53.38 56.58
CA ASP J 82 -15.14 -53.22 57.77
C ASP J 82 -16.46 -52.55 57.44
N ILE K 20 -15.10 -53.76 65.21
CA ILE K 20 -15.19 -52.30 65.50
C ILE K 20 -14.88 -51.99 66.97
N ASP K 21 -14.13 -52.87 67.63
CA ASP K 21 -13.74 -52.70 69.02
C ASP K 21 -12.28 -52.16 69.07
N GLU K 22 -11.30 -53.04 68.83
CA GLU K 22 -9.88 -52.66 68.85
C GLU K 22 -9.44 -51.74 67.70
N THR K 23 -10.05 -51.93 66.53
CA THR K 23 -9.79 -51.15 65.31
C THR K 23 -8.71 -50.04 65.39
N VAL K 24 -9.10 -48.89 65.93
CA VAL K 24 -8.26 -47.70 66.09
C VAL K 24 -6.74 -47.84 66.09
N ASN K 25 -6.21 -49.01 66.46
CA ASN K 25 -4.76 -49.16 66.50
C ASN K 25 -4.12 -50.13 65.51
N SER K 26 -4.88 -50.57 64.51
CA SER K 26 -4.31 -51.48 63.52
C SER K 26 -5.16 -51.57 62.27
N ASN K 27 -6.37 -50.99 62.32
CA ASN K 27 -7.23 -51.02 61.16
C ASN K 27 -7.27 -49.65 60.50
N ILE K 28 -8.13 -48.75 61.01
CA ILE K 28 -8.21 -47.42 60.42
C ILE K 28 -6.83 -47.03 59.94
N PRO K 29 -5.81 -47.13 60.81
CA PRO K 29 -4.43 -46.78 60.43
C PRO K 29 -4.09 -47.27 59.05
N THR K 30 -3.68 -48.53 58.93
CA THR K 30 -3.34 -49.04 57.61
C THR K 30 -4.59 -49.37 56.79
N ASN K 31 -5.39 -48.33 56.57
CA ASN K 31 -6.63 -48.36 55.81
C ASN K 31 -6.87 -46.88 55.56
N LEU K 32 -6.03 -46.08 56.21
CA LEU K 32 -6.09 -44.64 56.12
C LEU K 32 -4.76 -44.18 55.59
N ARG K 33 -3.75 -45.05 55.73
CA ARG K 33 -2.44 -44.72 55.22
C ARG K 33 -2.58 -44.65 53.72
N VAL K 34 -3.29 -45.62 53.15
CA VAL K 34 -3.47 -45.62 51.72
C VAL K 34 -4.19 -44.35 51.26
N LEU K 35 -5.23 -43.96 51.99
CA LEU K 35 -5.99 -42.77 51.63
C LEU K 35 -5.08 -41.58 51.63
N ARG K 36 -3.89 -41.74 52.21
CA ARG K 36 -2.93 -40.65 52.26
C ARG K 36 -2.22 -40.64 50.92
N SER K 37 -1.63 -41.77 50.59
CA SER K 37 -0.88 -41.91 49.35
C SER K 37 -1.66 -41.57 48.10
N ILE K 38 -2.66 -42.39 47.80
CA ILE K 38 -3.46 -42.19 46.61
C ILE K 38 -3.74 -40.72 46.36
N LEU K 39 -4.04 -39.99 47.43
CA LEU K 39 -4.34 -38.56 47.30
C LEU K 39 -3.15 -37.69 47.04
N GLU K 40 -2.05 -38.01 47.70
CA GLU K 40 -0.85 -37.22 47.48
C GLU K 40 -0.48 -37.46 46.04
N ASN K 41 -0.60 -38.72 45.62
CA ASN K 41 -0.29 -39.10 44.25
C ASN K 41 -1.19 -38.35 43.26
N LEU K 42 -2.50 -38.36 43.50
CA LEU K 42 -3.40 -37.67 42.60
C LEU K 42 -3.18 -36.17 42.60
N ARG K 43 -2.58 -35.66 43.66
CA ARG K 43 -2.30 -34.22 43.74
C ARG K 43 -1.07 -33.92 42.86
N SER K 44 -0.12 -34.84 42.86
CA SER K 44 1.11 -34.69 42.13
C SER K 44 1.04 -35.20 40.71
N LYS K 45 -0.20 -35.34 40.23
CA LYS K 45 -0.46 -35.77 38.87
C LYS K 45 -1.14 -34.54 38.32
N ILE K 46 -2.02 -34.00 39.15
CA ILE K 46 -2.80 -32.83 38.77
C ILE K 46 -1.96 -31.63 38.39
N GLN K 47 -1.01 -31.28 39.26
CA GLN K 47 -0.14 -30.14 38.98
C GLN K 47 0.69 -30.46 37.76
N LYS K 48 0.88 -31.76 37.50
CA LYS K 48 1.67 -32.18 36.35
C LYS K 48 0.80 -31.94 35.12
N LEU K 49 -0.47 -32.32 35.20
CA LEU K 49 -1.32 -32.07 34.06
C LEU K 49 -1.49 -30.58 33.86
N GLU K 50 -1.77 -29.85 34.95
CA GLU K 50 -1.98 -28.40 34.91
C GLU K 50 -0.83 -27.63 34.31
N SER K 51 0.36 -28.20 34.40
CA SER K 51 1.54 -27.56 33.85
C SER K 51 1.54 -27.81 32.36
N ASP K 52 1.68 -29.10 31.99
CA ASP K 52 1.71 -29.48 30.58
C ASP K 52 0.69 -28.77 29.73
N VAL K 53 -0.43 -28.38 30.31
CA VAL K 53 -1.41 -27.67 29.51
C VAL K 53 -0.86 -26.26 29.25
N SER K 54 -0.43 -25.60 30.32
CA SER K 54 0.13 -24.27 30.23
C SER K 54 1.38 -24.40 29.37
N ALA K 55 2.03 -25.55 29.48
CA ALA K 55 3.22 -25.78 28.68
C ALA K 55 2.76 -25.67 27.24
N GLN K 56 1.80 -26.51 26.88
CA GLN K 56 1.27 -26.52 25.54
C GLN K 56 0.67 -25.19 25.18
N MET K 57 0.03 -24.55 26.14
CA MET K 57 -0.61 -23.26 25.85
C MET K 57 0.37 -22.27 25.22
N GLU K 58 1.54 -22.12 25.82
CA GLU K 58 2.55 -21.20 25.27
C GLU K 58 2.91 -21.63 23.83
N TYR K 59 3.33 -22.88 23.70
CA TYR K 59 3.71 -23.45 22.41
C TYR K 59 2.68 -23.19 21.30
N CYS K 60 1.61 -22.46 21.61
CA CYS K 60 0.56 -22.23 20.62
C CYS K 60 0.33 -20.81 20.12
N ARG K 61 0.95 -19.85 20.80
CA ARG K 61 0.79 -18.47 20.40
C ARG K 61 1.21 -18.36 18.95
N THR K 62 2.33 -18.98 18.62
CA THR K 62 2.85 -18.97 17.26
C THR K 62 2.36 -20.24 16.56
N PRO K 63 1.77 -20.11 15.37
CA PRO K 63 1.29 -21.31 14.68
C PRO K 63 2.37 -22.09 13.99
N CYS K 64 1.94 -23.21 13.38
CA CYS K 64 2.83 -24.09 12.64
C CYS K 64 2.77 -23.70 11.18
N THR K 65 3.79 -24.06 10.41
CA THR K 65 3.81 -23.68 9.01
C THR K 65 4.17 -24.76 8.05
N VAL K 66 3.93 -24.45 6.79
CA VAL K 66 4.20 -25.33 5.69
C VAL K 66 4.29 -24.45 4.45
N SER K 67 4.94 -24.98 3.42
CA SER K 67 5.13 -24.29 2.16
C SER K 67 4.72 -25.21 1.02
N CYS K 68 3.46 -25.18 0.67
CA CYS K 68 2.98 -26.06 -0.37
C CYS K 68 2.75 -25.38 -1.72
N ASN K 69 3.81 -25.34 -2.52
CA ASN K 69 3.75 -24.75 -3.87
C ASN K 69 2.75 -25.47 -4.77
N ILE K 70 1.80 -24.73 -5.32
CA ILE K 70 0.79 -25.33 -6.15
C ILE K 70 1.28 -25.96 -7.46
N PRO K 71 1.01 -27.27 -7.63
CA PRO K 71 1.36 -28.12 -8.78
C PRO K 71 0.55 -27.73 -10.01
N VAL K 72 1.17 -27.00 -10.91
CA VAL K 72 0.51 -26.55 -12.12
C VAL K 72 -0.75 -27.28 -12.59
N VAL K 73 -0.58 -28.41 -13.27
CA VAL K 73 -1.75 -29.15 -13.80
C VAL K 73 -2.93 -29.24 -12.83
N SER K 74 -4.11 -28.92 -13.33
CA SER K 74 -5.30 -28.95 -12.50
C SER K 74 -6.45 -29.62 -13.25
N GLY K 75 -7.58 -29.81 -12.57
CA GLY K 75 -8.71 -30.44 -13.21
C GLY K 75 -9.93 -30.56 -12.30
N LYS K 76 -11.05 -31.06 -12.84
CA LYS K 76 -12.28 -31.21 -12.08
C LYS K 76 -12.03 -31.95 -10.79
N GLU K 77 -11.10 -32.91 -10.81
CA GLU K 77 -10.69 -33.69 -9.64
C GLU K 77 -9.46 -34.51 -9.95
N CYS K 78 -8.99 -35.29 -8.96
CA CYS K 78 -7.80 -36.10 -9.14
C CYS K 78 -7.95 -37.13 -10.25
N GLU K 79 -9.12 -37.72 -10.40
CA GLU K 79 -9.35 -38.69 -11.47
C GLU K 79 -9.29 -38.03 -12.83
N GLU K 80 -9.14 -36.70 -12.86
CA GLU K 80 -9.02 -36.00 -14.12
C GLU K 80 -7.59 -35.54 -14.20
N ILE K 81 -7.07 -35.11 -13.07
CA ILE K 81 -5.70 -34.64 -13.02
C ILE K 81 -4.80 -35.82 -13.34
N ILE K 82 -5.27 -37.04 -13.05
CA ILE K 82 -4.46 -38.21 -13.34
C ILE K 82 -4.37 -38.35 -14.86
N ARG K 83 -5.52 -38.50 -15.50
CA ARG K 83 -5.59 -38.66 -16.94
C ARG K 83 -5.15 -37.40 -17.70
N LYS K 84 -4.35 -36.54 -17.06
CA LYS K 84 -3.89 -35.32 -17.71
C LYS K 84 -2.42 -35.07 -17.45
N GLY K 85 -1.77 -36.03 -16.79
CA GLY K 85 -0.36 -35.88 -16.51
C GLY K 85 -0.09 -36.01 -15.02
N GLY K 86 -1.18 -36.16 -14.27
CA GLY K 86 -1.11 -36.29 -12.81
C GLY K 86 -0.83 -37.72 -12.45
N GLU K 87 0.47 -38.03 -12.43
CA GLU K 87 0.97 -39.37 -12.14
C GLU K 87 1.52 -39.49 -10.73
N THR K 88 1.84 -38.35 -10.11
CA THR K 88 2.37 -38.31 -8.75
C THR K 88 1.30 -38.01 -7.67
N SER K 89 1.61 -38.30 -6.41
CA SER K 89 0.67 -38.06 -5.32
C SER K 89 1.16 -36.96 -4.40
N GLU K 90 0.31 -35.97 -4.20
CA GLU K 90 0.60 -34.83 -3.33
C GLU K 90 -0.60 -33.92 -3.42
N MET K 91 -0.41 -32.67 -3.00
CA MET K 91 -1.47 -31.67 -3.04
C MET K 91 -1.46 -30.93 -4.34
N TYR K 92 -2.59 -31.01 -5.04
CA TYR K 92 -2.79 -30.33 -6.30
C TYR K 92 -3.81 -29.23 -6.02
N LEU K 93 -4.53 -28.86 -7.08
CA LEU K 93 -5.57 -27.83 -7.01
C LEU K 93 -6.65 -28.27 -7.98
N ILE K 94 -7.84 -28.60 -7.48
CA ILE K 94 -8.91 -29.02 -8.38
C ILE K 94 -9.93 -27.94 -8.52
N GLN K 95 -10.90 -28.18 -9.40
CA GLN K 95 -11.97 -27.24 -9.67
C GLN K 95 -13.09 -27.95 -10.40
N PRO K 96 -14.01 -28.55 -9.64
CA PRO K 96 -15.13 -29.25 -10.28
C PRO K 96 -15.99 -28.27 -11.04
N ASP K 97 -17.12 -27.90 -10.44
CA ASP K 97 -18.05 -26.94 -11.03
C ASP K 97 -17.36 -25.56 -11.08
N SER K 98 -17.15 -25.02 -12.28
CA SER K 98 -16.49 -23.71 -12.41
C SER K 98 -17.28 -22.60 -11.70
N SER K 99 -18.47 -22.96 -11.23
CA SER K 99 -19.34 -22.06 -10.50
C SER K 99 -18.96 -22.24 -9.04
N VAL K 100 -17.71 -21.88 -8.74
CA VAL K 100 -17.07 -21.95 -7.41
C VAL K 100 -15.57 -21.95 -7.56
N LYS K 101 -14.90 -21.01 -6.89
CA LYS K 101 -13.44 -20.85 -6.95
C LYS K 101 -12.69 -22.09 -6.47
N PRO K 102 -11.49 -22.34 -7.04
CA PRO K 102 -10.62 -23.50 -6.71
C PRO K 102 -10.34 -23.81 -5.24
N TYR K 103 -9.75 -24.98 -5.02
CA TYR K 103 -9.38 -25.41 -3.68
C TYR K 103 -8.39 -26.54 -3.64
N ARG K 104 -7.55 -26.47 -2.62
CA ARG K 104 -6.51 -27.47 -2.36
C ARG K 104 -7.11 -28.79 -1.86
N VAL K 105 -6.55 -29.90 -2.33
CA VAL K 105 -7.00 -31.22 -1.93
C VAL K 105 -5.81 -32.17 -2.01
N TYR K 106 -5.93 -33.35 -1.42
CA TYR K 106 -4.84 -34.30 -1.51
C TYR K 106 -5.19 -35.38 -2.54
N CYS K 107 -4.35 -35.49 -3.57
CA CYS K 107 -4.57 -36.47 -4.63
C CYS K 107 -3.83 -37.78 -4.40
N ASP K 108 -4.45 -38.88 -4.81
CA ASP K 108 -3.84 -40.19 -4.67
C ASP K 108 -3.82 -40.84 -6.05
N MET K 109 -2.63 -40.98 -6.63
CA MET K 109 -2.53 -41.55 -7.96
C MET K 109 -1.73 -42.85 -7.98
N ASN K 110 -1.79 -43.61 -6.90
CA ASN K 110 -1.05 -44.86 -6.82
C ASN K 110 -1.98 -45.99 -6.44
N THR K 111 -2.57 -45.86 -5.26
CA THR K 111 -3.51 -46.85 -4.75
C THR K 111 -4.57 -47.13 -5.80
N GLU K 112 -4.89 -48.41 -5.95
CA GLU K 112 -5.84 -48.90 -6.94
C GLU K 112 -5.90 -48.00 -8.19
N ASN K 113 -4.74 -47.83 -8.81
CA ASN K 113 -4.56 -47.02 -10.03
C ASN K 113 -4.65 -45.52 -9.93
N GLY K 114 -4.75 -45.02 -8.71
CA GLY K 114 -4.80 -43.59 -8.53
C GLY K 114 -6.02 -42.81 -8.97
N GLY K 115 -5.81 -41.51 -9.06
CA GLY K 115 -6.87 -40.60 -9.43
C GLY K 115 -7.84 -40.53 -8.29
N TRP K 116 -7.35 -40.70 -7.06
CA TRP K 116 -8.21 -40.63 -5.88
C TRP K 116 -8.04 -39.30 -5.16
N THR K 117 -9.16 -38.64 -4.90
CA THR K 117 -9.15 -37.37 -4.20
C THR K 117 -9.47 -37.68 -2.75
N VAL K 118 -8.55 -37.36 -1.86
CA VAL K 118 -8.75 -37.65 -0.44
C VAL K 118 -9.77 -36.74 0.22
N ILE K 119 -10.66 -37.39 0.95
CA ILE K 119 -11.75 -36.74 1.67
C ILE K 119 -11.34 -36.57 3.13
N GLN K 120 -11.41 -37.65 3.88
CA GLN K 120 -11.02 -37.63 5.27
C GLN K 120 -9.71 -38.43 5.40
N ASN K 121 -8.85 -38.04 6.33
CA ASN K 121 -7.58 -38.76 6.53
C ASN K 121 -7.02 -38.57 7.93
N ARG K 122 -6.61 -39.71 8.52
CA ARG K 122 -6.06 -39.77 9.88
C ARG K 122 -4.80 -40.61 9.87
N GLN K 123 -3.81 -40.18 10.65
CA GLN K 123 -2.53 -40.89 10.74
C GLN K 123 -1.74 -40.62 12.00
N ASP K 124 -2.31 -39.85 12.91
CA ASP K 124 -1.66 -39.52 14.16
C ASP K 124 -2.56 -38.53 14.92
N GLY K 125 -2.04 -37.92 15.99
CA GLY K 125 -2.85 -36.98 16.76
C GLY K 125 -3.20 -35.69 16.03
N SER K 126 -2.21 -35.10 15.37
CA SER K 126 -2.33 -33.87 14.60
C SER K 126 -3.52 -32.95 14.88
N VAL K 127 -4.71 -33.32 14.41
CA VAL K 127 -5.84 -32.44 14.63
C VAL K 127 -7.12 -33.01 15.23
N ASP K 128 -7.86 -32.11 15.90
CA ASP K 128 -9.14 -32.39 16.55
C ASP K 128 -10.18 -32.64 15.46
N PHE K 129 -11.01 -33.66 15.67
CA PHE K 129 -12.07 -34.04 14.74
C PHE K 129 -13.39 -33.96 15.45
N GLY K 130 -13.35 -33.53 16.70
CA GLY K 130 -14.55 -33.38 17.48
C GLY K 130 -14.90 -31.92 17.36
N ARG K 131 -15.37 -31.51 16.19
CA ARG K 131 -15.70 -30.13 15.93
C ARG K 131 -17.18 -29.91 15.68
N LYS K 132 -17.60 -28.65 15.77
CA LYS K 132 -18.98 -28.25 15.56
C LYS K 132 -19.40 -28.45 14.12
N TRP K 133 -20.68 -28.21 13.84
CA TRP K 133 -21.22 -28.36 12.51
C TRP K 133 -20.52 -27.55 11.41
N ASP K 134 -20.35 -26.26 11.64
CA ASP K 134 -19.74 -25.41 10.62
C ASP K 134 -18.43 -25.94 10.08
N PRO K 135 -17.42 -26.14 10.94
CA PRO K 135 -16.12 -26.64 10.50
C PRO K 135 -16.25 -27.91 9.66
N TYR K 136 -16.98 -28.90 10.14
CA TYR K 136 -17.17 -30.11 9.37
C TYR K 136 -17.79 -29.79 8.03
N LYS K 137 -18.60 -28.74 7.98
CA LYS K 137 -19.24 -28.33 6.73
C LYS K 137 -18.32 -27.55 5.82
N GLN K 138 -17.26 -26.97 6.38
CA GLN K 138 -16.31 -26.15 5.63
C GLN K 138 -14.93 -26.78 5.47
N GLY K 139 -14.72 -27.92 6.11
CA GLY K 139 -13.43 -28.58 6.05
C GLY K 139 -12.46 -28.04 7.09
N PHE K 140 -11.59 -28.91 7.57
CA PHE K 140 -10.60 -28.51 8.55
C PHE K 140 -9.38 -29.43 8.54
N GLY K 141 -8.28 -28.93 9.10
CA GLY K 141 -7.04 -29.68 9.18
C GLY K 141 -6.01 -29.25 8.14
N ASN K 142 -4.95 -30.04 8.03
CA ASN K 142 -3.85 -29.77 7.10
C ASN K 142 -3.87 -30.74 5.94
N VAL K 143 -4.09 -30.21 4.74
CA VAL K 143 -4.17 -31.03 3.53
C VAL K 143 -2.83 -31.63 3.16
N ALA K 144 -1.73 -30.94 3.49
CA ALA K 144 -0.41 -31.45 3.14
C ALA K 144 0.78 -31.04 4.02
N THR K 145 1.80 -31.89 4.02
CA THR K 145 3.02 -31.66 4.78
C THR K 145 4.22 -31.71 3.84
N ASN K 146 5.18 -30.83 4.08
CA ASN K 146 6.37 -30.80 3.24
C ASN K 146 7.14 -32.09 3.39
N THR K 147 7.77 -32.51 2.29
CA THR K 147 8.58 -33.73 2.28
C THR K 147 10.00 -33.29 2.56
N ASP K 148 10.15 -32.28 3.42
CA ASP K 148 11.43 -31.73 3.80
C ASP K 148 12.49 -32.02 2.72
N GLY K 149 12.75 -31.01 1.91
CA GLY K 149 13.71 -31.14 0.83
C GLY K 149 13.00 -30.67 -0.42
N LYS K 150 12.02 -31.47 -0.86
CA LYS K 150 11.24 -31.12 -2.04
C LYS K 150 10.35 -29.95 -1.66
N ASN K 151 10.25 -28.98 -2.56
CA ASN K 151 9.43 -27.79 -2.31
C ASN K 151 7.92 -28.05 -2.22
N TYR K 152 7.48 -29.12 -2.88
CA TYR K 152 6.06 -29.50 -2.89
C TYR K 152 5.70 -30.29 -1.63
N CYS K 153 4.40 -30.50 -1.43
CA CYS K 153 3.93 -31.25 -0.27
C CYS K 153 3.33 -32.58 -0.72
N GLY K 154 4.15 -33.62 -0.70
CA GLY K 154 3.69 -34.94 -1.12
C GLY K 154 3.07 -35.67 0.03
N LEU K 155 3.19 -35.09 1.20
CA LEU K 155 2.62 -35.73 2.37
C LEU K 155 1.23 -35.20 2.69
N PRO K 156 0.29 -36.11 2.91
CA PRO K 156 -1.05 -35.63 3.25
C PRO K 156 -1.03 -35.34 4.76
N GLY K 157 -2.09 -34.74 5.25
CA GLY K 157 -2.17 -34.44 6.66
C GLY K 157 -3.47 -35.04 7.10
N GLU K 158 -3.96 -34.61 8.24
CA GLU K 158 -5.22 -35.12 8.70
C GLU K 158 -6.21 -34.03 8.37
N TYR K 159 -7.33 -34.41 7.80
CA TYR K 159 -8.32 -33.44 7.44
C TYR K 159 -9.65 -34.02 7.00
N TRP K 160 -10.65 -33.16 7.00
CA TRP K 160 -11.96 -33.53 6.53
C TRP K 160 -12.18 -32.53 5.46
N LEU K 161 -12.10 -32.94 4.20
CA LEU K 161 -12.34 -31.99 3.12
C LEU K 161 -13.74 -31.45 3.35
N GLY K 162 -13.92 -30.15 3.21
CA GLY K 162 -15.25 -29.61 3.46
C GLY K 162 -16.42 -30.58 3.27
N ASN K 163 -17.38 -30.54 4.20
CA ASN K 163 -18.54 -31.40 4.06
C ASN K 163 -19.39 -31.03 2.84
N ASP K 164 -19.45 -29.75 2.51
CA ASP K 164 -20.15 -29.35 1.30
C ASP K 164 -19.29 -29.98 0.23
N LYS K 165 -18.07 -29.45 0.12
CA LYS K 165 -17.07 -29.88 -0.85
C LYS K 165 -17.19 -31.34 -1.24
N ILE K 166 -17.47 -32.21 -0.28
CA ILE K 166 -17.60 -33.63 -0.57
C ILE K 166 -18.88 -33.87 -1.36
N SER K 167 -20.04 -33.72 -0.71
CA SER K 167 -21.34 -33.91 -1.34
C SER K 167 -21.36 -33.38 -2.78
N GLN K 168 -20.79 -32.20 -2.98
CA GLN K 168 -20.75 -31.60 -4.31
C GLN K 168 -20.24 -32.59 -5.36
N LEU K 169 -19.15 -33.27 -5.03
CA LEU K 169 -18.50 -34.25 -5.90
C LEU K 169 -19.32 -35.53 -6.08
N THR K 170 -19.91 -36.02 -5.00
CA THR K 170 -20.70 -37.23 -5.10
C THR K 170 -21.87 -37.01 -6.06
N ARG K 171 -22.46 -35.82 -5.96
CA ARG K 171 -23.59 -35.43 -6.79
C ARG K 171 -23.15 -35.14 -8.21
N MET K 172 -21.92 -34.65 -8.36
CA MET K 172 -21.35 -34.30 -9.67
C MET K 172 -21.30 -35.47 -10.63
N GLY K 173 -22.11 -36.50 -10.35
CA GLY K 173 -22.18 -37.71 -11.14
C GLY K 173 -21.82 -38.90 -10.24
N PRO K 174 -22.19 -40.14 -10.60
CA PRO K 174 -21.85 -41.29 -9.74
C PRO K 174 -20.34 -41.42 -9.48
N THR K 175 -20.01 -41.86 -8.26
CA THR K 175 -18.63 -42.02 -7.82
C THR K 175 -18.47 -43.17 -6.82
N GLU K 176 -17.28 -43.78 -6.83
CA GLU K 176 -16.93 -44.90 -5.95
C GLU K 176 -16.17 -44.43 -4.71
N LEU K 177 -16.35 -45.14 -3.60
CA LEU K 177 -15.72 -44.78 -2.32
C LEU K 177 -14.73 -45.81 -1.82
N LEU K 178 -13.60 -45.33 -1.33
CA LEU K 178 -12.57 -46.22 -0.83
C LEU K 178 -12.09 -45.91 0.57
N ILE K 179 -12.51 -46.71 1.55
CA ILE K 179 -12.07 -46.52 2.92
C ILE K 179 -10.93 -47.48 3.25
N GLU K 180 -9.85 -46.93 3.78
CA GLU K 180 -8.71 -47.75 4.12
C GLU K 180 -8.20 -47.49 5.51
N MET K 181 -7.98 -48.55 6.25
CA MET K 181 -7.47 -48.43 7.61
C MET K 181 -6.25 -49.31 7.80
N GLU K 182 -5.61 -49.14 8.96
CA GLU K 182 -4.42 -49.88 9.28
C GLU K 182 -4.20 -49.92 10.78
N ASP K 183 -4.06 -51.13 11.31
CA ASP K 183 -3.85 -51.34 12.73
C ASP K 183 -2.42 -51.02 13.21
N TRP K 184 -2.26 -50.93 14.53
CA TRP K 184 -0.97 -50.64 15.10
C TRP K 184 -0.02 -51.81 15.05
N LYS K 185 -0.18 -52.67 14.06
CA LYS K 185 0.71 -53.82 13.89
C LYS K 185 1.07 -53.99 12.42
N GLY K 186 0.83 -52.93 11.64
CA GLY K 186 1.18 -52.97 10.24
C GLY K 186 0.18 -53.43 9.21
N ASP K 187 -0.86 -54.14 9.61
CA ASP K 187 -1.85 -54.66 8.65
C ASP K 187 -2.90 -53.66 8.18
N LYS K 188 -3.41 -53.89 6.98
CA LYS K 188 -4.40 -53.00 6.36
C LYS K 188 -5.58 -53.73 5.74
N VAL K 189 -6.68 -53.00 5.53
CA VAL K 189 -7.87 -53.56 4.91
C VAL K 189 -8.56 -52.44 4.18
N LYS K 190 -9.29 -52.79 3.13
CA LYS K 190 -10.04 -51.83 2.32
C LYS K 190 -11.51 -52.05 2.59
N ALA K 191 -12.30 -51.00 2.52
CA ALA K 191 -13.73 -51.11 2.72
C ALA K 191 -14.40 -50.34 1.61
N HIS K 192 -14.02 -50.67 0.38
CA HIS K 192 -14.53 -50.08 -0.86
C HIS K 192 -16.07 -50.14 -1.10
N TYR K 193 -16.62 -49.03 -1.58
CA TYR K 193 -18.04 -48.95 -1.86
C TYR K 193 -18.33 -48.54 -3.29
N GLY K 194 -19.05 -49.41 -4.00
CA GLY K 194 -19.40 -49.15 -5.39
C GLY K 194 -20.05 -47.79 -5.60
N GLY K 195 -21.27 -47.62 -5.07
CA GLY K 195 -21.99 -46.36 -5.18
C GLY K 195 -21.83 -45.49 -3.94
N PHE K 196 -21.63 -44.18 -4.14
CA PHE K 196 -21.44 -43.24 -3.02
C PHE K 196 -21.93 -41.80 -3.20
N THR K 197 -22.75 -41.33 -2.27
CA THR K 197 -23.25 -39.95 -2.33
C THR K 197 -23.74 -39.37 -1.03
N VAL K 198 -23.50 -38.08 -0.91
CA VAL K 198 -23.94 -37.31 0.24
C VAL K 198 -24.82 -36.18 -0.29
N GLN K 199 -26.00 -36.02 0.29
CA GLN K 199 -26.91 -34.98 -0.16
C GLN K 199 -26.36 -33.55 0.04
N ASN K 200 -27.17 -32.55 -0.31
CA ASN K 200 -26.78 -31.16 -0.15
C ASN K 200 -26.91 -30.74 1.31
N GLU K 201 -26.21 -29.67 1.67
CA GLU K 201 -26.26 -29.20 3.06
C GLU K 201 -27.67 -29.15 3.61
N ALA K 202 -28.57 -28.51 2.86
CA ALA K 202 -29.96 -28.38 3.26
C ALA K 202 -30.58 -29.76 3.49
N ASN K 203 -30.08 -30.74 2.74
CA ASN K 203 -30.56 -32.10 2.86
C ASN K 203 -29.83 -32.81 4.01
N LYS K 204 -29.21 -32.00 4.87
CA LYS K 204 -28.46 -32.47 6.04
C LYS K 204 -27.30 -33.38 5.65
N TYR K 205 -26.86 -33.29 4.41
CA TYR K 205 -25.76 -34.13 3.94
C TYR K 205 -26.08 -35.59 4.27
N GLN K 206 -27.12 -36.14 3.66
CA GLN K 206 -27.50 -37.54 3.91
C GLN K 206 -26.50 -38.41 3.13
N ILE K 207 -26.14 -39.56 3.68
CA ILE K 207 -25.19 -40.44 3.01
C ILE K 207 -25.85 -41.71 2.46
N SER K 208 -25.34 -42.18 1.33
CA SER K 208 -25.84 -43.40 0.70
C SER K 208 -24.70 -44.17 0.02
N VAL K 209 -24.59 -45.45 0.35
CA VAL K 209 -23.56 -46.30 -0.24
C VAL K 209 -24.12 -47.67 -0.63
N ASN K 210 -23.58 -48.20 -1.72
CA ASN K 210 -23.97 -49.52 -2.24
C ASN K 210 -22.72 -50.17 -2.87
N LYS K 211 -22.89 -51.41 -3.30
CA LYS K 211 -21.79 -52.16 -3.91
C LYS K 211 -20.51 -52.29 -3.05
N TYR K 212 -20.65 -52.92 -1.88
CA TYR K 212 -19.52 -53.14 -0.96
C TYR K 212 -18.50 -54.09 -1.57
N ARG K 213 -17.24 -53.71 -1.42
CA ARG K 213 -16.14 -54.47 -1.97
C ARG K 213 -15.04 -54.38 -0.92
N GLY K 214 -14.51 -55.52 -0.46
CA GLY K 214 -13.44 -55.37 0.50
C GLY K 214 -13.19 -56.40 1.58
N THR K 215 -12.27 -56.05 2.49
CA THR K 215 -11.92 -56.93 3.57
C THR K 215 -12.03 -56.33 4.95
N ALA K 216 -12.46 -55.07 5.06
CA ALA K 216 -12.58 -54.46 6.37
C ALA K 216 -13.93 -54.72 7.05
N GLY K 217 -14.97 -54.98 6.26
CA GLY K 217 -16.29 -55.23 6.79
C GLY K 217 -17.26 -54.22 6.23
N ASN K 218 -18.43 -54.68 5.79
CA ASN K 218 -19.45 -53.80 5.22
C ASN K 218 -20.18 -52.94 6.28
N ALA K 219 -19.44 -52.43 7.25
CA ALA K 219 -20.02 -51.63 8.33
C ALA K 219 -21.05 -50.61 7.87
N LEU K 220 -20.66 -49.71 6.97
CA LEU K 220 -21.58 -48.68 6.52
C LEU K 220 -22.96 -49.21 6.15
N MET K 221 -23.02 -50.38 5.53
CA MET K 221 -24.29 -50.94 5.10
C MET K 221 -24.86 -52.03 5.96
N ASP K 222 -24.18 -52.42 7.02
CA ASP K 222 -24.73 -53.49 7.85
C ASP K 222 -24.38 -53.41 9.32
N GLY K 223 -23.35 -52.65 9.65
CA GLY K 223 -23.00 -52.53 11.04
C GLY K 223 -22.35 -53.76 11.60
N ALA K 224 -21.85 -53.61 12.81
CA ALA K 224 -21.15 -54.66 13.51
C ALA K 224 -21.72 -56.02 13.25
N SER K 225 -20.93 -56.80 12.52
CA SER K 225 -21.25 -58.16 12.19
C SER K 225 -21.30 -58.94 13.51
N GLN K 226 -20.71 -58.38 14.56
CA GLN K 226 -20.73 -59.03 15.86
C GLN K 226 -21.90 -58.57 16.72
N LEU K 227 -23.01 -58.27 16.06
CA LEU K 227 -24.21 -57.80 16.76
C LEU K 227 -25.50 -58.42 16.19
N MET K 228 -26.48 -58.64 17.07
CA MET K 228 -27.77 -59.23 16.68
C MET K 228 -28.91 -58.24 16.84
N GLY K 229 -30.09 -58.64 16.38
CA GLY K 229 -31.27 -57.80 16.50
C GLY K 229 -31.01 -56.32 16.30
N GLU K 230 -31.68 -55.49 17.11
CA GLU K 230 -31.54 -54.05 16.99
C GLU K 230 -30.11 -53.61 17.29
N ASN K 231 -29.46 -54.34 18.19
CA ASN K 231 -28.08 -54.08 18.55
C ASN K 231 -27.16 -54.09 17.31
N ARG K 232 -27.71 -54.31 16.12
CA ARG K 232 -26.91 -54.36 14.91
C ARG K 232 -27.39 -53.49 13.79
N THR K 233 -28.69 -53.28 13.73
CA THR K 233 -29.21 -52.46 12.66
C THR K 233 -29.14 -50.98 12.95
N MET K 234 -28.97 -50.64 14.22
CA MET K 234 -28.87 -49.24 14.59
C MET K 234 -27.47 -48.75 14.29
N THR K 235 -26.52 -49.68 14.29
CA THR K 235 -25.14 -49.34 13.99
C THR K 235 -24.98 -49.14 12.48
N ILE K 236 -26.03 -49.42 11.71
CA ILE K 236 -25.97 -49.27 10.26
C ILE K 236 -25.91 -47.78 9.90
N HIS K 237 -25.01 -47.42 9.00
CA HIS K 237 -24.84 -46.03 8.63
C HIS K 237 -25.54 -45.58 7.36
N ASN K 238 -25.85 -46.54 6.51
CA ASN K 238 -26.47 -46.24 5.24
C ASN K 238 -27.77 -45.44 5.45
N GLY K 239 -27.89 -44.34 4.72
CA GLY K 239 -29.05 -43.48 4.84
C GLY K 239 -29.18 -42.84 6.21
N MET K 240 -28.23 -41.96 6.54
CA MET K 240 -28.21 -41.27 7.83
C MET K 240 -27.80 -39.82 7.63
N PHE K 241 -28.18 -38.97 8.57
CA PHE K 241 -27.83 -37.57 8.48
C PHE K 241 -26.47 -37.35 9.10
N PHE K 242 -25.75 -36.32 8.66
CA PHE K 242 -24.47 -36.05 9.25
C PHE K 242 -24.76 -35.22 10.51
N SER K 243 -24.13 -35.55 11.63
CA SER K 243 -24.36 -34.84 12.89
C SER K 243 -23.06 -34.32 13.54
N THR K 244 -23.21 -33.45 14.53
CA THR K 244 -22.09 -32.86 15.26
C THR K 244 -22.56 -32.56 16.68
N TYR K 245 -21.66 -32.27 17.59
CA TYR K 245 -22.09 -32.01 18.95
C TYR K 245 -22.84 -30.70 19.09
N ASP K 246 -23.11 -30.06 17.96
CA ASP K 246 -23.85 -28.81 17.94
C ASP K 246 -24.91 -28.83 16.82
N ARG K 247 -25.29 -30.05 16.38
CA ARG K 247 -26.28 -30.23 15.32
C ARG K 247 -26.84 -31.65 15.26
N ASP K 248 -27.60 -32.05 16.29
CA ASP K 248 -28.16 -33.39 16.35
C ASP K 248 -29.08 -33.77 15.21
N ASN K 249 -28.74 -34.88 14.55
CA ASN K 249 -29.52 -35.45 13.45
C ASN K 249 -29.36 -36.95 13.61
N ASP K 250 -28.51 -37.39 14.53
CA ASP K 250 -28.34 -38.83 14.66
C ASP K 250 -29.67 -39.52 14.77
N GLY K 251 -29.63 -40.85 14.78
CA GLY K 251 -30.84 -41.62 14.86
C GLY K 251 -31.11 -42.10 16.26
N TRP K 252 -30.83 -41.23 17.22
CA TRP K 252 -31.02 -41.56 18.62
C TRP K 252 -31.96 -40.56 19.28
N LEU K 253 -33.10 -40.32 18.64
CA LEU K 253 -34.11 -39.39 19.14
C LEU K 253 -34.48 -39.61 20.60
N THR K 254 -34.05 -38.69 21.45
CA THR K 254 -34.32 -38.78 22.88
C THR K 254 -34.42 -37.41 23.53
N SER K 255 -34.46 -37.44 24.86
CA SER K 255 -34.58 -36.24 25.67
C SER K 255 -33.20 -35.71 26.03
N ASP K 256 -32.63 -36.28 27.10
CA ASP K 256 -31.31 -35.90 27.62
C ASP K 256 -30.40 -35.46 26.47
N PRO K 257 -30.02 -34.18 26.47
CA PRO K 257 -29.17 -33.61 25.43
C PRO K 257 -27.78 -34.23 25.47
N ARG K 258 -27.42 -34.78 26.61
CA ARG K 258 -26.12 -35.40 26.74
C ARG K 258 -26.10 -36.59 25.81
N LYS K 259 -27.26 -37.20 25.63
CA LYS K 259 -27.40 -38.36 24.76
C LYS K 259 -27.65 -38.03 23.29
N GLN K 260 -26.55 -37.69 22.63
CA GLN K 260 -26.53 -37.39 21.21
C GLN K 260 -25.35 -38.27 20.77
N CYS K 261 -25.51 -39.08 19.72
CA CYS K 261 -24.40 -39.94 19.32
C CYS K 261 -23.12 -39.17 19.11
N SER K 262 -23.21 -37.98 18.52
CA SER K 262 -22.02 -37.19 18.23
C SER K 262 -21.31 -36.66 19.45
N LYS K 263 -22.06 -36.35 20.51
CA LYS K 263 -21.42 -35.84 21.71
C LYS K 263 -20.55 -36.90 22.32
N GLU K 264 -21.11 -38.07 22.62
CA GLU K 264 -20.34 -39.21 23.16
C GLU K 264 -19.76 -39.72 21.86
N ASP K 265 -18.71 -40.53 21.86
CA ASP K 265 -18.13 -40.99 20.58
C ASP K 265 -17.44 -39.82 19.79
N GLY K 266 -17.49 -38.63 20.39
CA GLY K 266 -16.91 -37.42 19.85
C GLY K 266 -16.29 -37.25 18.47
N GLY K 267 -17.11 -36.85 17.51
CA GLY K 267 -16.62 -36.65 16.16
C GLY K 267 -17.79 -36.31 15.26
N GLY K 268 -17.51 -36.03 13.99
CA GLY K 268 -18.57 -35.72 13.04
C GLY K 268 -18.79 -36.90 12.14
N TRP K 269 -20.01 -37.41 12.13
CA TRP K 269 -20.29 -38.59 11.33
C TRP K 269 -21.78 -38.83 11.15
N TRP K 270 -22.13 -39.64 10.14
CA TRP K 270 -23.51 -40.04 9.84
C TRP K 270 -23.88 -41.11 10.87
N TYR K 271 -23.96 -40.68 12.12
CA TYR K 271 -24.28 -41.55 13.22
C TYR K 271 -25.67 -42.13 13.06
N ASN K 272 -26.17 -42.82 14.07
CA ASN K 272 -27.47 -43.49 14.02
C ASN K 272 -27.47 -44.49 15.18
N ARG K 273 -28.13 -44.13 16.28
CA ARG K 273 -28.16 -44.96 17.49
C ARG K 273 -26.80 -45.61 17.60
N CYS K 274 -25.93 -44.69 17.22
CA CYS K 274 -24.50 -44.56 17.10
C CYS K 274 -23.70 -45.17 15.99
N HIS K 275 -23.05 -46.30 16.15
CA HIS K 275 -22.28 -46.72 14.97
C HIS K 275 -21.69 -48.11 14.94
N ALA K 276 -21.10 -48.41 13.79
CA ALA K 276 -20.41 -49.66 13.58
C ALA K 276 -18.99 -49.23 13.24
N ALA K 277 -18.92 -48.09 12.56
CA ALA K 277 -17.68 -47.50 12.11
C ALA K 277 -17.62 -46.07 12.55
N ASN K 278 -16.59 -45.74 13.31
CA ASN K 278 -16.44 -44.40 13.79
C ASN K 278 -15.23 -43.66 13.26
N PRO K 279 -15.13 -43.47 11.93
CA PRO K 279 -13.91 -42.72 11.57
C PRO K 279 -14.19 -41.37 12.22
N ASN K 280 -13.19 -40.53 12.39
CA ASN K 280 -13.51 -39.23 13.00
C ASN K 280 -13.66 -39.33 14.51
N GLY K 281 -13.51 -40.54 15.03
CA GLY K 281 -13.59 -40.77 16.46
C GLY K 281 -12.40 -40.12 17.11
N ARG K 282 -12.03 -40.60 18.30
CA ARG K 282 -10.92 -40.06 19.05
C ARG K 282 -9.67 -40.84 18.74
N TYR K 283 -8.59 -40.16 18.40
CA TYR K 283 -7.35 -40.84 18.08
C TYR K 283 -6.51 -41.38 19.26
N TYR K 284 -6.74 -42.62 19.68
CA TYR K 284 -5.97 -43.20 20.79
C TYR K 284 -4.64 -43.79 20.35
N TRP K 285 -3.56 -43.51 21.08
CA TRP K 285 -2.27 -44.06 20.73
C TRP K 285 -2.25 -45.54 21.05
N GLY K 286 -1.59 -46.31 20.20
CA GLY K 286 -1.50 -47.74 20.45
C GLY K 286 -2.65 -48.56 19.92
N GLY K 287 -3.78 -47.91 19.70
CA GLY K 287 -4.94 -48.61 19.19
C GLY K 287 -5.82 -49.24 20.27
N GLN K 288 -5.23 -49.95 21.22
CA GLN K 288 -6.01 -50.58 22.25
C GLN K 288 -6.35 -49.63 23.38
N TYR K 289 -7.64 -49.44 23.62
CA TYR K 289 -8.10 -48.59 24.70
C TYR K 289 -9.28 -49.29 25.38
N THR K 290 -9.86 -48.65 26.40
CA THR K 290 -10.93 -49.26 27.16
C THR K 290 -12.00 -48.31 27.68
N TRP K 291 -13.10 -48.89 28.14
CA TRP K 291 -14.24 -48.13 28.61
C TRP K 291 -13.93 -47.03 29.60
N ASP K 292 -13.13 -47.35 30.61
CA ASP K 292 -12.76 -46.36 31.62
C ASP K 292 -11.77 -45.30 31.13
N MET K 293 -11.33 -45.43 29.87
CA MET K 293 -10.41 -44.46 29.31
C MET K 293 -11.19 -43.42 28.53
N ALA K 294 -12.38 -43.80 28.09
CA ALA K 294 -13.21 -42.90 27.29
C ALA K 294 -13.89 -41.85 28.14
N LYS K 295 -13.86 -40.62 27.66
CA LYS K 295 -14.45 -39.50 28.35
C LYS K 295 -15.90 -39.79 28.77
N HIS K 296 -16.66 -40.45 27.90
CA HIS K 296 -18.05 -40.80 28.21
C HIS K 296 -18.27 -42.31 28.23
N GLY K 297 -17.32 -43.05 28.75
CA GLY K 297 -17.46 -44.50 28.81
C GLY K 297 -17.89 -45.18 27.53
N THR K 298 -17.93 -44.48 26.40
CA THR K 298 -18.34 -45.06 25.12
C THR K 298 -17.11 -45.41 24.26
N ASP K 299 -17.33 -45.93 23.07
CA ASP K 299 -16.24 -46.30 22.19
C ASP K 299 -15.98 -45.26 21.12
N ASP K 300 -15.50 -44.08 21.52
CA ASP K 300 -15.16 -43.00 20.59
C ASP K 300 -13.75 -43.31 20.22
N GLY K 301 -13.46 -43.34 18.94
CA GLY K 301 -12.14 -43.68 18.52
C GLY K 301 -12.23 -44.05 17.06
N VAL K 302 -11.09 -44.01 16.39
CA VAL K 302 -11.04 -44.34 14.99
C VAL K 302 -11.25 -45.84 14.91
N VAL K 303 -12.51 -46.26 14.94
CA VAL K 303 -12.79 -47.66 14.90
C VAL K 303 -13.62 -48.12 13.73
N TRP K 304 -13.52 -49.41 13.48
CA TRP K 304 -14.25 -50.07 12.43
C TRP K 304 -14.56 -51.45 13.02
N MET K 305 -15.54 -51.47 13.91
CA MET K 305 -15.96 -52.66 14.62
C MET K 305 -15.80 -53.95 13.85
N ASN K 306 -16.23 -53.95 12.61
CA ASN K 306 -16.16 -55.14 11.77
C ASN K 306 -14.77 -55.76 11.60
N TRP K 307 -13.74 -55.08 12.10
CA TRP K 307 -12.41 -55.62 11.98
C TRP K 307 -11.81 -55.85 13.35
N LYS K 308 -11.79 -54.79 14.17
CA LYS K 308 -11.18 -54.86 15.48
C LYS K 308 -12.05 -54.58 16.70
N GLY K 309 -13.37 -54.69 16.54
CA GLY K 309 -14.26 -54.43 17.66
C GLY K 309 -14.32 -52.95 17.99
N SER K 310 -15.01 -52.62 19.09
CA SER K 310 -15.19 -51.25 19.52
C SER K 310 -14.00 -50.59 20.21
N TRP K 311 -13.21 -51.38 20.93
CA TRP K 311 -12.08 -50.85 21.69
C TRP K 311 -10.72 -50.86 21.00
N TYR K 312 -10.73 -50.62 19.70
CA TYR K 312 -9.49 -50.54 18.95
C TYR K 312 -9.54 -49.33 18.05
N SER K 313 -8.67 -48.37 18.34
CA SER K 313 -8.55 -47.12 17.58
C SER K 313 -7.49 -47.28 16.49
N MET K 314 -7.90 -47.15 15.23
CA MET K 314 -6.96 -47.32 14.11
C MET K 314 -5.83 -46.33 14.20
N ARG K 315 -4.75 -46.63 13.50
CA ARG K 315 -3.59 -45.75 13.47
C ARG K 315 -3.57 -45.04 12.16
N LYS K 316 -4.43 -45.49 11.26
CA LYS K 316 -4.56 -44.87 9.96
C LYS K 316 -5.93 -45.17 9.42
N MET K 317 -6.61 -44.10 9.00
CA MET K 317 -7.94 -44.22 8.47
C MET K 317 -8.05 -43.15 7.42
N SER K 318 -8.32 -43.55 6.18
CA SER K 318 -8.43 -42.59 5.10
C SER K 318 -9.68 -42.80 4.25
N MET K 319 -10.24 -41.70 3.78
CA MET K 319 -11.39 -41.75 2.90
C MET K 319 -10.99 -41.09 1.61
N LYS K 320 -10.91 -41.86 0.54
CA LYS K 320 -10.53 -41.33 -0.77
C LYS K 320 -11.71 -41.56 -1.72
N ILE K 321 -11.93 -40.61 -2.64
CA ILE K 321 -13.01 -40.76 -3.61
C ILE K 321 -12.61 -40.58 -5.08
N ARG K 322 -13.35 -41.26 -5.95
CA ARG K 322 -13.10 -41.23 -7.38
C ARG K 322 -14.39 -41.51 -8.18
N PRO K 323 -14.51 -40.96 -9.39
CA PRO K 323 -15.70 -41.19 -10.22
C PRO K 323 -15.67 -42.56 -10.87
N PHE K 324 -16.81 -43.24 -10.88
CA PHE K 324 -16.97 -44.58 -11.45
C PHE K 324 -15.87 -45.01 -12.44
N GLU L 4 -7.02 -49.95 81.79
CA GLU L 4 -8.13 -49.20 82.42
C GLU L 4 -7.98 -47.69 82.17
N ILE L 5 -7.54 -46.99 83.20
CA ILE L 5 -7.32 -45.54 83.15
C ILE L 5 -6.64 -45.18 81.83
N MET L 6 -5.68 -46.02 81.44
CA MET L 6 -4.96 -45.83 80.20
C MET L 6 -5.94 -46.07 79.06
N LYS L 7 -7.04 -45.31 79.07
CA LYS L 7 -8.05 -45.42 78.03
C LYS L 7 -7.69 -44.39 76.98
N TYR L 8 -6.40 -44.27 76.71
CA TYR L 8 -5.92 -43.33 75.73
C TYR L 8 -6.36 -43.78 74.35
N GLU L 9 -6.91 -44.99 74.29
CA GLU L 9 -7.43 -45.50 73.02
C GLU L 9 -8.61 -44.62 72.71
N ALA L 10 -9.56 -44.57 73.64
CA ALA L 10 -10.75 -43.74 73.49
C ALA L 10 -10.37 -42.27 73.43
N SER L 11 -9.07 -42.03 73.32
CA SER L 11 -8.51 -40.68 73.25
C SER L 11 -7.87 -40.48 71.88
N ILE L 12 -7.90 -41.53 71.07
CA ILE L 12 -7.31 -41.49 69.74
C ILE L 12 -8.26 -40.97 68.67
N LEU L 13 -8.84 -39.80 68.93
CA LEU L 13 -9.75 -39.18 67.97
C LEU L 13 -8.84 -38.14 67.32
N THR L 14 -7.58 -38.53 67.30
CA THR L 14 -6.48 -37.79 66.71
C THR L 14 -6.58 -38.23 65.28
N HIS L 15 -7.40 -39.24 65.06
CA HIS L 15 -7.64 -39.75 63.74
C HIS L 15 -8.64 -38.83 63.06
N ASP L 16 -9.57 -38.30 63.85
CA ASP L 16 -10.59 -37.38 63.33
C ASP L 16 -9.92 -36.24 62.55
N SER L 17 -8.79 -35.76 63.07
CA SER L 17 -8.06 -34.69 62.41
C SER L 17 -7.47 -35.24 61.12
N SER L 18 -6.96 -36.46 61.17
CA SER L 18 -6.39 -37.04 59.96
C SER L 18 -7.50 -37.27 58.95
N ILE L 19 -8.62 -37.77 59.44
CA ILE L 19 -9.75 -38.02 58.59
C ILE L 19 -10.17 -36.71 57.94
N ARG L 20 -9.99 -35.60 58.63
CA ARG L 20 -10.40 -34.31 58.08
C ARG L 20 -9.33 -33.67 57.22
N TYR L 21 -8.09 -34.08 57.45
CA TYR L 21 -6.96 -33.55 56.69
C TYR L 21 -7.05 -34.07 55.27
N LEU L 22 -7.52 -35.31 55.14
CA LEU L 22 -7.69 -35.91 53.84
C LEU L 22 -8.88 -35.23 53.18
N GLN L 23 -9.88 -34.89 53.99
CA GLN L 23 -11.07 -34.22 53.49
C GLN L 23 -10.59 -32.95 52.78
N GLU L 24 -9.66 -32.27 53.41
CA GLU L 24 -9.09 -31.07 52.81
C GLU L 24 -8.49 -31.44 51.45
N ILE L 25 -7.55 -32.39 51.42
CA ILE L 25 -6.93 -32.79 50.17
C ILE L 25 -7.97 -33.13 49.10
N TYR L 26 -8.74 -34.19 49.32
CA TYR L 26 -9.76 -34.56 48.35
C TYR L 26 -10.37 -33.31 47.74
N ASN L 27 -10.94 -32.47 48.61
CA ASN L 27 -11.58 -31.23 48.18
C ASN L 27 -10.69 -30.43 47.26
N SER L 28 -9.45 -30.21 47.69
CA SER L 28 -8.49 -29.47 46.89
C SER L 28 -8.30 -30.12 45.50
N ASN L 29 -8.04 -31.41 45.50
CA ASN L 29 -7.86 -32.15 44.27
C ASN L 29 -9.07 -32.06 43.38
N ASN L 30 -10.26 -32.17 43.97
CA ASN L 30 -11.49 -32.09 43.18
C ASN L 30 -11.71 -30.68 42.64
N GLN L 31 -11.39 -29.66 43.43
CA GLN L 31 -11.54 -28.29 42.96
C GLN L 31 -10.50 -28.04 41.88
N LYS L 32 -9.25 -28.40 42.18
CA LYS L 32 -8.19 -28.22 41.22
C LYS L 32 -8.61 -28.78 39.85
N ILE L 33 -9.10 -30.01 39.81
CA ILE L 33 -9.54 -30.60 38.53
C ILE L 33 -10.61 -29.74 37.86
N VAL L 34 -11.42 -29.05 38.65
CA VAL L 34 -12.47 -28.19 38.09
C VAL L 34 -11.81 -27.26 37.10
N ASN L 35 -10.97 -26.37 37.62
CA ASN L 35 -10.25 -25.41 36.80
C ASN L 35 -9.45 -26.07 35.70
N LEU L 36 -8.87 -27.24 35.96
CA LEU L 36 -8.11 -27.91 34.91
C LEU L 36 -9.03 -28.19 33.75
N LYS L 37 -10.15 -28.83 34.02
CA LYS L 37 -11.11 -29.13 32.96
C LYS L 37 -11.25 -27.92 32.03
N GLU L 38 -11.44 -26.74 32.62
CA GLU L 38 -11.60 -25.51 31.85
C GLU L 38 -10.33 -24.99 31.23
N LYS L 39 -9.24 -24.95 32.00
CA LYS L 39 -7.98 -24.48 31.45
C LYS L 39 -7.71 -25.34 30.23
N VAL L 40 -8.19 -26.57 30.25
CA VAL L 40 -8.00 -27.48 29.12
C VAL L 40 -8.97 -27.14 28.02
N ALA L 41 -10.13 -26.58 28.35
CA ALA L 41 -11.13 -26.20 27.33
C ALA L 41 -10.64 -25.02 26.51
N GLN L 42 -9.86 -24.15 27.16
CA GLN L 42 -9.27 -22.98 26.51
C GLN L 42 -8.19 -23.44 25.54
N LEU L 43 -7.38 -24.41 25.97
CA LEU L 43 -6.33 -24.95 25.10
C LEU L 43 -6.96 -25.47 23.81
N GLU L 44 -8.04 -26.24 23.93
CA GLU L 44 -8.73 -26.79 22.76
C GLU L 44 -8.99 -25.68 21.75
N ALA L 45 -9.54 -24.57 22.23
CA ALA L 45 -9.88 -23.42 21.37
C ALA L 45 -8.74 -22.99 20.47
N GLN L 46 -7.53 -23.06 21.01
CA GLN L 46 -6.34 -22.65 20.29
C GLN L 46 -5.73 -23.72 19.42
N CYS L 47 -6.49 -24.76 19.08
CA CYS L 47 -5.95 -25.83 18.25
C CYS L 47 -6.88 -26.15 17.09
N GLN L 48 -7.62 -25.13 16.64
CA GLN L 48 -8.56 -25.26 15.54
C GLN L 48 -7.93 -24.81 14.25
N GLU L 49 -7.07 -23.80 14.36
CA GLU L 49 -6.40 -23.26 13.20
C GLU L 49 -5.42 -24.25 12.65
N PRO L 50 -5.43 -24.47 11.33
CA PRO L 50 -4.49 -25.42 10.73
C PRO L 50 -3.12 -24.75 10.74
N CYS L 51 -2.18 -25.30 10.01
CA CYS L 51 -0.87 -24.69 9.95
C CYS L 51 -0.92 -23.67 8.84
N LYS L 52 -0.19 -22.57 9.02
CA LYS L 52 -0.17 -21.49 8.05
C LYS L 52 0.64 -21.77 6.76
N ASP L 53 -0.05 -22.01 5.66
CA ASP L 53 0.64 -22.25 4.38
C ASP L 53 1.40 -20.96 4.01
N THR L 54 2.62 -21.09 3.52
CA THR L 54 3.33 -19.89 3.17
C THR L 54 3.09 -19.49 1.72
N VAL L 55 2.36 -20.30 0.98
CA VAL L 55 2.10 -19.94 -0.41
C VAL L 55 0.73 -19.30 -0.54
N GLN L 56 0.76 -18.00 -0.78
CA GLN L 56 -0.44 -17.20 -0.91
C GLN L 56 -0.85 -16.92 -2.33
N ILE L 57 -2.14 -17.07 -2.61
CA ILE L 57 -2.69 -16.78 -3.92
C ILE L 57 -3.51 -15.49 -3.80
N HIS L 58 -3.00 -14.39 -4.40
CA HIS L 58 -3.69 -13.11 -4.33
C HIS L 58 -5.10 -13.17 -4.89
N ASP L 59 -5.99 -12.34 -4.36
CA ASP L 59 -7.38 -12.30 -4.79
C ASP L 59 -7.62 -11.69 -6.17
N ILE L 60 -6.69 -10.85 -6.62
CA ILE L 60 -6.81 -10.19 -7.92
C ILE L 60 -6.62 -11.17 -9.09
N THR L 61 -7.38 -10.94 -10.16
CA THR L 61 -7.31 -11.78 -11.37
C THR L 61 -7.39 -10.95 -12.67
N GLY L 62 -8.08 -11.46 -13.69
CA GLY L 62 -8.19 -10.71 -14.93
C GLY L 62 -7.87 -11.46 -16.21
N LYS L 63 -7.53 -10.71 -17.26
CA LYS L 63 -7.20 -11.30 -18.56
C LYS L 63 -5.84 -11.98 -18.47
N ASP L 64 -4.84 -11.25 -18.00
CA ASP L 64 -3.49 -11.80 -17.89
C ASP L 64 -2.68 -11.08 -16.82
N CYS L 65 -1.41 -11.43 -16.69
CA CYS L 65 -0.57 -10.81 -15.69
C CYS L 65 -0.48 -9.30 -15.79
N GLN L 66 -0.32 -8.77 -17.00
CA GLN L 66 -0.23 -7.32 -17.19
C GLN L 66 -1.54 -6.62 -16.79
N ASP L 67 -2.67 -7.15 -17.23
CA ASP L 67 -3.97 -6.60 -16.87
C ASP L 67 -4.02 -6.43 -15.35
N ILE L 68 -3.36 -7.36 -14.67
CA ILE L 68 -3.30 -7.38 -13.22
C ILE L 68 -2.63 -6.15 -12.61
N ALA L 69 -1.43 -5.80 -13.09
CA ALA L 69 -0.72 -4.63 -12.57
C ALA L 69 -1.60 -3.41 -12.83
N ASN L 70 -2.21 -3.42 -14.01
CA ASN L 70 -3.11 -2.37 -14.45
C ASN L 70 -4.45 -2.74 -13.87
N LYS L 71 -4.51 -2.74 -12.55
CA LYS L 71 -5.70 -3.11 -11.83
C LYS L 71 -5.18 -3.17 -10.40
N GLY L 72 -4.05 -2.53 -10.16
CA GLY L 72 -3.47 -2.56 -8.85
C GLY L 72 -2.62 -3.81 -8.83
N ALA L 73 -2.28 -4.32 -7.67
CA ALA L 73 -1.45 -5.53 -7.61
C ALA L 73 -0.01 -5.21 -7.98
N LYS L 74 0.81 -4.89 -6.99
CA LYS L 74 2.20 -4.58 -7.21
C LYS L 74 3.08 -5.71 -6.68
N GLN L 75 2.52 -6.56 -5.82
CA GLN L 75 3.31 -7.66 -5.25
C GLN L 75 3.46 -8.81 -6.24
N SER L 76 4.69 -9.24 -6.45
CA SER L 76 4.99 -10.34 -7.37
C SER L 76 4.59 -11.61 -6.67
N GLY L 77 4.07 -12.59 -7.40
CA GLY L 77 3.66 -13.81 -6.73
C GLY L 77 2.72 -14.71 -7.51
N LEU L 78 1.73 -15.29 -6.82
CA LEU L 78 0.78 -16.18 -7.50
C LEU L 78 -0.64 -15.66 -7.66
N TYR L 79 -1.08 -15.55 -8.91
CA TYR L 79 -2.42 -15.04 -9.22
C TYR L 79 -3.15 -16.00 -10.16
N PHE L 80 -4.48 -15.94 -10.11
CA PHE L 80 -5.34 -16.75 -10.98
C PHE L 80 -5.65 -15.87 -12.19
N ILE L 81 -5.89 -16.46 -13.35
CA ILE L 81 -6.25 -15.64 -14.52
C ILE L 81 -7.25 -16.37 -15.40
N LYS L 82 -7.95 -15.61 -16.22
CA LYS L 82 -8.92 -16.16 -17.16
C LYS L 82 -8.93 -15.30 -18.39
N PRO L 83 -8.18 -15.71 -19.43
CA PRO L 83 -8.10 -14.96 -20.68
C PRO L 83 -9.49 -14.61 -21.18
N LEU L 84 -9.57 -13.55 -21.98
CA LEU L 84 -10.83 -13.06 -22.51
C LEU L 84 -11.65 -14.11 -23.26
N LYS L 85 -11.09 -15.30 -23.48
CA LYS L 85 -11.83 -16.35 -24.18
C LYS L 85 -11.52 -17.76 -23.69
N ALA L 86 -11.23 -17.88 -22.40
CA ALA L 86 -10.89 -19.18 -21.80
C ALA L 86 -12.09 -19.95 -21.24
N ASN L 87 -11.79 -21.07 -20.62
CA ASN L 87 -12.81 -21.90 -20.01
C ASN L 87 -12.74 -21.54 -18.53
N GLN L 88 -12.24 -22.42 -17.66
CA GLN L 88 -12.14 -22.05 -16.25
C GLN L 88 -10.88 -21.20 -16.12
N GLN L 89 -10.62 -20.66 -14.94
CA GLN L 89 -9.42 -19.87 -14.75
C GLN L 89 -8.26 -20.81 -14.41
N PHE L 90 -7.08 -20.25 -14.17
CA PHE L 90 -5.92 -21.03 -13.80
C PHE L 90 -4.80 -20.19 -13.18
N LEU L 91 -4.21 -20.71 -12.11
CA LEU L 91 -3.14 -20.05 -11.40
C LEU L 91 -1.92 -19.91 -12.30
N VAL L 92 -1.12 -18.86 -12.08
CA VAL L 92 0.10 -18.55 -12.84
C VAL L 92 1.04 -17.64 -12.04
N TYR L 93 2.33 -17.61 -12.39
CA TYR L 93 3.27 -16.74 -11.67
C TYR L 93 3.41 -15.40 -12.35
N CYS L 94 3.02 -14.31 -11.68
CA CYS L 94 3.16 -12.99 -12.30
C CYS L 94 4.32 -12.21 -11.75
N GLU L 95 5.24 -11.84 -12.64
CA GLU L 95 6.42 -11.07 -12.27
C GLU L 95 6.00 -9.61 -12.32
N ILE L 96 6.29 -8.86 -11.27
CA ILE L 96 5.89 -7.46 -11.24
C ILE L 96 6.97 -6.54 -10.73
N ASP L 97 7.23 -5.50 -11.54
CA ASP L 97 8.25 -4.52 -11.24
C ASP L 97 7.67 -3.24 -10.68
N GLY L 98 8.54 -2.47 -10.02
CA GLY L 98 8.12 -1.21 -9.46
C GLY L 98 8.04 -0.24 -10.62
N SER L 99 7.42 -0.69 -11.70
CA SER L 99 7.25 0.13 -12.90
C SER L 99 5.93 -0.21 -13.61
N GLY L 100 5.11 -1.03 -12.95
CA GLY L 100 3.82 -1.38 -13.52
C GLY L 100 3.82 -2.29 -14.73
N ASN L 101 4.72 -3.26 -14.74
CA ASN L 101 4.76 -4.18 -15.86
C ASN L 101 4.42 -5.56 -15.39
N GLY L 102 3.22 -6.00 -15.75
CA GLY L 102 2.74 -7.31 -15.35
C GLY L 102 3.14 -8.45 -16.25
N TRP L 103 4.37 -8.89 -16.08
CA TRP L 103 4.87 -10.00 -16.87
C TRP L 103 4.11 -11.27 -16.47
N THR L 104 4.03 -12.22 -17.39
CA THR L 104 3.39 -13.50 -17.10
C THR L 104 4.37 -14.62 -17.49
N VAL L 105 4.87 -15.32 -16.48
CA VAL L 105 5.84 -16.38 -16.70
C VAL L 105 5.20 -17.73 -16.97
N PHE L 106 5.57 -18.35 -18.09
CA PHE L 106 4.99 -19.66 -18.43
C PHE L 106 6.00 -20.80 -18.50
N GLN L 107 7.29 -20.47 -18.48
CA GLN L 107 8.32 -21.50 -18.51
C GLN L 107 9.56 -21.10 -17.73
N LYS L 108 9.93 -21.83 -16.69
CA LYS L 108 11.18 -21.49 -15.99
C LYS L 108 12.07 -22.68 -15.63
N ARG L 109 13.38 -22.44 -15.56
CA ARG L 109 14.35 -23.48 -15.23
C ARG L 109 15.42 -22.97 -14.26
N LEU L 110 15.71 -23.75 -13.22
CA LEU L 110 16.72 -23.37 -12.23
C LEU L 110 17.57 -24.51 -11.67
N ASP L 111 17.01 -25.71 -11.55
CA ASP L 111 17.77 -26.82 -10.98
C ASP L 111 17.37 -28.24 -11.41
N GLY L 112 17.00 -28.41 -12.68
CA GLY L 112 16.61 -29.72 -13.18
C GLY L 112 15.63 -30.50 -12.33
N SER L 113 15.04 -29.83 -11.33
CA SER L 113 14.08 -30.44 -10.42
C SER L 113 13.07 -31.32 -11.14
N VAL L 114 12.68 -30.93 -12.34
CA VAL L 114 11.70 -31.70 -13.08
C VAL L 114 12.15 -32.14 -14.45
N ASP L 115 11.50 -33.17 -14.97
CA ASP L 115 11.83 -33.67 -16.29
C ASP L 115 10.81 -33.16 -17.31
N PHE L 116 11.35 -32.58 -18.38
CA PHE L 116 10.51 -32.07 -19.44
C PHE L 116 10.23 -33.13 -20.49
N LYS L 117 10.84 -34.30 -20.32
CA LYS L 117 10.65 -35.41 -21.24
C LYS L 117 9.24 -35.92 -21.01
N LYS L 118 8.32 -35.02 -20.71
CA LYS L 118 6.93 -35.38 -20.51
C LYS L 118 6.39 -35.56 -21.92
N ASN L 119 5.24 -36.20 -22.04
CA ASN L 119 4.67 -36.42 -23.36
C ASN L 119 3.89 -35.20 -23.87
N TRP L 120 2.96 -35.47 -24.77
CA TRP L 120 2.12 -34.43 -25.34
C TRP L 120 1.15 -33.92 -24.29
N ILE L 121 0.17 -34.74 -23.94
CA ILE L 121 -0.83 -34.35 -22.95
C ILE L 121 -0.29 -33.53 -21.76
N GLN L 122 0.91 -33.85 -21.31
CA GLN L 122 1.47 -33.14 -20.18
C GLN L 122 2.06 -31.80 -20.55
N TYR L 123 2.51 -31.67 -21.78
CA TYR L 123 3.07 -30.39 -22.19
C TYR L 123 1.94 -29.38 -22.43
N LYS L 124 0.76 -29.91 -22.77
CA LYS L 124 -0.47 -29.16 -23.00
C LYS L 124 -1.05 -28.63 -21.69
N GLU L 125 -1.46 -29.57 -20.84
CA GLU L 125 -2.06 -29.30 -19.54
C GLU L 125 -1.05 -28.67 -18.56
N GLY L 126 0.24 -28.80 -18.89
CA GLY L 126 1.28 -28.23 -18.04
C GLY L 126 1.81 -29.12 -16.93
N PHE L 127 2.91 -28.67 -16.34
CA PHE L 127 3.53 -29.40 -15.25
C PHE L 127 4.56 -28.48 -14.65
N GLY L 128 5.09 -28.86 -13.50
CA GLY L 128 6.05 -28.01 -12.83
C GLY L 128 5.31 -27.51 -11.61
N HIS L 129 5.93 -26.58 -10.89
CA HIS L 129 5.33 -26.03 -9.68
C HIS L 129 5.35 -24.52 -9.64
N LEU L 130 4.19 -23.91 -9.46
CA LEU L 130 4.13 -22.48 -9.36
C LEU L 130 4.42 -22.12 -7.93
N SER L 131 5.17 -21.04 -7.73
CA SER L 131 5.52 -20.57 -6.38
C SER L 131 5.23 -19.08 -6.15
N PRO L 132 5.22 -18.65 -4.89
CA PRO L 132 4.95 -17.24 -4.63
C PRO L 132 6.25 -16.46 -4.68
N THR L 133 7.27 -17.06 -5.26
CA THR L 133 8.57 -16.38 -5.33
C THR L 133 9.38 -16.75 -6.56
N GLY L 134 8.77 -17.55 -7.43
CA GLY L 134 9.43 -17.98 -8.64
C GLY L 134 10.62 -18.90 -8.44
N THR L 135 10.87 -19.32 -7.21
CA THR L 135 12.01 -20.21 -6.93
C THR L 135 11.71 -21.64 -7.36
N THR L 136 11.13 -21.81 -8.55
CA THR L 136 10.77 -23.15 -9.03
C THR L 136 10.65 -23.30 -10.56
N GLU L 137 10.75 -24.53 -11.06
CA GLU L 137 10.63 -24.81 -12.51
C GLU L 137 9.25 -25.34 -12.89
N PHE L 138 8.75 -24.91 -14.04
CA PHE L 138 7.44 -25.35 -14.49
C PHE L 138 7.22 -25.09 -15.98
N TRP L 139 6.01 -25.42 -16.42
CA TRP L 139 5.59 -25.20 -17.79
C TRP L 139 4.07 -25.14 -17.77
N LEU L 140 3.57 -23.91 -17.65
CA LEU L 140 2.15 -23.63 -17.61
C LEU L 140 1.33 -24.49 -18.57
N GLY L 141 1.89 -24.77 -19.73
CA GLY L 141 1.15 -25.59 -20.66
C GLY L 141 0.74 -24.92 -21.94
N ASN L 142 1.25 -25.45 -23.05
CA ASN L 142 0.94 -24.92 -24.36
C ASN L 142 -0.49 -24.44 -24.40
N GLU L 143 -1.43 -25.37 -24.27
CA GLU L 143 -2.85 -25.04 -24.29
C GLU L 143 -3.12 -23.69 -23.66
N LYS L 144 -2.75 -23.53 -22.41
CA LYS L 144 -2.96 -22.26 -21.75
C LYS L 144 -2.30 -21.21 -22.62
N ILE L 145 -0.97 -21.27 -22.71
CA ILE L 145 -0.15 -20.34 -23.50
C ILE L 145 -0.82 -19.86 -24.80
N HIS L 146 -1.74 -20.67 -25.32
CA HIS L 146 -2.50 -20.35 -26.52
C HIS L 146 -3.48 -19.26 -26.11
N LEU L 147 -4.49 -19.66 -25.34
CA LEU L 147 -5.52 -18.79 -24.82
C LEU L 147 -5.01 -17.43 -24.37
N ILE L 148 -3.83 -17.39 -23.79
CA ILE L 148 -3.26 -16.13 -23.32
C ILE L 148 -2.62 -15.31 -24.44
N SER L 149 -1.83 -15.95 -25.29
CA SER L 149 -1.18 -15.24 -26.38
C SER L 149 -2.17 -14.83 -27.46
N THR L 150 -3.05 -15.75 -27.84
CA THR L 150 -4.01 -15.50 -28.88
C THR L 150 -5.41 -15.11 -28.37
N GLN L 151 -5.45 -14.06 -27.56
CA GLN L 151 -6.71 -13.55 -27.00
C GLN L 151 -6.88 -12.07 -27.33
N SER L 152 -8.15 -11.63 -27.40
CA SER L 152 -8.47 -10.23 -27.67
C SER L 152 -7.51 -9.50 -28.60
N ALA L 153 -6.97 -10.22 -29.58
CA ALA L 153 -6.05 -9.64 -30.55
C ALA L 153 -5.30 -8.39 -30.07
N ILE L 154 -4.21 -8.61 -29.33
CA ILE L 154 -3.37 -7.52 -28.86
C ILE L 154 -1.93 -7.99 -29.04
N PRO L 155 -1.08 -7.11 -29.54
CA PRO L 155 0.30 -7.53 -29.73
C PRO L 155 0.90 -8.03 -28.43
N TYR L 156 1.36 -9.28 -28.45
CA TYR L 156 1.99 -9.84 -27.28
C TYR L 156 3.46 -9.97 -27.57
N ALA L 157 4.29 -9.42 -26.69
CA ALA L 157 5.74 -9.48 -26.87
C ALA L 157 6.39 -10.52 -25.95
N LEU L 158 6.87 -11.59 -26.57
CA LEU L 158 7.54 -12.68 -25.88
C LEU L 158 8.96 -12.28 -25.49
N ARG L 159 9.37 -12.66 -24.27
CA ARG L 159 10.72 -12.37 -23.81
C ARG L 159 11.39 -13.67 -23.35
N VAL L 160 12.72 -13.68 -23.32
CA VAL L 160 13.45 -14.86 -22.92
C VAL L 160 14.75 -14.48 -22.24
N GLU L 161 14.91 -14.90 -20.98
CA GLU L 161 16.13 -14.63 -20.25
C GLU L 161 16.98 -15.89 -20.14
N LEU L 162 18.29 -15.71 -20.08
CA LEU L 162 19.24 -16.82 -19.99
C LEU L 162 20.28 -16.53 -18.91
N GLU L 163 20.53 -17.52 -18.05
CA GLU L 163 21.49 -17.36 -16.98
C GLU L 163 22.63 -18.37 -17.15
N ASP L 164 23.85 -17.85 -17.12
CA ASP L 164 25.06 -18.64 -17.27
C ASP L 164 25.70 -18.97 -15.93
N TRP L 165 26.43 -20.07 -15.88
CA TRP L 165 27.10 -20.49 -14.66
C TRP L 165 28.33 -19.62 -14.44
N ASN L 166 28.26 -18.39 -14.94
CA ASN L 166 29.35 -17.43 -14.82
C ASN L 166 28.85 -16.24 -14.01
N GLY L 167 27.53 -16.10 -13.93
CA GLY L 167 26.94 -15.00 -13.18
C GLY L 167 25.94 -14.17 -13.98
N ARG L 168 26.48 -13.29 -14.83
CA ARG L 168 25.69 -12.40 -15.67
C ARG L 168 24.61 -13.11 -16.49
N THR L 169 23.95 -12.36 -17.35
CA THR L 169 22.88 -12.93 -18.18
C THR L 169 22.70 -12.23 -19.51
N SER L 170 21.61 -12.57 -20.19
CA SER L 170 21.27 -11.97 -21.49
C SER L 170 19.76 -11.92 -21.60
N THR L 171 19.26 -11.75 -22.83
CA THR L 171 17.82 -11.70 -23.08
C THR L 171 17.51 -11.49 -24.55
N ALA L 172 16.34 -11.94 -24.98
CA ALA L 172 15.93 -11.83 -26.37
C ALA L 172 14.42 -11.79 -26.54
N ASP L 173 13.86 -10.59 -26.78
CA ASP L 173 12.41 -10.42 -26.94
C ASP L 173 12.03 -10.62 -28.39
N TYR L 174 10.78 -10.97 -28.61
CA TYR L 174 10.28 -11.14 -29.97
C TYR L 174 8.96 -10.37 -30.02
N ALA L 175 8.47 -10.06 -31.21
CA ALA L 175 7.22 -9.32 -31.33
C ALA L 175 6.07 -10.14 -31.92
N MET L 176 4.85 -9.86 -31.47
CA MET L 176 3.68 -10.59 -31.94
C MET L 176 3.82 -12.10 -31.74
N PHE L 177 3.75 -12.52 -30.49
CA PHE L 177 3.86 -13.92 -30.13
C PHE L 177 2.49 -14.60 -30.20
N LYS L 178 2.49 -15.88 -30.56
CA LYS L 178 1.25 -16.64 -30.67
C LYS L 178 1.51 -18.16 -30.71
N VAL L 179 0.58 -18.90 -30.16
CA VAL L 179 0.65 -20.35 -30.15
C VAL L 179 -0.78 -20.80 -30.46
N GLY L 180 -1.00 -21.34 -31.66
CA GLY L 180 -2.33 -21.76 -32.05
C GLY L 180 -2.96 -22.95 -31.38
N PRO L 181 -4.24 -23.26 -31.68
CA PRO L 181 -4.94 -24.41 -31.09
C PRO L 181 -4.46 -25.82 -31.51
N GLU L 182 -4.66 -26.76 -30.60
CA GLU L 182 -4.29 -28.17 -30.75
C GLU L 182 -4.45 -28.76 -32.15
N ALA L 183 -5.35 -28.21 -32.96
CA ALA L 183 -5.56 -28.74 -34.31
C ALA L 183 -4.33 -28.47 -35.18
N ASP L 184 -3.84 -27.24 -35.11
CA ASP L 184 -2.66 -26.86 -35.87
C ASP L 184 -1.56 -26.93 -34.83
N LYS L 185 -1.81 -27.84 -33.88
CA LYS L 185 -0.92 -28.10 -32.75
C LYS L 185 -0.98 -26.98 -31.76
N TYR L 186 0.21 -26.50 -31.44
CA TYR L 186 0.38 -25.39 -30.55
C TYR L 186 1.60 -24.84 -31.22
N ARG L 187 1.35 -24.49 -32.47
CA ARG L 187 2.35 -23.94 -33.37
C ARG L 187 2.78 -22.58 -32.90
N LEU L 188 4.06 -22.31 -33.06
CA LEU L 188 4.62 -21.04 -32.66
C LEU L 188 4.62 -20.19 -33.91
N THR L 189 4.72 -18.88 -33.68
CA THR L 189 4.77 -17.84 -34.72
C THR L 189 5.22 -16.53 -34.05
N TYR L 190 5.90 -15.67 -34.80
CA TYR L 190 6.36 -14.38 -34.28
C TYR L 190 6.78 -13.52 -35.48
N ALA L 191 6.43 -12.23 -35.47
CA ALA L 191 6.74 -11.31 -36.58
C ALA L 191 8.19 -10.94 -36.77
N TYR L 192 8.78 -10.28 -35.79
CA TYR L 192 10.18 -9.92 -35.91
C TYR L 192 10.91 -10.17 -34.60
N PHE L 193 12.16 -9.69 -34.51
CA PHE L 193 12.97 -9.89 -33.31
C PHE L 193 13.27 -8.58 -32.57
N ALA L 194 12.36 -8.18 -31.69
CA ALA L 194 12.48 -6.92 -30.95
C ALA L 194 13.80 -6.63 -30.24
N GLY L 195 14.79 -7.50 -30.42
CA GLY L 195 16.08 -7.26 -29.78
C GLY L 195 16.46 -8.09 -28.56
N GLY L 196 17.65 -7.81 -28.04
CA GLY L 196 18.17 -8.52 -26.88
C GLY L 196 19.62 -8.94 -27.08
N ASP L 197 20.46 -8.59 -26.11
CA ASP L 197 21.90 -8.91 -26.14
C ASP L 197 22.22 -10.42 -26.19
N ALA L 198 21.20 -11.23 -26.47
CA ALA L 198 21.36 -12.67 -26.56
C ALA L 198 21.49 -13.02 -28.03
N GLY L 199 20.49 -12.65 -28.81
CA GLY L 199 20.52 -12.93 -30.24
C GLY L 199 19.31 -13.66 -30.79
N ASP L 200 18.81 -13.19 -31.92
CA ASP L 200 17.67 -13.78 -32.61
C ASP L 200 18.00 -15.23 -33.00
N ALA L 201 17.58 -16.17 -32.17
CA ALA L 201 17.87 -17.58 -32.41
C ALA L 201 16.82 -18.41 -33.14
N PHE L 202 15.54 -18.16 -32.90
CA PHE L 202 14.51 -18.94 -33.57
C PHE L 202 14.58 -18.75 -35.06
N ASP L 203 15.15 -17.63 -35.46
CA ASP L 203 15.29 -17.28 -36.88
C ASP L 203 16.17 -18.30 -37.63
N GLY L 204 16.91 -19.10 -36.86
CA GLY L 204 17.78 -20.09 -37.44
C GLY L 204 19.21 -19.72 -37.11
N PHE L 205 20.15 -20.60 -37.47
CA PHE L 205 21.57 -20.37 -37.21
C PHE L 205 22.45 -21.39 -37.92
N ASP L 206 23.40 -20.89 -38.71
CA ASP L 206 24.32 -21.76 -39.44
C ASP L 206 25.55 -22.11 -38.59
N PHE L 207 25.63 -23.36 -38.15
CA PHE L 207 26.76 -23.80 -37.35
C PHE L 207 28.00 -23.83 -38.24
N GLY L 208 27.74 -23.87 -39.55
CA GLY L 208 28.80 -23.92 -40.55
C GLY L 208 28.88 -25.36 -41.01
N ASP L 209 28.07 -26.20 -40.36
CA ASP L 209 28.00 -27.62 -40.64
C ASP L 209 26.89 -27.93 -41.63
N ASP L 210 27.00 -27.33 -42.81
CA ASP L 210 26.08 -27.45 -43.94
C ASP L 210 25.43 -26.11 -44.25
N PRO L 211 25.20 -25.83 -45.54
CA PRO L 211 24.56 -24.55 -45.85
C PRO L 211 23.17 -24.58 -45.22
N SER L 212 22.41 -25.61 -45.58
CA SER L 212 21.06 -25.80 -45.05
C SER L 212 21.17 -26.01 -43.53
N ASP L 213 21.61 -24.96 -42.84
CA ASP L 213 21.80 -25.01 -41.39
C ASP L 213 21.15 -23.82 -40.73
N LYS L 214 20.61 -22.92 -41.55
CA LYS L 214 19.93 -21.73 -41.06
C LYS L 214 18.46 -22.05 -41.25
N PHE L 215 18.12 -22.42 -42.47
CA PHE L 215 16.73 -22.75 -42.78
C PHE L 215 16.20 -23.87 -41.90
N PHE L 216 17.10 -24.69 -41.36
CA PHE L 216 16.68 -25.82 -40.55
C PHE L 216 16.75 -25.71 -39.02
N THR L 217 17.51 -24.74 -38.49
CA THR L 217 17.57 -24.56 -37.04
C THR L 217 16.62 -23.40 -36.71
N SER L 218 15.68 -23.17 -37.62
CA SER L 218 14.68 -22.13 -37.49
C SER L 218 13.41 -22.75 -36.93
N HIS L 219 12.66 -21.97 -36.14
CA HIS L 219 11.43 -22.48 -35.54
C HIS L 219 10.18 -21.74 -36.00
N ASN L 220 10.33 -20.44 -36.18
CA ASN L 220 9.21 -19.63 -36.64
C ASN L 220 8.30 -20.48 -37.52
N GLY L 221 7.09 -20.75 -37.03
CA GLY L 221 6.14 -21.52 -37.82
C GLY L 221 6.05 -23.00 -37.50
N MET L 222 7.05 -23.50 -36.77
CA MET L 222 7.12 -24.90 -36.38
C MET L 222 6.01 -25.35 -35.44
N GLN L 223 5.19 -26.29 -35.89
CA GLN L 223 4.12 -26.79 -35.07
C GLN L 223 4.76 -27.26 -33.75
N PHE L 224 3.99 -27.94 -32.91
CA PHE L 224 4.57 -28.44 -31.66
C PHE L 224 4.81 -29.95 -31.80
N SER L 225 5.88 -30.44 -31.18
CA SER L 225 6.22 -31.87 -31.24
C SER L 225 6.75 -32.44 -29.92
N THR L 226 6.17 -33.58 -29.53
CA THR L 226 6.54 -34.30 -28.32
C THR L 226 6.97 -35.67 -28.79
N TRP L 227 7.75 -36.37 -27.99
CA TRP L 227 8.21 -37.69 -28.33
C TRP L 227 7.05 -38.51 -28.90
N ASP L 228 5.84 -38.21 -28.47
CA ASP L 228 4.68 -38.96 -28.93
C ASP L 228 3.82 -38.29 -29.98
N ASN L 229 4.11 -37.03 -30.29
CA ASN L 229 3.35 -36.35 -31.34
C ASN L 229 4.35 -35.79 -32.34
N ASP L 230 4.50 -36.51 -33.46
CA ASP L 230 5.45 -36.12 -34.49
C ASP L 230 4.92 -35.06 -35.44
N ASN L 231 5.52 -33.88 -35.37
CA ASN L 231 5.14 -32.75 -36.23
C ASN L 231 6.34 -31.96 -36.75
N ASP L 232 7.52 -32.56 -36.69
CA ASP L 232 8.76 -31.92 -37.17
C ASP L 232 8.91 -32.04 -38.69
N LYS L 233 10.00 -31.51 -39.22
CA LYS L 233 10.28 -31.59 -40.65
C LYS L 233 11.58 -32.39 -40.86
N PHE L 234 11.61 -33.57 -40.25
CA PHE L 234 12.73 -34.52 -40.29
C PHE L 234 12.09 -35.89 -40.07
N GLU L 235 12.26 -36.82 -41.03
CA GLU L 235 11.63 -38.14 -40.91
C GLU L 235 11.91 -38.88 -39.62
N GLY L 236 12.79 -38.31 -38.80
CA GLY L 236 13.09 -38.91 -37.52
C GLY L 236 12.26 -38.14 -36.53
N ASN L 237 12.16 -38.61 -35.30
CA ASN L 237 11.38 -37.91 -34.31
C ASN L 237 12.24 -36.88 -33.56
N CYS L 238 12.41 -35.70 -34.15
CA CYS L 238 13.20 -34.65 -33.53
C CYS L 238 13.00 -34.62 -32.01
N ALA L 239 11.73 -34.67 -31.59
CA ALA L 239 11.32 -34.64 -30.18
C ALA L 239 11.87 -35.74 -29.29
N GLU L 240 11.61 -36.98 -29.69
CA GLU L 240 12.07 -38.15 -28.95
C GLU L 240 13.59 -38.36 -28.94
N GLN L 241 14.26 -37.88 -29.99
CA GLN L 241 15.70 -38.01 -30.08
C GLN L 241 16.35 -36.85 -29.32
N ASP L 242 15.55 -36.21 -28.48
CA ASP L 242 15.99 -35.09 -27.66
C ASP L 242 15.23 -35.20 -26.35
N GLY L 243 14.27 -36.12 -26.37
CA GLY L 243 13.46 -36.38 -25.20
C GLY L 243 12.75 -35.17 -24.65
N SER L 244 11.82 -34.63 -25.42
CA SER L 244 11.08 -33.47 -24.97
C SER L 244 9.77 -33.19 -25.71
N GLY L 245 9.34 -31.94 -25.57
CA GLY L 245 8.14 -31.45 -26.21
C GLY L 245 8.59 -30.09 -26.68
N TRP L 246 8.43 -29.83 -27.97
CA TRP L 246 8.84 -28.54 -28.50
C TRP L 246 8.43 -28.41 -29.95
N TRP L 247 8.65 -27.21 -30.50
CA TRP L 247 8.35 -26.90 -31.90
C TRP L 247 9.54 -27.39 -32.71
N MET L 248 9.36 -28.53 -33.38
CA MET L 248 10.45 -29.10 -34.13
C MET L 248 10.36 -29.04 -35.65
N ASN L 249 11.49 -28.64 -36.23
CA ASN L 249 11.72 -28.49 -37.66
C ASN L 249 12.55 -29.71 -38.08
N LYS L 250 13.78 -29.49 -38.52
CA LYS L 250 14.68 -30.61 -38.85
C LYS L 250 15.60 -30.41 -37.67
N CYS L 251 14.83 -30.19 -36.62
CA CYS L 251 15.07 -29.97 -35.21
C CYS L 251 15.26 -28.55 -34.65
N HIS L 252 16.46 -28.17 -34.18
CA HIS L 252 16.51 -26.85 -33.55
C HIS L 252 17.83 -26.18 -33.25
N ALA L 253 17.75 -24.89 -33.00
CA ALA L 253 18.90 -24.04 -32.66
C ALA L 253 18.55 -23.42 -31.31
N GLY L 254 17.32 -23.69 -30.85
CA GLY L 254 16.81 -23.19 -29.59
C GLY L 254 16.04 -24.30 -28.88
N HIS L 255 16.50 -24.70 -27.70
CA HIS L 255 15.87 -25.80 -26.98
C HIS L 255 15.80 -25.58 -25.48
N LEU L 256 15.08 -24.55 -25.04
CA LEU L 256 14.95 -24.26 -23.62
C LEU L 256 14.19 -25.31 -22.80
N ASN L 257 13.66 -26.32 -23.49
CA ASN L 257 12.92 -27.41 -22.87
C ASN L 257 13.54 -28.77 -23.14
N GLY L 258 14.85 -28.76 -23.32
CA GLY L 258 15.58 -29.99 -23.55
C GLY L 258 16.07 -30.46 -22.20
N VAL L 259 16.95 -31.45 -22.20
CA VAL L 259 17.49 -31.96 -20.94
C VAL L 259 18.38 -30.93 -20.24
N TYR L 260 18.25 -30.85 -18.91
CA TYR L 260 19.04 -29.92 -18.13
C TYR L 260 20.44 -30.49 -17.92
N TYR L 261 21.45 -29.62 -17.94
CA TYR L 261 22.82 -30.07 -17.72
C TYR L 261 23.47 -29.15 -16.69
N GLN L 262 24.11 -29.75 -15.70
CA GLN L 262 24.80 -29.02 -14.64
C GLN L 262 26.11 -28.51 -15.26
N GLY L 263 26.56 -27.33 -14.85
CA GLY L 263 27.79 -26.78 -15.39
C GLY L 263 27.65 -26.28 -16.82
N GLY L 264 26.46 -26.46 -17.38
CA GLY L 264 26.19 -26.01 -18.74
C GLY L 264 26.96 -26.65 -19.88
N THR L 265 28.28 -26.72 -19.76
CA THR L 265 29.09 -27.31 -20.82
C THR L 265 29.03 -28.83 -20.89
N TYR L 266 28.04 -29.35 -21.60
CA TYR L 266 27.92 -30.79 -21.76
C TYR L 266 28.52 -31.21 -23.13
N SER L 267 29.60 -31.96 -23.10
CA SER L 267 30.21 -32.42 -24.34
C SER L 267 29.27 -33.44 -24.97
N LYS L 268 29.49 -33.74 -26.25
CA LYS L 268 28.64 -34.67 -26.99
C LYS L 268 28.72 -36.10 -26.45
N ALA L 269 29.64 -36.31 -25.51
CA ALA L 269 29.85 -37.62 -24.91
C ALA L 269 28.60 -38.19 -24.22
N SER L 270 28.09 -37.42 -23.26
CA SER L 270 26.92 -37.83 -22.50
C SER L 270 25.59 -37.63 -23.24
N THR L 271 25.62 -37.79 -24.57
CA THR L 271 24.39 -37.67 -25.34
C THR L 271 23.99 -39.07 -25.78
N PRO L 272 22.83 -39.52 -25.33
CA PRO L 272 22.26 -40.83 -25.61
C PRO L 272 22.00 -41.18 -27.07
N ASN L 273 22.08 -40.18 -27.95
CA ASN L 273 21.83 -40.45 -29.36
C ASN L 273 22.82 -39.76 -30.29
N GLY L 274 23.58 -38.82 -29.75
CA GLY L 274 24.55 -38.14 -30.58
C GLY L 274 24.24 -36.69 -30.85
N TYR L 275 23.14 -36.20 -30.32
CA TYR L 275 22.78 -34.82 -30.55
C TYR L 275 22.59 -33.96 -29.29
N ASP L 276 22.77 -32.67 -29.49
CA ASP L 276 22.62 -31.67 -28.45
C ASP L 276 21.15 -31.60 -28.05
N ASN L 277 20.75 -32.37 -27.05
CA ASN L 277 19.37 -32.33 -26.61
C ASN L 277 19.25 -31.52 -25.33
N GLY L 278 20.32 -30.81 -25.01
CA GLY L 278 20.33 -29.99 -23.80
C GLY L 278 19.61 -28.66 -23.96
N ILE L 279 19.32 -28.02 -22.85
CA ILE L 279 18.63 -26.73 -22.86
C ILE L 279 19.49 -25.68 -23.58
N ILE L 280 19.37 -25.62 -24.92
CA ILE L 280 20.14 -24.68 -25.74
C ILE L 280 19.46 -23.45 -26.27
N TRP L 281 20.31 -22.51 -26.66
CA TRP L 281 19.96 -21.22 -27.25
C TRP L 281 21.23 -20.85 -28.04
N ALA L 282 21.19 -21.13 -29.35
CA ALA L 282 22.29 -20.90 -30.30
C ALA L 282 22.94 -19.51 -30.37
N THR L 283 22.13 -18.50 -30.59
CA THR L 283 22.60 -17.13 -30.71
C THR L 283 23.51 -16.58 -29.61
N TRP L 284 23.56 -17.25 -28.46
CA TRP L 284 24.37 -16.73 -27.37
C TRP L 284 25.50 -17.62 -26.86
N LYS L 285 25.26 -18.93 -26.78
CA LYS L 285 26.27 -19.86 -26.31
C LYS L 285 26.41 -21.03 -27.26
N THR L 286 27.45 -21.84 -27.04
CA THR L 286 27.73 -23.01 -27.88
C THR L 286 26.52 -23.94 -28.05
N ARG L 287 26.64 -24.94 -28.92
CA ARG L 287 25.56 -25.89 -29.16
C ARG L 287 25.62 -26.99 -28.10
N TRP L 288 26.75 -27.06 -27.41
CA TRP L 288 26.95 -28.02 -26.34
C TRP L 288 27.13 -27.20 -25.09
N TYR L 289 26.05 -26.54 -24.72
CA TYR L 289 26.01 -25.69 -23.55
C TYR L 289 24.56 -25.42 -23.20
N SER L 290 24.12 -25.94 -22.06
CA SER L 290 22.75 -25.71 -21.60
C SER L 290 22.82 -24.63 -20.52
N MET L 291 21.96 -23.63 -20.63
CA MET L 291 21.95 -22.52 -19.68
C MET L 291 21.78 -22.98 -18.22
N LYS L 292 22.14 -22.11 -17.28
CA LYS L 292 21.99 -22.42 -15.86
C LYS L 292 20.58 -22.07 -15.39
N LYS L 293 19.85 -21.34 -16.24
CA LYS L 293 18.47 -20.93 -15.96
C LYS L 293 17.80 -20.43 -17.23
N THR L 294 16.47 -20.48 -17.25
CA THR L 294 15.69 -20.04 -18.40
C THR L 294 14.28 -19.64 -17.98
N THR L 295 13.89 -18.42 -18.34
CA THR L 295 12.57 -17.94 -18.02
C THR L 295 11.95 -17.31 -19.27
N MET L 296 10.98 -18.01 -19.87
CA MET L 296 10.28 -17.52 -21.05
C MET L 296 8.94 -16.92 -20.60
N LYS L 297 8.78 -15.60 -20.77
CA LYS L 297 7.55 -14.89 -20.40
C LYS L 297 6.90 -14.16 -21.57
N ILE L 298 5.75 -13.58 -21.31
CA ILE L 298 5.03 -12.84 -22.34
C ILE L 298 4.35 -11.63 -21.72
N ILE L 299 4.18 -10.59 -22.52
CA ILE L 299 3.59 -9.36 -22.04
C ILE L 299 2.95 -8.65 -23.22
N PRO L 300 1.86 -7.92 -22.99
CA PRO L 300 1.21 -7.22 -24.10
C PRO L 300 2.26 -6.24 -24.63
N PHE L 301 2.75 -6.55 -25.81
CA PHE L 301 3.78 -5.76 -26.46
C PHE L 301 3.93 -4.35 -25.94
N ASN L 302 2.91 -3.53 -26.20
CA ASN L 302 2.89 -2.13 -25.82
C ASN L 302 3.43 -1.76 -24.46
N ARG L 303 4.68 -2.08 -24.19
CA ARG L 303 5.33 -1.74 -22.92
C ARG L 303 6.81 -2.07 -22.91
N GLY M 1 -38.73 -6.50 97.80
CA GLY M 1 -39.80 -6.44 98.84
C GLY M 1 -41.12 -5.87 98.36
N ARG M 3 -45.38 -4.81 99.10
CA ARG M 3 -46.00 -3.87 100.02
C ARG M 3 -47.19 -4.56 100.67
N PRO M 4 -47.33 -4.38 101.99
CA PRO M 4 -48.40 -4.96 102.82
C PRO M 4 -49.76 -4.95 102.14
N GLY N 1 28.54 31.30 -23.59
CA GLY N 1 30.03 31.14 -23.66
C GLY N 1 30.78 32.42 -23.34
N ARG N 3 32.51 36.26 -24.49
CA ARG N 3 32.22 37.41 -25.30
C ARG N 3 33.60 37.97 -25.60
N PRO N 4 34.13 37.66 -26.79
CA PRO N 4 35.43 38.08 -27.32
C PRO N 4 35.95 39.36 -26.71
N GLY O 1 11.53 -8.21 52.39
CA GLY O 1 12.73 -8.34 51.51
C GLY O 1 12.63 -9.54 50.58
N ARG O 3 13.56 -13.51 49.17
CA ARG O 3 13.50 -14.81 49.84
C ARG O 3 14.46 -15.77 49.13
N PRO O 4 14.38 -17.08 49.44
CA PRO O 4 15.29 -18.02 48.77
C PRO O 4 15.25 -17.89 47.25
N GLY P 1 -3.34 -6.53 24.25
CA GLY P 1 -3.72 -7.31 25.44
C GLY P 1 -2.65 -7.46 26.50
N ARG P 3 0.34 -10.11 28.84
CA ARG P 3 1.61 -10.80 28.63
C ARG P 3 1.83 -12.01 29.56
N PRO P 4 1.33 -13.19 29.15
CA PRO P 4 1.51 -14.40 29.98
C PRO P 4 2.99 -14.73 30.22
N GLY Q 1 31.18 23.33 -94.75
CA GLY Q 1 31.71 24.45 -95.56
C GLY Q 1 32.25 25.58 -94.72
N ARG Q 3 34.00 29.56 -94.28
CA ARG Q 3 33.50 30.85 -94.71
C ARG Q 3 34.63 31.62 -95.40
N PRO Q 4 34.29 32.44 -96.40
CA PRO Q 4 35.21 33.27 -97.19
C PRO Q 4 36.18 34.10 -96.35
N GLY R 1 -20.52 -47.59 19.50
CA GLY R 1 -21.33 -48.79 19.10
C GLY R 1 -22.82 -48.52 19.16
N ARG R 3 -26.54 -48.08 21.37
CA ARG R 3 -27.04 -47.54 22.62
C ARG R 3 -28.35 -48.27 22.70
N PRO R 4 -28.33 -49.50 23.25
CA PRO R 4 -29.49 -50.36 23.41
C PRO R 4 -30.73 -49.68 23.98
N GLY S 1 7.13 -30.64 -61.57
CA GLY S 1 6.89 -32.11 -61.47
C GLY S 1 8.19 -32.88 -61.36
N ARG S 3 10.70 -36.53 -60.94
CA ARG S 3 10.97 -37.62 -61.86
C ARG S 3 11.33 -38.86 -61.06
N PRO S 4 10.98 -40.05 -61.57
CA PRO S 4 11.31 -41.28 -60.85
C PRO S 4 12.75 -41.26 -60.35
N GLY T 1 20.49 -29.53 -32.61
CA GLY T 1 20.68 -28.61 -33.76
C GLY T 1 20.00 -29.06 -35.06
N ARG T 3 19.78 -31.94 -38.58
CA ARG T 3 19.59 -33.38 -38.76
C ARG T 3 20.17 -33.88 -40.07
N PRO T 4 21.42 -34.40 -40.03
CA PRO T 4 22.11 -34.93 -41.21
C PRO T 4 21.26 -35.95 -41.99
#